data_7LG6
#
_entry.id   7LG6
#
loop_
_entity.id
_entity.type
_entity.pdbx_description
1 polymer 'Envelope glycoprotein gp120'
2 polymer 'VRC40.01 Fab Heavy Chain'
3 polymer 'VRC40.01 Fab Kappa Light Chain'
4 polymer 'Envelope glycoprotein gp41'
5 polymer 'RM19R Fab Kappa Light Chain'
6 polymer 'RM19R Fab Heavy Chain'
7 branched 2-acetamido-2-deoxy-beta-D-glucopyranose-(1-4)-2-acetamido-2-deoxy-beta-D-glucopyranose
8 branched beta-D-mannopyranose-(1-4)-2-acetamido-2-deoxy-beta-D-glucopyranose-(1-4)-2-acetamido-2-deoxy-beta-D-glucopyranose
9 branched alpha-D-mannopyranose-(1-2)-alpha-D-mannopyranose-(1-3)-[alpha-D-mannopyranose-(1-6)]beta-D-mannopyranose-(1-4)-2-acetamido-2-deoxy-beta-D-glucopyranose-(1-4)-2-acetamido-2-deoxy-beta-D-glucopyranose
10 branched alpha-D-mannopyranose-(1-2)-alpha-D-mannopyranose-(1-3)-[alpha-D-mannopyranose-(1-3)-[alpha-D-mannopyranose-(1-6)]alpha-D-mannopyranose-(1-6)]beta-D-mannopyranose-(1-4)-2-acetamido-2-deoxy-beta-D-glucopyranose-(1-4)-2-acetamido-2-deoxy-beta-D-glucopyranose
11 branched alpha-L-fucopyranose-(1-6)-2-acetamido-2-deoxy-beta-D-glucopyranose
12 non-polymer 2-acetamido-2-deoxy-beta-D-glucopyranose
#
loop_
_entity_poly.entity_id
_entity_poly.type
_entity_poly.pdbx_seq_one_letter_code
_entity_poly.pdbx_strand_id
1 'polypeptide(L)'
;AENLWVTVYYGVPVWKDAETTLFCASDAKAYETKKHNVWATHCCVPTDPNPQEIHLENVTEEFNMWKNNMVEQMHTDIIS
LWDQSLKPCVKLTPLCVTLQCTNVTNNITDDMRGELKNCSFNMTTELRDKKQKVYSLFYRLDVVQINENQGNRSNNSNKE
YRLINCNTSAITQACPKVSFEPIPIHYCAPAGFAILKCKDKKFNGTGPCPSVSTVQCTHGIKPVVSTQLLLNGSLAEEEV
MIRSENITNNAKNILVQFNTPVQINCTRPNNNTRKSIRIGPGQWFYATGDIIGDIRQAHCNVSKATWNETLGKVVKQLRK
HFGNNTIIRFANSSGGDLEVTTHSFNCGGEFFYCNTSGLFNSTWISNTSVQGSNSTGSNDSITLPCRIKQIINMWQRIGQ
AMYAPPIQGVIRCVSNITGLILTRDGGSTNSTTETFRPGGGDMRDNWRSELYKYKVVKIEPLGVAPTRCKRRVVG
;
A,E,F
2 'polypeptide(L)'
;QVQLIQSGPQFKTPGASVTVSCKASGYIFTDYLIHWVRLVPGKGLEWLGRINTNAGLMYLSHKFEGRLILRRVVDWRTPS
LGTVNMELRNVRSDDSAIYFCGRVVDGFNAAGPLEFWGQGSPVIVSSASTKGPSVFPLAPSSKSTSGGTAALGCLVKDYF
PEPVTVSWNSGALTSGVHTFPAVLQSSGLYSLSSVVTVPSSSLGTQTYICNVNHKPSNTKVDKRVEPKSCD
;
H,O,P
3 'polypeptide(L)'
;QVVMTQSPATLSLSPGETAAVSCRASQYVDRSISWYQLKTGRAPRLLVYAASSRSIGVPDRFSGSGSGRDFTLTIRGVQS
DDFALYYCQQDYYWPVTFGQGTRLDMKRTVAAPSVFIFPPSDEQLKSGTASVVCLLNNFYPREAKVQWKVDNALQSGNSQ
ESVTEQDSKDSTYSLSSTLTLSKADYEKHKVYACEVTHQGLSSPVTKSFNRGEC
;
L,Q,R
4 'polypeptide(L)'
;AVGIGAVFLGFLGAAGSTMGAASMTLTVQARNLLSGIVQQQSNLLRAPECQQHLLKLTVWGIKQLQARVLAVERYLRDQQ
LLGIWGCSGKLICCTNVPWNSSWSNRNLSEIWDNMTWLQWDKEISNYTQIIYGLLEESQNQQEKNEQDLLALD
;
B,G,I
5 'polypeptide(L)'
;AIRMTQSPAILSLSPGERATLSCRASQSVDSRLAWYQQKPGQSPRLLIYDVSSRATGIPDRFSGSGSGTEFTLTISSLEP
EDVAVYFCHQENDWPWTFGQGTKVEIKRTVAAPSVFIFPPSDEQLKSGTASVVCLLNNFYPREAKVQWKVDNALQSGNSQ
ESVTEQDSKDSTYSLSSTLTLSKADYEKHKVYACEVTHQGLSSPVTKSFNRGEC
;
D,M,N
6 'polypeptide(L)'
;EVQLVESGPGLVRPSETLSLTCAVSGDSISTNNGWSWIRQTPGKGLEWIGYINGRSGSTRYNPSLQSRVTISTDTSGNQF
SLKVNSVTAADTAKYYCAFFWSTYYKRFDVWGPGVRVTVSSASTKGPSVFPLAPSSKSTSGGTAALGCLVKDYFPEPVTV
SWNSGALTSGVHTFPAVLQSSGLYSLSSVVTVPSSSLGTQTYICNVNHKPSNTKVDKRVEPKSCD
;
C,J,K
#
# COMPACT_ATOMS: atom_id res chain seq x y z
N ALA A 1 -30.07 -33.96 -21.20
CA ALA A 1 -28.70 -33.65 -20.83
C ALA A 1 -27.86 -33.35 -22.11
N GLU A 2 -27.56 -32.05 -22.33
CA GLU A 2 -26.80 -31.51 -23.47
C GLU A 2 -25.29 -31.64 -23.26
N ASN A 3 -24.53 -31.80 -24.33
CA ASN A 3 -23.08 -31.90 -24.18
C ASN A 3 -22.45 -30.53 -24.13
N LEU A 4 -22.42 -29.95 -22.94
CA LEU A 4 -21.95 -28.60 -22.74
C LEU A 4 -20.64 -28.56 -21.98
N TRP A 5 -19.90 -27.46 -22.13
CA TRP A 5 -18.62 -27.24 -21.46
C TRP A 5 -18.62 -25.94 -20.68
N VAL A 6 -17.76 -25.87 -19.67
CA VAL A 6 -17.65 -24.69 -18.85
C VAL A 6 -16.99 -23.55 -19.58
N THR A 7 -17.63 -22.40 -19.59
CA THR A 7 -17.08 -21.19 -20.18
C THR A 7 -16.91 -20.18 -19.09
N VAL A 8 -15.75 -19.56 -19.08
CA VAL A 8 -15.43 -18.59 -18.06
C VAL A 8 -15.63 -17.18 -18.55
N TYR A 9 -16.36 -16.40 -17.78
CA TYR A 9 -16.65 -15.02 -18.09
C TYR A 9 -16.07 -14.11 -17.02
N TYR A 10 -15.48 -12.99 -17.44
CA TYR A 10 -14.99 -12.01 -16.49
C TYR A 10 -15.61 -10.67 -16.76
N GLY A 11 -16.16 -10.06 -15.72
CA GLY A 11 -16.82 -8.78 -15.84
C GLY A 11 -18.33 -8.96 -15.70
N VAL A 12 -18.73 -10.03 -15.06
CA VAL A 12 -20.12 -10.37 -14.83
C VAL A 12 -20.77 -9.47 -13.77
N PRO A 13 -21.94 -8.84 -14.01
CA PRO A 13 -22.61 -7.92 -13.09
C PRO A 13 -23.32 -8.58 -11.93
N VAL A 14 -22.53 -9.15 -11.03
CA VAL A 14 -22.95 -9.86 -9.83
C VAL A 14 -22.38 -9.29 -8.56
N TRP A 15 -23.18 -9.26 -7.49
CA TRP A 15 -22.70 -8.74 -6.23
C TRP A 15 -23.22 -9.44 -4.99
N LYS A 16 -22.50 -9.23 -3.88
CA LYS A 16 -22.83 -9.74 -2.55
C LYS A 16 -22.86 -8.64 -1.52
N ASP A 17 -23.68 -8.78 -0.49
CA ASP A 17 -23.68 -7.77 0.56
C ASP A 17 -22.34 -7.70 1.23
N ALA A 18 -21.84 -6.50 1.55
CA ALA A 18 -20.54 -6.45 2.20
C ALA A 18 -20.32 -5.23 3.07
N GLU A 19 -19.43 -5.36 4.01
CA GLU A 19 -19.04 -4.24 4.85
C GLU A 19 -17.71 -3.73 4.36
N THR A 20 -17.54 -2.41 4.35
CA THR A 20 -16.27 -1.84 3.95
C THR A 20 -16.12 -0.45 4.50
N THR A 21 -15.08 0.23 4.06
CA THR A 21 -14.81 1.58 4.50
C THR A 21 -15.09 2.52 3.36
N LEU A 22 -15.94 3.49 3.58
CA LEU A 22 -16.27 4.46 2.56
C LEU A 22 -15.30 5.60 2.76
N PHE A 23 -14.98 6.36 1.71
CA PHE A 23 -13.94 7.39 1.95
C PHE A 23 -14.32 8.86 2.18
N CYS A 24 -15.58 9.22 1.95
CA CYS A 24 -16.22 10.53 2.07
C CYS A 24 -15.66 11.56 1.07
N ALA A 25 -16.53 12.46 0.65
CA ALA A 25 -16.20 13.50 -0.32
C ALA A 25 -17.10 14.72 -0.12
N SER A 26 -16.75 15.85 -0.70
CA SER A 26 -17.61 17.04 -0.56
C SER A 26 -17.70 17.85 -1.83
N ASP A 27 -18.64 18.77 -1.85
CA ASP A 27 -18.82 19.62 -3.01
C ASP A 27 -17.93 20.83 -2.83
N ALA A 28 -16.83 20.90 -3.57
CA ALA A 28 -15.81 21.94 -3.37
C ALA A 28 -16.16 23.25 -4.04
N LYS A 29 -17.23 23.85 -3.55
CA LYS A 29 -17.73 25.13 -4.02
C LYS A 29 -17.63 26.11 -2.88
N ALA A 30 -18.76 26.53 -2.32
CA ALA A 30 -18.75 27.48 -1.23
C ALA A 30 -17.97 26.95 -0.05
N TYR A 31 -18.04 25.65 0.14
CA TYR A 31 -17.44 24.97 1.25
C TYR A 31 -15.92 24.99 1.18
N GLU A 32 -15.39 25.20 -0.02
CA GLU A 32 -13.97 25.21 -0.25
C GLU A 32 -13.32 26.39 0.46
N THR A 33 -14.06 27.49 0.67
CA THR A 33 -13.46 28.66 1.27
C THR A 33 -13.75 28.73 2.76
N LYS A 34 -14.31 27.65 3.34
CA LYS A 34 -14.60 27.65 4.76
C LYS A 34 -13.32 27.65 5.58
N LYS A 35 -12.28 27.00 5.07
CA LYS A 35 -10.93 26.93 5.65
C LYS A 35 -10.77 26.19 6.97
N HIS A 36 -11.49 26.60 8.00
CA HIS A 36 -11.33 26.00 9.30
C HIS A 36 -12.48 25.10 9.69
N ASN A 37 -13.33 24.82 8.73
CA ASN A 37 -14.43 23.91 8.95
C ASN A 37 -13.89 22.51 9.05
N VAL A 38 -14.35 21.77 10.04
CA VAL A 38 -13.83 20.42 10.21
C VAL A 38 -14.20 19.50 9.06
N TRP A 39 -15.45 19.55 8.65
CA TRP A 39 -15.94 18.66 7.62
C TRP A 39 -15.39 18.99 6.26
N ALA A 40 -15.07 20.26 6.05
CA ALA A 40 -14.51 20.72 4.79
C ALA A 40 -13.05 20.38 4.67
N THR A 41 -12.46 19.91 5.75
CA THR A 41 -11.07 19.59 5.74
C THR A 41 -10.96 18.11 5.58
N HIS A 42 -11.81 17.38 6.30
CA HIS A 42 -11.76 15.94 6.20
C HIS A 42 -12.28 15.33 4.90
N CYS A 43 -13.49 15.74 4.44
CA CYS A 43 -14.12 15.20 3.24
C CYS A 43 -13.63 16.07 2.09
N CYS A 44 -12.34 15.91 1.83
CA CYS A 44 -11.56 16.70 0.91
C CYS A 44 -11.73 16.31 -0.55
N VAL A 45 -12.09 15.07 -0.81
CA VAL A 45 -12.17 14.60 -2.17
C VAL A 45 -13.32 15.33 -2.82
N PRO A 46 -13.15 15.99 -3.96
CA PRO A 46 -14.21 16.70 -4.61
C PRO A 46 -15.18 15.71 -5.20
N THR A 47 -16.46 16.01 -5.10
CA THR A 47 -17.47 15.19 -5.72
C THR A 47 -18.63 16.03 -6.23
N ASP A 48 -19.70 15.35 -6.60
CA ASP A 48 -20.93 15.86 -7.16
C ASP A 48 -20.76 16.67 -8.45
N PRO A 49 -19.97 16.20 -9.45
CA PRO A 49 -19.81 16.83 -10.74
C PRO A 49 -20.98 16.37 -11.58
N ASN A 50 -22.20 16.71 -11.18
CA ASN A 50 -23.36 16.14 -11.84
C ASN A 50 -23.17 14.61 -11.84
N PRO A 51 -23.20 13.96 -10.66
CA PRO A 51 -22.80 12.60 -10.40
C PRO A 51 -23.71 11.65 -11.11
N GLN A 52 -23.22 10.46 -11.34
CA GLN A 52 -24.01 9.49 -12.03
C GLN A 52 -24.94 8.73 -11.13
N GLU A 53 -26.07 8.37 -11.69
CA GLU A 53 -27.05 7.50 -11.09
C GLU A 53 -27.55 6.60 -12.20
N ILE A 54 -27.49 5.31 -11.99
CA ILE A 54 -27.84 4.37 -13.03
C ILE A 54 -29.01 3.49 -12.68
N HIS A 55 -30.10 3.62 -13.41
CA HIS A 55 -31.27 2.82 -13.09
C HIS A 55 -31.06 1.37 -13.45
N LEU A 56 -31.42 0.45 -12.56
CA LEU A 56 -31.28 -0.95 -12.88
C LEU A 56 -32.63 -1.56 -13.21
N GLU A 57 -32.88 -1.78 -14.47
CA GLU A 57 -34.20 -2.30 -14.80
C GLU A 57 -34.27 -3.71 -14.26
N ASN A 58 -35.44 -4.11 -13.73
CA ASN A 58 -35.77 -5.46 -13.22
C ASN A 58 -34.92 -5.95 -12.03
N VAL A 59 -34.26 -5.04 -11.25
CA VAL A 59 -33.52 -5.44 -10.05
C VAL A 59 -34.32 -5.16 -8.80
N THR A 60 -34.54 -6.21 -8.03
CA THR A 60 -35.25 -6.11 -6.77
C THR A 60 -34.24 -6.49 -5.74
N GLU A 61 -34.09 -5.70 -4.71
CA GLU A 61 -33.07 -5.99 -3.72
C GLU A 61 -33.58 -5.80 -2.31
N GLU A 62 -33.01 -6.56 -1.39
CA GLU A 62 -33.39 -6.49 0.02
C GLU A 62 -32.63 -5.44 0.78
N PHE A 63 -33.37 -4.55 1.41
CA PHE A 63 -32.81 -3.50 2.22
C PHE A 63 -33.17 -3.68 3.67
N ASN A 64 -32.31 -3.23 4.56
CA ASN A 64 -32.64 -3.25 5.97
C ASN A 64 -31.95 -2.12 6.67
N MET A 65 -32.65 -1.02 6.87
CA MET A 65 -32.04 0.18 7.43
C MET A 65 -31.60 0.01 8.86
N TRP A 66 -32.06 -1.02 9.54
CA TRP A 66 -31.74 -1.16 10.94
C TRP A 66 -30.46 -1.94 11.16
N LYS A 67 -29.92 -2.52 10.08
CA LYS A 67 -28.72 -3.34 10.11
C LYS A 67 -27.72 -2.78 9.12
N ASN A 68 -27.87 -1.53 8.79
CA ASN A 68 -27.07 -0.88 7.78
C ASN A 68 -25.76 -0.36 8.34
N ASN A 69 -24.65 -0.98 7.98
CA ASN A 69 -23.36 -0.65 8.55
C ASN A 69 -22.84 0.72 8.17
N MET A 70 -23.50 1.38 7.24
CA MET A 70 -23.07 2.71 6.85
C MET A 70 -23.35 3.69 7.96
N VAL A 71 -24.35 3.40 8.80
CA VAL A 71 -24.71 4.35 9.82
C VAL A 71 -23.74 4.23 10.95
N GLU A 72 -23.34 3.00 11.24
CA GLU A 72 -22.38 2.77 12.29
C GLU A 72 -21.07 3.40 11.90
N GLN A 73 -20.71 3.32 10.63
CA GLN A 73 -19.49 3.93 10.22
C GLN A 73 -19.55 5.42 10.32
N MET A 74 -20.68 6.03 9.95
CA MET A 74 -20.78 7.47 10.04
C MET A 74 -20.62 7.91 11.48
N HIS A 75 -21.23 7.18 12.40
CA HIS A 75 -21.15 7.51 13.80
C HIS A 75 -19.74 7.45 14.30
N THR A 76 -19.02 6.39 13.97
CA THR A 76 -17.65 6.28 14.42
C THR A 76 -16.78 7.39 13.85
N ASP A 77 -16.92 7.70 12.57
CA ASP A 77 -16.06 8.73 12.01
C ASP A 77 -16.38 10.11 12.58
N ILE A 78 -17.64 10.41 12.89
CA ILE A 78 -17.92 11.72 13.48
C ILE A 78 -17.22 11.84 14.81
N ILE A 79 -17.29 10.80 15.62
CA ILE A 79 -16.65 10.85 16.90
C ILE A 79 -15.15 11.04 16.74
N SER A 80 -14.53 10.30 15.84
CA SER A 80 -13.11 10.45 15.68
C SER A 80 -12.70 11.83 15.23
N LEU A 81 -13.46 12.47 14.34
CA LEU A 81 -13.07 13.80 13.94
C LEU A 81 -13.17 14.79 15.08
N TRP A 82 -14.19 14.66 15.93
CA TRP A 82 -14.28 15.56 17.07
C TRP A 82 -13.11 15.37 18.01
N ASP A 83 -12.71 14.13 18.27
CA ASP A 83 -11.59 13.99 19.16
C ASP A 83 -10.32 14.52 18.56
N GLN A 84 -10.13 14.35 17.26
CA GLN A 84 -8.91 14.83 16.64
C GLN A 84 -8.81 16.34 16.62
N SER A 85 -9.92 17.04 16.42
CA SER A 85 -9.82 18.49 16.39
C SER A 85 -9.70 19.09 17.77
N LEU A 86 -10.11 18.38 18.82
CA LEU A 86 -9.95 18.91 20.18
C LEU A 86 -8.62 18.52 20.81
N LYS A 87 -8.07 17.39 20.40
CA LYS A 87 -6.83 16.90 20.94
C LYS A 87 -5.69 17.92 21.05
N PRO A 88 -5.37 18.77 20.05
CA PRO A 88 -4.30 19.74 20.12
C PRO A 88 -4.61 21.11 20.77
N CYS A 89 -5.77 21.27 21.46
CA CYS A 89 -6.21 22.53 22.06
C CYS A 89 -5.60 22.71 23.46
N VAL A 90 -5.93 23.80 24.14
CA VAL A 90 -5.25 24.20 25.39
C VAL A 90 -5.31 23.29 26.64
N LYS A 91 -6.37 22.51 26.86
CA LYS A 91 -6.44 21.67 28.09
C LYS A 91 -6.50 22.51 29.37
N LEU A 92 -7.70 22.90 29.78
CA LEU A 92 -7.89 23.83 30.89
C LEU A 92 -7.84 23.19 32.27
N THR A 93 -6.75 22.50 32.54
CA THR A 93 -6.55 21.86 33.82
C THR A 93 -6.54 22.86 34.98
N PRO A 94 -5.84 24.02 34.88
CA PRO A 94 -5.71 25.04 35.89
C PRO A 94 -7.02 25.70 36.29
N LEU A 95 -8.12 25.46 35.59
CA LEU A 95 -9.34 26.11 36.04
C LEU A 95 -10.07 25.40 37.18
N CYS A 96 -9.76 24.12 37.50
CA CYS A 96 -10.47 23.41 38.57
C CYS A 96 -9.87 23.78 39.92
N VAL A 97 -10.23 24.97 40.35
CA VAL A 97 -9.81 25.57 41.60
C VAL A 97 -11.04 26.09 42.28
N THR A 98 -10.98 26.40 43.56
CA THR A 98 -12.15 26.91 44.21
C THR A 98 -12.54 28.24 43.59
N LEU A 99 -13.80 28.40 43.24
CA LEU A 99 -14.29 29.63 42.69
C LEU A 99 -15.07 30.37 43.77
N GLN A 100 -14.99 31.69 43.80
CA GLN A 100 -15.78 32.51 44.73
C GLN A 100 -16.88 33.16 43.92
N CYS A 101 -18.16 32.72 44.06
CA CYS A 101 -19.25 33.14 43.17
C CYS A 101 -20.39 33.84 43.89
N THR A 102 -20.92 34.84 43.20
CA THR A 102 -22.11 35.57 43.61
C THR A 102 -23.10 35.55 42.43
N ASN A 103 -24.39 35.93 42.66
CA ASN A 103 -25.42 36.00 41.62
C ASN A 103 -25.24 37.24 40.74
N VAL A 104 -25.59 37.13 39.43
CA VAL A 104 -25.68 38.29 38.54
C VAL A 104 -27.09 38.83 38.71
N THR A 105 -27.21 40.10 39.10
CA THR A 105 -28.49 40.75 39.32
C THR A 105 -28.63 41.98 38.44
N ASN A 106 -27.71 42.13 37.51
CA ASN A 106 -27.68 43.33 36.71
C ASN A 106 -28.63 43.32 35.52
N ASN A 107 -29.86 43.86 35.73
CA ASN A 107 -30.97 43.94 34.77
C ASN A 107 -31.40 42.57 34.22
N ILE A 108 -31.58 41.61 35.15
CA ILE A 108 -32.02 40.25 34.85
C ILE A 108 -33.53 40.15 34.94
N THR A 109 -34.13 39.44 34.01
CA THR A 109 -35.56 39.23 34.12
C THR A 109 -35.83 38.13 35.13
N ASP A 110 -37.10 37.91 35.46
CA ASP A 110 -37.44 36.91 36.46
C ASP A 110 -37.03 35.50 36.09
N ASP A 111 -37.06 35.21 34.82
CA ASP A 111 -36.78 33.90 34.29
C ASP A 111 -35.28 33.61 34.26
N MET A 112 -34.46 34.60 34.59
CA MET A 112 -33.02 34.46 34.63
C MET A 112 -32.48 34.56 36.04
N ARG A 113 -33.35 34.52 37.05
CA ARG A 113 -32.82 34.66 38.38
C ARG A 113 -32.10 33.40 38.77
N GLY A 114 -30.86 33.57 39.18
CA GLY A 114 -30.02 32.47 39.59
C GLY A 114 -29.38 31.73 38.42
N GLU A 115 -29.64 32.17 37.18
CA GLU A 115 -29.12 31.47 36.02
C GLU A 115 -27.64 31.73 35.81
N LEU A 116 -27.17 32.94 36.15
CA LEU A 116 -25.78 33.27 35.94
C LEU A 116 -25.06 33.54 37.23
N LYS A 117 -23.85 32.99 37.30
CA LYS A 117 -23.00 33.18 38.45
C LYS A 117 -21.75 33.95 38.03
N ASN A 118 -21.36 34.95 38.84
CA ASN A 118 -20.17 35.77 38.65
C ASN A 118 -19.06 35.27 39.57
N CYS A 119 -18.08 34.53 39.00
CA CYS A 119 -17.05 33.82 39.77
C CYS A 119 -15.64 34.37 39.62
N SER A 120 -14.98 34.59 40.75
CA SER A 120 -13.60 35.04 40.74
C SER A 120 -12.71 33.95 41.29
N PHE A 121 -11.49 33.91 40.81
CA PHE A 121 -10.56 32.88 41.24
C PHE A 121 -9.10 33.25 41.01
N ASN A 122 -8.17 32.49 41.64
CA ASN A 122 -6.72 32.62 41.51
C ASN A 122 -6.20 31.67 40.42
N MET A 123 -5.86 32.24 39.25
CA MET A 123 -5.43 31.57 38.04
C MET A 123 -3.91 31.64 37.92
N THR A 124 -3.34 30.66 37.23
CA THR A 124 -1.91 30.65 36.97
C THR A 124 -1.59 31.71 35.94
N THR A 125 -0.31 32.01 35.78
CA THR A 125 0.15 33.01 34.83
C THR A 125 1.21 32.47 33.90
N GLU A 126 1.55 33.26 32.88
CA GLU A 126 2.57 32.92 31.89
C GLU A 126 3.98 32.83 32.46
N LEU A 127 4.24 33.54 33.55
CA LEU A 127 5.53 33.50 34.20
C LEU A 127 5.31 32.74 35.49
N ARG A 128 6.04 31.65 35.67
CA ARG A 128 5.74 30.70 36.73
C ARG A 128 6.25 30.99 38.13
N ASP A 129 5.84 32.12 38.66
CA ASP A 129 6.11 32.45 40.05
C ASP A 129 5.06 33.47 40.44
N LYS A 130 4.14 33.73 39.51
CA LYS A 130 3.06 34.67 39.75
C LYS A 130 1.68 34.01 39.71
N LYS A 131 0.71 34.70 40.28
CA LYS A 131 -0.70 34.32 40.27
C LYS A 131 -1.50 35.55 39.91
N GLN A 132 -2.68 35.37 39.35
CA GLN A 132 -3.52 36.51 39.04
C GLN A 132 -4.96 36.30 39.48
N LYS A 133 -5.63 37.38 39.87
CA LYS A 133 -7.03 37.29 40.20
C LYS A 133 -7.85 37.69 39.01
N VAL A 134 -8.67 36.77 38.55
CA VAL A 134 -9.49 36.97 37.38
C VAL A 134 -10.92 36.57 37.65
N TYR A 135 -11.84 36.96 36.79
CA TYR A 135 -13.19 36.48 36.95
C TYR A 135 -13.86 36.23 35.60
N SER A 136 -14.89 35.38 35.63
CA SER A 136 -15.69 35.01 34.47
C SER A 136 -17.11 34.68 34.85
N LEU A 137 -18.03 34.92 33.96
CA LEU A 137 -19.38 34.50 34.25
C LEU A 137 -19.52 33.05 33.82
N PHE A 138 -20.33 32.30 34.56
CA PHE A 138 -20.67 30.92 34.28
C PHE A 138 -22.15 30.69 34.34
N TYR A 139 -22.62 29.71 33.60
CA TYR A 139 -24.02 29.34 33.69
C TYR A 139 -24.18 28.42 34.87
N ARG A 140 -25.33 28.48 35.52
CA ARG A 140 -25.59 27.62 36.66
C ARG A 140 -25.32 26.16 36.38
N LEU A 141 -25.64 25.70 35.17
CA LEU A 141 -25.50 24.30 34.82
C LEU A 141 -24.08 23.81 34.68
N ASP A 142 -23.11 24.73 34.69
CA ASP A 142 -21.72 24.37 34.57
C ASP A 142 -20.98 24.29 35.91
N VAL A 143 -21.63 24.63 37.03
CA VAL A 143 -20.92 24.62 38.32
C VAL A 143 -21.59 23.82 39.42
N VAL A 144 -20.79 23.47 40.41
CA VAL A 144 -21.22 22.72 41.58
C VAL A 144 -20.97 23.46 42.86
N GLN A 145 -21.99 23.62 43.68
CA GLN A 145 -21.76 24.29 44.94
C GLN A 145 -21.13 23.28 45.88
N ILE A 146 -20.13 23.71 46.61
CA ILE A 146 -19.43 22.83 47.54
C ILE A 146 -19.47 23.42 48.95
N ASN A 147 -19.17 22.58 49.98
CA ASN A 147 -19.11 22.95 51.40
C ASN A 147 -20.38 23.68 51.87
N LYS A 159 -20.86 30.33 49.05
CA LYS A 159 -20.30 31.01 47.87
C LYS A 159 -19.14 30.26 47.17
N GLU A 160 -18.73 29.07 47.67
CA GLU A 160 -17.66 28.26 47.07
C GLU A 160 -18.22 27.28 46.05
N TYR A 161 -17.64 27.33 44.86
CA TYR A 161 -18.02 26.50 43.72
C TYR A 161 -16.86 25.87 43.01
N ARG A 162 -17.12 24.80 42.29
CA ARG A 162 -16.11 24.22 41.42
C ARG A 162 -16.75 23.90 40.09
N LEU A 163 -15.95 23.68 39.06
CA LEU A 163 -16.55 23.28 37.80
C LEU A 163 -17.05 21.87 37.96
N ILE A 164 -18.08 21.50 37.22
CA ILE A 164 -18.60 20.14 37.36
C ILE A 164 -17.59 19.07 37.02
N ASN A 165 -16.90 19.24 35.91
CA ASN A 165 -15.97 18.19 35.55
C ASN A 165 -14.59 18.32 36.19
N CYS A 166 -14.54 17.96 37.48
CA CYS A 166 -13.36 17.93 38.36
C CYS A 166 -13.17 16.54 38.92
N ASN A 167 -14.26 15.89 39.26
CA ASN A 167 -14.16 14.56 39.87
C ASN A 167 -13.66 13.51 38.85
N THR A 168 -14.05 13.64 37.55
CA THR A 168 -13.80 12.65 36.51
C THR A 168 -12.88 12.97 35.37
N SER A 169 -12.63 14.22 35.05
CA SER A 169 -11.84 14.46 33.86
C SER A 169 -11.26 15.82 33.73
N ALA A 170 -10.27 15.93 32.86
CA ALA A 170 -9.79 17.24 32.48
C ALA A 170 -10.78 17.81 31.50
N ILE A 171 -10.84 19.12 31.40
CA ILE A 171 -11.73 19.74 30.45
C ILE A 171 -10.89 20.42 29.39
N THR A 172 -11.10 20.10 28.14
CA THR A 172 -10.34 20.77 27.10
C THR A 172 -11.15 21.93 26.63
N GLN A 173 -10.64 22.67 25.68
CA GLN A 173 -11.36 23.84 25.21
C GLN A 173 -11.42 23.75 23.74
N ALA A 174 -12.57 23.98 23.17
CA ALA A 174 -12.56 23.93 21.74
C ALA A 174 -11.68 25.06 21.28
N CYS A 175 -10.87 24.84 20.23
CA CYS A 175 -10.03 25.85 19.61
C CYS A 175 -10.97 26.88 18.97
N PRO A 176 -10.77 28.18 19.21
CA PRO A 176 -11.65 29.25 18.79
C PRO A 176 -11.83 29.39 17.29
N LYS A 177 -10.90 28.86 16.50
CA LYS A 177 -11.04 28.97 15.06
C LYS A 177 -11.64 27.74 14.42
N VAL A 178 -11.88 26.69 15.18
CA VAL A 178 -12.38 25.48 14.58
C VAL A 178 -13.88 25.54 14.49
N SER A 179 -14.40 25.35 13.29
CA SER A 179 -15.83 25.46 13.13
C SER A 179 -16.51 24.15 12.85
N PHE A 180 -17.34 23.75 13.78
CA PHE A 180 -18.05 22.48 13.66
C PHE A 180 -19.40 22.70 13.02
N GLU A 181 -19.38 23.30 11.84
CA GLU A 181 -20.58 23.59 11.10
C GLU A 181 -20.90 22.39 10.22
N PRO A 182 -22.10 21.82 10.27
CA PRO A 182 -22.49 20.63 9.55
C PRO A 182 -22.78 20.82 8.07
N ILE A 183 -21.76 21.14 7.31
CA ILE A 183 -21.90 21.31 5.87
C ILE A 183 -22.13 19.91 5.33
N PRO A 184 -22.85 19.70 4.24
CA PRO A 184 -23.13 18.40 3.71
C PRO A 184 -21.91 17.68 3.24
N ILE A 185 -21.90 16.38 3.45
CA ILE A 185 -20.84 15.50 2.99
C ILE A 185 -21.46 14.36 2.22
N HIS A 186 -20.68 13.67 1.42
CA HIS A 186 -21.22 12.55 0.67
C HIS A 186 -20.40 11.31 0.97
N TYR A 187 -21.03 10.15 1.11
CA TYR A 187 -20.22 8.94 1.27
C TYR A 187 -20.06 8.32 -0.10
N CYS A 188 -18.84 7.86 -0.45
CA CYS A 188 -18.48 7.31 -1.75
C CYS A 188 -17.83 5.95 -1.60
N ALA A 189 -18.18 5.02 -2.51
CA ALA A 189 -17.61 3.68 -2.45
C ALA A 189 -16.19 3.60 -3.01
N PRO A 190 -15.31 2.77 -2.45
CA PRO A 190 -13.99 2.46 -2.92
C PRO A 190 -14.10 1.58 -4.14
N ALA A 191 -13.05 1.52 -4.96
CA ALA A 191 -13.13 0.69 -6.14
C ALA A 191 -13.39 -0.74 -5.78
N GLY A 192 -14.24 -1.38 -6.58
CA GLY A 192 -14.61 -2.77 -6.39
C GLY A 192 -15.92 -2.92 -5.64
N PHE A 193 -16.42 -1.82 -5.10
CA PHE A 193 -17.67 -1.76 -4.36
C PHE A 193 -18.63 -0.81 -5.00
N ALA A 194 -19.89 -0.97 -4.67
CA ALA A 194 -20.89 -0.06 -5.19
C ALA A 194 -21.95 0.22 -4.17
N ILE A 195 -22.56 1.39 -4.28
CA ILE A 195 -23.66 1.74 -3.41
C ILE A 195 -24.95 1.65 -4.18
N LEU A 196 -25.88 0.89 -3.66
CA LEU A 196 -27.16 0.75 -4.30
C LEU A 196 -28.16 1.61 -3.56
N LYS A 197 -28.98 2.32 -4.31
CA LYS A 197 -29.99 3.18 -3.73
C LYS A 197 -31.40 2.67 -4.01
N CYS A 198 -32.28 2.69 -2.98
CA CYS A 198 -33.69 2.34 -3.10
C CYS A 198 -34.48 3.60 -3.43
N LYS A 199 -35.13 3.58 -4.58
CA LYS A 199 -35.87 4.74 -5.03
C LYS A 199 -37.36 4.72 -4.77
N ASP A 200 -37.92 3.63 -4.31
CA ASP A 200 -39.36 3.71 -4.13
C ASP A 200 -39.76 4.76 -3.16
N LYS A 201 -40.83 5.43 -3.52
CA LYS A 201 -41.40 6.39 -2.64
C LYS A 201 -42.20 5.53 -1.70
N LYS A 202 -42.33 5.95 -0.47
CA LYS A 202 -43.05 5.22 0.55
C LYS A 202 -42.39 3.88 0.89
N PHE A 203 -41.06 3.89 0.92
CA PHE A 203 -40.29 2.74 1.36
C PHE A 203 -40.14 2.87 2.87
N ASN A 204 -40.48 1.80 3.63
CA ASN A 204 -40.53 1.79 5.10
C ASN A 204 -39.23 1.35 5.80
N GLY A 205 -38.12 1.17 5.07
CA GLY A 205 -36.81 0.79 5.59
C GLY A 205 -36.45 -0.68 5.45
N THR A 206 -37.42 -1.56 5.19
CA THR A 206 -37.04 -2.95 5.05
C THR A 206 -37.65 -3.66 3.85
N GLY A 207 -37.01 -4.73 3.43
CA GLY A 207 -37.60 -5.63 2.46
C GLY A 207 -37.24 -5.40 0.99
N PRO A 208 -37.97 -6.05 0.09
CA PRO A 208 -37.73 -6.21 -1.33
C PRO A 208 -38.05 -5.00 -2.16
N CYS A 209 -37.16 -4.00 -2.18
CA CYS A 209 -37.32 -2.75 -2.92
C CYS A 209 -37.16 -3.03 -4.44
N PRO A 210 -38.20 -2.84 -5.26
CA PRO A 210 -38.26 -3.10 -6.69
C PRO A 210 -37.67 -2.03 -7.60
N SER A 211 -37.20 -0.92 -7.06
CA SER A 211 -36.69 0.14 -7.90
C SER A 211 -35.35 0.57 -7.35
N VAL A 212 -34.30 0.09 -7.97
CA VAL A 212 -32.96 0.28 -7.47
C VAL A 212 -32.06 0.92 -8.52
N SER A 213 -31.18 1.80 -8.08
CA SER A 213 -30.22 2.42 -8.98
C SER A 213 -28.86 2.42 -8.33
N THR A 214 -27.79 2.46 -9.10
CA THR A 214 -26.50 2.55 -8.43
C THR A 214 -26.11 3.97 -8.36
N VAL A 215 -25.26 4.30 -7.42
CA VAL A 215 -24.74 5.64 -7.37
C VAL A 215 -23.26 5.60 -7.17
N GLN A 216 -22.60 6.68 -7.50
CA GLN A 216 -21.18 6.78 -7.15
C GLN A 216 -20.98 7.10 -5.65
N CYS A 217 -21.87 7.96 -5.10
CA CYS A 217 -21.86 8.52 -3.77
C CYS A 217 -23.29 8.76 -3.32
N THR A 218 -23.48 8.98 -2.03
CA THR A 218 -24.79 9.29 -1.45
C THR A 218 -25.09 10.73 -1.70
N HIS A 219 -26.32 11.15 -1.40
CA HIS A 219 -26.67 12.54 -1.52
C HIS A 219 -25.94 13.26 -0.43
N GLY A 220 -25.98 14.59 -0.44
CA GLY A 220 -25.30 15.28 0.62
C GLY A 220 -26.07 15.14 1.90
N ILE A 221 -25.38 14.79 2.95
CA ILE A 221 -25.94 14.63 4.27
C ILE A 221 -25.31 15.56 5.24
N LYS A 222 -26.10 16.33 5.95
CA LYS A 222 -25.54 17.23 6.93
C LYS A 222 -25.45 16.49 8.26
N PRO A 223 -24.28 16.33 8.87
CA PRO A 223 -24.08 15.61 10.10
C PRO A 223 -24.50 16.44 11.29
N VAL A 224 -25.79 16.75 11.35
CA VAL A 224 -26.34 17.56 12.41
C VAL A 224 -26.62 16.70 13.60
N VAL A 225 -26.21 17.15 14.77
CA VAL A 225 -26.43 16.36 15.96
C VAL A 225 -27.47 16.99 16.85
N SER A 226 -28.51 16.23 17.15
CA SER A 226 -29.59 16.68 17.99
C SER A 226 -30.32 15.53 18.62
N THR A 227 -31.19 15.86 19.56
CA THR A 227 -32.10 14.89 20.20
C THR A 227 -33.52 15.30 19.89
N GLN A 228 -34.46 14.38 20.01
CA GLN A 228 -35.92 14.65 19.86
C GLN A 228 -36.39 15.13 18.49
N LEU A 229 -35.91 16.28 18.05
CA LEU A 229 -36.28 16.83 16.77
C LEU A 229 -35.07 16.83 15.86
N LEU A 230 -35.25 16.19 14.72
CA LEU A 230 -34.22 16.08 13.71
C LEU A 230 -34.25 17.34 12.91
N LEU A 231 -33.10 17.98 12.79
CA LEU A 231 -33.03 19.22 12.07
C LEU A 231 -32.22 19.08 10.78
N ASN A 232 -32.62 19.86 9.74
CA ASN A 232 -32.00 20.07 8.45
C ASN A 232 -31.71 18.78 7.63
N GLY A 233 -32.60 17.78 7.68
CA GLY A 233 -32.47 16.53 6.92
C GLY A 233 -33.26 16.63 5.65
N SER A 234 -33.44 15.52 4.99
CA SER A 234 -34.21 15.50 3.77
C SER A 234 -35.66 15.32 4.12
N LEU A 235 -36.54 15.64 3.20
CA LEU A 235 -37.96 15.46 3.39
C LEU A 235 -38.50 14.30 2.62
N ALA A 236 -39.58 13.75 3.12
CA ALA A 236 -40.27 12.64 2.48
C ALA A 236 -40.84 13.14 1.17
N GLU A 237 -40.86 12.28 0.16
CA GLU A 237 -41.35 12.64 -1.15
C GLU A 237 -42.84 12.90 -1.27
N GLU A 238 -43.66 12.14 -0.57
CA GLU A 238 -45.10 12.29 -0.73
C GLU A 238 -45.88 12.44 0.57
N GLU A 239 -45.71 11.50 1.48
CA GLU A 239 -46.47 11.44 2.72
C GLU A 239 -45.55 11.30 3.88
N VAL A 240 -46.02 11.68 5.07
CA VAL A 240 -45.17 11.53 6.22
C VAL A 240 -44.91 10.06 6.42
N MET A 241 -43.65 9.72 6.62
CA MET A 241 -43.30 8.34 6.79
C MET A 241 -43.01 7.97 8.20
N ILE A 242 -43.53 6.84 8.61
CA ILE A 242 -43.22 6.37 9.93
C ILE A 242 -42.48 5.07 9.83
N ARG A 243 -41.28 5.04 10.37
CA ARG A 243 -40.45 3.85 10.27
C ARG A 243 -39.96 3.42 11.63
N SER A 244 -39.91 2.15 11.85
CA SER A 244 -39.38 1.64 13.10
C SER A 244 -38.87 0.24 12.87
N GLU A 245 -37.99 -0.24 13.72
CA GLU A 245 -37.56 -1.64 13.57
C GLU A 245 -38.73 -2.62 13.74
N ASN A 246 -39.60 -2.34 14.73
CA ASN A 246 -40.81 -3.08 15.09
C ASN A 246 -41.78 -2.10 15.76
N ILE A 247 -42.85 -1.70 15.05
CA ILE A 247 -43.80 -0.68 15.51
C ILE A 247 -44.59 -1.07 16.74
N THR A 248 -44.74 -2.35 17.03
CA THR A 248 -45.54 -2.72 18.17
C THR A 248 -44.70 -2.89 19.43
N ASN A 249 -43.39 -2.78 19.30
CA ASN A 249 -42.52 -2.99 20.44
C ASN A 249 -42.13 -1.67 21.07
N ASN A 250 -42.73 -1.31 22.21
CA ASN A 250 -42.50 0.00 22.84
C ASN A 250 -41.20 0.01 23.59
N ALA A 251 -40.14 -0.11 22.84
CA ALA A 251 -38.81 -0.16 23.34
C ALA A 251 -37.96 0.37 22.23
N LYS A 252 -38.51 0.28 21.03
CA LYS A 252 -37.82 0.73 19.84
C LYS A 252 -38.27 2.14 19.57
N ASN A 253 -37.43 2.93 18.92
CA ASN A 253 -37.83 4.27 18.58
C ASN A 253 -38.54 4.30 17.27
N ILE A 254 -39.38 5.29 17.09
CA ILE A 254 -40.09 5.52 15.86
C ILE A 254 -39.52 6.75 15.19
N LEU A 255 -39.07 6.62 13.96
CA LEU A 255 -38.51 7.75 13.27
C LEU A 255 -39.56 8.28 12.31
N VAL A 256 -39.92 9.52 12.49
CA VAL A 256 -40.97 10.11 11.67
C VAL A 256 -40.40 11.14 10.74
N GLN A 257 -40.56 10.94 9.45
CA GLN A 257 -40.02 11.87 8.47
C GLN A 257 -41.10 12.74 7.86
N PHE A 258 -40.96 14.04 8.03
CA PHE A 258 -41.97 14.94 7.53
C PHE A 258 -41.87 15.11 6.03
N ASN A 259 -42.99 15.37 5.36
CA ASN A 259 -43.02 15.64 3.92
C ASN A 259 -43.11 17.13 3.61
N THR A 260 -42.86 17.93 4.62
CA THR A 260 -42.87 19.39 4.55
C THR A 260 -42.13 19.85 5.81
N PRO A 261 -41.28 20.87 5.77
CA PRO A 261 -40.54 21.34 6.92
C PRO A 261 -41.36 22.14 7.89
N VAL A 262 -40.95 22.17 9.14
CA VAL A 262 -41.53 23.10 10.09
C VAL A 262 -40.42 24.06 10.44
N GLN A 263 -40.62 25.34 10.23
CA GLN A 263 -39.52 26.24 10.51
C GLN A 263 -39.45 26.64 11.96
N ILE A 264 -38.25 26.54 12.52
CA ILE A 264 -37.99 26.91 13.90
C ILE A 264 -36.88 28.00 13.97
N ASN A 265 -37.16 29.13 14.66
CA ASN A 265 -36.25 30.27 14.86
C ASN A 265 -35.70 30.30 16.28
N CYS A 266 -34.39 30.00 16.46
CA CYS A 266 -33.75 29.92 17.78
C CYS A 266 -32.79 31.08 18.00
N THR A 267 -32.81 31.59 19.21
CA THR A 267 -31.92 32.68 19.51
C THR A 267 -31.35 32.66 20.89
N ARG A 268 -30.19 33.28 20.99
CA ARG A 268 -29.58 33.53 22.25
C ARG A 268 -29.40 35.07 22.29
N PRO A 269 -30.20 35.79 23.08
CA PRO A 269 -30.23 37.22 23.27
C PRO A 269 -29.08 37.51 24.18
N ASN A 270 -28.90 38.76 24.62
CA ASN A 270 -27.83 39.14 25.56
C ASN A 270 -26.59 39.36 24.70
N ASN A 271 -26.09 40.62 24.60
CA ASN A 271 -25.01 40.99 23.65
C ASN A 271 -23.69 40.24 23.87
N ASN A 272 -23.34 39.82 25.13
CA ASN A 272 -22.12 39.03 25.47
C ASN A 272 -20.76 39.49 24.92
N THR A 273 -19.78 39.54 25.78
CA THR A 273 -18.46 39.91 25.30
C THR A 273 -17.48 38.82 25.65
N ARG A 274 -16.29 38.89 25.08
CA ARG A 274 -15.31 37.86 25.38
C ARG A 274 -13.95 38.43 25.65
N LYS A 275 -13.26 37.83 26.58
CA LYS A 275 -11.92 38.25 26.89
C LYS A 275 -11.02 37.06 27.04
N SER A 276 -9.76 37.21 26.69
CA SER A 276 -8.87 36.10 26.84
C SER A 276 -7.93 36.35 27.98
N ILE A 277 -7.56 35.26 28.64
CA ILE A 277 -6.64 35.32 29.75
C ILE A 277 -5.46 34.39 29.52
N ARG A 278 -4.23 34.86 29.70
CA ARG A 278 -3.16 33.88 29.56
C ARG A 278 -3.17 33.00 30.78
N ILE A 279 -3.13 31.69 30.57
CA ILE A 279 -3.06 30.76 31.69
C ILE A 279 -1.65 30.20 31.73
N GLY A 280 -0.94 30.39 30.61
CA GLY A 280 0.43 29.92 30.50
C GLY A 280 1.11 30.52 29.26
N PRO A 281 2.29 30.06 28.88
CA PRO A 281 3.11 30.60 27.83
C PRO A 281 2.56 30.34 26.44
N GLY A 282 1.62 31.19 26.04
CA GLY A 282 0.92 31.05 24.76
C GLY A 282 -0.34 30.21 24.92
N GLN A 283 -0.71 29.96 26.15
CA GLN A 283 -1.87 29.15 26.47
C GLN A 283 -3.00 30.07 26.89
N TRP A 284 -4.09 30.09 26.13
CA TRP A 284 -5.16 31.02 26.47
C TRP A 284 -6.50 30.39 26.81
N PHE A 285 -7.16 30.99 27.78
CA PHE A 285 -8.50 30.63 28.20
C PHE A 285 -9.49 31.69 27.81
N TYR A 286 -10.65 31.28 27.30
CA TYR A 286 -11.64 32.29 26.96
C TYR A 286 -12.74 32.41 27.97
N ALA A 287 -12.83 33.58 28.55
CA ALA A 287 -13.76 33.90 29.61
C ALA A 287 -14.95 34.65 29.08
N THR A 288 -16.06 34.56 29.81
CA THR A 288 -17.26 35.31 29.46
C THR A 288 -17.25 36.60 30.26
N GLY A 289 -17.31 37.74 29.56
CA GLY A 289 -17.26 39.01 30.27
C GLY A 289 -18.65 39.52 30.54
N ASP A 290 -18.74 40.74 31.05
CA ASP A 290 -20.05 41.28 31.37
C ASP A 290 -20.95 41.38 30.17
N ILE A 291 -22.21 41.11 30.39
CA ILE A 291 -23.19 41.19 29.33
C ILE A 291 -23.62 42.61 29.09
N ILE A 292 -23.56 43.01 27.85
CA ILE A 292 -24.00 44.32 27.44
C ILE A 292 -25.49 44.23 27.13
N GLY A 293 -26.26 45.17 27.67
CA GLY A 293 -27.70 45.16 27.49
C GLY A 293 -28.32 44.39 28.64
N ASP A 294 -29.57 43.98 28.51
CA ASP A 294 -30.19 43.31 29.64
C ASP A 294 -29.99 41.80 29.53
N ILE A 295 -30.49 41.06 30.52
CA ILE A 295 -30.34 39.62 30.53
C ILE A 295 -31.69 38.87 30.50
N ARG A 296 -31.89 38.11 29.44
CA ARG A 296 -33.12 37.34 29.21
C ARG A 296 -32.84 35.92 28.70
N GLN A 297 -33.86 35.04 28.72
CA GLN A 297 -33.63 33.66 28.28
C GLN A 297 -33.54 33.42 26.79
N ALA A 298 -32.76 32.41 26.45
CA ALA A 298 -32.67 31.87 25.11
C ALA A 298 -33.99 31.20 24.84
N HIS A 299 -34.40 31.20 23.60
CA HIS A 299 -35.67 30.56 23.26
C HIS A 299 -35.77 30.21 21.78
N CYS A 300 -36.74 29.33 21.41
CA CYS A 300 -37.06 28.96 20.02
C CYS A 300 -38.54 29.18 19.71
N ASN A 301 -38.80 29.70 18.52
CA ASN A 301 -40.15 29.97 18.03
C ASN A 301 -40.57 29.03 16.90
N VAL A 302 -41.69 28.29 17.11
CA VAL A 302 -42.29 27.36 16.16
C VAL A 302 -43.69 27.85 15.79
N SER A 303 -43.98 28.02 14.51
CA SER A 303 -45.31 28.52 14.13
C SER A 303 -46.37 27.60 14.68
N LYS A 304 -47.43 28.15 15.29
CA LYS A 304 -48.42 27.29 15.90
C LYS A 304 -49.28 26.58 14.91
N ALA A 305 -49.67 27.26 13.84
CA ALA A 305 -50.52 26.58 12.88
C ALA A 305 -49.79 25.44 12.22
N THR A 306 -48.50 25.65 11.95
CA THR A 306 -47.72 24.62 11.29
C THR A 306 -47.54 23.45 12.23
N TRP A 307 -47.22 23.72 13.50
CA TRP A 307 -47.10 22.61 14.45
C TRP A 307 -48.48 22.27 15.02
N ASN A 308 -49.33 21.83 14.14
CA ASN A 308 -50.70 21.39 14.28
C ASN A 308 -51.01 20.58 13.03
N GLU A 309 -50.89 21.24 11.83
CA GLU A 309 -51.07 20.61 10.53
C GLU A 309 -50.13 19.41 10.36
N THR A 310 -48.88 19.56 10.81
CA THR A 310 -47.96 18.46 10.67
C THR A 310 -48.19 17.38 11.72
N LEU A 311 -48.90 17.65 12.81
CA LEU A 311 -49.15 16.55 13.71
C LEU A 311 -50.36 15.86 13.19
N GLY A 312 -51.25 16.58 12.54
CA GLY A 312 -52.40 15.94 11.97
C GLY A 312 -51.93 14.89 10.98
N LYS A 313 -50.87 15.22 10.22
CA LYS A 313 -50.32 14.25 9.29
C LYS A 313 -49.66 13.07 10.01
N VAL A 314 -48.93 13.33 11.09
CA VAL A 314 -48.31 12.22 11.80
C VAL A 314 -49.34 11.29 12.37
N VAL A 315 -50.39 11.84 12.95
CA VAL A 315 -51.42 11.03 13.53
C VAL A 315 -52.14 10.24 12.48
N LYS A 316 -52.46 10.86 11.35
CA LYS A 316 -53.14 10.12 10.30
C LYS A 316 -52.36 8.87 9.93
N GLN A 317 -51.04 8.99 9.85
CA GLN A 317 -50.21 7.85 9.52
C GLN A 317 -50.06 6.85 10.68
N LEU A 318 -50.01 7.33 11.93
CA LEU A 318 -49.90 6.41 13.06
C LEU A 318 -51.11 5.51 13.14
N ARG A 319 -52.26 6.04 12.78
CA ARG A 319 -53.49 5.24 12.85
C ARG A 319 -53.39 3.98 11.99
N LYS A 320 -52.57 3.98 10.96
CA LYS A 320 -52.45 2.83 10.09
C LYS A 320 -51.84 1.64 10.81
N HIS A 321 -51.13 1.89 11.90
CA HIS A 321 -50.48 0.85 12.65
C HIS A 321 -51.17 0.59 13.98
N PHE A 322 -51.83 1.62 14.52
CA PHE A 322 -52.42 1.47 15.84
C PHE A 322 -53.93 1.37 15.92
N GLY A 323 -54.64 1.55 14.80
CA GLY A 323 -56.09 1.48 14.76
C GLY A 323 -56.70 2.82 14.47
N ASN A 324 -57.72 2.83 13.64
CA ASN A 324 -58.34 4.09 13.26
C ASN A 324 -59.42 4.54 14.20
N ASN A 325 -59.56 3.82 15.30
CA ASN A 325 -60.48 4.13 16.35
C ASN A 325 -59.71 4.31 17.66
N THR A 326 -58.40 4.44 17.55
CA THR A 326 -57.51 4.60 18.70
C THR A 326 -57.28 6.07 18.98
N ILE A 327 -57.25 6.44 20.25
CA ILE A 327 -56.94 7.83 20.56
C ILE A 327 -55.46 8.00 20.65
N ILE A 328 -54.95 8.97 19.93
CA ILE A 328 -53.52 9.22 19.95
C ILE A 328 -53.20 10.51 20.62
N ARG A 329 -52.39 10.45 21.65
CA ARG A 329 -52.04 11.66 22.35
C ARG A 329 -50.55 11.82 22.41
N PHE A 330 -50.15 13.07 22.44
CA PHE A 330 -48.76 13.40 22.59
C PHE A 330 -48.56 13.99 23.96
N ALA A 331 -47.43 13.67 24.53
CA ALA A 331 -47.06 14.14 25.84
C ALA A 331 -45.57 14.43 25.83
N ASN A 332 -45.10 15.24 26.80
CA ASN A 332 -43.71 15.65 26.91
C ASN A 332 -42.83 14.58 27.57
N SER A 333 -41.50 14.67 27.36
CA SER A 333 -40.50 13.76 27.93
C SER A 333 -40.43 13.85 29.42
N SER A 334 -40.17 12.73 30.03
CA SER A 334 -40.03 12.67 31.47
C SER A 334 -38.87 11.77 31.79
N GLY A 335 -37.98 12.26 32.63
CA GLY A 335 -36.80 11.51 32.99
C GLY A 335 -36.01 12.27 34.04
N GLY A 336 -34.90 11.71 34.47
CA GLY A 336 -34.10 12.31 35.53
C GLY A 336 -32.91 13.14 35.10
N ASP A 337 -32.79 13.42 33.82
CA ASP A 337 -31.62 14.14 33.33
C ASP A 337 -32.05 15.30 32.46
N LEU A 338 -31.08 16.05 31.96
CA LEU A 338 -31.36 17.15 31.06
C LEU A 338 -31.29 16.56 29.68
N GLU A 339 -30.38 15.63 29.51
CA GLU A 339 -30.10 15.09 28.20
C GLU A 339 -31.17 14.16 27.69
N VAL A 340 -32.13 13.82 28.54
CA VAL A 340 -33.21 12.96 28.10
C VAL A 340 -34.53 13.73 28.05
N THR A 341 -34.55 15.00 28.50
CA THR A 341 -35.80 15.72 28.47
C THR A 341 -35.81 16.87 27.49
N THR A 342 -34.63 17.35 27.12
CA THR A 342 -34.57 18.49 26.22
C THR A 342 -34.15 18.19 24.81
N HIS A 343 -34.36 19.20 23.99
CA HIS A 343 -33.96 19.25 22.60
C HIS A 343 -32.59 19.83 22.54
N SER A 344 -31.63 18.98 22.38
CA SER A 344 -30.27 19.41 22.36
C SER A 344 -29.83 19.69 20.96
N PHE A 345 -29.15 20.81 20.77
CA PHE A 345 -28.56 21.12 19.49
C PHE A 345 -27.48 22.16 19.60
N ASN A 346 -26.60 22.21 18.63
CA ASN A 346 -25.64 23.30 18.58
C ASN A 346 -26.23 24.30 17.60
N CYS A 347 -26.20 25.61 17.93
CA CYS A 347 -26.73 26.69 17.10
C CYS A 347 -25.57 27.42 16.45
N GLY A 348 -25.39 28.69 16.76
CA GLY A 348 -24.29 29.44 16.18
C GLY A 348 -23.01 29.24 16.98
N GLY A 349 -22.68 27.99 17.23
CA GLY A 349 -21.54 27.53 17.99
C GLY A 349 -21.81 27.20 19.45
N GLU A 350 -22.92 27.67 20.02
CA GLU A 350 -23.23 27.39 21.42
C GLU A 350 -24.23 26.26 21.56
N PHE A 351 -24.15 25.55 22.68
CA PHE A 351 -25.02 24.42 22.95
C PHE A 351 -26.29 24.75 23.71
N PHE A 352 -27.42 24.43 23.07
CA PHE A 352 -28.76 24.67 23.57
C PHE A 352 -29.43 23.41 24.05
N TYR A 353 -30.19 23.54 25.12
CA TYR A 353 -31.03 22.51 25.72
C TYR A 353 -32.44 23.05 25.91
N CYS A 354 -33.31 22.95 24.87
CA CYS A 354 -34.63 23.60 24.83
C CYS A 354 -35.75 22.68 25.31
N ASN A 355 -36.72 23.30 25.95
CA ASN A 355 -37.89 22.64 26.50
C ASN A 355 -39.04 22.58 25.47
N THR A 356 -39.34 21.35 24.99
CA THR A 356 -40.31 21.01 23.94
C THR A 356 -41.66 20.59 24.47
N SER A 357 -41.91 20.80 25.76
CA SER A 357 -43.21 20.41 26.31
C SER A 357 -44.32 21.26 25.75
N GLY A 358 -43.97 22.38 25.16
CA GLY A 358 -44.94 23.25 24.55
C GLY A 358 -45.34 22.75 23.16
N LEU A 359 -44.63 21.74 22.65
CA LEU A 359 -44.95 21.20 21.34
C LEU A 359 -45.69 19.88 21.46
N PHE A 360 -45.22 19.01 22.33
CA PHE A 360 -45.83 17.69 22.47
C PHE A 360 -46.88 17.64 23.56
N ASN A 361 -47.99 18.37 23.32
CA ASN A 361 -49.11 18.52 24.26
C ASN A 361 -50.45 18.62 23.51
N SER A 362 -51.05 17.45 23.14
CA SER A 362 -52.32 17.39 22.39
C SER A 362 -52.97 16.02 22.43
N THR A 363 -54.29 15.96 22.19
CA THR A 363 -54.99 14.67 22.05
C THR A 363 -55.84 14.66 20.78
N TRP A 364 -55.67 13.62 19.98
CA TRP A 364 -56.36 13.46 18.72
C TRP A 364 -57.38 12.33 18.78
N ILE A 365 -58.66 12.68 18.68
CA ILE A 365 -59.73 11.68 18.85
C ILE A 365 -60.58 11.26 17.61
N SER A 366 -60.43 11.92 16.44
CA SER A 366 -61.19 11.66 15.19
C SER A 366 -62.72 11.65 15.43
N ASP A 380 -50.19 32.95 15.14
CA ASP A 380 -49.33 33.11 16.30
C ASP A 380 -48.28 31.97 16.34
N SER A 381 -47.46 31.92 17.41
CA SER A 381 -46.35 30.98 17.58
C SER A 381 -46.20 30.45 19.00
N ILE A 382 -45.52 29.33 19.08
CA ILE A 382 -45.20 28.66 20.31
C ILE A 382 -43.81 29.01 20.73
N THR A 383 -43.65 29.51 21.95
CA THR A 383 -42.31 29.85 22.41
C THR A 383 -41.81 28.78 23.34
N LEU A 384 -40.65 28.26 23.03
CA LEU A 384 -40.00 27.25 23.80
C LEU A 384 -38.88 27.89 24.59
N PRO A 385 -38.91 27.91 25.93
CA PRO A 385 -37.89 28.51 26.74
C PRO A 385 -36.73 27.58 26.56
N CYS A 386 -35.48 28.09 26.65
CA CYS A 386 -34.30 27.28 26.43
C CYS A 386 -33.11 27.68 27.32
N ARG A 387 -32.37 26.68 27.78
CA ARG A 387 -31.20 26.91 28.62
C ARG A 387 -29.95 26.57 27.83
N ILE A 388 -28.81 27.12 28.20
CA ILE A 388 -27.59 26.76 27.47
C ILE A 388 -26.48 26.32 28.42
N LYS A 389 -25.48 25.62 27.89
CA LYS A 389 -24.33 25.16 28.68
C LYS A 389 -23.01 25.38 27.98
N GLN A 390 -21.94 25.59 28.74
CA GLN A 390 -20.62 25.66 28.15
C GLN A 390 -19.80 24.38 28.34
N ILE A 391 -20.07 23.57 29.37
CA ILE A 391 -19.28 22.35 29.53
C ILE A 391 -20.07 21.15 29.06
N ILE A 392 -19.60 20.56 27.99
CA ILE A 392 -20.28 19.49 27.30
C ILE A 392 -19.55 18.17 27.43
N ASN A 393 -20.23 17.11 27.87
CA ASN A 393 -19.52 15.82 27.97
C ASN A 393 -19.36 15.21 26.60
N MET A 394 -20.39 15.38 25.79
CA MET A 394 -20.44 14.92 24.42
C MET A 394 -20.52 13.38 24.30
N TRP A 395 -21.32 12.96 23.35
CA TRP A 395 -21.57 11.57 23.03
C TRP A 395 -22.00 10.87 24.31
N GLN A 396 -21.35 9.76 24.65
CA GLN A 396 -21.69 9.04 25.86
C GLN A 396 -20.46 8.70 26.68
N ARG A 397 -19.48 9.56 26.74
CA ARG A 397 -18.30 9.22 27.52
C ARG A 397 -18.43 9.75 28.94
N ILE A 398 -17.76 9.10 29.88
CA ILE A 398 -17.76 9.61 31.25
C ILE A 398 -16.62 10.57 31.44
N GLY A 399 -15.42 10.17 31.01
CA GLY A 399 -14.30 11.08 31.12
C GLY A 399 -14.38 11.86 29.83
N GLN A 400 -13.47 12.81 29.59
CA GLN A 400 -13.47 13.63 28.40
C GLN A 400 -14.55 14.68 28.49
N ALA A 401 -14.16 15.94 28.43
CA ALA A 401 -15.13 17.01 28.49
C ALA A 401 -14.59 18.16 27.72
N MET A 402 -15.49 18.97 27.18
CA MET A 402 -15.10 20.15 26.43
C MET A 402 -15.72 21.44 26.90
N TYR A 403 -14.94 22.50 26.95
CA TYR A 403 -15.44 23.80 27.24
C TYR A 403 -15.66 24.53 25.94
N ALA A 404 -16.88 24.99 25.73
CA ALA A 404 -17.20 25.72 24.53
C ALA A 404 -16.97 27.20 24.81
N PRO A 405 -16.05 27.90 24.13
CA PRO A 405 -15.78 29.28 24.36
C PRO A 405 -17.05 30.01 24.08
N PRO A 406 -17.32 31.14 24.72
CA PRO A 406 -18.46 31.97 24.50
C PRO A 406 -18.32 32.68 23.18
N ILE A 407 -19.44 33.01 22.56
CA ILE A 407 -19.44 33.78 21.33
C ILE A 407 -20.02 35.17 21.50
N GLN A 408 -19.27 36.16 21.04
CA GLN A 408 -19.66 37.55 21.19
C GLN A 408 -20.83 37.94 20.32
N GLY A 409 -21.64 38.86 20.81
CA GLY A 409 -22.77 39.34 20.04
C GLY A 409 -23.92 38.42 20.33
N VAL A 410 -24.90 38.39 19.45
CA VAL A 410 -26.08 37.59 19.70
C VAL A 410 -26.15 36.53 18.65
N ILE A 411 -26.87 35.48 18.96
CA ILE A 411 -26.95 34.36 18.06
C ILE A 411 -28.33 34.10 17.54
N ARG A 412 -28.45 33.97 16.23
CA ARG A 412 -29.72 33.63 15.64
C ARG A 412 -29.53 32.53 14.59
N CYS A 413 -30.33 31.44 14.69
CA CYS A 413 -30.33 30.30 13.77
C CYS A 413 -31.73 30.08 13.23
N VAL A 414 -31.81 29.80 11.95
CA VAL A 414 -33.07 29.45 11.35
C VAL A 414 -32.94 28.05 10.82
N SER A 415 -33.71 27.13 11.35
CA SER A 415 -33.57 25.74 10.97
C SER A 415 -34.89 25.13 10.54
N ASN A 416 -34.81 24.02 9.77
CA ASN A 416 -35.94 23.21 9.35
C ASN A 416 -36.06 21.96 10.22
N ILE A 417 -37.25 21.70 10.81
CA ILE A 417 -37.49 20.45 11.55
C ILE A 417 -37.95 19.50 10.46
N THR A 418 -37.21 18.44 10.27
CA THR A 418 -37.50 17.52 9.20
C THR A 418 -38.01 16.20 9.73
N GLY A 419 -37.92 15.99 11.03
CA GLY A 419 -38.46 14.75 11.56
C GLY A 419 -38.42 14.65 13.06
N LEU A 420 -39.10 13.65 13.58
CA LEU A 420 -39.22 13.44 15.00
C LEU A 420 -38.68 12.10 15.44
N ILE A 421 -38.21 12.01 16.67
CA ILE A 421 -37.92 10.71 17.24
C ILE A 421 -38.94 10.49 18.34
N LEU A 422 -39.81 9.51 18.18
CA LEU A 422 -40.88 9.26 19.16
C LEU A 422 -40.83 7.89 19.79
N THR A 423 -41.33 7.77 21.01
CA THR A 423 -41.51 6.46 21.62
C THR A 423 -42.89 6.33 22.17
N ARG A 424 -43.37 5.11 22.35
CA ARG A 424 -44.67 4.92 22.99
C ARG A 424 -44.48 4.53 24.41
N ASP A 425 -45.45 4.85 25.26
CA ASP A 425 -45.31 4.43 26.64
C ASP A 425 -45.52 2.94 26.84
N GLY A 426 -46.50 2.40 26.15
CA GLY A 426 -46.90 1.02 26.32
C GLY A 426 -48.38 1.07 26.19
N GLY A 427 -49.10 0.04 26.62
CA GLY A 427 -50.53 0.14 26.43
C GLY A 427 -51.01 1.06 27.53
N SER A 428 -52.29 1.36 27.59
CA SER A 428 -52.80 2.26 28.61
C SER A 428 -53.95 1.62 29.36
N THR A 429 -55.17 1.90 28.91
CA THR A 429 -56.41 1.45 29.54
C THR A 429 -57.32 0.83 28.49
N ASN A 430 -58.52 0.46 28.91
CA ASN A 430 -59.48 -0.15 28.01
C ASN A 430 -60.15 0.86 27.08
N SER A 431 -59.77 2.14 27.21
CA SER A 431 -60.31 3.16 26.34
C SER A 431 -59.62 3.14 24.99
N THR A 432 -58.53 2.36 24.90
CA THR A 432 -57.75 2.21 23.68
C THR A 432 -57.08 3.48 23.24
N THR A 433 -56.00 3.82 23.89
CA THR A 433 -55.29 5.02 23.54
C THR A 433 -53.83 4.68 23.47
N GLU A 434 -53.05 5.55 22.86
CA GLU A 434 -51.61 5.43 22.80
C GLU A 434 -50.98 6.75 23.14
N THR A 435 -49.89 6.74 23.88
CA THR A 435 -49.20 7.96 24.20
C THR A 435 -47.82 7.97 23.62
N PHE A 436 -47.53 9.04 22.90
CA PHE A 436 -46.24 9.23 22.26
C PHE A 436 -45.50 10.36 22.91
N ARG A 437 -44.21 10.18 23.13
CA ARG A 437 -43.38 11.20 23.73
C ARG A 437 -42.13 11.36 22.91
N PRO A 438 -41.47 12.52 22.94
CA PRO A 438 -40.19 12.70 22.34
C PRO A 438 -39.28 11.67 22.94
N GLY A 439 -38.52 11.01 22.11
CA GLY A 439 -37.64 9.99 22.61
C GLY A 439 -36.22 10.46 22.72
N GLY A 440 -35.40 9.55 23.16
CA GLY A 440 -33.98 9.72 23.32
C GLY A 440 -33.37 8.73 22.38
N GLY A 441 -32.38 8.01 22.85
CA GLY A 441 -31.73 7.00 22.03
C GLY A 441 -30.37 7.45 21.55
N ASP A 442 -29.67 6.53 20.93
CA ASP A 442 -28.33 6.76 20.44
C ASP A 442 -28.34 7.72 19.30
N MET A 443 -27.22 8.38 19.09
CA MET A 443 -27.06 9.35 18.02
C MET A 443 -27.23 8.72 16.66
N ARG A 444 -27.08 7.41 16.59
CA ARG A 444 -27.19 6.72 15.34
C ARG A 444 -28.56 6.86 14.72
N ASP A 445 -29.59 7.16 15.49
CA ASP A 445 -30.90 7.33 14.90
C ASP A 445 -30.99 8.55 14.04
N ASN A 446 -30.05 9.46 14.19
CA ASN A 446 -30.08 10.62 13.35
C ASN A 446 -29.55 10.26 11.99
N TRP A 447 -28.65 9.27 11.91
CA TRP A 447 -28.04 8.98 10.62
C TRP A 447 -28.92 8.00 9.89
N ARG A 448 -29.67 7.20 10.66
CA ARG A 448 -30.56 6.23 10.05
C ARG A 448 -31.65 6.92 9.29
N SER A 449 -31.97 8.15 9.65
CA SER A 449 -32.99 8.89 8.95
C SER A 449 -32.58 9.31 7.54
N GLU A 450 -31.26 9.33 7.23
CA GLU A 450 -30.80 9.73 5.89
C GLU A 450 -30.23 8.59 5.07
N LEU A 451 -29.62 7.62 5.73
CA LEU A 451 -28.95 6.53 5.07
C LEU A 451 -29.80 5.30 4.86
N TYR A 452 -31.08 5.40 5.15
CA TYR A 452 -31.98 4.27 5.03
C TYR A 452 -32.14 3.76 3.61
N LYS A 453 -31.84 4.59 2.63
CA LYS A 453 -31.97 4.22 1.25
C LYS A 453 -30.76 3.57 0.67
N TYR A 454 -29.66 3.49 1.41
CA TYR A 454 -28.46 2.98 0.78
C TYR A 454 -27.95 1.65 1.30
N LYS A 455 -27.40 0.87 0.39
CA LYS A 455 -26.78 -0.41 0.74
C LYS A 455 -25.42 -0.55 0.07
N VAL A 456 -24.45 -1.16 0.72
CA VAL A 456 -23.15 -1.34 0.08
C VAL A 456 -22.90 -2.77 -0.31
N VAL A 457 -22.52 -2.99 -1.57
CA VAL A 457 -22.27 -4.34 -2.02
C VAL A 457 -20.88 -4.48 -2.66
N LYS A 458 -20.35 -5.70 -2.62
CA LYS A 458 -19.07 -6.05 -3.22
C LYS A 458 -19.31 -6.64 -4.59
N ILE A 459 -18.57 -6.19 -5.59
CA ILE A 459 -18.76 -6.71 -6.94
C ILE A 459 -17.86 -7.91 -7.15
N GLU A 460 -18.42 -9.00 -7.68
CA GLU A 460 -17.68 -10.22 -7.93
C GLU A 460 -17.73 -10.63 -9.40
N PRO A 461 -16.81 -10.14 -10.24
CA PRO A 461 -16.79 -10.26 -11.68
C PRO A 461 -16.58 -11.64 -12.31
N LEU A 462 -16.09 -12.66 -11.59
CA LEU A 462 -15.95 -13.95 -12.27
C LEU A 462 -17.16 -14.80 -12.16
N GLY A 463 -17.41 -15.58 -13.20
CA GLY A 463 -18.46 -16.56 -13.14
C GLY A 463 -18.33 -17.53 -14.27
N VAL A 464 -19.06 -18.62 -14.18
CA VAL A 464 -18.99 -19.64 -15.19
C VAL A 464 -20.38 -20.04 -15.62
N ALA A 465 -20.51 -20.59 -16.81
CA ALA A 465 -21.79 -21.08 -17.30
C ALA A 465 -21.58 -22.07 -18.45
N PRO A 466 -22.50 -23.01 -18.71
CA PRO A 466 -22.47 -23.91 -19.84
C PRO A 466 -22.62 -23.24 -21.19
N THR A 467 -21.82 -23.63 -22.16
CA THR A 467 -21.96 -23.18 -23.55
C THR A 467 -21.66 -24.34 -24.46
N ARG A 468 -21.87 -24.16 -25.75
CA ARG A 468 -21.52 -25.19 -26.73
C ARG A 468 -20.07 -25.18 -27.24
N CYS A 469 -19.21 -24.23 -26.81
CA CYS A 469 -17.84 -24.13 -27.29
C CYS A 469 -16.93 -25.05 -26.49
N LYS A 470 -15.81 -25.38 -27.06
CA LYS A 470 -14.84 -26.17 -26.36
C LYS A 470 -13.52 -25.60 -26.72
N ARG A 471 -12.60 -25.53 -25.79
CA ARG A 471 -11.33 -24.97 -26.17
C ARG A 471 -10.75 -25.80 -27.29
N ARG A 472 -10.35 -25.16 -28.36
CA ARG A 472 -9.76 -25.94 -29.42
C ARG A 472 -8.30 -26.03 -29.14
N VAL A 473 -7.81 -27.24 -28.99
CA VAL A 473 -6.42 -27.40 -28.67
C VAL A 473 -5.63 -27.35 -29.98
N VAL A 474 -4.63 -26.44 -30.05
CA VAL A 474 -3.78 -26.21 -31.21
C VAL A 474 -2.35 -26.10 -30.70
N VAL B 2 -28.52 -14.08 32.35
CA VAL B 2 -29.18 -12.85 32.77
C VAL B 2 -29.00 -12.73 34.28
N GLN B 3 -28.45 -11.59 34.74
CA GLN B 3 -28.24 -11.29 36.16
C GLN B 3 -28.52 -9.84 36.49
N LEU B 4 -29.21 -9.63 37.60
CA LEU B 4 -29.48 -8.30 38.12
C LEU B 4 -28.82 -8.21 39.49
N ILE B 5 -27.91 -7.26 39.65
CA ILE B 5 -27.17 -7.09 40.89
C ILE B 5 -27.49 -5.79 41.59
N GLN B 6 -27.99 -5.87 42.79
CA GLN B 6 -28.31 -4.66 43.52
C GLN B 6 -27.31 -4.31 44.60
N SER B 7 -27.33 -3.03 44.95
CA SER B 7 -26.51 -2.50 46.03
C SER B 7 -27.04 -2.97 47.39
N GLY B 8 -26.26 -2.75 48.45
CA GLY B 8 -26.61 -3.23 49.78
C GLY B 8 -27.68 -2.40 50.51
N PRO B 9 -28.00 -2.75 51.78
CA PRO B 9 -29.02 -2.15 52.61
C PRO B 9 -28.66 -0.75 52.99
N GLN B 10 -29.67 0.08 53.16
CA GLN B 10 -29.42 1.45 53.57
C GLN B 10 -30.32 1.95 54.66
N PHE B 11 -29.78 2.88 55.44
CA PHE B 11 -30.55 3.55 56.46
C PHE B 11 -30.40 5.04 56.28
N LYS B 12 -31.49 5.76 56.42
CA LYS B 12 -31.47 7.21 56.24
C LYS B 12 -32.30 7.95 57.27
N THR B 13 -31.87 9.16 57.57
CA THR B 13 -32.58 10.07 58.43
C THR B 13 -33.88 10.44 57.73
N PRO B 14 -35.05 10.38 58.36
CA PRO B 14 -36.29 10.72 57.73
C PRO B 14 -36.22 12.10 57.10
N GLY B 15 -36.73 12.19 55.89
CA GLY B 15 -36.79 13.39 55.06
C GLY B 15 -35.66 13.38 54.04
N ALA B 16 -34.65 12.55 54.26
CA ALA B 16 -33.50 12.41 53.38
C ALA B 16 -33.86 11.60 52.16
N SER B 17 -33.11 11.76 51.08
CA SER B 17 -33.35 10.91 49.95
C SER B 17 -32.48 9.66 50.04
N VAL B 18 -32.93 8.59 49.39
CA VAL B 18 -32.15 7.37 49.33
C VAL B 18 -31.93 7.00 47.89
N THR B 19 -30.72 6.62 47.56
CA THR B 19 -30.49 6.19 46.21
C THR B 19 -30.01 4.78 46.21
N VAL B 20 -30.60 3.99 45.35
CA VAL B 20 -30.26 2.59 45.21
C VAL B 20 -29.98 2.33 43.76
N SER B 21 -29.37 1.21 43.47
CA SER B 21 -29.08 0.90 42.09
C SER B 21 -29.15 -0.59 41.80
N CYS B 22 -29.31 -0.92 40.50
CA CYS B 22 -29.39 -2.24 39.93
C CYS B 22 -28.55 -2.32 38.66
N LYS B 23 -27.53 -3.16 38.69
CA LYS B 23 -26.66 -3.36 37.55
C LYS B 23 -27.16 -4.55 36.77
N ALA B 24 -27.38 -4.38 35.49
CA ALA B 24 -27.90 -5.48 34.71
C ALA B 24 -26.91 -5.95 33.69
N SER B 25 -26.88 -7.26 33.50
CA SER B 25 -26.03 -7.82 32.46
C SER B 25 -26.49 -9.14 31.88
N GLY B 26 -25.96 -9.44 30.70
CA GLY B 26 -26.15 -10.74 30.05
C GLY B 26 -27.24 -10.78 28.99
N TYR B 27 -27.81 -9.63 28.72
CA TYR B 27 -28.85 -9.50 27.73
C TYR B 27 -28.69 -8.10 27.22
N ILE B 28 -29.28 -7.76 26.10
CA ILE B 28 -29.08 -6.41 25.65
C ILE B 28 -29.81 -5.49 26.61
N PHE B 29 -29.10 -4.51 27.13
CA PHE B 29 -29.62 -3.58 28.12
C PHE B 29 -30.77 -2.76 27.58
N THR B 30 -30.64 -2.28 26.35
CA THR B 30 -31.72 -1.57 25.74
C THR B 30 -32.69 -2.66 25.37
N ASP B 31 -33.93 -2.34 25.07
CA ASP B 31 -34.96 -3.35 24.85
C ASP B 31 -35.27 -3.86 26.25
N TYR B 32 -36.43 -4.46 26.47
CA TYR B 32 -36.73 -5.03 27.79
C TYR B 32 -36.83 -4.03 28.92
N LEU B 33 -38.00 -3.45 29.11
CA LEU B 33 -38.13 -2.42 30.13
C LEU B 33 -37.84 -2.95 31.54
N ILE B 34 -37.25 -2.07 32.35
CA ILE B 34 -36.93 -2.39 33.75
C ILE B 34 -37.90 -1.76 34.70
N HIS B 35 -38.43 -2.58 35.59
CA HIS B 35 -39.44 -2.16 36.55
C HIS B 35 -38.97 -2.19 37.98
N TRP B 36 -39.52 -1.29 38.79
CA TRP B 36 -39.25 -1.32 40.20
C TRP B 36 -40.52 -1.60 41.00
N VAL B 37 -40.36 -2.51 41.95
CA VAL B 37 -41.41 -2.97 42.85
C VAL B 37 -40.97 -2.91 44.30
N ARG B 38 -41.82 -2.37 45.15
CA ARG B 38 -41.51 -2.28 46.55
C ARG B 38 -42.26 -3.33 47.37
N LEU B 39 -41.54 -4.04 48.22
CA LEU B 39 -42.18 -5.02 49.09
C LEU B 39 -42.27 -4.60 50.54
N VAL B 40 -43.48 -4.53 51.03
CA VAL B 40 -43.71 -4.20 52.41
C VAL B 40 -44.21 -5.48 53.07
N PRO B 41 -43.48 -6.09 54.01
CA PRO B 41 -43.86 -7.33 54.65
C PRO B 41 -45.29 -7.31 55.23
N GLY B 42 -45.75 -6.15 55.70
CA GLY B 42 -47.10 -6.07 56.27
C GLY B 42 -48.19 -5.63 55.29
N LYS B 43 -47.86 -5.41 54.02
CA LYS B 43 -48.86 -4.96 53.04
C LYS B 43 -48.90 -5.75 51.73
N GLY B 44 -47.74 -6.23 51.27
CA GLY B 44 -47.65 -6.89 49.96
C GLY B 44 -46.80 -6.07 48.99
N LEU B 45 -46.87 -6.42 47.72
CA LEU B 45 -46.06 -5.79 46.69
C LEU B 45 -46.77 -4.55 46.14
N GLU B 46 -45.99 -3.52 45.84
CA GLU B 46 -46.48 -2.31 45.22
C GLU B 46 -45.61 -1.86 44.06
N TRP B 47 -46.20 -1.56 42.92
CA TRP B 47 -45.39 -1.12 41.79
C TRP B 47 -45.03 0.34 41.93
N LEU B 48 -43.78 0.69 41.67
CA LEU B 48 -43.37 2.08 41.77
C LEU B 48 -43.26 2.77 40.43
N GLY B 49 -42.83 2.03 39.42
CA GLY B 49 -42.62 2.63 38.10
C GLY B 49 -41.74 1.78 37.20
N ARG B 50 -41.50 2.28 35.99
CA ARG B 50 -40.66 1.57 35.03
C ARG B 50 -39.84 2.54 34.19
N ILE B 51 -38.73 2.06 33.66
CA ILE B 51 -37.89 2.85 32.80
C ILE B 51 -37.56 2.21 31.47
N ASN B 52 -37.62 3.03 30.43
CA ASN B 52 -37.26 2.67 29.09
C ASN B 52 -35.82 2.94 28.92
N THR B 53 -35.03 1.88 28.91
CA THR B 53 -33.60 1.95 28.91
C THR B 53 -32.96 2.40 27.62
N ASN B 54 -33.73 2.47 26.55
CA ASN B 54 -33.16 2.94 25.32
C ASN B 54 -33.35 4.42 25.22
N ALA B 55 -34.56 4.85 25.53
CA ALA B 55 -34.93 6.24 25.42
C ALA B 55 -34.54 7.07 26.63
N GLY B 56 -34.39 6.44 27.79
CA GLY B 56 -34.12 7.18 29.02
C GLY B 56 -35.40 7.77 29.57
N LEU B 57 -36.53 7.15 29.29
CA LEU B 57 -37.82 7.67 29.74
C LEU B 57 -38.38 6.98 30.95
N MET B 58 -38.94 7.80 31.80
CA MET B 58 -39.55 7.40 33.05
C MET B 58 -41.06 7.40 33.09
N TYR B 59 -41.63 6.34 33.63
CA TYR B 59 -43.06 6.26 33.81
C TYR B 59 -43.28 5.90 35.28
N LEU B 60 -44.10 6.66 35.99
CA LEU B 60 -44.27 6.39 37.42
C LEU B 60 -45.66 6.05 37.88
N SER B 61 -45.74 5.31 38.98
CA SER B 61 -47.00 5.07 39.64
C SER B 61 -47.47 6.41 40.20
N HIS B 62 -48.75 6.75 40.08
CA HIS B 62 -49.20 8.06 40.52
C HIS B 62 -49.44 8.21 42.01
N LYS B 63 -48.33 8.15 42.73
CA LYS B 63 -48.21 8.34 44.14
C LYS B 63 -46.90 9.03 44.35
N PHE B 64 -46.01 8.76 43.42
CA PHE B 64 -44.63 9.18 43.57
C PHE B 64 -44.17 10.19 42.54
N GLU B 65 -45.06 10.90 41.88
CA GLU B 65 -44.56 11.80 40.84
C GLU B 65 -43.63 12.88 41.36
N GLY B 66 -43.86 13.36 42.56
CA GLY B 66 -43.01 14.40 43.12
C GLY B 66 -41.92 13.83 44.01
N ARG B 67 -41.81 12.50 44.07
CA ARG B 67 -40.84 11.88 44.97
C ARG B 67 -39.83 10.95 44.31
N LEU B 68 -40.22 10.28 43.25
CA LEU B 68 -39.39 9.24 42.68
C LEU B 68 -38.86 9.52 41.30
N ILE B 69 -37.54 9.45 41.17
CA ILE B 69 -36.88 9.66 39.89
C ILE B 69 -36.06 8.45 39.47
N LEU B 70 -36.27 7.99 38.25
CA LEU B 70 -35.50 6.87 37.74
C LEU B 70 -34.56 7.37 36.65
N ARG B 71 -33.37 6.79 36.61
CA ARG B 71 -32.36 7.13 35.62
C ARG B 71 -31.68 5.91 35.06
N ARG B 72 -31.11 6.01 33.89
CA ARG B 72 -30.36 4.88 33.37
C ARG B 72 -29.05 5.30 32.80
N VAL B 73 -28.08 4.39 32.82
CA VAL B 73 -26.78 4.63 32.23
C VAL B 73 -26.45 3.57 31.21
N VAL B 74 -26.11 4.02 30.01
CA VAL B 74 -25.73 3.14 28.94
C VAL B 74 -24.46 3.58 28.28
N ASP B 75 -23.87 2.67 27.54
CA ASP B 75 -22.71 2.94 26.72
C ASP B 75 -22.89 2.11 25.48
N TRP B 76 -23.17 2.78 24.38
CA TRP B 76 -23.44 2.15 23.09
C TRP B 76 -22.40 1.13 22.66
N ARG B 77 -21.18 1.21 23.18
CA ARG B 77 -19.87 0.44 23.02
C ARG B 77 -20.18 -1.06 23.46
N THR B 78 -20.96 -1.19 24.54
CA THR B 78 -21.07 -2.45 25.26
C THR B 78 -22.55 -2.78 25.55
N PRO B 79 -23.34 -3.18 24.54
CA PRO B 79 -24.78 -3.37 24.61
C PRO B 79 -25.29 -4.32 25.68
N SER B 80 -24.47 -5.27 26.11
CA SER B 80 -24.84 -6.28 27.09
C SER B 80 -24.80 -5.81 28.55
N LEU B 81 -24.30 -4.60 28.78
CA LEU B 81 -24.16 -4.06 30.14
C LEU B 81 -24.87 -2.73 30.33
N GLY B 82 -25.39 -2.47 31.52
CA GLY B 82 -25.91 -1.13 31.82
C GLY B 82 -26.51 -1.05 33.21
N THR B 83 -26.90 0.14 33.66
CA THR B 83 -27.48 0.25 35.00
C THR B 83 -28.76 1.07 35.06
N VAL B 84 -29.54 0.79 36.09
CA VAL B 84 -30.69 1.60 36.43
C VAL B 84 -30.60 2.08 37.85
N ASN B 85 -30.74 3.38 38.02
CA ASN B 85 -30.66 4.00 39.32
C ASN B 85 -32.02 4.49 39.75
N MET B 86 -32.23 4.50 41.05
CA MET B 86 -33.42 5.05 41.66
C MET B 86 -33.14 6.06 42.73
N GLU B 87 -33.85 7.19 42.68
CA GLU B 87 -33.77 8.19 43.73
C GLU B 87 -35.13 8.43 44.35
N LEU B 88 -35.26 8.17 45.64
CA LEU B 88 -36.53 8.41 46.30
C LEU B 88 -36.36 9.49 47.36
N ARG B 89 -37.08 10.58 47.19
CA ARG B 89 -37.01 11.74 48.06
C ARG B 89 -37.98 11.68 49.22
N ASN B 90 -37.66 12.44 50.26
CA ASN B 90 -38.53 12.57 51.42
C ASN B 90 -38.86 11.23 52.04
N VAL B 91 -37.86 10.39 52.28
CA VAL B 91 -38.08 9.07 52.85
C VAL B 91 -38.60 9.12 54.27
N ARG B 92 -39.64 8.35 54.53
CA ARG B 92 -40.29 8.30 55.84
C ARG B 92 -40.40 6.85 56.29
N SER B 93 -40.75 6.61 57.55
CA SER B 93 -40.84 5.23 58.06
C SER B 93 -41.87 4.38 57.31
N ASP B 94 -42.79 5.04 56.63
CA ASP B 94 -43.83 4.42 55.82
C ASP B 94 -43.22 3.70 54.62
N ASP B 95 -41.99 4.08 54.28
CA ASP B 95 -41.26 3.58 53.14
C ASP B 95 -40.29 2.47 53.53
N SER B 96 -40.37 1.96 54.77
CA SER B 96 -39.50 0.84 55.09
C SER B 96 -39.96 -0.29 54.23
N ALA B 97 -39.06 -0.80 53.42
CA ALA B 97 -39.43 -1.83 52.46
C ALA B 97 -38.22 -2.47 51.84
N ILE B 98 -38.47 -3.58 51.17
CA ILE B 98 -37.42 -4.18 50.41
C ILE B 98 -37.64 -3.74 48.96
N TYR B 99 -36.71 -2.98 48.42
CA TYR B 99 -36.87 -2.44 47.07
C TYR B 99 -36.27 -3.34 46.01
N PHE B 100 -37.11 -3.83 45.10
CA PHE B 100 -36.66 -4.76 44.09
C PHE B 100 -36.61 -4.20 42.67
N CYS B 101 -35.62 -4.68 41.92
CA CYS B 101 -35.35 -4.46 40.52
C CYS B 101 -35.78 -5.68 39.73
N GLY B 102 -36.48 -5.49 38.62
CA GLY B 102 -36.77 -6.65 37.79
C GLY B 102 -36.98 -6.34 36.32
N ARG B 103 -36.97 -7.38 35.51
CA ARG B 103 -37.06 -7.23 34.07
C ARG B 103 -38.22 -7.96 33.48
N VAL B 104 -38.89 -7.26 32.59
CA VAL B 104 -40.07 -7.73 31.92
C VAL B 104 -39.81 -8.91 31.00
N VAL B 105 -40.78 -9.81 30.98
CA VAL B 105 -40.81 -11.02 30.17
C VAL B 105 -40.71 -10.63 28.71
N ASP B 106 -39.88 -11.32 27.95
CA ASP B 106 -39.70 -10.98 26.54
C ASP B 106 -41.03 -11.01 25.79
N GLY B 107 -41.33 -9.92 25.10
CA GLY B 107 -42.57 -9.77 24.36
C GLY B 107 -43.62 -8.95 25.09
N PHE B 108 -43.33 -8.59 26.33
CA PHE B 108 -44.27 -7.84 27.15
C PHE B 108 -43.83 -6.44 27.55
N ASN B 109 -43.14 -5.72 26.69
CA ASN B 109 -42.71 -4.37 27.04
C ASN B 109 -43.89 -3.42 27.24
N ALA B 110 -45.01 -3.71 26.63
CA ALA B 110 -46.20 -2.89 26.75
C ALA B 110 -46.99 -3.20 28.00
N ALA B 111 -46.50 -4.15 28.77
CA ALA B 111 -47.07 -4.69 30.00
C ALA B 111 -45.96 -4.82 31.05
N GLY B 112 -46.16 -5.61 32.10
CA GLY B 112 -45.11 -5.73 33.11
C GLY B 112 -45.00 -6.98 34.00
N PRO B 113 -45.15 -8.22 33.51
CA PRO B 113 -44.85 -9.42 34.26
C PRO B 113 -43.35 -9.40 34.36
N LEU B 114 -42.76 -9.78 35.50
CA LEU B 114 -41.30 -9.73 35.59
C LEU B 114 -40.69 -11.07 35.74
N GLU B 115 -39.86 -11.41 34.77
CA GLU B 115 -39.23 -12.70 34.68
C GLU B 115 -37.97 -12.79 35.51
N PHE B 116 -37.24 -11.69 35.56
CA PHE B 116 -35.97 -11.69 36.29
C PHE B 116 -36.03 -10.69 37.41
N TRP B 117 -35.46 -11.07 38.54
CA TRP B 117 -35.44 -10.24 39.72
C TRP B 117 -34.08 -10.12 40.37
N GLY B 118 -33.89 -9.02 41.07
CA GLY B 118 -32.69 -8.73 41.85
C GLY B 118 -32.81 -9.32 43.25
N GLN B 119 -32.22 -8.65 44.24
CA GLN B 119 -32.17 -9.21 45.59
C GLN B 119 -33.06 -8.52 46.60
N GLY B 120 -33.30 -7.24 46.40
CA GLY B 120 -34.00 -6.41 47.36
C GLY B 120 -32.96 -5.56 48.08
N SER B 121 -33.13 -4.23 48.10
CA SER B 121 -32.13 -3.36 48.74
C SER B 121 -31.69 -3.88 50.15
N PRO B 122 -32.49 -3.81 51.23
CA PRO B 122 -33.68 -3.06 51.67
C PRO B 122 -33.36 -1.64 52.15
N VAL B 123 -34.39 -0.83 52.39
CA VAL B 123 -34.19 0.50 52.99
C VAL B 123 -35.05 0.67 54.28
N ILE B 124 -34.39 1.11 55.40
CA ILE B 124 -34.88 1.37 56.80
C ILE B 124 -35.99 0.42 57.36
N GLN C 1 -57.74 2.90 39.91
CA GLN C 1 -56.90 1.71 39.88
C GLN C 1 -57.82 0.48 39.91
N VAL C 2 -57.32 -0.68 39.45
CA VAL C 2 -58.04 -1.95 39.49
C VAL C 2 -57.48 -2.80 40.60
N VAL C 3 -58.38 -3.14 41.49
CA VAL C 3 -58.10 -3.87 42.70
C VAL C 3 -58.26 -5.34 42.52
N MET C 4 -57.26 -6.09 42.97
CA MET C 4 -57.37 -7.52 42.90
C MET C 4 -57.62 -8.09 44.29
N THR C 5 -58.56 -9.00 44.40
CA THR C 5 -58.81 -9.64 45.68
C THR C 5 -58.56 -11.12 45.60
N GLN C 6 -57.74 -11.62 46.51
CA GLN C 6 -57.43 -13.05 46.53
C GLN C 6 -58.23 -13.74 47.62
N SER C 7 -58.55 -15.01 47.36
CA SER C 7 -59.30 -15.81 48.31
C SER C 7 -59.03 -17.31 48.17
N PRO C 8 -58.93 -18.05 49.28
CA PRO C 8 -59.00 -17.69 50.69
C PRO C 8 -57.74 -17.00 51.11
N ALA C 9 -57.78 -16.31 52.26
CA ALA C 9 -56.53 -15.73 52.74
C ALA C 9 -55.49 -16.81 52.95
N THR C 10 -55.93 -17.96 53.44
CA THR C 10 -55.01 -19.05 53.66
C THR C 10 -55.54 -20.38 53.17
N LEU C 11 -54.61 -21.26 52.87
CA LEU C 11 -54.88 -22.64 52.52
C LEU C 11 -54.28 -23.48 53.63
N SER C 12 -54.84 -24.65 53.88
CA SER C 12 -54.24 -25.56 54.86
C SER C 12 -54.33 -26.95 54.30
N LEU C 13 -53.18 -27.54 54.01
CA LEU C 13 -53.18 -28.85 53.37
C LEU C 13 -51.88 -29.61 53.53
N SER C 14 -51.87 -30.87 53.13
CA SER C 14 -50.68 -31.70 53.22
C SER C 14 -50.04 -31.93 51.83
N PRO C 15 -48.73 -32.18 51.75
CA PRO C 15 -48.08 -32.52 50.51
C PRO C 15 -48.78 -33.71 49.91
N GLY C 16 -48.96 -33.66 48.59
CA GLY C 16 -49.63 -34.69 47.82
C GLY C 16 -51.09 -34.32 47.54
N GLU C 17 -51.61 -33.35 48.28
CA GLU C 17 -52.97 -32.87 48.08
C GLU C 17 -52.89 -31.74 47.07
N THR C 18 -53.99 -31.41 46.41
CA THR C 18 -54.00 -30.31 45.45
C THR C 18 -54.30 -28.98 46.13
N ALA C 19 -54.07 -27.88 45.40
CA ALA C 19 -54.33 -26.56 45.96
C ALA C 19 -54.72 -25.57 44.87
N ALA C 20 -55.47 -24.55 45.24
CA ALA C 20 -55.78 -23.51 44.27
C ALA C 20 -56.01 -22.18 44.95
N VAL C 21 -55.75 -21.11 44.20
CA VAL C 21 -55.97 -19.76 44.69
C VAL C 21 -56.89 -19.00 43.75
N SER C 22 -57.98 -18.43 44.27
CA SER C 22 -58.87 -17.66 43.43
C SER C 22 -58.44 -16.19 43.49
N CYS C 23 -58.67 -15.42 42.40
CA CYS C 23 -58.39 -14.00 42.32
C CYS C 23 -59.44 -13.29 41.46
N ARG C 24 -59.98 -12.19 41.96
CA ARG C 24 -60.99 -11.46 41.22
C ARG C 24 -60.68 -10.00 41.03
N ALA C 25 -60.89 -9.52 39.80
CA ALA C 25 -60.66 -8.12 39.47
C ALA C 25 -61.90 -7.28 39.68
N SER C 26 -61.69 -6.06 40.15
CA SER C 26 -62.76 -5.07 40.27
C SER C 26 -63.21 -4.51 38.91
N GLN C 27 -62.38 -4.71 37.89
CA GLN C 27 -62.64 -4.26 36.52
C GLN C 27 -62.23 -5.33 35.53
N TYR C 28 -62.76 -5.28 34.33
CA TYR C 28 -62.33 -6.25 33.32
C TYR C 28 -60.85 -6.03 33.00
N VAL C 29 -60.07 -7.11 33.02
CA VAL C 29 -58.64 -7.05 32.67
C VAL C 29 -58.25 -8.00 31.56
N ASP C 30 -59.23 -8.56 30.86
CA ASP C 30 -58.94 -9.50 29.78
C ASP C 30 -58.06 -10.64 30.31
N ARG C 31 -56.90 -10.89 29.70
CA ARG C 31 -56.03 -11.96 30.16
C ARG C 31 -54.81 -11.46 30.91
N SER C 32 -54.76 -10.19 31.29
CA SER C 32 -53.58 -9.63 31.93
C SER C 32 -53.42 -9.87 33.42
N ILE C 33 -53.33 -11.13 33.77
CA ILE C 33 -53.05 -11.57 35.13
C ILE C 33 -51.87 -12.49 35.16
N SER C 34 -50.93 -12.19 36.02
CA SER C 34 -49.75 -13.03 36.19
C SER C 34 -49.68 -13.50 37.63
N TRP C 35 -48.96 -14.60 37.86
CA TRP C 35 -48.85 -15.11 39.23
C TRP C 35 -47.44 -15.27 39.72
N TYR C 36 -47.24 -14.96 41.00
CA TYR C 36 -45.95 -15.09 41.69
C TYR C 36 -45.94 -15.94 42.95
N GLN C 37 -44.80 -16.61 43.18
CA GLN C 37 -44.56 -17.41 44.40
C GLN C 37 -43.51 -16.73 45.28
N LEU C 38 -43.89 -16.34 46.48
CA LEU C 38 -42.98 -15.62 47.38
C LEU C 38 -42.56 -16.37 48.63
N LYS C 39 -41.28 -16.25 48.93
CA LYS C 39 -40.70 -16.82 50.13
C LYS C 39 -39.86 -15.79 50.84
N THR C 40 -39.72 -15.95 52.14
CA THR C 40 -38.90 -15.04 52.90
C THR C 40 -37.47 -15.13 52.44
N GLY C 41 -36.85 -13.98 52.18
CA GLY C 41 -35.46 -13.94 51.76
C GLY C 41 -35.26 -14.07 50.26
N ARG C 42 -36.34 -14.12 49.49
CA ARG C 42 -36.21 -14.26 48.05
C ARG C 42 -37.12 -13.32 47.27
N ALA C 43 -36.63 -12.85 46.12
CA ALA C 43 -37.47 -12.06 45.25
C ALA C 43 -38.57 -12.96 44.72
N PRO C 44 -39.75 -12.46 44.38
CA PRO C 44 -40.84 -13.20 43.82
C PRO C 44 -40.48 -14.01 42.59
N ARG C 45 -40.96 -15.25 42.53
CA ARG C 45 -40.73 -16.09 41.37
C ARG C 45 -41.94 -16.00 40.46
N LEU C 46 -41.73 -15.75 39.18
CA LEU C 46 -42.86 -15.68 38.26
C LEU C 46 -43.26 -17.06 37.82
N LEU C 47 -44.51 -17.43 38.07
CA LEU C 47 -45.02 -18.74 37.74
C LEU C 47 -45.80 -18.75 36.45
N VAL C 48 -46.60 -17.72 36.27
CA VAL C 48 -47.50 -17.61 35.13
C VAL C 48 -47.33 -16.27 34.43
N TYR C 49 -47.18 -16.28 33.09
CA TYR C 49 -47.00 -15.03 32.34
C TYR C 49 -48.33 -14.33 32.14
N ALA C 50 -49.33 -15.08 31.72
CA ALA C 50 -50.62 -14.48 31.49
C ALA C 50 -51.75 -15.49 31.52
N ALA C 51 -52.76 -15.23 32.34
CA ALA C 51 -53.91 -16.08 32.43
C ALA C 51 -53.45 -17.52 32.60
N SER C 52 -53.66 -18.36 31.59
CA SER C 52 -53.31 -19.76 31.70
C SER C 52 -51.88 -20.15 31.32
N SER C 53 -51.18 -19.26 30.62
CA SER C 53 -49.85 -19.55 30.07
C SER C 53 -48.72 -19.37 31.05
N ARG C 54 -48.10 -20.49 31.35
CA ARG C 54 -47.05 -20.66 32.34
C ARG C 54 -45.68 -20.19 31.88
N SER C 55 -44.88 -19.72 32.85
CA SER C 55 -43.53 -19.26 32.60
C SER C 55 -42.51 -20.38 32.42
N ILE C 56 -41.35 -20.00 31.89
CA ILE C 56 -40.24 -20.90 31.65
C ILE C 56 -39.54 -21.34 32.92
N GLY C 57 -39.31 -22.64 33.05
CA GLY C 57 -38.63 -23.21 34.19
C GLY C 57 -39.57 -23.70 35.27
N VAL C 58 -40.85 -23.42 35.12
CA VAL C 58 -41.81 -23.84 36.10
C VAL C 58 -42.25 -25.25 35.77
N PRO C 59 -42.32 -26.17 36.75
CA PRO C 59 -42.73 -27.54 36.61
C PRO C 59 -44.21 -27.66 36.34
N ASP C 60 -44.63 -28.87 35.92
CA ASP C 60 -46.01 -29.19 35.56
C ASP C 60 -46.97 -29.25 36.73
N ARG C 61 -46.45 -28.99 37.91
CA ARG C 61 -47.27 -28.89 39.08
C ARG C 61 -48.17 -27.66 38.92
N PHE C 62 -47.71 -26.66 38.15
CA PHE C 62 -48.48 -25.42 38.01
C PHE C 62 -49.08 -25.17 36.63
N SER C 63 -50.24 -24.52 36.66
CA SER C 63 -50.92 -24.02 35.47
C SER C 63 -51.90 -22.93 35.90
N GLY C 64 -52.41 -22.12 34.97
CA GLY C 64 -53.43 -21.18 35.41
C GLY C 64 -54.69 -21.31 34.59
N SER C 65 -55.68 -20.51 34.93
CA SER C 65 -56.94 -20.46 34.20
C SER C 65 -57.70 -19.17 34.49
N GLY C 66 -58.75 -18.95 33.72
CA GLY C 66 -59.63 -17.81 33.95
C GLY C 66 -59.43 -16.66 33.00
N SER C 67 -60.39 -15.73 33.03
CA SER C 67 -60.37 -14.57 32.16
C SER C 67 -61.30 -13.44 32.62
N GLY C 68 -61.00 -12.24 32.15
CA GLY C 68 -61.88 -11.11 32.31
C GLY C 68 -61.81 -10.59 33.71
N ARG C 69 -62.55 -11.22 34.59
CA ARG C 69 -62.54 -10.82 35.97
C ARG C 69 -62.22 -11.95 36.92
N ASP C 70 -62.43 -13.20 36.49
CA ASP C 70 -62.30 -14.35 37.39
C ASP C 70 -61.13 -15.25 37.03
N PHE C 71 -60.11 -15.27 37.90
CA PHE C 71 -58.87 -16.00 37.65
C PHE C 71 -58.52 -17.02 38.73
N THR C 72 -57.83 -18.09 38.33
CA THR C 72 -57.36 -19.11 39.27
C THR C 72 -55.93 -19.61 39.04
N LEU C 73 -55.21 -19.83 40.13
CA LEU C 73 -53.91 -20.50 40.10
C LEU C 73 -54.13 -21.95 40.49
N THR C 74 -53.71 -22.88 39.64
CA THR C 74 -53.89 -24.30 39.94
C THR C 74 -52.58 -24.99 40.25
N ILE C 75 -52.55 -25.69 41.38
CA ILE C 75 -51.36 -26.45 41.76
C ILE C 75 -51.81 -27.92 41.89
N ARG C 76 -51.09 -28.84 41.27
CA ARG C 76 -51.50 -30.23 41.34
C ARG C 76 -50.86 -30.95 42.52
N GLY C 77 -49.89 -31.81 42.28
CA GLY C 77 -49.32 -32.52 43.43
C GLY C 77 -48.44 -31.61 44.25
N VAL C 78 -49.05 -30.90 45.20
CA VAL C 78 -48.35 -29.90 46.00
C VAL C 78 -47.20 -30.52 46.75
N GLN C 79 -46.04 -29.88 46.64
CA GLN C 79 -44.84 -30.34 47.31
C GLN C 79 -44.62 -29.54 48.57
N SER C 80 -43.78 -30.03 49.48
CA SER C 80 -43.49 -29.22 50.67
C SER C 80 -42.79 -27.91 50.27
N ASP C 81 -42.15 -27.94 49.11
CA ASP C 81 -41.46 -26.82 48.50
C ASP C 81 -42.40 -25.71 48.06
N ASP C 82 -43.69 -26.01 47.95
CA ASP C 82 -44.67 -25.05 47.49
C ASP C 82 -45.37 -24.32 48.62
N PHE C 83 -44.97 -24.58 49.86
CA PHE C 83 -45.63 -23.89 50.97
C PHE C 83 -45.02 -22.51 51.11
N ALA C 84 -45.56 -21.65 50.26
CA ALA C 84 -45.15 -20.27 49.96
C ALA C 84 -46.35 -19.34 49.90
N LEU C 85 -46.07 -18.04 49.76
CA LEU C 85 -47.10 -17.05 49.59
C LEU C 85 -47.42 -16.91 48.12
N TYR C 86 -48.66 -16.63 47.78
CA TYR C 86 -48.93 -16.42 46.37
C TYR C 86 -49.60 -15.10 46.10
N TYR C 87 -49.14 -14.47 45.05
CA TYR C 87 -49.66 -13.18 44.65
C TYR C 87 -50.19 -13.11 43.20
N CYS C 88 -51.32 -12.40 43.06
CA CYS C 88 -52.05 -12.12 41.83
C CYS C 88 -51.73 -10.69 41.36
N GLN C 89 -51.19 -10.57 40.15
CA GLN C 89 -50.81 -9.26 39.59
C GLN C 89 -51.65 -8.79 38.41
N GLN C 90 -52.22 -7.58 38.54
CA GLN C 90 -53.03 -6.90 37.52
C GLN C 90 -52.20 -6.06 36.63
N ASP C 91 -52.27 -6.32 35.36
CA ASP C 91 -51.43 -5.61 34.43
C ASP C 91 -52.15 -5.17 33.17
N TYR C 92 -53.25 -4.45 33.35
CA TYR C 92 -54.05 -4.03 32.23
C TYR C 92 -54.14 -2.51 32.11
N TYR C 93 -54.29 -1.81 33.25
CA TYR C 93 -54.57 -0.36 33.24
C TYR C 93 -53.49 0.62 33.68
N TRP C 94 -52.51 0.14 34.41
CA TRP C 94 -51.46 0.95 35.06
C TRP C 94 -52.08 1.75 36.20
N PRO C 95 -51.48 1.74 37.36
CA PRO C 95 -50.27 1.11 37.80
C PRO C 95 -50.48 -0.35 37.90
N VAL C 96 -49.41 -1.09 37.91
CA VAL C 96 -49.51 -2.50 38.14
C VAL C 96 -49.90 -2.65 39.57
N THR C 97 -50.90 -3.45 39.83
CA THR C 97 -51.32 -3.62 41.21
C THR C 97 -51.26 -5.06 41.59
N PHE C 98 -51.21 -5.30 42.88
CA PHE C 98 -51.18 -6.65 43.39
C PHE C 98 -52.30 -6.85 44.36
N GLY C 99 -52.72 -8.08 44.51
CA GLY C 99 -53.71 -8.39 45.53
C GLY C 99 -52.99 -8.45 46.86
N GLN C 100 -53.71 -8.78 47.93
CA GLN C 100 -53.15 -8.82 49.26
C GLN C 100 -52.22 -10.01 49.43
N GLY C 101 -52.52 -11.06 48.68
CA GLY C 101 -51.73 -12.27 48.72
C GLY C 101 -52.40 -13.32 49.57
N THR C 102 -52.04 -14.56 49.33
CA THR C 102 -52.57 -15.69 50.08
C THR C 102 -51.40 -16.46 50.63
N ARG C 103 -51.66 -17.37 51.56
CA ARG C 103 -50.59 -18.20 52.08
C ARG C 103 -50.94 -19.66 52.16
N LEU C 104 -50.02 -20.51 51.75
CA LEU C 104 -50.22 -21.93 51.90
C LEU C 104 -49.53 -22.52 53.13
N ASP C 105 -50.34 -22.91 54.12
CA ASP C 105 -49.89 -23.47 55.38
C ASP C 105 -49.94 -24.97 55.42
N MET C 106 -49.12 -25.50 56.30
CA MET C 106 -49.07 -26.91 56.60
C MET C 106 -50.13 -27.15 57.68
N LYS C 107 -50.77 -28.35 57.70
CA LYS C 107 -51.77 -28.76 58.72
C LYS C 107 -51.15 -28.89 60.15
N VAL D 7 -16.60 5.91 -18.67
CA VAL D 7 -16.38 5.17 -17.45
C VAL D 7 -17.59 5.42 -16.51
N PHE D 8 -18.15 4.31 -15.95
CA PHE D 8 -19.32 4.24 -15.04
C PHE D 8 -20.59 4.83 -15.68
N LEU D 9 -20.80 4.58 -16.97
CA LEU D 9 -21.99 5.14 -17.61
C LEU D 9 -23.16 4.15 -17.69
N GLY D 10 -22.94 2.96 -17.16
CA GLY D 10 -23.93 1.91 -17.13
C GLY D 10 -23.33 0.75 -16.39
N PHE D 11 -22.69 1.06 -15.28
CA PHE D 11 -21.91 0.13 -14.51
C PHE D 11 -22.60 -1.17 -14.16
N LEU D 12 -23.80 -1.15 -13.65
CA LEU D 12 -24.45 -2.44 -13.42
C LEU D 12 -25.72 -2.48 -14.22
N GLY D 13 -25.73 -1.78 -15.34
CA GLY D 13 -26.94 -1.66 -16.13
C GLY D 13 -27.53 -2.98 -16.59
N ALA D 14 -26.70 -3.97 -16.83
CA ALA D 14 -27.18 -5.26 -17.29
C ALA D 14 -27.55 -6.18 -16.15
N ALA D 15 -27.47 -5.73 -14.92
CA ALA D 15 -27.72 -6.62 -13.78
C ALA D 15 -29.08 -7.27 -13.83
N GLY D 16 -30.09 -6.59 -14.32
CA GLY D 16 -31.42 -7.20 -14.35
C GLY D 16 -31.72 -7.85 -15.70
N SER D 17 -30.74 -7.91 -16.57
CA SER D 17 -30.95 -8.45 -17.89
C SER D 17 -30.60 -9.90 -17.93
N THR D 18 -30.81 -10.54 -19.04
CA THR D 18 -30.52 -11.96 -19.09
C THR D 18 -29.05 -12.20 -19.25
N MET D 19 -28.62 -13.42 -18.98
CA MET D 19 -27.21 -13.75 -19.08
C MET D 19 -26.69 -13.50 -20.47
N GLY D 20 -27.49 -13.83 -21.48
CA GLY D 20 -27.06 -13.61 -22.84
C GLY D 20 -26.81 -12.15 -23.08
N ALA D 21 -27.78 -11.30 -22.83
CA ALA D 21 -27.58 -9.88 -23.09
C ALA D 21 -26.48 -9.25 -22.26
N ALA D 22 -26.35 -9.68 -21.02
CA ALA D 22 -25.37 -9.15 -20.10
C ALA D 22 -23.97 -9.51 -20.50
N SER D 23 -23.78 -10.60 -21.24
CA SER D 23 -22.45 -11.01 -21.64
C SER D 23 -21.88 -10.00 -22.63
N MET D 24 -22.70 -9.11 -23.18
CA MET D 24 -22.21 -8.15 -24.14
C MET D 24 -21.70 -6.86 -23.50
N THR D 25 -21.76 -6.74 -22.17
CA THR D 25 -21.33 -5.52 -21.49
C THR D 25 -20.15 -5.77 -20.58
N LEU D 26 -19.41 -6.82 -20.78
CA LEU D 26 -18.38 -7.17 -19.82
C LEU D 26 -17.28 -6.12 -19.61
N THR D 27 -16.97 -5.29 -20.59
CA THR D 27 -15.93 -4.31 -20.35
C THR D 27 -16.42 -3.24 -19.41
N VAL D 28 -17.73 -3.10 -19.28
CA VAL D 28 -18.26 -2.03 -18.48
C VAL D 28 -17.93 -2.23 -17.03
N GLN D 29 -18.06 -3.44 -16.55
CA GLN D 29 -17.75 -3.69 -15.16
C GLN D 29 -16.25 -3.83 -14.99
N ALA D 30 -15.53 -4.39 -15.96
CA ALA D 30 -14.10 -4.59 -15.79
C ALA D 30 -13.36 -3.26 -15.59
N ARG D 31 -13.80 -2.22 -16.28
CA ARG D 31 -13.15 -0.93 -16.20
C ARG D 31 -13.29 -0.23 -14.87
N ASN D 32 -14.21 -0.66 -14.03
CA ASN D 32 -14.44 0.02 -12.78
C ASN D 32 -13.86 -0.70 -11.57
N LEU D 33 -13.02 -1.70 -11.80
CA LEU D 33 -12.47 -2.43 -10.66
C LEU D 33 -11.21 -1.80 -10.10
N LEU D 34 -10.46 -1.08 -10.92
CA LEU D 34 -9.24 -0.42 -10.50
C LEU D 34 -9.33 1.09 -10.51
N SER D 35 -10.52 1.65 -10.62
CA SER D 35 -10.52 3.11 -10.72
C SER D 35 -11.63 3.82 -9.98
N GLY D 36 -11.44 3.98 -8.69
CA GLY D 36 -12.41 4.69 -7.88
C GLY D 36 -12.05 6.15 -7.94
N ILE D 37 -12.77 7.01 -7.25
CA ILE D 37 -12.47 8.44 -7.32
C ILE D 37 -11.08 8.76 -6.79
N VAL D 38 -10.72 8.14 -5.67
CA VAL D 38 -9.43 8.42 -5.05
C VAL D 38 -8.26 7.94 -5.88
N GLN D 39 -8.51 7.03 -6.81
CA GLN D 39 -7.45 6.50 -7.64
C GLN D 39 -7.27 7.36 -8.86
N GLN D 40 -8.16 8.34 -9.01
CA GLN D 40 -8.08 9.25 -10.11
C GLN D 40 -7.41 10.51 -9.58
N GLN D 41 -7.77 10.89 -8.35
CA GLN D 41 -7.20 12.09 -7.71
C GLN D 41 -5.72 11.87 -7.44
N SER D 42 -5.34 10.64 -7.14
CA SER D 42 -3.98 10.30 -6.84
C SER D 42 -3.08 10.37 -8.07
N ASN D 43 -3.66 10.44 -9.25
CA ASN D 43 -2.88 10.44 -10.46
C ASN D 43 -2.96 11.74 -11.24
N LEU D 44 -3.27 12.84 -10.56
CA LEU D 44 -3.31 14.15 -11.20
C LEU D 44 -1.89 14.63 -11.47
N LEU D 45 -1.69 15.47 -12.51
CA LEU D 45 -0.34 16.03 -12.71
C LEU D 45 -0.04 17.01 -11.59
N ARG D 46 -1.06 17.74 -11.15
CA ARG D 46 -0.89 18.69 -10.05
C ARG D 46 -0.93 17.92 -8.76
N ALA D 47 -0.35 18.45 -7.71
CA ALA D 47 -0.56 17.79 -6.45
C ALA D 47 -2.05 17.92 -6.13
N PRO D 48 -2.69 16.91 -5.51
CA PRO D 48 -4.09 16.86 -5.12
C PRO D 48 -4.47 17.87 -4.04
N GLU D 49 -3.47 18.46 -3.37
CA GLU D 49 -3.61 19.43 -2.26
C GLU D 49 -4.03 18.77 -0.93
N CYS D 50 -5.12 17.94 -0.95
CA CYS D 50 -5.68 17.22 0.20
C CYS D 50 -4.61 16.47 0.96
N GLN D 51 -3.70 15.86 0.24
CA GLN D 51 -2.69 15.01 0.82
C GLN D 51 -2.18 15.46 2.16
N GLN D 52 -2.01 16.76 2.45
CA GLN D 52 -1.43 17.07 3.74
C GLN D 52 -2.30 16.55 4.90
N HIS D 53 -3.60 16.53 4.72
CA HIS D 53 -4.53 16.06 5.73
C HIS D 53 -4.25 14.64 6.13
N LEU D 54 -3.90 13.80 5.15
CA LEU D 54 -3.72 12.39 5.36
C LEU D 54 -2.37 12.07 5.94
N LEU D 55 -1.53 13.07 6.08
CA LEU D 55 -0.22 12.91 6.64
C LEU D 55 -0.25 13.46 8.04
N LYS D 56 -0.92 14.59 8.24
CA LYS D 56 -1.03 15.20 9.55
C LYS D 56 -1.77 14.25 10.48
N LEU D 57 -2.78 13.59 9.93
CA LEU D 57 -3.56 12.62 10.66
C LEU D 57 -3.40 11.28 9.99
N THR D 58 -2.48 10.51 10.54
CA THR D 58 -2.04 9.27 9.93
C THR D 58 -3.07 8.20 9.93
N VAL D 59 -4.09 8.30 10.76
CA VAL D 59 -5.08 7.26 10.73
C VAL D 59 -5.86 7.34 9.43
N TRP D 60 -6.06 8.54 8.91
CA TRP D 60 -6.86 8.64 7.71
C TRP D 60 -6.01 8.20 6.55
N GLY D 61 -4.71 8.45 6.65
CA GLY D 61 -3.78 8.05 5.62
C GLY D 61 -3.76 6.53 5.51
N ILE D 62 -3.78 5.84 6.63
CA ILE D 62 -3.80 4.39 6.61
C ILE D 62 -5.10 3.88 6.07
N LYS D 63 -6.25 4.42 6.48
CA LYS D 63 -7.48 3.88 5.91
C LYS D 63 -7.50 4.02 4.40
N GLN D 64 -7.03 5.15 3.86
CA GLN D 64 -7.05 5.29 2.42
C GLN D 64 -6.15 4.27 1.75
N LEU D 65 -4.95 4.05 2.29
CA LEU D 65 -4.10 3.08 1.64
C LEU D 65 -4.68 1.70 1.71
N GLN D 66 -5.32 1.33 2.81
CA GLN D 66 -5.86 0.00 2.87
C GLN D 66 -6.89 -0.20 1.77
N ALA D 67 -7.71 0.80 1.51
CA ALA D 67 -8.70 0.67 0.45
C ALA D 67 -8.06 0.49 -0.92
N ARG D 68 -6.98 1.21 -1.18
CA ARG D 68 -6.31 1.15 -2.47
C ARG D 68 -5.57 -0.16 -2.67
N VAL D 69 -4.94 -0.66 -1.62
CA VAL D 69 -4.20 -1.89 -1.70
C VAL D 69 -5.16 -3.02 -1.93
N LEU D 70 -6.30 -3.02 -1.24
CA LEU D 70 -7.26 -4.08 -1.43
C LEU D 70 -7.79 -4.11 -2.84
N ALA D 71 -8.11 -2.96 -3.44
CA ALA D 71 -8.63 -3.05 -4.80
C ALA D 71 -7.61 -3.72 -5.71
N VAL D 72 -6.32 -3.43 -5.49
CA VAL D 72 -5.30 -4.06 -6.30
C VAL D 72 -5.18 -5.54 -6.04
N GLU D 73 -5.20 -5.96 -4.78
CA GLU D 73 -5.09 -7.38 -4.48
C GLU D 73 -6.25 -8.17 -5.04
N ARG D 74 -7.45 -7.63 -4.99
CA ARG D 74 -8.57 -8.38 -5.51
C ARG D 74 -8.47 -8.52 -7.01
N TYR D 75 -8.05 -7.45 -7.68
CA TYR D 75 -7.88 -7.50 -9.11
C TYR D 75 -6.87 -8.54 -9.50
N LEU D 76 -5.71 -8.52 -8.84
CA LEU D 76 -4.67 -9.45 -9.20
C LEU D 76 -5.05 -10.87 -8.92
N ARG D 77 -5.81 -11.14 -7.87
CA ARG D 77 -6.16 -12.52 -7.63
C ARG D 77 -7.06 -13.03 -8.76
N ASP D 78 -7.99 -12.22 -9.24
CA ASP D 78 -8.83 -12.71 -10.32
C ASP D 78 -7.99 -12.93 -11.57
N GLN D 79 -7.01 -12.06 -11.81
CA GLN D 79 -6.19 -12.26 -12.99
C GLN D 79 -5.34 -13.50 -12.85
N GLN D 80 -4.86 -13.80 -11.65
CA GLN D 80 -4.07 -14.98 -11.46
C GLN D 80 -4.88 -16.22 -11.76
N LEU D 81 -6.15 -16.25 -11.33
CA LEU D 81 -6.93 -17.43 -11.62
C LEU D 81 -7.15 -17.58 -13.09
N LEU D 82 -7.41 -16.49 -13.79
CA LEU D 82 -7.61 -16.66 -15.21
C LEU D 82 -6.35 -17.17 -15.86
N GLY D 83 -5.19 -16.71 -15.41
CA GLY D 83 -3.92 -17.18 -15.95
C GLY D 83 -3.73 -18.67 -15.71
N ILE D 84 -4.02 -19.14 -14.50
CA ILE D 84 -3.86 -20.54 -14.13
C ILE D 84 -4.76 -21.42 -14.94
N TRP D 85 -5.97 -21.00 -15.19
CA TRP D 85 -6.94 -21.76 -15.96
C TRP D 85 -6.66 -21.73 -17.46
N GLY D 86 -5.62 -21.02 -17.89
CA GLY D 86 -5.29 -20.93 -19.31
C GLY D 86 -5.94 -19.82 -20.12
N CYS D 87 -6.45 -18.76 -19.47
CA CYS D 87 -7.13 -17.63 -20.09
C CYS D 87 -6.36 -16.33 -19.79
N SER D 88 -5.27 -16.10 -20.48
CA SER D 88 -4.55 -14.89 -20.19
C SER D 88 -5.17 -13.82 -21.04
N GLY D 89 -5.87 -12.91 -20.41
CA GLY D 89 -6.63 -11.93 -21.16
C GLY D 89 -7.93 -12.59 -21.54
N LYS D 90 -8.69 -11.93 -22.42
CA LYS D 90 -10.01 -12.35 -22.88
C LYS D 90 -11.07 -12.12 -21.82
N LEU D 91 -12.25 -11.70 -22.22
CA LEU D 91 -13.27 -11.59 -21.21
C LEU D 91 -14.09 -12.85 -21.23
N ILE D 92 -14.11 -13.54 -22.37
CA ILE D 92 -14.83 -14.79 -22.49
C ILE D 92 -13.87 -15.85 -23.02
N CYS D 93 -13.69 -17.00 -22.32
CA CYS D 93 -12.79 -18.08 -22.79
C CYS D 93 -13.41 -19.45 -22.60
N CYS D 94 -13.12 -20.32 -23.55
CA CYS D 94 -13.65 -21.66 -23.53
C CYS D 94 -12.63 -22.57 -22.88
N THR D 95 -13.12 -23.61 -22.22
CA THR D 95 -12.24 -24.56 -21.55
C THR D 95 -12.60 -25.95 -21.99
N ASN D 96 -11.89 -26.96 -21.48
CA ASN D 96 -12.19 -28.35 -21.78
C ASN D 96 -12.91 -29.09 -20.67
N VAL D 97 -13.39 -28.39 -19.65
CA VAL D 97 -14.09 -29.07 -18.58
C VAL D 97 -15.54 -29.22 -18.95
N PRO D 98 -16.12 -30.42 -18.99
CA PRO D 98 -17.49 -30.68 -19.34
C PRO D 98 -18.38 -30.22 -18.23
N TRP D 99 -19.61 -29.91 -18.55
CA TRP D 99 -20.60 -29.56 -17.55
C TRP D 99 -21.13 -30.88 -16.97
N ASN D 100 -21.22 -30.98 -15.62
CA ASN D 100 -21.63 -32.18 -14.87
C ASN D 100 -23.13 -32.51 -14.90
N SER D 101 -24.05 -31.53 -15.15
CA SER D 101 -25.53 -31.69 -15.12
C SER D 101 -26.01 -32.19 -13.77
N SER D 102 -25.37 -31.67 -12.72
CA SER D 102 -25.66 -31.98 -11.36
C SER D 102 -25.53 -30.66 -10.69
N TRP D 103 -24.59 -29.89 -11.23
CA TRP D 103 -24.28 -28.56 -10.72
C TRP D 103 -25.49 -27.69 -10.93
N SER D 104 -26.08 -27.88 -12.09
CA SER D 104 -27.27 -27.23 -12.54
C SER D 104 -27.76 -28.10 -13.66
N ASN D 105 -29.06 -28.32 -13.73
CA ASN D 105 -29.57 -29.18 -14.78
C ASN D 105 -30.64 -28.48 -15.57
N ARG D 106 -30.19 -27.59 -16.44
CA ARG D 106 -31.05 -26.78 -17.27
C ARG D 106 -30.41 -26.82 -18.66
N ASN D 107 -31.20 -26.59 -19.73
CA ASN D 107 -30.71 -26.51 -21.10
C ASN D 107 -30.23 -25.09 -21.41
N LEU D 108 -29.46 -24.90 -22.51
CA LEU D 108 -28.92 -23.57 -22.88
C LEU D 108 -30.00 -22.56 -23.17
N SER D 109 -31.10 -23.00 -23.76
CA SER D 109 -32.19 -22.11 -24.11
C SER D 109 -32.95 -21.62 -22.90
N GLU D 110 -32.71 -22.21 -21.74
CA GLU D 110 -33.36 -21.77 -20.55
C GLU D 110 -32.46 -20.80 -19.84
N ILE D 111 -31.18 -21.09 -19.72
CA ILE D 111 -30.39 -20.19 -18.89
C ILE D 111 -29.95 -18.94 -19.62
N TRP D 112 -29.58 -19.02 -20.89
CA TRP D 112 -29.07 -17.83 -21.54
C TRP D 112 -30.15 -16.81 -21.81
N ASP D 113 -31.38 -17.27 -22.03
CA ASP D 113 -32.50 -16.41 -22.28
C ASP D 113 -33.38 -16.04 -21.08
N ASN D 114 -33.52 -16.91 -20.06
CA ASN D 114 -34.43 -16.55 -18.98
C ASN D 114 -33.79 -16.14 -17.67
N MET D 115 -32.53 -16.47 -17.41
CA MET D 115 -31.97 -16.14 -16.11
C MET D 115 -31.07 -14.94 -16.18
N THR D 116 -30.97 -14.22 -15.07
CA THR D 116 -30.04 -13.12 -14.94
C THR D 116 -28.79 -13.68 -14.34
N TRP D 117 -27.68 -12.94 -14.34
CA TRP D 117 -26.48 -13.50 -13.73
C TRP D 117 -26.60 -13.61 -12.23
N LEU D 118 -27.38 -12.75 -11.59
CA LEU D 118 -27.54 -12.84 -10.15
C LEU D 118 -28.27 -14.11 -9.79
N GLN D 119 -29.28 -14.48 -10.57
CA GLN D 119 -30.01 -15.69 -10.28
C GLN D 119 -29.14 -16.90 -10.48
N TRP D 120 -28.33 -16.88 -11.51
CA TRP D 120 -27.44 -17.99 -11.78
C TRP D 120 -26.45 -18.14 -10.65
N ASP D 121 -25.90 -17.04 -10.19
CA ASP D 121 -24.93 -17.08 -9.13
C ASP D 121 -25.51 -17.70 -7.87
N LYS D 122 -26.79 -17.49 -7.61
CA LYS D 122 -27.41 -18.02 -6.42
C LYS D 122 -27.83 -19.47 -6.57
N GLU D 123 -27.68 -20.03 -7.78
CA GLU D 123 -28.07 -21.39 -8.05
C GLU D 123 -26.90 -22.33 -7.99
N ILE D 124 -25.73 -21.89 -8.42
CA ILE D 124 -24.58 -22.79 -8.41
C ILE D 124 -23.48 -22.34 -7.48
N SER D 125 -23.78 -21.50 -6.51
CA SER D 125 -22.71 -20.99 -5.67
C SER D 125 -21.92 -22.02 -4.87
N ASN D 126 -22.51 -23.18 -4.47
CA ASN D 126 -21.79 -24.18 -3.68
C ASN D 126 -21.05 -25.22 -4.55
N TYR D 127 -21.00 -25.02 -5.89
CA TYR D 127 -20.25 -25.84 -6.81
C TYR D 127 -19.09 -25.01 -7.34
N THR D 128 -18.94 -23.78 -6.85
CA THR D 128 -17.90 -22.92 -7.38
C THR D 128 -16.53 -23.49 -7.20
N GLN D 129 -16.25 -24.04 -6.03
CA GLN D 129 -14.92 -24.53 -5.80
C GLN D 129 -14.63 -25.80 -6.55
N ILE D 130 -15.66 -26.59 -6.81
CA ILE D 130 -15.44 -27.80 -7.57
C ILE D 130 -15.06 -27.42 -8.97
N ILE D 131 -15.80 -26.48 -9.54
CA ILE D 131 -15.54 -26.08 -10.89
C ILE D 131 -14.17 -25.46 -10.99
N TYR D 132 -13.80 -24.60 -10.05
CA TYR D 132 -12.49 -24.00 -10.15
C TYR D 132 -11.41 -25.05 -10.07
N GLY D 133 -11.58 -26.04 -9.21
CA GLY D 133 -10.58 -27.09 -9.10
C GLY D 133 -10.43 -27.83 -10.42
N LEU D 134 -11.54 -28.14 -11.08
CA LEU D 134 -11.46 -28.83 -12.34
C LEU D 134 -10.80 -27.99 -13.41
N LEU D 135 -11.05 -26.69 -13.41
CA LEU D 135 -10.43 -25.87 -14.43
C LEU D 135 -8.92 -25.89 -14.29
N GLU D 136 -8.43 -25.85 -13.06
CA GLU D 136 -6.99 -25.92 -12.87
C GLU D 136 -6.42 -27.26 -13.30
N GLU D 137 -7.11 -28.36 -12.98
CA GLU D 137 -6.59 -29.66 -13.38
C GLU D 137 -6.55 -29.77 -14.89
N SER D 138 -7.55 -29.21 -15.57
CA SER D 138 -7.58 -29.26 -17.01
C SER D 138 -6.40 -28.55 -17.61
N GLN D 139 -6.05 -27.38 -17.10
CA GLN D 139 -4.90 -26.71 -17.66
C GLN D 139 -3.63 -27.47 -17.40
N ASN D 140 -3.51 -28.10 -16.25
CA ASN D 140 -2.28 -28.83 -16.03
C ASN D 140 -2.19 -30.00 -17.00
N GLN D 141 -3.31 -30.63 -17.30
CA GLN D 141 -3.27 -31.73 -18.21
C GLN D 141 -2.92 -31.23 -19.59
N GLN D 142 -3.40 -30.05 -19.96
CA GLN D 142 -3.05 -29.55 -21.26
C GLN D 142 -1.57 -29.31 -21.35
N GLU D 143 -0.95 -28.74 -20.33
CA GLU D 143 0.49 -28.49 -20.46
C GLU D 143 1.26 -29.82 -20.57
N LYS D 144 0.80 -30.85 -19.86
CA LYS D 144 1.48 -32.14 -19.95
C LYS D 144 1.43 -32.65 -21.38
N ASN D 145 0.32 -32.41 -22.08
CA ASN D 145 0.19 -32.85 -23.45
C ASN D 145 0.99 -31.98 -24.41
N GLU D 146 1.19 -30.70 -24.07
CA GLU D 146 1.97 -29.83 -24.92
C GLU D 146 3.42 -30.26 -24.93
N GLN D 147 3.91 -30.81 -23.81
CA GLN D 147 5.30 -31.27 -23.74
C GLN D 147 5.44 -32.67 -24.29
N ASP D 148 5.04 -32.81 -25.52
CA ASP D 148 5.03 -34.03 -26.30
C ASP D 148 5.01 -33.58 -27.73
N LEU D 149 6.05 -33.84 -28.47
CA LEU D 149 6.14 -33.25 -29.77
C LEU D 149 5.35 -34.00 -30.82
N LEU D 150 4.68 -35.08 -30.42
CA LEU D 150 3.84 -35.79 -31.36
C LEU D 150 2.39 -35.29 -31.22
N ALA D 151 2.17 -34.41 -30.26
CA ALA D 151 0.87 -33.81 -30.00
C ALA D 151 -0.29 -34.86 -29.88
N LEU D 152 -1.41 -34.67 -30.65
CA LEU D 152 -2.63 -35.50 -30.62
C LEU D 152 -2.89 -36.05 -32.00
N ARG E 3 -15.40 -37.40 -45.68
CA ARG E 3 -14.43 -37.78 -44.66
C ARG E 3 -15.00 -38.68 -43.54
N MET E 4 -16.28 -39.13 -43.65
CA MET E 4 -16.92 -40.03 -42.68
C MET E 4 -17.71 -41.11 -43.40
N THR E 5 -17.70 -42.32 -42.85
CA THR E 5 -18.44 -43.45 -43.42
C THR E 5 -19.40 -44.10 -42.45
N GLN E 6 -20.64 -44.26 -42.88
CA GLN E 6 -21.68 -44.87 -42.06
C GLN E 6 -21.81 -46.36 -42.32
N SER E 7 -22.31 -47.07 -41.33
CA SER E 7 -22.52 -48.51 -41.47
C SER E 7 -23.59 -49.10 -40.56
N PRO E 8 -24.37 -50.07 -41.04
CA PRO E 8 -24.48 -50.70 -42.35
C PRO E 8 -25.26 -49.84 -43.30
N ALA E 9 -25.28 -50.21 -44.57
CA ALA E 9 -26.12 -49.47 -45.51
C ALA E 9 -27.59 -49.47 -45.10
N ILE E 10 -28.06 -50.58 -44.54
CA ILE E 10 -29.44 -50.65 -44.12
C ILE E 10 -29.69 -51.57 -42.93
N LEU E 11 -30.60 -51.14 -42.07
CA LEU E 11 -31.09 -51.96 -40.99
C LEU E 11 -32.55 -52.29 -41.22
N SER E 12 -32.95 -53.47 -40.77
CA SER E 12 -34.35 -53.88 -40.82
C SER E 12 -34.71 -54.40 -39.44
N LEU E 13 -35.63 -53.71 -38.79
CA LEU E 13 -36.00 -54.00 -37.41
C LEU E 13 -37.48 -54.22 -37.17
N SER E 14 -37.78 -54.95 -36.10
CA SER E 14 -39.15 -55.13 -35.67
C SER E 14 -39.56 -53.87 -34.90
N PRO E 15 -40.83 -53.49 -34.86
CA PRO E 15 -41.30 -52.37 -34.07
C PRO E 15 -40.93 -52.58 -32.61
N GLY E 16 -40.45 -51.52 -31.98
CA GLY E 16 -40.07 -51.53 -30.57
C GLY E 16 -38.62 -51.94 -30.34
N GLU E 17 -37.95 -52.43 -31.37
CA GLU E 17 -36.58 -52.89 -31.27
C GLU E 17 -35.63 -51.70 -31.31
N ARG E 18 -34.45 -51.85 -30.71
CA ARG E 18 -33.47 -50.78 -30.74
C ARG E 18 -32.54 -50.85 -31.95
N ALA E 19 -32.44 -49.74 -32.68
CA ALA E 19 -31.60 -49.66 -33.88
C ALA E 19 -30.31 -48.90 -33.65
N THR E 20 -29.20 -49.45 -34.09
CA THR E 20 -27.95 -48.72 -33.96
C THR E 20 -27.19 -48.59 -35.27
N LEU E 21 -26.71 -47.37 -35.52
CA LEU E 21 -25.92 -47.03 -36.70
C LEU E 21 -24.58 -46.43 -36.34
N SER E 22 -23.52 -46.92 -36.95
CA SER E 22 -22.20 -46.36 -36.64
C SER E 22 -21.76 -45.39 -37.72
N CYS E 23 -20.76 -44.53 -37.40
CA CYS E 23 -20.12 -43.62 -38.33
C CYS E 23 -18.66 -43.40 -37.90
N ARG E 24 -17.75 -43.61 -38.85
CA ARG E 24 -16.32 -43.45 -38.61
C ARG E 24 -15.65 -42.35 -39.39
N ALA E 25 -14.91 -41.50 -38.70
CA ALA E 25 -14.18 -40.42 -39.35
C ALA E 25 -12.78 -40.82 -39.77
N SER E 26 -12.29 -40.22 -40.85
CA SER E 26 -10.91 -40.40 -41.31
C SER E 26 -9.92 -39.55 -40.52
N GLN E 27 -10.46 -38.54 -39.85
CA GLN E 27 -9.70 -37.57 -39.07
C GLN E 27 -10.51 -37.27 -37.85
N SER E 28 -9.91 -36.83 -36.77
CA SER E 28 -10.74 -36.48 -35.63
C SER E 28 -11.69 -35.33 -35.93
N VAL E 29 -12.92 -35.50 -35.47
CA VAL E 29 -13.93 -34.48 -35.61
C VAL E 29 -14.28 -33.97 -34.22
N ASP E 30 -13.41 -34.26 -33.26
CA ASP E 30 -13.65 -33.80 -31.92
C ASP E 30 -15.02 -34.27 -31.46
N SER E 31 -15.86 -33.36 -30.99
CA SER E 31 -17.20 -33.63 -30.53
C SER E 31 -18.20 -33.00 -31.48
N ARG E 32 -17.73 -32.51 -32.60
CA ARG E 32 -18.59 -31.81 -33.52
C ARG E 32 -19.24 -32.70 -34.55
N LEU E 33 -20.23 -33.41 -34.09
CA LEU E 33 -21.00 -34.32 -34.94
C LEU E 33 -22.49 -34.15 -34.84
N ALA E 34 -23.16 -34.02 -35.98
CA ALA E 34 -24.60 -33.93 -35.96
C ALA E 34 -25.23 -35.04 -36.76
N TRP E 35 -26.44 -35.42 -36.38
CA TRP E 35 -27.18 -36.42 -37.11
C TRP E 35 -28.48 -35.84 -37.64
N TYR E 36 -28.82 -36.24 -38.86
CA TYR E 36 -30.05 -35.80 -39.53
C TYR E 36 -30.96 -36.93 -39.98
N GLN E 37 -32.26 -36.67 -39.99
CA GLN E 37 -33.25 -37.63 -40.48
C GLN E 37 -33.97 -37.16 -41.73
N GLN E 38 -33.82 -37.88 -42.83
CA GLN E 38 -34.51 -37.49 -44.05
C GLN E 38 -35.56 -38.49 -44.48
N LYS E 39 -36.82 -38.09 -44.40
CA LYS E 39 -37.87 -38.98 -44.80
C LYS E 39 -38.06 -38.74 -46.28
N PRO E 40 -38.53 -39.69 -47.09
CA PRO E 40 -38.77 -39.47 -48.49
C PRO E 40 -39.68 -38.27 -48.70
N GLY E 41 -39.30 -37.40 -49.62
CA GLY E 41 -40.06 -36.21 -49.95
C GLY E 41 -39.73 -35.02 -49.05
N GLN E 42 -38.92 -35.25 -48.03
CA GLN E 42 -38.57 -34.23 -47.07
C GLN E 42 -37.13 -33.78 -47.17
N SER E 43 -36.86 -32.59 -46.64
CA SER E 43 -35.51 -32.12 -46.52
C SER E 43 -35.03 -32.67 -45.17
N PRO E 44 -33.74 -32.93 -44.93
CA PRO E 44 -33.25 -33.48 -43.69
C PRO E 44 -33.62 -32.65 -42.45
N ARG E 45 -34.01 -33.33 -41.39
CA ARG E 45 -34.34 -32.70 -40.12
C ARG E 45 -33.19 -32.89 -39.15
N LEU E 46 -32.84 -31.86 -38.38
CA LEU E 46 -31.79 -32.07 -37.40
C LEU E 46 -32.29 -32.85 -36.21
N LEU E 47 -31.57 -33.91 -35.84
CA LEU E 47 -31.95 -34.70 -34.68
C LEU E 47 -31.07 -34.43 -33.50
N ILE E 48 -29.78 -34.62 -33.72
CA ILE E 48 -28.78 -34.54 -32.67
C ILE E 48 -27.61 -33.67 -33.07
N TYR E 49 -27.12 -32.87 -32.15
CA TYR E 49 -25.95 -32.05 -32.44
C TYR E 49 -24.92 -32.20 -31.33
N ASP E 50 -23.67 -31.91 -31.64
CA ASP E 50 -22.59 -32.05 -30.67
C ASP E 50 -22.57 -33.47 -30.06
N VAL E 51 -22.74 -34.47 -30.92
CA VAL E 51 -22.76 -35.90 -30.61
C VAL E 51 -23.99 -36.40 -29.88
N SER E 52 -24.35 -35.79 -28.77
CA SER E 52 -25.47 -36.25 -27.96
C SER E 52 -26.56 -35.24 -27.57
N SER E 53 -26.52 -33.99 -28.03
CA SER E 53 -27.55 -33.04 -27.61
C SER E 53 -28.77 -33.16 -28.51
N ARG E 54 -29.94 -33.27 -27.95
CA ARG E 54 -31.12 -33.35 -28.81
C ARG E 54 -31.53 -32.00 -29.33
N ALA E 55 -31.94 -31.97 -30.58
CA ALA E 55 -32.50 -30.77 -31.17
C ALA E 55 -33.88 -30.55 -30.59
N THR E 56 -34.33 -29.31 -30.57
CA THR E 56 -35.65 -29.03 -30.05
C THR E 56 -36.68 -29.78 -30.85
N GLY E 57 -37.61 -30.46 -30.17
CA GLY E 57 -38.69 -31.18 -30.82
C GLY E 57 -38.40 -32.64 -31.16
N ILE E 58 -37.26 -33.15 -30.74
CA ILE E 58 -36.88 -34.51 -31.01
C ILE E 58 -37.27 -35.49 -29.89
N PRO E 59 -37.94 -36.61 -30.21
CA PRO E 59 -38.35 -37.66 -29.29
C PRO E 59 -37.16 -38.23 -28.55
N ASP E 60 -37.39 -38.73 -27.35
CA ASP E 60 -36.35 -39.28 -26.50
C ASP E 60 -35.92 -40.68 -26.89
N ARG E 61 -36.49 -41.17 -27.98
CA ARG E 61 -36.08 -42.42 -28.59
C ARG E 61 -34.67 -42.23 -29.10
N PHE E 62 -34.36 -41.00 -29.53
CA PHE E 62 -33.09 -40.72 -30.15
C PHE E 62 -32.02 -40.34 -29.15
N SER E 63 -30.84 -40.93 -29.32
CA SER E 63 -29.69 -40.65 -28.49
C SER E 63 -28.43 -40.99 -29.26
N GLY E 64 -27.26 -40.70 -28.69
CA GLY E 64 -26.02 -41.04 -29.36
C GLY E 64 -24.83 -40.79 -28.48
N SER E 65 -23.68 -41.22 -28.98
CA SER E 65 -22.43 -41.11 -28.25
C SER E 65 -21.23 -41.22 -29.17
N GLY E 66 -20.04 -40.96 -28.64
CA GLY E 66 -18.82 -41.13 -29.40
C GLY E 66 -17.90 -39.95 -29.35
N SER E 67 -16.67 -40.15 -29.81
CA SER E 67 -15.67 -39.10 -29.82
C SER E 67 -14.54 -39.31 -30.80
N GLY E 68 -13.95 -38.20 -31.26
CA GLY E 68 -12.76 -38.33 -32.08
C GLY E 68 -13.15 -38.85 -33.43
N THR E 69 -13.07 -40.16 -33.59
CA THR E 69 -13.41 -40.75 -34.85
C THR E 69 -14.54 -41.76 -34.79
N GLU E 70 -14.91 -42.23 -33.60
CA GLU E 70 -15.91 -43.30 -33.48
C GLU E 70 -17.24 -42.86 -32.90
N PHE E 71 -18.30 -42.85 -33.73
CA PHE E 71 -19.60 -42.36 -33.30
C PHE E 71 -20.78 -43.31 -33.57
N THR E 72 -21.79 -43.27 -32.69
CA THR E 72 -23.02 -44.06 -32.85
C THR E 72 -24.32 -43.29 -32.65
N LEU E 73 -25.30 -43.55 -33.53
CA LEU E 73 -26.66 -43.06 -33.43
C LEU E 73 -27.55 -44.20 -32.98
N THR E 74 -28.32 -43.99 -31.92
CA THR E 74 -29.21 -45.04 -31.42
C THR E 74 -30.67 -44.61 -31.36
N ILE E 75 -31.56 -45.48 -31.83
CA ILE E 75 -32.99 -45.21 -31.72
C ILE E 75 -33.64 -46.31 -30.90
N SER E 76 -34.07 -46.04 -29.67
CA SER E 76 -34.67 -47.10 -28.88
C SER E 76 -36.15 -47.13 -29.20
N SER E 77 -36.83 -48.22 -28.89
CA SER E 77 -38.27 -48.28 -29.08
C SER E 77 -38.66 -47.79 -30.47
N LEU E 78 -37.98 -48.30 -31.50
CA LEU E 78 -38.16 -47.82 -32.86
C LEU E 78 -39.62 -47.89 -33.34
N GLU E 79 -40.10 -46.79 -33.91
CA GLU E 79 -41.48 -46.72 -34.37
C GLU E 79 -41.54 -46.69 -35.89
N PRO E 80 -42.65 -47.10 -36.54
CA PRO E 80 -42.87 -47.05 -37.98
C PRO E 80 -42.68 -45.66 -38.58
N GLU E 81 -42.82 -44.64 -37.76
CA GLU E 81 -42.70 -43.27 -38.21
C GLU E 81 -41.25 -42.85 -38.33
N ASP E 82 -40.34 -43.75 -37.95
CA ASP E 82 -38.93 -43.52 -38.01
C ASP E 82 -38.32 -44.12 -39.28
N VAL E 83 -39.15 -44.56 -40.25
CA VAL E 83 -38.47 -45.05 -41.45
C VAL E 83 -37.89 -43.82 -42.13
N ALA E 84 -36.60 -43.84 -42.33
CA ALA E 84 -35.90 -42.68 -42.89
C ALA E 84 -34.48 -43.01 -43.27
N VAL E 85 -33.85 -42.09 -44.00
CA VAL E 85 -32.42 -42.20 -44.24
C VAL E 85 -31.71 -41.29 -43.24
N TYR E 86 -30.79 -41.86 -42.49
CA TYR E 86 -30.09 -41.11 -41.47
C TYR E 86 -28.72 -40.71 -41.93
N PHE E 87 -28.38 -39.45 -41.72
CA PHE E 87 -27.08 -38.95 -42.16
C PHE E 87 -26.18 -38.50 -41.02
N CYS E 88 -24.88 -38.78 -41.20
CA CYS E 88 -23.78 -38.39 -40.31
C CYS E 88 -23.11 -37.10 -40.84
N HIS E 89 -23.15 -36.01 -40.07
CA HIS E 89 -22.58 -34.73 -40.54
C HIS E 89 -21.40 -34.21 -39.72
N GLN E 90 -20.28 -33.97 -40.40
CA GLN E 90 -19.06 -33.45 -39.80
C GLN E 90 -19.15 -31.98 -39.54
N GLU E 91 -18.91 -31.56 -38.31
CA GLU E 91 -18.96 -30.14 -38.03
C GLU E 91 -17.64 -29.62 -37.45
N ASN E 92 -16.57 -30.38 -37.61
CA ASN E 92 -15.27 -29.97 -37.07
C ASN E 92 -14.29 -29.40 -38.06
N ASP E 93 -14.70 -29.15 -39.28
CA ASP E 93 -13.75 -28.60 -40.22
C ASP E 93 -14.47 -27.85 -41.32
N TRP E 94 -13.72 -27.22 -42.18
CA TRP E 94 -14.33 -26.45 -43.24
C TRP E 94 -15.12 -27.24 -44.27
N PRO E 95 -14.63 -28.33 -44.82
CA PRO E 95 -15.35 -29.08 -45.81
C PRO E 95 -16.74 -29.56 -45.35
N TRP E 96 -17.01 -29.64 -44.03
CA TRP E 96 -18.30 -30.11 -43.53
C TRP E 96 -18.81 -31.31 -44.29
N THR E 97 -18.12 -32.43 -44.31
CA THR E 97 -18.66 -33.46 -45.16
C THR E 97 -19.77 -34.23 -44.49
N PHE E 98 -20.51 -34.97 -45.30
CA PHE E 98 -21.55 -35.84 -44.80
C PHE E 98 -21.17 -37.27 -45.12
N GLY E 99 -21.65 -38.21 -44.32
CA GLY E 99 -21.49 -39.61 -44.63
C GLY E 99 -22.51 -39.86 -45.72
N GLN E 100 -22.54 -41.05 -46.26
CA GLN E 100 -23.40 -41.36 -47.38
C GLN E 100 -24.89 -41.50 -47.05
N GLY E 101 -25.24 -41.71 -45.80
CA GLY E 101 -26.64 -41.92 -45.47
C GLY E 101 -26.99 -43.39 -45.40
N THR E 102 -27.68 -43.81 -44.35
CA THR E 102 -28.07 -45.21 -44.24
C THR E 102 -29.56 -45.28 -44.00
N LYS E 103 -30.16 -46.42 -44.29
CA LYS E 103 -31.60 -46.49 -44.09
C LYS E 103 -32.00 -47.37 -42.94
N VAL E 104 -33.05 -46.97 -42.24
CA VAL E 104 -33.63 -47.84 -41.23
C VAL E 104 -35.08 -48.05 -41.58
N GLU E 105 -35.46 -49.32 -41.70
CA GLU E 105 -36.83 -49.64 -42.05
C GLU E 105 -37.48 -50.57 -41.02
N ILE E 106 -38.72 -50.26 -40.68
CA ILE E 106 -39.52 -50.96 -39.69
C ILE E 106 -40.51 -51.93 -40.35
N LYS E 107 -40.46 -53.23 -39.93
CA LYS E 107 -41.30 -54.33 -40.44
C LYS E 107 -42.23 -54.91 -39.34
N GLU F 1 -38.01 -17.74 -36.68
CA GLU F 1 -38.58 -18.73 -37.60
C GLU F 1 -38.67 -18.13 -39.00
N VAL F 2 -38.08 -18.83 -40.00
CA VAL F 2 -38.10 -18.44 -41.41
C VAL F 2 -38.55 -19.58 -42.29
N GLN F 3 -38.94 -19.22 -43.50
CA GLN F 3 -39.27 -20.18 -44.51
C GLN F 3 -38.39 -19.93 -45.70
N LEU F 4 -37.91 -21.00 -46.30
CA LEU F 4 -37.01 -20.87 -47.42
C LEU F 4 -37.63 -21.46 -48.67
N VAL F 5 -37.71 -20.64 -49.72
CA VAL F 5 -38.31 -21.14 -50.95
C VAL F 5 -37.40 -21.01 -52.15
N GLU F 6 -37.01 -22.14 -52.72
CA GLU F 6 -36.14 -22.16 -53.87
C GLU F 6 -36.89 -22.10 -55.18
N SER F 7 -36.22 -21.56 -56.19
CA SER F 7 -36.75 -21.53 -57.55
C SER F 7 -35.67 -21.43 -58.60
N GLY F 8 -35.88 -22.05 -59.74
CA GLY F 8 -34.92 -21.91 -60.83
C GLY F 8 -35.14 -22.97 -61.91
N PRO F 9 -34.37 -22.94 -62.99
CA PRO F 9 -34.46 -23.85 -64.12
C PRO F 9 -34.26 -25.27 -63.64
N GLY F 10 -35.06 -26.18 -64.17
CA GLY F 10 -34.93 -27.58 -63.81
C GLY F 10 -34.06 -28.30 -64.83
N LEU F 11 -33.52 -27.54 -65.77
CA LEU F 11 -32.69 -28.04 -66.84
C LEU F 11 -31.66 -27.05 -67.33
N VAL F 12 -30.42 -27.49 -67.31
CA VAL F 12 -29.27 -26.75 -67.80
C VAL F 12 -28.48 -27.65 -68.74
N ARG F 13 -27.91 -27.06 -69.80
CA ARG F 13 -27.15 -27.81 -70.80
C ARG F 13 -25.65 -27.74 -70.48
N PRO F 14 -24.82 -28.59 -71.08
CA PRO F 14 -23.39 -28.60 -70.85
C PRO F 14 -22.78 -27.25 -71.11
N SER F 15 -21.89 -26.89 -70.21
CA SER F 15 -21.09 -25.67 -70.19
C SER F 15 -21.88 -24.40 -69.90
N GLU F 16 -23.16 -24.53 -69.59
CA GLU F 16 -23.98 -23.39 -69.23
C GLU F 16 -23.87 -23.13 -67.75
N THR F 17 -24.20 -21.91 -67.36
CA THR F 17 -24.23 -21.59 -65.95
C THR F 17 -25.61 -21.81 -65.38
N LEU F 18 -25.67 -22.51 -64.26
CA LEU F 18 -26.91 -22.80 -63.57
C LEU F 18 -27.19 -21.75 -62.53
N SER F 19 -28.38 -21.17 -62.57
CA SER F 19 -28.74 -20.11 -61.63
C SER F 19 -30.01 -20.42 -60.85
N LEU F 20 -29.85 -20.58 -59.54
CA LEU F 20 -30.96 -20.88 -58.63
C LEU F 20 -31.08 -19.78 -57.59
N THR F 21 -32.30 -19.44 -57.21
CA THR F 21 -32.48 -18.41 -56.18
C THR F 21 -33.26 -19.00 -55.02
N CYS F 22 -33.25 -18.29 -53.85
CA CYS F 22 -34.01 -18.63 -52.66
C CYS F 22 -34.55 -17.39 -51.98
N ALA F 23 -35.86 -17.37 -51.77
CA ALA F 23 -36.49 -16.26 -51.10
C ALA F 23 -36.52 -16.56 -49.63
N VAL F 24 -36.34 -15.53 -48.81
CA VAL F 24 -36.42 -15.73 -47.39
C VAL F 24 -37.57 -14.95 -46.77
N SER F 25 -38.43 -15.68 -46.09
CA SER F 25 -39.56 -15.06 -45.42
C SER F 25 -39.44 -15.23 -43.93
N GLY F 26 -39.84 -14.20 -43.17
CA GLY F 26 -39.86 -14.24 -41.71
C GLY F 26 -38.68 -13.57 -40.99
N ASP F 27 -37.60 -13.30 -41.72
CA ASP F 27 -36.43 -12.64 -41.14
C ASP F 27 -35.63 -12.01 -42.27
N SER F 28 -34.56 -11.33 -41.93
CA SER F 28 -33.70 -10.64 -42.91
C SER F 28 -32.49 -11.43 -43.37
N ILE F 29 -32.04 -11.18 -44.61
CA ILE F 29 -30.81 -11.83 -45.06
C ILE F 29 -29.63 -10.87 -45.07
N SER F 30 -29.83 -9.66 -44.56
CA SER F 30 -28.78 -8.62 -44.48
C SER F 30 -27.97 -8.83 -43.22
N THR F 31 -28.43 -9.78 -42.44
CA THR F 31 -27.91 -10.20 -41.18
C THR F 31 -28.11 -11.69 -41.08
N ASN F 32 -28.07 -12.24 -39.87
CA ASN F 32 -28.24 -13.66 -39.71
C ASN F 32 -27.29 -14.48 -40.57
N ASN F 33 -26.01 -14.38 -40.32
CA ASN F 33 -25.05 -15.06 -41.17
C ASN F 33 -25.26 -16.56 -41.24
N GLY F 34 -24.94 -17.17 -42.38
CA GLY F 34 -25.10 -18.62 -42.50
C GLY F 34 -26.14 -19.02 -43.54
N TRP F 35 -26.29 -18.22 -44.59
CA TRP F 35 -27.24 -18.59 -45.63
C TRP F 35 -26.47 -19.52 -46.54
N SER F 36 -26.99 -20.69 -46.86
CA SER F 36 -26.16 -21.61 -47.62
C SER F 36 -26.85 -22.48 -48.63
N TRP F 37 -26.01 -23.07 -49.49
CA TRP F 37 -26.48 -24.00 -50.47
C TRP F 37 -25.85 -25.37 -50.24
N ILE F 38 -26.72 -26.38 -50.31
CA ILE F 38 -26.40 -27.79 -50.13
C ILE F 38 -26.83 -28.60 -51.34
N ARG F 39 -25.99 -29.53 -51.77
CA ARG F 39 -26.36 -30.35 -52.90
C ARG F 39 -26.49 -31.83 -52.55
N GLN F 40 -27.58 -32.45 -53.01
CA GLN F 40 -27.80 -33.88 -52.80
C GLN F 40 -27.74 -34.60 -54.12
N THR F 41 -26.68 -35.36 -54.32
CA THR F 41 -26.50 -36.01 -55.61
C THR F 41 -26.72 -37.51 -55.50
N PRO F 42 -27.66 -38.11 -56.22
CA PRO F 42 -27.90 -39.52 -56.16
C PRO F 42 -26.60 -40.22 -56.49
N GLY F 43 -26.24 -41.22 -55.71
CA GLY F 43 -25.00 -41.96 -55.93
C GLY F 43 -23.80 -41.41 -55.16
N LYS F 44 -23.92 -40.18 -54.63
CA LYS F 44 -22.82 -39.57 -53.88
C LYS F 44 -23.22 -39.20 -52.46
N GLY F 45 -24.47 -38.73 -52.30
CA GLY F 45 -24.96 -38.24 -51.03
C GLY F 45 -24.87 -36.72 -50.95
N LEU F 46 -24.87 -36.21 -49.73
CA LEU F 46 -24.93 -34.78 -49.48
C LEU F 46 -23.56 -34.15 -49.40
N GLU F 47 -23.47 -32.94 -49.93
CA GLU F 47 -22.26 -32.14 -49.86
C GLU F 47 -22.62 -30.67 -49.80
N TRP F 48 -21.72 -29.88 -49.28
CA TRP F 48 -21.94 -28.45 -49.25
C TRP F 48 -21.45 -27.78 -50.50
N ILE F 49 -22.12 -26.71 -50.89
CA ILE F 49 -21.61 -25.87 -51.94
C ILE F 49 -20.86 -24.73 -51.31
N GLY F 50 -21.51 -24.10 -50.35
CA GLY F 50 -20.91 -22.93 -49.68
C GLY F 50 -21.95 -22.08 -49.00
N TYR F 51 -21.49 -20.98 -48.41
CA TYR F 51 -22.39 -20.09 -47.69
C TYR F 51 -21.95 -18.64 -47.68
N ILE F 52 -22.91 -17.78 -47.38
CA ILE F 52 -22.69 -16.35 -47.32
C ILE F 52 -23.11 -15.71 -46.01
N ASN F 53 -22.30 -14.74 -45.63
CA ASN F 53 -22.52 -13.97 -44.44
C ASN F 53 -23.25 -12.69 -44.78
N GLY F 54 -24.54 -12.63 -44.49
CA GLY F 54 -25.39 -11.51 -44.86
C GLY F 54 -24.89 -10.15 -44.37
N ARG F 55 -24.23 -10.12 -43.21
CA ARG F 55 -23.73 -8.89 -42.64
C ARG F 55 -22.54 -8.27 -43.38
N SER F 56 -21.70 -9.10 -44.02
CA SER F 56 -20.50 -8.56 -44.65
C SER F 56 -20.40 -8.84 -46.13
N GLY F 57 -21.14 -9.81 -46.60
CA GLY F 57 -21.10 -10.24 -47.97
C GLY F 57 -19.99 -11.24 -48.25
N SER F 58 -19.21 -11.63 -47.23
CA SER F 58 -18.15 -12.58 -47.51
C SER F 58 -18.72 -13.95 -47.74
N THR F 59 -17.98 -14.77 -48.45
CA THR F 59 -18.38 -16.13 -48.72
C THR F 59 -17.30 -17.15 -48.53
N ARG F 60 -17.73 -18.40 -48.40
CA ARG F 60 -16.81 -19.52 -48.36
C ARG F 60 -17.37 -20.59 -49.27
N TYR F 61 -16.53 -21.23 -50.07
CA TYR F 61 -17.05 -22.28 -50.93
C TYR F 61 -16.29 -23.57 -50.76
N ASN F 62 -17.00 -24.68 -50.85
CA ASN F 62 -16.34 -25.96 -50.74
C ASN F 62 -15.28 -25.98 -51.81
N PRO F 63 -14.04 -26.40 -51.51
CA PRO F 63 -12.94 -26.44 -52.44
C PRO F 63 -13.25 -27.09 -53.78
N SER F 64 -14.16 -28.06 -53.86
CA SER F 64 -14.38 -28.69 -55.16
C SER F 64 -14.97 -27.72 -56.19
N LEU F 65 -15.60 -26.66 -55.73
CA LEU F 65 -16.18 -25.65 -56.59
C LEU F 65 -15.48 -24.31 -56.39
N GLN F 66 -14.25 -24.31 -55.89
CA GLN F 66 -13.59 -23.04 -55.59
C GLN F 66 -13.49 -22.13 -56.81
N SER F 67 -13.32 -22.72 -57.98
CA SER F 67 -13.19 -21.97 -59.22
C SER F 67 -14.49 -21.95 -60.04
N ARG F 68 -15.57 -22.53 -59.51
CA ARG F 68 -16.81 -22.63 -60.25
C ARG F 68 -18.04 -21.94 -59.67
N VAL F 69 -18.09 -21.70 -58.38
CA VAL F 69 -19.34 -21.17 -57.81
C VAL F 69 -19.27 -19.79 -57.17
N THR F 70 -20.34 -19.03 -57.44
CA THR F 70 -20.57 -17.72 -56.86
C THR F 70 -21.86 -17.69 -56.06
N ILE F 71 -21.80 -17.15 -54.85
CA ILE F 71 -22.98 -16.96 -54.01
C ILE F 71 -23.05 -15.48 -53.66
N SER F 72 -24.24 -14.90 -53.81
CA SER F 72 -24.43 -13.48 -53.52
C SER F 72 -25.85 -13.20 -53.06
N THR F 73 -26.08 -11.97 -52.58
CA THR F 73 -27.42 -11.60 -52.09
C THR F 73 -28.06 -10.40 -52.74
N ASP F 74 -29.39 -10.44 -52.70
CA ASP F 74 -30.28 -9.34 -53.04
C ASP F 74 -31.00 -8.97 -51.76
N THR F 75 -30.46 -8.02 -51.03
CA THR F 75 -31.02 -7.75 -49.72
C THR F 75 -32.31 -6.97 -49.82
N SER F 76 -32.53 -6.33 -50.97
CA SER F 76 -33.76 -5.57 -51.20
C SER F 76 -34.90 -6.56 -51.43
N GLY F 77 -34.62 -7.60 -52.21
CA GLY F 77 -35.58 -8.65 -52.50
C GLY F 77 -35.66 -9.67 -51.36
N ASN F 78 -34.67 -9.60 -50.47
CA ASN F 78 -34.48 -10.44 -49.31
C ASN F 78 -34.40 -11.89 -49.77
N GLN F 79 -33.65 -12.08 -50.84
CA GLN F 79 -33.42 -13.36 -51.45
C GLN F 79 -31.95 -13.50 -51.76
N PHE F 80 -31.46 -14.72 -51.87
CA PHE F 80 -30.07 -14.92 -52.20
C PHE F 80 -29.95 -15.93 -53.30
N SER F 81 -28.80 -15.96 -53.97
CA SER F 81 -28.69 -16.87 -55.08
C SER F 81 -27.35 -17.51 -55.31
N LEU F 82 -27.45 -18.62 -56.00
CA LEU F 82 -26.35 -19.48 -56.39
C LEU F 82 -26.14 -19.58 -57.88
N LYS F 83 -24.90 -19.35 -58.30
CA LYS F 83 -24.56 -19.54 -59.70
C LYS F 83 -23.36 -20.45 -59.87
N VAL F 84 -23.53 -21.51 -60.65
CA VAL F 84 -22.42 -22.44 -60.86
C VAL F 84 -22.08 -22.46 -62.33
N ASN F 85 -20.83 -22.14 -62.63
CA ASN F 85 -20.37 -22.05 -64.00
C ASN F 85 -19.94 -23.39 -64.53
N SER F 86 -19.98 -23.50 -65.86
CA SER F 86 -19.54 -24.68 -66.61
C SER F 86 -20.16 -25.97 -66.11
N VAL F 87 -21.47 -25.98 -65.98
CA VAL F 87 -22.23 -27.10 -65.45
C VAL F 87 -22.28 -28.26 -66.43
N THR F 88 -22.05 -29.46 -65.89
CA THR F 88 -22.03 -30.69 -66.68
C THR F 88 -22.96 -31.76 -66.13
N ALA F 89 -23.08 -32.87 -66.83
CA ALA F 89 -24.02 -33.92 -66.46
C ALA F 89 -23.81 -34.43 -65.03
N ALA F 90 -22.56 -34.41 -64.58
CA ALA F 90 -22.14 -34.85 -63.26
C ALA F 90 -22.72 -33.99 -62.14
N ASP F 91 -23.25 -32.82 -62.49
CA ASP F 91 -23.83 -31.88 -61.55
C ASP F 91 -25.35 -32.06 -61.42
N THR F 92 -25.91 -33.10 -62.03
CA THR F 92 -27.34 -33.33 -61.82
C THR F 92 -27.55 -33.63 -60.36
N ALA F 93 -28.45 -32.89 -59.73
CA ALA F 93 -28.65 -33.07 -58.30
C ALA F 93 -29.86 -32.32 -57.81
N LYS F 94 -30.24 -32.63 -56.57
CA LYS F 94 -31.26 -31.89 -55.88
C LYS F 94 -30.58 -30.77 -55.08
N TYR F 95 -30.93 -29.52 -55.38
CA TYR F 95 -30.28 -28.41 -54.72
C TYR F 95 -31.15 -27.83 -53.63
N TYR F 96 -30.57 -27.53 -52.48
CA TYR F 96 -31.32 -26.95 -51.38
C TYR F 96 -30.77 -25.61 -50.85
N CYS F 97 -31.70 -24.77 -50.38
CA CYS F 97 -31.50 -23.53 -49.65
C CYS F 97 -31.60 -23.86 -48.17
N ALA F 98 -30.63 -23.43 -47.41
CA ALA F 98 -30.69 -23.72 -46.00
C ALA F 98 -30.12 -22.59 -45.18
N PHE F 99 -30.57 -22.51 -43.95
CA PHE F 99 -30.10 -21.53 -43.00
C PHE F 99 -29.49 -22.21 -41.79
N PHE F 100 -28.20 -22.00 -41.57
CA PHE F 100 -27.55 -22.67 -40.45
C PHE F 100 -27.15 -21.74 -39.33
N TRP F 101 -27.74 -21.94 -38.18
CA TRP F 101 -27.44 -21.12 -37.03
C TRP F 101 -26.56 -21.89 -36.09
N SER F 102 -25.33 -21.45 -35.90
CA SER F 102 -24.45 -22.18 -35.00
C SER F 102 -23.62 -21.23 -34.18
N THR F 103 -24.00 -21.07 -32.93
CA THR F 103 -23.35 -20.13 -32.02
C THR F 103 -23.03 -20.84 -30.75
N TYR F 104 -22.54 -20.10 -29.79
CA TYR F 104 -22.21 -20.68 -28.50
C TYR F 104 -23.46 -21.08 -27.74
N TYR F 105 -24.61 -20.51 -28.08
CA TYR F 105 -25.81 -20.76 -27.30
C TYR F 105 -26.91 -21.55 -28.01
N LYS F 106 -26.93 -21.54 -29.34
CA LYS F 106 -28.02 -22.22 -30.06
C LYS F 106 -27.54 -22.96 -31.30
N ARG F 107 -28.22 -24.04 -31.63
CA ARG F 107 -27.95 -24.75 -32.88
C ARG F 107 -29.23 -25.18 -33.58
N PHE F 108 -29.44 -24.73 -34.82
CA PHE F 108 -30.60 -25.19 -35.57
C PHE F 108 -30.48 -25.00 -37.06
N ASP F 109 -31.28 -25.74 -37.83
CA ASP F 109 -31.34 -25.52 -39.27
C ASP F 109 -32.72 -25.24 -39.76
N VAL F 110 -32.80 -24.51 -40.86
CA VAL F 110 -34.03 -24.40 -41.59
C VAL F 110 -33.73 -24.80 -43.01
N TRP F 111 -34.49 -25.73 -43.56
CA TRP F 111 -34.25 -26.14 -44.94
C TRP F 111 -35.47 -25.85 -45.80
N GLY F 112 -35.25 -25.45 -47.05
CA GLY F 112 -36.35 -25.28 -47.98
C GLY F 112 -36.57 -26.64 -48.63
N PRO F 113 -37.62 -26.82 -49.46
CA PRO F 113 -37.91 -28.05 -50.20
C PRO F 113 -36.94 -28.40 -51.33
N GLY F 114 -36.24 -27.38 -51.87
CA GLY F 114 -35.24 -27.55 -52.92
C GLY F 114 -35.78 -27.58 -54.36
N VAL F 115 -34.84 -27.59 -55.31
CA VAL F 115 -35.10 -27.64 -56.74
C VAL F 115 -34.36 -28.79 -57.38
N ARG F 116 -35.05 -29.64 -58.12
CA ARG F 116 -34.31 -30.70 -58.77
C ARG F 116 -33.85 -30.22 -60.12
N VAL F 117 -32.55 -30.32 -60.37
CA VAL F 117 -32.02 -29.85 -61.64
C VAL F 117 -31.36 -30.95 -62.43
N THR F 118 -31.85 -31.12 -63.64
CA THR F 118 -31.35 -32.06 -64.62
C THR F 118 -30.25 -31.41 -65.42
N VAL F 119 -29.14 -32.09 -65.60
CA VAL F 119 -28.14 -31.49 -66.44
C VAL F 119 -27.88 -32.47 -67.58
N SER F 120 -27.95 -31.97 -68.84
CA SER F 120 -27.74 -32.78 -70.06
C SER F 120 -26.23 -33.03 -70.33
N ALA G 1 27.99 -32.08 -26.35
CA ALA G 1 27.28 -30.80 -26.39
C ALA G 1 26.01 -30.94 -27.27
N GLU G 2 24.83 -30.99 -26.61
CA GLU G 2 23.50 -31.13 -27.21
C GLU G 2 22.95 -29.79 -27.70
N ASN G 3 22.14 -29.80 -28.75
CA ASN G 3 21.58 -28.55 -29.23
C ASN G 3 20.32 -28.20 -28.47
N LEU G 4 20.51 -27.55 -27.33
CA LEU G 4 19.42 -27.22 -26.43
C LEU G 4 19.13 -25.74 -26.39
N TRP G 5 17.91 -25.38 -25.98
CA TRP G 5 17.47 -24.00 -25.85
C TRP G 5 16.95 -23.70 -24.46
N VAL G 6 16.99 -22.43 -24.09
CA VAL G 6 16.53 -22.00 -22.78
C VAL G 6 15.02 -22.06 -22.68
N THR G 7 14.52 -22.72 -21.65
CA THR G 7 13.10 -22.79 -21.37
C THR G 7 12.86 -22.14 -20.06
N VAL G 8 11.84 -21.30 -20.02
CA VAL G 8 11.53 -20.57 -18.81
C VAL G 8 10.38 -21.20 -18.07
N TYR G 9 10.59 -21.42 -16.79
CA TYR G 9 9.60 -22.01 -15.92
C TYR G 9 9.22 -21.04 -14.82
N TYR G 10 7.93 -20.97 -14.50
CA TYR G 10 7.48 -20.14 -13.40
C TYR G 10 6.69 -20.96 -12.41
N GLY G 11 7.07 -20.86 -11.14
CA GLY G 11 6.44 -21.63 -10.09
C GLY G 11 7.39 -22.71 -9.61
N VAL G 12 8.67 -22.52 -9.81
CA VAL G 12 9.70 -23.45 -9.41
C VAL G 12 9.93 -23.45 -7.89
N PRO G 13 9.95 -24.60 -7.20
CA PRO G 13 10.10 -24.71 -5.75
C PRO G 13 11.50 -24.50 -5.23
N VAL G 14 11.96 -23.27 -5.35
CA VAL G 14 13.29 -22.80 -4.95
C VAL G 14 13.25 -21.66 -3.95
N TRP G 15 14.17 -21.66 -2.99
CA TRP G 15 14.21 -20.60 -2.01
C TRP G 15 15.59 -20.19 -1.53
N LYS G 16 15.65 -18.98 -0.96
CA LYS G 16 16.84 -18.40 -0.36
C LYS G 16 16.62 -17.95 1.06
N ASP G 17 17.64 -17.97 1.89
CA ASP G 17 17.47 -17.49 3.26
C ASP G 17 17.10 -16.03 3.25
N ALA G 18 16.16 -15.61 4.11
CA ALA G 18 15.82 -14.19 4.10
C ALA G 18 15.30 -13.66 5.41
N GLU G 19 15.42 -12.37 5.60
CA GLU G 19 14.87 -11.71 6.76
C GLU G 19 13.60 -11.02 6.35
N THR G 20 12.59 -11.05 7.20
CA THR G 20 11.35 -10.35 6.90
C THR G 20 10.57 -10.08 8.16
N THR G 21 9.36 -9.61 8.00
CA THR G 21 8.51 -9.31 9.12
C THR G 21 7.40 -10.32 9.16
N LEU G 22 7.25 -11.00 10.27
CA LEU G 22 6.21 -12.00 10.43
C LEU G 22 5.03 -11.25 11.01
N PHE G 23 3.80 -11.72 10.78
CA PHE G 23 2.69 -10.87 11.27
C PHE G 23 1.95 -11.23 12.58
N CYS G 24 2.20 -12.42 13.13
CA CYS G 24 1.66 -13.02 14.34
C CYS G 24 0.15 -13.30 14.24
N ALA G 25 -0.28 -14.36 14.91
CA ALA G 25 -1.65 -14.82 14.93
C ALA G 25 -1.97 -15.56 16.21
N SER G 26 -3.24 -15.78 16.51
CA SER G 26 -3.58 -16.53 17.73
C SER G 26 -4.76 -17.46 17.54
N ASP G 27 -4.94 -18.34 18.50
CA ASP G 27 -6.04 -19.28 18.43
C ASP G 27 -7.26 -18.62 19.08
N ALA G 28 -8.22 -18.20 18.28
CA ALA G 28 -9.35 -17.41 18.76
C ALA G 28 -10.44 -18.25 19.39
N LYS G 29 -10.09 -18.89 20.49
CA LYS G 29 -10.98 -19.72 21.26
C LYS G 29 -11.15 -19.10 22.63
N ALA G 30 -10.59 -19.73 23.66
CA ALA G 30 -10.72 -19.19 25.00
C ALA G 30 -10.12 -17.81 25.10
N TYR G 31 -9.08 -17.58 24.33
CA TYR G 31 -8.33 -16.35 24.34
C TYR G 31 -9.13 -15.19 23.77
N GLU G 32 -10.14 -15.51 22.99
CA GLU G 32 -10.98 -14.52 22.35
C GLU G 32 -11.77 -13.73 23.39
N THR G 33 -12.07 -14.34 24.54
CA THR G 33 -12.89 -13.66 25.53
C THR G 33 -12.03 -13.01 26.61
N LYS G 34 -10.70 -12.98 26.42
CA LYS G 34 -9.82 -12.37 27.40
C LYS G 34 -10.05 -10.86 27.46
N LYS G 35 -10.36 -10.25 26.32
CA LYS G 35 -10.69 -8.82 26.16
C LYS G 35 -9.58 -7.82 26.41
N HIS G 36 -8.99 -7.84 27.59
CA HIS G 36 -7.98 -6.86 27.93
C HIS G 36 -6.58 -7.42 27.95
N ASN G 37 -6.44 -8.63 27.46
CA ASN G 37 -5.15 -9.27 27.35
C ASN G 37 -4.39 -8.59 26.24
N VAL G 38 -3.13 -8.28 26.50
CA VAL G 38 -2.35 -7.59 25.48
C VAL G 38 -2.11 -8.45 24.26
N TRP G 39 -1.72 -9.68 24.47
CA TRP G 39 -1.39 -10.58 23.39
C TRP G 39 -2.58 -10.98 22.57
N ALA G 40 -3.74 -11.01 23.22
CA ALA G 40 -4.99 -11.39 22.56
C ALA G 40 -5.52 -10.25 21.72
N THR G 41 -4.93 -9.08 21.86
CA THR G 41 -5.41 -7.93 21.15
C THR G 41 -4.49 -7.76 19.98
N HIS G 42 -3.19 -7.90 20.21
CA HIS G 42 -2.26 -7.74 19.13
C HIS G 42 -2.24 -8.84 18.07
N CYS G 43 -2.16 -10.13 18.50
CA CYS G 43 -2.07 -11.27 17.59
C CYS G 43 -3.51 -11.67 17.30
N CYS G 44 -4.17 -10.78 16.58
CA CYS G 44 -5.59 -10.81 16.28
C CYS G 44 -5.97 -11.76 15.16
N VAL G 45 -5.05 -12.04 14.26
CA VAL G 45 -5.37 -12.85 13.11
C VAL G 45 -5.65 -14.24 13.62
N PRO G 46 -6.79 -14.87 13.32
CA PRO G 46 -7.07 -16.19 13.77
C PRO G 46 -6.20 -17.19 13.06
N THR G 47 -5.73 -18.18 13.78
CA THR G 47 -4.97 -19.25 13.18
C THR G 47 -5.25 -20.58 13.85
N ASP G 48 -4.42 -21.56 13.53
CA ASP G 48 -4.47 -22.94 13.97
C ASP G 48 -5.78 -23.67 13.66
N PRO G 49 -6.36 -23.57 12.43
CA PRO G 49 -7.52 -24.30 12.01
C PRO G 49 -7.06 -25.66 11.58
N ASN G 50 -6.49 -26.43 12.49
CA ASN G 50 -5.84 -27.68 12.09
C ASN G 50 -4.86 -27.33 10.96
N PRO G 51 -3.79 -26.57 11.25
CA PRO G 51 -2.89 -25.92 10.32
C PRO G 51 -2.13 -26.94 9.54
N GLN G 52 -1.66 -26.53 8.39
CA GLN G 52 -0.93 -27.45 7.56
C GLN G 52 0.52 -27.55 7.92
N GLU G 53 1.04 -28.74 7.71
CA GLU G 53 2.44 -29.04 7.82
C GLU G 53 2.76 -29.99 6.68
N ILE G 54 3.74 -29.64 5.89
CA ILE G 54 4.06 -30.42 4.71
C ILE G 54 5.43 -31.03 4.72
N HIS G 55 5.51 -32.34 4.74
CA HIS G 55 6.82 -32.98 4.79
C HIS G 55 7.54 -32.84 3.49
N LEU G 56 8.83 -32.48 3.52
CA LEU G 56 9.58 -32.37 2.30
C LEU G 56 10.51 -33.57 2.15
N GLU G 57 10.14 -34.49 1.29
CA GLU G 57 10.99 -35.65 1.19
C GLU G 57 12.30 -35.21 0.57
N ASN G 58 13.43 -35.77 1.02
CA ASN G 58 14.79 -35.57 0.52
C ASN G 58 15.33 -34.12 0.63
N VAL G 59 14.76 -33.25 1.51
CA VAL G 59 15.30 -31.90 1.72
C VAL G 59 16.13 -31.83 2.98
N THR G 60 17.36 -31.42 2.80
CA THR G 60 18.29 -31.25 3.91
C THR G 60 18.57 -29.78 3.93
N GLU G 61 18.48 -29.16 5.08
CA GLU G 61 18.68 -27.73 5.13
C GLU G 61 19.52 -27.31 6.33
N GLU G 62 20.24 -26.22 6.17
CA GLU G 62 21.10 -25.70 7.23
C GLU G 62 20.37 -24.77 8.17
N PHE G 63 20.43 -25.10 9.44
CA PHE G 63 19.82 -24.30 10.48
C PHE G 63 20.86 -23.71 11.39
N ASN G 64 20.58 -22.56 11.96
CA ASN G 64 21.47 -21.98 12.94
C ASN G 64 20.68 -21.16 13.92
N MET G 65 20.36 -21.74 15.06
CA MET G 65 19.50 -21.08 16.02
C MET G 65 20.13 -19.87 16.64
N TRP G 66 21.43 -19.70 16.52
CA TRP G 66 22.09 -18.59 17.17
C TRP G 66 22.11 -17.34 16.31
N LYS G 67 21.70 -17.48 15.05
CA LYS G 67 21.70 -16.41 14.08
C LYS G 67 20.31 -16.26 13.49
N ASN G 68 19.33 -16.75 14.22
CA ASN G 68 17.96 -16.79 13.76
C ASN G 68 17.24 -15.49 14.01
N ASN G 69 16.95 -14.74 12.97
CA ASN G 69 16.36 -13.41 13.09
C ASN G 69 14.95 -13.40 13.63
N MET G 70 14.33 -14.57 13.75
CA MET G 70 12.99 -14.63 14.28
C MET G 70 13.00 -14.31 15.75
N VAL G 71 14.12 -14.58 16.42
CA VAL G 71 14.16 -14.38 17.85
C VAL G 71 14.33 -12.92 18.12
N GLU G 72 15.14 -12.27 17.31
CA GLU G 72 15.37 -10.87 17.47
C GLU G 72 14.09 -10.13 17.21
N GLN G 73 13.32 -10.59 16.23
CA GLN G 73 12.08 -9.94 15.97
C GLN G 73 11.10 -10.12 17.10
N MET G 74 11.04 -11.32 17.69
CA MET G 74 10.13 -11.53 18.79
C MET G 74 10.47 -10.61 19.93
N HIS G 75 11.75 -10.45 20.21
CA HIS G 75 12.20 -9.61 21.29
C HIS G 75 11.78 -8.18 21.07
N THR G 76 12.02 -7.66 19.86
CA THR G 76 11.65 -6.30 19.59
C THR G 76 10.16 -6.09 19.70
N ASP G 77 9.34 -7.00 19.16
CA ASP G 77 7.91 -6.78 19.24
C ASP G 77 7.38 -6.88 20.66
N ILE G 78 7.95 -7.72 21.51
CA ILE G 78 7.47 -7.77 22.89
C ILE G 78 7.72 -6.44 23.55
N ILE G 79 8.89 -5.88 23.36
CA ILE G 79 9.19 -4.62 23.97
C ILE G 79 8.24 -3.55 23.47
N SER G 80 7.99 -3.49 22.18
CA SER G 80 7.10 -2.47 21.68
C SER G 80 5.70 -2.60 22.23
N LEU G 81 5.18 -3.81 22.38
CA LEU G 81 3.83 -3.92 22.93
C LEU G 81 3.77 -3.45 24.36
N TRP G 82 4.79 -3.74 25.16
CA TRP G 82 4.80 -3.25 26.53
C TRP G 82 4.83 -1.74 26.58
N ASP G 83 5.63 -1.11 25.73
CA ASP G 83 5.64 0.33 25.79
C ASP G 83 4.32 0.92 25.34
N GLN G 84 3.69 0.32 24.34
CA GLN G 84 2.44 0.86 23.87
C GLN G 84 1.31 0.73 24.87
N SER G 85 1.26 -0.36 25.63
CA SER G 85 0.17 -0.49 26.58
C SER G 85 0.40 0.36 27.82
N LEU G 86 1.65 0.74 28.13
CA LEU G 86 1.87 1.60 29.29
C LEU G 86 1.81 3.09 28.94
N LYS G 87 2.13 3.43 27.70
CA LYS G 87 2.14 4.81 27.26
C LYS G 87 0.90 5.63 27.65
N PRO G 88 -0.36 5.19 27.49
CA PRO G 88 -1.54 5.95 27.84
C PRO G 88 -2.02 5.91 29.32
N CYS G 89 -1.21 5.37 30.26
CA CYS G 89 -1.58 5.22 31.67
C CYS G 89 -1.27 6.52 32.45
N VAL G 90 -1.54 6.52 33.76
CA VAL G 90 -1.52 7.74 34.57
C VAL G 90 -0.22 8.55 34.75
N LYS G 91 0.97 7.94 34.71
CA LYS G 91 2.21 8.72 34.92
C LYS G 91 2.31 9.33 36.32
N LEU G 92 2.84 8.57 37.27
CA LEU G 92 2.85 8.95 38.68
C LEU G 92 3.97 9.89 39.08
N THR G 93 4.06 11.00 38.38
CA THR G 93 5.06 12.01 38.66
C THR G 93 4.94 12.57 40.09
N PRO G 94 3.73 12.93 40.58
CA PRO G 94 3.45 13.49 41.88
C PRO G 94 3.85 12.61 43.05
N LEU G 95 4.19 11.34 42.83
CA LEU G 95 4.58 10.55 43.99
C LEU G 95 6.01 10.75 44.46
N CYS G 96 6.94 11.35 43.66
CA CYS G 96 8.33 11.51 44.08
C CYS G 96 8.46 12.74 44.98
N VAL G 97 8.01 12.55 46.20
CA VAL G 97 8.02 13.55 47.25
C VAL G 97 8.62 12.90 48.47
N THR G 98 9.01 13.68 49.46
CA THR G 98 9.56 13.06 50.64
C THR G 98 8.50 12.22 51.31
N LEU G 99 8.84 10.99 51.65
CA LEU G 99 7.92 10.11 52.35
C LEU G 99 8.36 10.04 53.80
N GLN G 100 7.39 9.95 54.72
CA GLN G 100 7.68 9.77 56.14
C GLN G 100 7.35 8.32 56.49
N CYS G 101 8.38 7.45 56.72
CA CYS G 101 8.15 6.01 56.83
C CYS G 101 8.59 5.42 58.18
N THR G 102 7.79 4.47 58.63
CA THR G 102 8.08 3.66 59.81
C THR G 102 7.98 2.18 59.41
N ASN G 103 8.47 1.26 60.26
CA ASN G 103 8.41 -0.20 60.03
C ASN G 103 6.99 -0.74 60.29
N VAL G 104 6.58 -1.77 59.51
CA VAL G 104 5.35 -2.53 59.80
C VAL G 104 5.75 -3.62 60.78
N THR G 105 5.11 -3.63 61.94
CA THR G 105 5.40 -4.62 62.99
C THR G 105 4.15 -5.41 63.34
N ASN G 106 3.13 -5.25 62.55
CA ASN G 106 1.86 -5.85 62.88
C ASN G 106 1.73 -7.31 62.46
N ASN G 107 2.05 -8.23 63.40
CA ASN G 107 2.06 -9.70 63.25
C ASN G 107 2.97 -10.19 62.10
N ILE G 108 4.20 -9.65 62.07
CA ILE G 108 5.23 -10.01 61.09
C ILE G 108 6.09 -11.15 61.61
N THR G 109 6.41 -12.08 60.75
CA THR G 109 7.32 -13.12 61.17
C THR G 109 8.75 -12.59 61.13
N ASP G 110 9.69 -13.37 61.62
CA ASP G 110 11.08 -12.92 61.67
C ASP G 110 11.69 -12.64 60.31
N ASP G 111 11.25 -13.38 59.34
CA ASP G 111 11.77 -13.29 57.99
C ASP G 111 11.20 -12.09 57.23
N MET G 112 10.28 -11.38 57.85
CA MET G 112 9.68 -10.19 57.28
C MET G 112 10.06 -8.93 58.03
N ARG G 113 11.04 -9.02 58.94
CA ARG G 113 11.35 -7.83 59.68
C ARG G 113 12.09 -6.86 58.79
N GLY G 114 11.56 -5.66 58.73
CA GLY G 114 12.13 -4.60 57.92
C GLY G 114 11.74 -4.69 56.45
N GLU G 115 10.93 -5.69 56.07
CA GLU G 115 10.58 -5.87 54.68
C GLU G 115 9.54 -4.85 54.21
N LEU G 116 8.65 -4.44 55.10
CA LEU G 116 7.61 -3.50 54.71
C LEU G 116 7.72 -2.19 55.45
N LYS G 117 7.54 -1.12 54.68
CA LYS G 117 7.57 0.21 55.23
C LYS G 117 6.20 0.85 55.07
N ASN G 118 5.72 1.52 56.14
CA ASN G 118 4.46 2.24 56.18
C ASN G 118 4.73 3.74 56.01
N CYS G 119 4.48 4.28 54.79
CA CYS G 119 4.86 5.64 54.41
C CYS G 119 3.70 6.61 54.20
N SER G 120 3.79 7.77 54.83
CA SER G 120 2.79 8.80 54.66
C SER G 120 3.39 9.97 53.93
N PHE G 121 2.58 10.67 53.17
CA PHE G 121 3.06 11.79 52.39
C PHE G 121 1.96 12.78 51.99
N ASN G 122 2.36 13.98 51.53
CA ASN G 122 1.47 15.04 51.03
C ASN G 122 1.34 14.93 49.51
N MET G 123 0.18 14.44 49.05
CA MET G 123 -0.18 14.15 47.67
C MET G 123 -1.03 15.28 47.12
N THR G 124 -0.99 15.45 45.80
CA THR G 124 -1.82 16.43 45.13
C THR G 124 -3.25 15.94 45.11
N THR G 125 -4.17 16.81 44.78
CA THR G 125 -5.59 16.49 44.72
C THR G 125 -6.22 16.86 43.38
N GLU G 126 -7.45 16.42 43.18
CA GLU G 126 -8.22 16.69 41.97
C GLU G 126 -8.56 18.15 41.77
N LEU G 127 -8.64 18.92 42.85
CA LEU G 127 -8.93 20.34 42.78
C LEU G 127 -7.61 21.02 43.13
N ARG G 128 -7.11 21.85 42.22
CA ARG G 128 -5.76 22.36 42.32
C ARG G 128 -5.50 23.56 43.22
N ASP G 129 -5.82 23.40 44.49
CA ASP G 129 -5.50 24.39 45.49
C ASP G 129 -5.48 23.67 46.81
N LYS G 130 -5.69 22.35 46.73
CA LYS G 130 -5.70 21.50 47.93
C LYS G 130 -4.57 20.47 47.92
N LYS G 131 -4.28 19.96 49.09
CA LYS G 131 -3.33 18.87 49.32
C LYS G 131 -3.98 17.86 50.24
N GLN G 132 -3.56 16.61 50.18
CA GLN G 132 -4.10 15.61 51.08
C GLN G 132 -3.01 14.76 51.71
N LYS G 133 -3.25 14.32 52.94
CA LYS G 133 -2.32 13.41 53.58
C LYS G 133 -2.80 12.00 53.41
N VAL G 134 -1.98 11.20 52.76
CA VAL G 134 -2.32 9.82 52.46
C VAL G 134 -1.19 8.91 52.85
N TYR G 135 -1.45 7.61 52.91
CA TYR G 135 -0.36 6.69 53.16
C TYR G 135 -0.54 5.40 52.37
N SER G 136 0.58 4.71 52.16
CA SER G 136 0.64 3.43 51.46
C SER G 136 1.78 2.58 51.96
N LEU G 137 1.60 1.27 51.90
CA LEU G 137 2.72 0.43 52.26
C LEU G 137 3.59 0.25 51.03
N PHE G 138 4.89 0.14 51.25
CA PHE G 138 5.89 -0.11 50.23
C PHE G 138 6.83 -1.23 50.63
N TYR G 139 7.37 -1.91 49.65
CA TYR G 139 8.36 -2.92 49.94
C TYR G 139 9.69 -2.24 50.10
N ARG G 140 10.55 -2.77 50.95
CA ARG G 140 11.86 -2.19 51.15
C ARG G 140 12.63 -1.96 49.86
N LEU G 141 12.48 -2.85 48.90
CA LEU G 141 13.23 -2.78 47.66
C LEU G 141 12.79 -1.67 46.73
N ASP G 142 11.68 -1.01 47.03
CA ASP G 142 11.18 0.08 46.21
C ASP G 142 11.56 1.47 46.73
N VAL G 143 12.20 1.56 47.90
CA VAL G 143 12.50 2.90 48.44
C VAL G 143 13.96 3.13 48.81
N VAL G 144 14.33 4.40 48.90
CA VAL G 144 15.66 4.83 49.26
C VAL G 144 15.66 5.70 50.49
N GLN G 145 16.47 5.36 51.47
CA GLN G 145 16.54 6.20 52.64
C GLN G 145 17.40 7.38 52.31
N ILE G 146 16.98 8.56 52.71
CA ILE G 146 17.74 9.77 52.43
C ILE G 146 18.06 10.51 53.72
N ASN G 147 19.03 11.46 53.69
CA ASN G 147 19.45 12.32 54.81
C ASN G 147 19.82 11.49 56.05
N LYS G 159 13.93 8.56 59.11
CA LYS G 159 12.57 8.22 58.65
C LYS G 159 12.16 8.83 57.28
N GLU G 160 13.06 9.60 56.62
CA GLU G 160 12.79 10.20 55.30
C GLU G 160 13.24 9.28 54.18
N TYR G 161 12.32 9.03 53.27
CA TYR G 161 12.52 8.16 52.11
C TYR G 161 12.01 8.75 50.82
N ARG G 162 12.53 8.24 49.72
CA ARG G 162 12.00 8.61 48.41
C ARG G 162 11.86 7.35 47.59
N LEU G 163 11.10 7.41 46.51
CA LEU G 163 11.03 6.23 45.65
C LEU G 163 12.35 6.13 44.94
N ILE G 164 12.75 4.90 44.59
CA ILE G 164 14.03 4.76 43.91
C ILE G 164 14.11 5.49 42.59
N ASN G 165 13.09 5.37 41.78
CA ASN G 165 13.18 6.02 40.49
C ASN G 165 12.73 7.48 40.50
N CYS G 166 13.62 8.34 41.03
CA CYS G 166 13.50 9.80 41.14
C CYS G 166 14.68 10.46 40.46
N ASN G 167 15.86 9.88 40.60
CA ASN G 167 17.04 10.49 40.01
C ASN G 167 17.02 10.42 38.47
N THR G 168 16.46 9.32 37.89
CA THR G 168 16.51 9.04 36.46
C THR G 168 15.25 9.06 35.65
N SER G 169 14.07 8.90 36.24
CA SER G 169 12.91 8.78 35.38
C SER G 169 11.60 8.99 36.05
N ALA G 170 10.59 9.25 35.24
CA ALA G 170 9.24 9.25 35.74
C ALA G 170 8.83 7.80 35.87
N ILE G 171 7.88 7.52 36.75
CA ILE G 171 7.40 6.16 36.90
C ILE G 171 5.97 6.12 36.42
N THR G 172 5.66 5.25 35.49
CA THR G 172 4.28 5.16 35.04
C THR G 172 3.62 4.08 35.84
N GLN G 173 2.37 3.83 35.58
CA GLN G 173 1.66 2.83 36.36
C GLN G 173 1.00 1.92 35.41
N ALA G 174 1.13 0.65 35.61
CA ALA G 174 0.43 -0.19 34.67
C ALA G 174 -1.04 0.08 34.87
N CYS G 175 -1.82 0.13 33.78
CA CYS G 175 -3.26 0.32 33.80
C CYS G 175 -3.85 -0.95 34.45
N PRO G 176 -4.74 -0.82 35.43
CA PRO G 176 -5.27 -1.91 36.24
C PRO G 176 -6.06 -2.96 35.46
N LYS G 177 -6.54 -2.62 34.27
CA LYS G 177 -7.28 -3.59 33.49
C LYS G 177 -6.44 -4.29 32.45
N VAL G 178 -5.19 -3.90 32.28
CA VAL G 178 -4.40 -4.50 31.23
C VAL G 178 -3.75 -5.75 31.75
N SER G 179 -3.97 -6.85 31.05
CA SER G 179 -3.42 -8.09 31.52
C SER G 179 -2.30 -8.63 30.68
N PHE G 180 -1.14 -8.70 31.27
CA PHE G 180 0.04 -9.16 30.56
C PHE G 180 0.23 -10.64 30.79
N GLU G 181 -0.81 -11.40 30.46
CA GLU G 181 -0.79 -12.84 30.63
C GLU G 181 -0.24 -13.46 29.35
N PRO G 182 0.78 -14.30 29.40
CA PRO G 182 1.45 -14.88 28.26
C PRO G 182 0.70 -16.02 27.58
N ILE G 183 -0.41 -15.71 26.97
CA ILE G 183 -1.20 -16.69 26.24
C ILE G 183 -0.36 -17.01 25.00
N PRO G 184 -0.43 -18.20 24.43
CA PRO G 184 0.37 -18.57 23.29
C PRO G 184 0.03 -17.78 22.07
N ILE G 185 1.05 -17.49 21.28
CA ILE G 185 0.91 -16.81 20.01
C ILE G 185 1.63 -17.61 18.95
N HIS G 186 1.33 -17.37 17.70
CA HIS G 186 2.00 -18.09 16.63
C HIS G 186 2.61 -17.10 15.67
N TYR G 187 3.81 -17.37 15.17
CA TYR G 187 4.34 -16.47 14.14
C TYR G 187 4.01 -17.08 12.80
N CYS G 188 3.56 -16.26 11.83
CA CYS G 188 3.10 -16.68 10.51
C CYS G 188 3.81 -15.89 9.42
N ALA G 189 4.18 -16.59 8.34
CA ALA G 189 4.87 -15.93 7.23
C ALA G 189 3.94 -15.13 6.33
N PRO G 190 4.38 -13.99 5.79
CA PRO G 190 3.69 -13.17 4.82
C PRO G 190 3.74 -13.87 3.48
N ALA G 191 2.85 -13.52 2.56
CA ALA G 191 2.88 -14.17 1.27
C ALA G 191 4.20 -13.98 0.59
N GLY G 192 4.67 -15.04 -0.06
CA GLY G 192 5.93 -15.03 -0.79
C GLY G 192 7.06 -15.62 0.04
N PHE G 193 6.80 -15.83 1.32
CA PHE G 193 7.76 -16.40 2.26
C PHE G 193 7.24 -17.67 2.87
N ALA G 194 8.14 -18.46 3.40
CA ALA G 194 7.73 -19.67 4.07
C ALA G 194 8.57 -19.95 5.27
N ILE G 195 8.00 -20.65 6.23
CA ILE G 195 8.74 -21.06 7.40
C ILE G 195 9.05 -22.53 7.32
N LEU G 196 10.31 -22.86 7.44
CA LEU G 196 10.72 -24.24 7.40
C LEU G 196 10.97 -24.70 8.80
N LYS G 197 10.51 -25.89 9.12
CA LYS G 197 10.69 -26.45 10.44
C LYS G 197 11.60 -27.68 10.40
N CYS G 198 12.55 -27.77 11.36
CA CYS G 198 13.43 -28.92 11.54
C CYS G 198 12.77 -29.91 12.49
N LYS G 199 12.51 -31.10 12.00
CA LYS G 199 11.84 -32.11 12.78
C LYS G 199 12.71 -33.13 13.46
N ASP G 200 14.00 -33.17 13.18
CA ASP G 200 14.74 -34.22 13.85
C ASP G 200 14.70 -34.10 15.33
N LYS G 201 14.57 -35.24 15.95
CA LYS G 201 14.63 -35.29 17.37
C LYS G 201 16.10 -35.27 17.64
N LYS G 202 16.50 -34.70 18.75
CA LYS G 202 17.90 -34.56 19.11
C LYS G 202 18.67 -33.67 18.16
N PHE G 203 18.04 -32.59 17.72
CA PHE G 203 18.68 -31.57 16.93
C PHE G 203 19.30 -30.57 17.90
N ASN G 204 20.61 -30.26 17.75
CA ASN G 204 21.38 -29.42 18.68
C ASN G 204 21.41 -27.92 18.36
N GLY G 205 20.61 -27.45 17.39
CA GLY G 205 20.50 -26.04 16.98
C GLY G 205 21.28 -25.66 15.74
N THR G 206 22.24 -26.47 15.31
CA THR G 206 22.96 -26.06 14.11
C THR G 206 23.16 -27.17 13.09
N GLY G 207 23.38 -26.76 11.85
CA GLY G 207 23.81 -27.71 10.83
C GLY G 207 22.72 -28.31 9.95
N PRO G 208 23.09 -29.35 9.18
CA PRO G 208 22.36 -29.98 8.11
C PRO G 208 21.23 -30.89 8.55
N CYS G 209 20.08 -30.31 8.92
CA CYS G 209 18.91 -31.04 9.38
C CYS G 209 18.25 -31.77 8.18
N PRO G 210 18.21 -33.12 8.17
CA PRO G 210 17.69 -33.98 7.12
C PRO G 210 16.18 -34.20 7.09
N SER G 211 15.45 -33.63 8.03
CA SER G 211 14.02 -33.86 8.07
C SER G 211 13.34 -32.53 8.24
N VAL G 212 12.84 -32.00 7.15
CA VAL G 212 12.29 -30.66 7.13
C VAL G 212 10.87 -30.66 6.60
N SER G 213 10.03 -29.82 7.18
CA SER G 213 8.67 -29.65 6.71
C SER G 213 8.32 -28.19 6.64
N THR G 214 7.37 -27.80 5.81
CA THR G 214 7.02 -26.39 5.84
C THR G 214 5.86 -26.23 6.74
N VAL G 215 5.69 -25.04 7.26
CA VAL G 215 4.51 -24.76 8.04
C VAL G 215 3.90 -23.47 7.62
N GLN G 216 2.65 -23.27 7.93
CA GLN G 216 2.06 -21.95 7.72
C GLN G 216 2.49 -20.94 8.81
N CYS G 217 2.61 -21.44 10.07
CA CYS G 217 2.89 -20.70 11.27
C CYS G 217 3.65 -21.62 12.23
N THR G 218 4.26 -21.03 13.25
CA THR G 218 4.97 -21.76 14.29
C THR G 218 3.98 -22.34 15.26
N HIS G 219 4.45 -23.19 16.16
CA HIS G 219 3.58 -23.73 17.18
C HIS G 219 3.27 -22.60 18.11
N GLY G 220 2.34 -22.81 19.05
CA GLY G 220 2.05 -21.72 19.95
C GLY G 220 3.20 -21.56 20.92
N ILE G 221 3.63 -20.34 21.09
CA ILE G 221 4.69 -19.98 21.99
C ILE G 221 4.22 -19.02 23.03
N LYS G 222 4.43 -19.33 24.29
CA LYS G 222 4.02 -18.42 25.33
C LYS G 222 5.17 -17.48 25.61
N PRO G 223 5.01 -16.16 25.48
CA PRO G 223 6.05 -15.17 25.67
C PRO G 223 6.28 -14.91 27.13
N VAL G 224 6.73 -15.94 27.84
CA VAL G 224 6.98 -15.86 29.27
C VAL G 224 8.33 -15.26 29.50
N VAL G 225 8.40 -14.30 30.40
CA VAL G 225 9.67 -13.67 30.67
C VAL G 225 10.20 -14.05 32.03
N SER G 226 11.40 -14.59 32.05
CA SER G 226 12.04 -15.02 33.27
C SER G 226 13.55 -15.08 33.12
N THR G 227 14.21 -15.25 34.24
CA THR G 227 15.66 -15.47 34.28
C THR G 227 15.93 -16.83 34.87
N GLN G 228 17.10 -17.40 34.64
CA GLN G 228 17.55 -18.67 35.24
C GLN G 228 16.75 -19.93 34.89
N LEU G 229 15.49 -19.96 35.25
CA LEU G 229 14.61 -21.08 34.96
C LEU G 229 13.56 -20.65 33.97
N LEU G 230 13.52 -21.38 32.88
CA LEU G 230 12.58 -21.16 31.81
C LEU G 230 11.30 -21.81 32.20
N LEU G 231 10.22 -21.06 32.17
CA LEU G 231 8.93 -21.60 32.56
C LEU G 231 7.98 -21.69 31.37
N ASN G 232 7.11 -22.72 31.41
CA ASN G 232 5.98 -23.02 30.52
C ASN G 232 6.33 -23.12 29.02
N GLY G 233 7.50 -23.66 28.66
CA GLY G 233 7.93 -23.84 27.27
C GLY G 233 7.61 -25.24 26.82
N SER G 234 8.15 -25.63 25.70
CA SER G 234 7.92 -26.96 25.20
C SER G 234 8.95 -27.89 25.80
N LEU G 235 8.68 -29.17 25.76
CA LEU G 235 9.61 -30.17 26.25
C LEU G 235 10.30 -30.90 25.16
N ALA G 236 11.49 -31.39 25.46
CA ALA G 236 12.26 -32.17 24.53
C ALA G 236 11.54 -33.47 24.26
N GLU G 237 11.64 -33.97 23.04
CA GLU G 237 10.95 -35.18 22.64
C GLU G 237 11.44 -36.48 23.28
N GLU G 238 12.75 -36.62 23.46
CA GLU G 238 13.27 -37.88 23.99
C GLU G 238 14.22 -37.75 25.18
N GLU G 239 15.26 -36.94 25.02
CA GLU G 239 16.31 -36.81 26.03
C GLU G 239 16.55 -35.36 26.32
N VAL G 240 17.11 -35.09 27.49
CA VAL G 240 17.39 -33.71 27.81
C VAL G 240 18.39 -33.19 26.82
N MET G 241 18.10 -32.04 26.27
CA MET G 241 18.99 -31.47 25.28
C MET G 241 19.82 -30.36 25.80
N ILE G 242 21.08 -30.37 25.45
CA ILE G 242 21.95 -29.29 25.83
C ILE G 242 22.45 -28.60 24.61
N ARG G 243 22.14 -27.32 24.50
CA ARG G 243 22.51 -26.57 23.33
C ARG G 243 23.27 -25.32 23.70
N SER G 244 24.26 -24.98 22.93
CA SER G 244 25.00 -23.75 23.16
C SER G 244 25.60 -23.30 21.87
N GLU G 245 25.95 -22.03 21.75
CA GLU G 245 26.64 -21.60 20.53
C GLU G 245 28.00 -22.29 20.36
N ASN G 246 28.73 -22.45 21.49
CA ASN G 246 30.03 -23.09 21.61
C ASN G 246 30.17 -23.59 23.06
N ILE G 247 30.06 -24.91 23.27
CA ILE G 247 30.03 -25.54 24.60
C ILE G 247 31.32 -25.38 25.38
N THR G 248 32.46 -25.17 24.72
CA THR G 248 33.69 -25.07 25.45
C THR G 248 34.03 -23.64 25.82
N ASN G 249 33.24 -22.69 25.36
CA ASN G 249 33.54 -21.29 25.61
C ASN G 249 32.73 -20.79 26.80
N ASN G 250 33.36 -20.63 27.97
CA ASN G 250 32.65 -20.25 29.20
C ASN G 250 32.37 -18.77 29.22
N ALA G 251 31.56 -18.35 28.29
CA ALA G 251 31.19 -16.99 28.09
C ALA G 251 29.83 -17.04 27.48
N LYS G 252 29.55 -18.18 26.86
CA LYS G 252 28.29 -18.39 26.19
C LYS G 252 27.38 -19.09 27.16
N ASN G 253 26.08 -18.91 27.01
CA ASN G 253 25.16 -19.61 27.88
C ASN G 253 24.81 -20.95 27.32
N ILE G 254 24.45 -21.86 28.21
CA ILE G 254 24.00 -23.18 27.85
C ILE G 254 22.51 -23.28 28.08
N LEU G 255 21.77 -23.64 27.07
CA LEU G 255 20.34 -23.75 27.23
C LEU G 255 19.99 -25.21 27.37
N VAL G 256 19.40 -25.56 28.48
CA VAL G 256 19.08 -26.95 28.75
C VAL G 256 17.59 -27.19 28.68
N GLN G 257 17.16 -28.06 27.79
CA GLN G 257 15.73 -28.32 27.64
C GLN G 257 15.35 -29.65 28.25
N PHE G 258 14.45 -29.62 29.21
CA PHE G 258 14.06 -30.84 29.89
C PHE G 258 13.13 -31.66 29.03
N ASN G 259 13.16 -32.98 29.19
CA ASN G 259 12.26 -33.90 28.49
C ASN G 259 11.09 -34.35 29.37
N THR G 260 10.91 -33.65 30.47
CA THR G 260 9.86 -33.89 31.44
C THR G 260 9.80 -32.62 32.29
N PRO G 261 8.65 -32.10 32.68
CA PRO G 261 8.54 -30.87 33.46
C PRO G 261 8.87 -31.06 34.92
N VAL G 262 9.29 -30.00 35.57
CA VAL G 262 9.41 -30.02 37.02
C VAL G 262 8.35 -29.06 37.52
N GLN G 263 7.44 -29.51 38.36
CA GLN G 263 6.41 -28.58 38.76
C GLN G 263 6.83 -27.72 39.92
N ILE G 264 6.59 -26.42 39.78
CA ILE G 264 6.90 -25.45 40.82
C ILE G 264 5.63 -24.65 41.23
N ASN G 265 5.32 -24.62 42.54
CA ASN G 265 4.16 -23.93 43.15
C ASN G 265 4.60 -22.65 43.86
N CYS G 266 4.25 -21.46 43.30
CA CYS G 266 4.66 -20.17 43.85
C CYS G 266 3.49 -19.43 44.45
N THR G 267 3.75 -18.79 45.57
CA THR G 267 2.71 -18.03 46.20
C THR G 267 3.13 -16.77 46.86
N ARG G 268 2.17 -15.87 46.94
CA ARG G 268 2.33 -14.66 47.69
C ARG G 268 1.18 -14.69 48.72
N PRO G 269 1.48 -14.96 50.00
CA PRO G 269 0.57 -15.05 51.12
C PRO G 269 0.27 -13.63 51.49
N ASN G 270 -0.48 -13.40 52.58
CA ASN G 270 -0.79 -12.04 53.04
C ASN G 270 -2.00 -11.59 52.22
N ASN G 271 -3.19 -11.41 52.86
CA ASN G 271 -4.46 -11.18 52.16
C ASN G 271 -4.47 -9.89 51.30
N ASN G 272 -3.71 -8.81 51.67
CA ASN G 272 -3.59 -7.54 50.91
C ASN G 272 -4.86 -6.85 50.41
N THR G 273 -4.95 -5.56 50.63
CA THR G 273 -6.11 -4.85 50.13
C THR G 273 -5.65 -3.72 49.24
N ARG G 274 -6.57 -3.11 48.51
CA ARG G 274 -6.18 -2.02 47.64
C ARG G 274 -7.11 -0.86 47.73
N LYS G 275 -6.56 0.32 47.65
CA LYS G 275 -7.36 1.51 47.66
C LYS G 275 -6.88 2.47 46.61
N SER G 276 -7.80 3.24 46.06
CA SER G 276 -7.38 4.18 45.06
C SER G 276 -7.44 5.58 45.61
N ILE G 277 -6.52 6.40 45.14
CA ILE G 277 -6.45 7.78 45.55
C ILE G 277 -6.49 8.70 44.34
N ARG G 278 -7.35 9.73 44.35
CA ARG G 278 -7.25 10.62 43.20
C ARG G 278 -6.00 11.45 43.36
N ILE G 279 -5.21 11.53 42.29
CA ILE G 279 -4.03 12.37 42.32
C ILE G 279 -4.31 13.59 41.45
N GLY G 280 -5.36 13.47 40.63
CA GLY G 280 -5.76 14.54 39.76
C GLY G 280 -7.15 14.27 39.17
N PRO G 281 -7.60 15.05 38.19
CA PRO G 281 -8.93 15.01 37.62
C PRO G 281 -9.18 13.78 36.77
N GLY G 282 -9.52 12.68 37.44
CA GLY G 282 -9.71 11.38 36.80
C GLY G 282 -8.43 10.59 36.75
N GLN G 283 -7.43 11.07 37.47
CA GLN G 283 -6.14 10.43 37.52
C GLN G 283 -6.00 9.67 38.81
N TRP G 284 -5.87 8.35 38.74
CA TRP G 284 -5.82 7.57 39.98
C TRP G 284 -4.54 6.79 40.22
N PHE G 285 -4.14 6.76 41.48
CA PHE G 285 -3.01 5.99 41.96
C PHE G 285 -3.48 4.83 42.81
N TYR G 286 -2.88 3.67 42.61
CA TYR G 286 -3.26 2.55 43.44
C TYR G 286 -2.28 2.26 44.55
N ALA G 287 -2.78 2.38 45.76
CA ALA G 287 -2.00 2.23 46.97
C ALA G 287 -2.21 0.86 47.59
N THR G 288 -1.23 0.44 48.36
CA THR G 288 -1.35 -0.82 49.09
C THR G 288 -1.85 -0.52 50.49
N GLY G 289 -2.98 -1.11 50.86
CA GLY G 289 -3.53 -0.82 52.18
C GLY G 289 -3.08 -1.84 53.20
N ASP G 290 -3.62 -1.77 54.39
CA ASP G 290 -3.20 -2.68 55.43
C ASP G 290 -3.43 -4.13 55.08
N ILE G 291 -2.50 -4.97 55.46
CA ILE G 291 -2.61 -6.38 55.20
C ILE G 291 -3.52 -7.05 56.19
N ILE G 292 -4.47 -7.79 55.68
CA ILE G 292 -5.39 -8.55 56.49
C ILE G 292 -4.74 -9.91 56.76
N GLY G 293 -4.75 -10.32 58.02
CA GLY G 293 -4.13 -11.57 58.41
C GLY G 293 -2.69 -11.28 58.81
N ASP G 294 -1.85 -12.30 58.88
CA ASP G 294 -0.49 -12.03 59.33
C ASP G 294 0.42 -11.75 58.14
N ILE G 295 1.70 -11.47 58.42
CA ILE G 295 2.64 -11.16 57.37
C ILE G 295 3.81 -12.14 57.30
N ARG G 296 3.92 -12.84 56.18
CA ARG G 296 4.94 -13.85 55.93
C ARG G 296 5.55 -13.74 54.53
N GLN G 297 6.68 -14.42 54.28
CA GLN G 297 7.32 -14.33 52.96
C GLN G 297 6.68 -15.12 51.84
N ALA G 298 6.84 -14.56 50.64
CA ALA G 298 6.49 -15.21 49.40
C ALA G 298 7.47 -16.34 49.23
N HIS G 299 7.05 -17.40 48.60
CA HIS G 299 7.96 -18.52 48.39
C HIS G 299 7.50 -19.43 47.25
N CYS G 300 8.41 -20.31 46.75
CA CYS G 300 8.12 -21.34 45.73
C CYS G 300 8.54 -22.73 46.22
N ASN G 301 7.70 -23.71 45.92
CA ASN G 301 7.92 -25.11 46.28
C ASN G 301 8.22 -26.00 45.07
N VAL G 302 9.40 -26.65 45.08
CA VAL G 302 9.88 -27.58 44.04
C VAL G 302 10.03 -28.97 44.65
N SER G 303 9.40 -29.99 44.07
CA SER G 303 9.52 -31.34 44.65
C SER G 303 10.97 -31.73 44.73
N LYS G 304 11.41 -32.29 45.86
CA LYS G 304 12.82 -32.61 45.99
C LYS G 304 13.24 -33.78 45.18
N ALA G 305 12.41 -34.81 45.13
CA ALA G 305 12.82 -35.96 44.35
C ALA G 305 12.92 -35.62 42.88
N THR G 306 12.00 -34.78 42.41
CA THR G 306 12.00 -34.43 41.01
C THR G 306 13.21 -33.58 40.71
N TRP G 307 13.51 -32.60 41.58
CA TRP G 307 14.71 -31.80 41.35
C TRP G 307 15.93 -32.51 41.97
N ASN G 308 16.22 -33.66 41.40
CA ASN G 308 17.27 -34.61 41.67
C ASN G 308 17.35 -35.48 40.43
N GLU G 309 16.22 -36.19 40.09
CA GLU G 309 16.10 -37.02 38.91
C GLU G 309 16.39 -36.21 37.64
N THR G 310 15.90 -34.98 37.58
CA THR G 310 16.15 -34.18 36.40
C THR G 310 17.55 -33.61 36.38
N LEU G 311 18.27 -33.56 37.51
CA LEU G 311 19.62 -33.08 37.39
C LEU G 311 20.45 -34.26 37.01
N GLY G 312 20.04 -35.45 37.42
CA GLY G 312 20.78 -36.62 37.02
C GLY G 312 20.78 -36.70 35.50
N LYS G 313 19.64 -36.35 34.89
CA LYS G 313 19.57 -36.33 33.44
C LYS G 313 20.44 -35.25 32.83
N VAL G 314 20.46 -34.05 33.43
CA VAL G 314 21.28 -32.98 32.87
C VAL G 314 22.74 -33.35 32.95
N VAL G 315 23.16 -33.91 34.06
CA VAL G 315 24.55 -34.29 34.22
C VAL G 315 24.93 -35.37 33.26
N LYS G 316 24.08 -36.38 33.11
CA LYS G 316 24.39 -37.45 32.18
C LYS G 316 24.70 -36.89 30.80
N GLN G 317 23.92 -35.89 30.36
CA GLN G 317 24.14 -35.28 29.07
C GLN G 317 25.35 -34.34 29.05
N LEU G 318 25.64 -33.63 30.14
CA LEU G 318 26.81 -32.75 30.17
C LEU G 318 28.08 -33.55 30.02
N ARG G 319 28.11 -34.74 30.56
CA ARG G 319 29.30 -35.57 30.48
C ARG G 319 29.71 -35.85 29.03
N LYS G 320 28.76 -35.80 28.10
CA LYS G 320 29.08 -36.08 26.71
C LYS G 320 29.98 -35.01 26.11
N HIS G 321 30.01 -33.84 26.72
CA HIS G 321 30.80 -32.74 26.23
C HIS G 321 32.00 -32.46 27.12
N PHE G 322 31.89 -32.80 28.41
CA PHE G 322 32.96 -32.47 29.35
C PHE G 322 33.80 -33.62 29.85
N GLY G 323 33.45 -34.86 29.53
CA GLY G 323 34.22 -36.02 29.96
C GLY G 323 33.42 -36.86 30.93
N ASN G 324 33.49 -38.17 30.79
CA ASN G 324 32.71 -39.04 31.64
C ASN G 324 33.42 -39.41 32.93
N ASN G 325 34.55 -38.77 33.15
CA ASN G 325 35.31 -38.92 34.35
C ASN G 325 35.48 -37.56 35.03
N THR G 326 34.68 -36.59 34.58
CA THR G 326 34.72 -35.22 35.10
C THR G 326 33.71 -35.06 36.21
N ILE G 327 34.09 -34.35 37.26
CA ILE G 327 33.11 -34.08 38.31
C ILE G 327 32.29 -32.88 37.97
N ILE G 328 31.00 -33.02 38.02
CA ILE G 328 30.13 -31.91 37.70
C ILE G 328 29.40 -31.43 38.91
N ARG G 329 29.57 -30.17 39.22
CA ARG G 329 28.90 -29.63 40.38
C ARG G 329 28.08 -28.43 40.01
N PHE G 330 27.01 -28.25 40.75
CA PHE G 330 26.17 -27.10 40.59
C PHE G 330 26.36 -26.21 41.79
N ALA G 331 26.31 -24.94 41.52
CA ALA G 331 26.47 -23.92 42.53
C ALA G 331 25.53 -22.78 42.21
N ASN G 332 25.21 -21.93 43.21
CA ASN G 332 24.29 -20.81 43.09
C ASN G 332 24.95 -19.59 42.44
N SER G 333 24.12 -18.67 41.90
CA SER G 333 24.55 -17.42 41.27
C SER G 333 25.21 -16.48 42.23
N SER G 334 26.19 -15.78 41.75
CA SER G 334 26.90 -14.81 42.55
C SER G 334 27.11 -13.58 41.72
N GLY G 335 26.75 -12.43 42.27
CA GLY G 335 26.88 -11.18 41.55
C GLY G 335 26.50 -10.04 42.46
N GLY G 336 26.56 -8.82 41.95
CA GLY G 336 26.29 -7.63 42.75
C GLY G 336 24.88 -7.05 42.64
N ASP G 337 23.98 -7.75 41.99
CA ASP G 337 22.64 -7.21 41.79
C ASP G 337 21.59 -8.21 42.20
N LEU G 338 20.33 -7.85 42.08
CA LEU G 338 19.24 -8.74 42.38
C LEU G 338 18.92 -9.42 41.08
N GLU G 339 19.04 -8.67 40.01
CA GLU G 339 18.61 -9.16 38.71
C GLU G 339 19.54 -10.19 38.12
N VAL G 340 20.69 -10.41 38.75
CA VAL G 340 21.60 -11.42 38.26
C VAL G 340 21.69 -12.59 39.23
N THR G 341 21.03 -12.51 40.39
CA THR G 341 21.12 -13.61 41.32
C THR G 341 19.82 -14.34 41.51
N THR G 342 18.70 -13.70 41.21
CA THR G 342 17.42 -14.34 41.42
C THR G 342 16.70 -14.79 40.18
N HIS G 343 15.68 -15.58 40.45
CA HIS G 343 14.74 -16.09 39.48
C HIS G 343 13.63 -15.11 39.37
N SER G 344 13.66 -14.33 38.33
CA SER G 344 12.68 -13.31 38.14
C SER G 344 11.56 -13.84 37.32
N PHE G 345 10.34 -13.55 37.74
CA PHE G 345 9.17 -13.88 36.94
C PHE G 345 7.96 -13.08 37.35
N ASN G 346 7.00 -12.97 36.48
CA ASN G 346 5.73 -12.39 36.87
C ASN G 346 4.81 -13.56 37.16
N CYS G 347 4.04 -13.51 38.27
CA CYS G 347 3.13 -14.57 38.70
C CYS G 347 1.70 -14.13 38.39
N GLY G 348 0.87 -13.96 39.41
CA GLY G 348 -0.49 -13.53 39.18
C GLY G 348 -0.57 -12.01 39.09
N GLY G 349 0.27 -11.44 38.26
CA GLY G 349 0.42 -10.02 38.00
C GLY G 349 1.54 -9.33 38.79
N GLU G 350 2.04 -9.94 39.87
CA GLU G 350 3.10 -9.31 40.65
C GLU G 350 4.46 -9.89 40.30
N PHE G 351 5.48 -9.07 40.48
CA PHE G 351 6.86 -9.45 40.16
C PHE G 351 7.64 -10.05 41.31
N PHE G 352 8.10 -11.28 41.08
CA PHE G 352 8.84 -12.09 42.03
C PHE G 352 10.31 -12.18 41.69
N TYR G 353 11.14 -12.16 42.72
CA TYR G 353 12.58 -12.33 42.66
C TYR G 353 13.00 -13.41 43.66
N CYS G 354 12.97 -14.71 43.25
CA CYS G 354 13.14 -15.86 44.14
C CYS G 354 14.58 -16.35 44.20
N ASN G 355 14.95 -16.83 45.37
CA ASN G 355 16.28 -17.34 45.66
C ASN G 355 16.36 -18.86 45.37
N THR G 356 17.14 -19.23 44.33
CA THR G 356 17.32 -20.57 43.78
C THR G 356 18.56 -21.28 44.28
N SER G 357 19.19 -20.74 45.33
CA SER G 357 20.38 -21.39 45.85
C SER G 357 20.06 -22.71 46.48
N GLY G 358 18.80 -22.93 46.78
CA GLY G 358 18.34 -24.18 47.35
C GLY G 358 18.18 -25.26 46.27
N LEU G 359 18.30 -24.87 45.00
CA LEU G 359 18.16 -25.82 43.91
C LEU G 359 19.52 -26.18 43.33
N PHE G 360 20.33 -25.17 43.10
CA PHE G 360 21.64 -25.40 42.48
C PHE G 360 22.75 -25.59 43.50
N ASN G 361 22.66 -26.70 44.25
CA ASN G 361 23.59 -27.05 45.33
C ASN G 361 23.81 -28.58 45.40
N SER G 362 24.74 -29.12 44.56
CA SER G 362 25.02 -30.58 44.50
C SER G 362 26.34 -30.88 43.80
N THR G 363 26.90 -32.07 44.08
CA THR G 363 28.08 -32.54 43.34
C THR G 363 27.86 -33.96 42.83
N TRP G 364 28.11 -34.17 41.54
CA TRP G 364 27.92 -35.44 40.89
C TRP G 364 29.26 -36.08 40.50
N ILE G 365 29.58 -37.20 41.14
CA ILE G 365 30.91 -37.82 40.92
C ILE G 365 31.00 -39.16 40.14
N SER G 366 29.85 -39.84 39.82
CA SER G 366 29.78 -41.14 39.14
C SER G 366 30.66 -42.21 39.81
N ASP G 380 9.31 -35.19 50.09
CA ASP G 380 9.38 -33.84 50.63
C ASP G 380 9.67 -32.83 49.48
N SER G 381 9.85 -31.53 49.82
CA SER G 381 10.05 -30.43 48.89
C SER G 381 11.06 -29.41 49.35
N ILE G 382 11.55 -28.67 48.38
CA ILE G 382 12.50 -27.61 48.57
C ILE G 382 11.78 -26.30 48.59
N THR G 383 11.97 -25.51 49.64
CA THR G 383 11.30 -24.21 49.69
C THR G 383 12.28 -23.12 49.35
N LEU G 384 11.91 -22.32 48.39
CA LEU G 384 12.71 -21.22 47.93
C LEU G 384 12.11 -19.94 48.47
N PRO G 385 12.78 -19.17 49.34
CA PRO G 385 12.27 -17.96 49.90
C PRO G 385 12.25 -17.02 48.74
N CYS G 386 11.32 -16.04 48.70
CA CYS G 386 11.20 -15.12 47.58
C CYS G 386 10.79 -13.72 48.01
N ARG G 387 11.36 -12.72 47.34
CA ARG G 387 11.05 -11.32 47.61
C ARG G 387 10.27 -10.76 46.44
N ILE G 388 9.50 -9.69 46.65
CA ILE G 388 8.77 -9.11 45.52
C ILE G 388 9.02 -7.61 45.41
N LYS G 389 8.75 -7.04 44.24
CA LYS G 389 8.91 -5.60 44.01
C LYS G 389 7.74 -5.00 43.26
N GLN G 390 7.45 -3.71 43.50
CA GLN G 390 6.45 -3.02 42.72
C GLN G 390 7.05 -2.10 41.66
N ILE G 391 8.29 -1.61 41.83
CA ILE G 391 8.82 -0.71 40.80
C ILE G 391 9.82 -1.47 39.95
N ILE G 392 9.46 -1.65 38.70
CA ILE G 392 10.19 -2.46 37.77
C ILE G 392 10.83 -1.63 36.67
N ASN G 393 12.15 -1.77 36.44
CA ASN G 393 12.75 -0.98 35.35
C ASN G 393 12.41 -1.60 34.02
N MET G 394 12.38 -2.91 34.00
CA MET G 394 12.03 -3.70 32.84
C MET G 394 13.09 -3.64 31.72
N TRP G 395 13.29 -4.78 31.11
CA TRP G 395 14.24 -4.99 30.03
C TRP G 395 15.60 -4.49 30.49
N GLN G 396 16.23 -3.62 29.70
CA GLN G 396 17.53 -3.09 30.08
C GLN G 396 17.58 -1.58 29.91
N ARG G 397 16.50 -0.87 30.21
CA ARG G 397 16.56 0.57 30.04
C ARG G 397 16.98 1.25 31.34
N ILE G 398 17.58 2.43 31.24
CA ILE G 398 17.93 3.16 32.46
C ILE G 398 16.78 4.06 32.84
N GLY G 399 16.25 4.80 31.87
CA GLY G 399 15.11 5.64 32.18
C GLY G 399 13.94 4.72 31.95
N GLN G 400 12.72 5.17 32.14
CA GLN G 400 11.52 4.36 31.96
C GLN G 400 11.35 3.42 33.14
N ALA G 401 10.25 3.54 33.84
CA ALA G 401 10.01 2.66 34.96
C ALA G 401 8.53 2.48 35.10
N MET G 402 8.13 1.34 35.65
CA MET G 402 6.73 1.05 35.86
C MET G 402 6.38 0.67 37.27
N TYR G 403 5.27 1.19 37.77
CA TYR G 403 4.74 0.79 39.04
C TYR G 403 3.67 -0.25 38.81
N ALA G 404 3.84 -1.40 39.42
CA ALA G 404 2.88 -2.47 39.31
C ALA G 404 1.87 -2.31 40.44
N PRO G 405 0.58 -2.07 40.17
CA PRO G 405 -0.42 -1.89 41.18
C PRO G 405 -0.45 -3.17 41.97
N PRO G 406 -0.78 -3.14 43.24
CA PRO G 406 -0.92 -4.29 44.09
C PRO G 406 -2.16 -5.05 43.71
N ILE G 407 -2.14 -6.35 43.95
CA ILE G 407 -3.32 -7.18 43.72
C ILE G 407 -3.93 -7.73 45.00
N GLN G 408 -5.23 -7.53 45.14
CA GLN G 408 -5.94 -7.93 46.34
C GLN G 408 -6.08 -9.42 46.48
N GLY G 409 -6.08 -9.91 47.72
CA GLY G 409 -6.24 -11.32 47.96
C GLY G 409 -4.88 -11.94 47.91
N VAL G 410 -4.83 -13.24 47.68
CA VAL G 410 -3.55 -13.91 47.69
C VAL G 410 -3.30 -14.47 46.33
N ILE G 411 -2.05 -14.71 46.04
CA ILE G 411 -1.67 -15.17 44.73
C ILE G 411 -1.09 -16.54 44.71
N ARG G 412 -1.61 -17.39 43.83
CA ARG G 412 -1.03 -18.71 43.68
C ARG G 412 -0.89 -19.05 42.19
N CYS G 413 0.33 -19.48 41.78
CA CYS G 413 0.67 -19.87 40.40
C CYS G 413 1.24 -21.28 40.40
N VAL G 414 0.82 -22.06 39.44
CA VAL G 414 1.39 -23.38 39.26
C VAL G 414 2.03 -23.40 37.91
N SER G 415 3.33 -23.58 37.87
CA SER G 415 4.05 -23.51 36.61
C SER G 415 4.93 -24.74 36.38
N ASN G 416 5.27 -24.98 35.10
CA ASN G 416 6.19 -26.04 34.67
C ASN G 416 7.56 -25.45 34.38
N ILE G 417 8.64 -26.01 34.99
CA ILE G 417 10.01 -25.60 34.66
C ILE G 417 10.35 -26.49 33.48
N THR G 418 10.64 -25.88 32.36
CA THR G 418 10.89 -26.62 31.15
C THR G 418 12.33 -26.54 30.74
N GLY G 419 13.10 -25.67 31.37
CA GLY G 419 14.51 -25.63 31.03
C GLY G 419 15.33 -24.69 31.88
N LEU G 420 16.63 -24.80 31.75
CA LEU G 420 17.56 -24.02 32.53
C LEU G 420 18.46 -23.15 31.68
N ILE G 421 18.92 -22.04 32.22
CA ILE G 421 19.98 -21.31 31.57
C ILE G 421 21.21 -21.44 32.45
N LEU G 422 22.25 -22.11 31.98
CA LEU G 422 23.44 -22.33 32.79
C LEU G 422 24.71 -21.75 32.22
N THR G 423 25.66 -21.41 33.07
CA THR G 423 26.98 -21.02 32.59
C THR G 423 28.04 -21.78 33.34
N ARG G 424 29.23 -21.89 32.76
CA ARG G 424 30.33 -22.52 33.49
C ARG G 424 31.24 -21.46 34.03
N ASP G 425 31.93 -21.78 35.12
CA ASP G 425 32.85 -20.80 35.65
C ASP G 425 34.10 -20.66 34.81
N GLY G 426 34.61 -21.77 34.34
CA GLY G 426 35.87 -21.81 33.63
C GLY G 426 36.51 -23.07 34.10
N GLY G 427 37.81 -23.25 33.90
CA GLY G 427 38.35 -24.51 34.36
C GLY G 427 38.50 -24.36 35.85
N SER G 428 38.94 -25.39 36.55
CA SER G 428 39.09 -25.29 37.99
C SER G 428 40.48 -25.69 38.42
N THR G 429 40.67 -26.95 38.76
CA THR G 429 41.91 -27.51 39.27
C THR G 429 42.27 -28.79 38.51
N ASN G 430 43.33 -29.45 38.94
CA ASN G 430 43.78 -30.65 38.29
C ASN G 430 42.92 -31.87 38.65
N SER G 431 41.91 -31.66 39.48
CA SER G 431 41.01 -32.74 39.85
C SER G 431 39.99 -32.98 38.75
N THR G 432 39.95 -32.07 37.77
CA THR G 432 39.05 -32.16 36.63
C THR G 432 37.61 -32.06 37.01
N THR G 433 37.16 -30.84 37.26
CA THR G 433 35.79 -30.65 37.63
C THR G 433 35.27 -29.48 36.84
N GLU G 434 33.96 -29.34 36.79
CA GLU G 434 33.31 -28.21 36.17
C GLU G 434 32.24 -27.69 37.08
N THR G 435 32.09 -26.37 37.15
CA THR G 435 31.03 -25.80 37.95
C THR G 435 30.06 -25.05 37.12
N PHE G 436 28.79 -25.38 37.32
CA PHE G 436 27.70 -24.75 36.59
C PHE G 436 26.86 -23.92 37.53
N ARG G 437 26.47 -22.75 37.08
CA ARG G 437 25.65 -21.87 37.88
C ARG G 437 24.49 -21.38 37.04
N PRO G 438 23.37 -20.98 37.63
CA PRO G 438 22.31 -20.34 36.93
C PRO G 438 22.88 -19.14 36.27
N GLY G 439 22.55 -18.94 35.03
CA GLY G 439 23.08 -17.81 34.32
C GLY G 439 22.11 -16.69 34.21
N GLY G 440 22.57 -15.65 33.56
CA GLY G 440 21.83 -14.45 33.28
C GLY G 440 21.76 -14.39 31.79
N GLY G 441 22.00 -13.23 31.23
CA GLY G 441 21.97 -13.07 29.79
C GLY G 441 20.75 -12.33 29.33
N ASP G 442 20.74 -12.02 28.05
CA ASP G 442 19.66 -11.27 27.43
C ASP G 442 18.41 -12.09 27.40
N MET G 443 17.27 -11.41 27.33
CA MET G 443 15.97 -12.04 27.29
C MET G 443 15.80 -12.89 26.06
N ARG G 444 16.61 -12.65 25.05
CA ARG G 444 16.52 -13.38 23.81
C ARG G 444 16.77 -14.86 24.01
N ASP G 445 17.47 -15.27 25.07
CA ASP G 445 17.71 -16.68 25.28
C ASP G 445 16.45 -17.41 25.62
N ASN G 446 15.42 -16.70 26.02
CA ASN G 446 14.19 -17.36 26.32
C ASN G 446 13.49 -17.71 25.03
N TRP G 447 13.70 -16.92 23.97
CA TRP G 447 12.95 -17.16 22.75
C TRP G 447 13.71 -18.16 21.92
N ARG G 448 15.04 -18.19 22.11
CA ARG G 448 15.84 -19.14 21.37
C ARG G 448 15.50 -20.55 21.75
N SER G 449 14.99 -20.75 22.95
CA SER G 449 14.61 -22.07 23.39
C SER G 449 13.38 -22.63 22.66
N GLU G 450 12.57 -21.78 22.02
CA GLU G 450 11.38 -22.25 21.30
C GLU G 450 11.48 -22.13 19.79
N LEU G 451 12.20 -21.13 19.31
CA LEU G 451 12.29 -20.85 17.90
C LEU G 451 13.48 -21.50 17.22
N TYR G 452 14.19 -22.35 17.91
CA TYR G 452 15.37 -23.00 17.37
C TYR G 452 15.08 -23.89 16.18
N LYS G 453 13.85 -24.35 16.04
CA LYS G 453 13.48 -25.22 14.96
C LYS G 453 13.04 -24.51 13.72
N TYR G 454 12.93 -23.20 13.75
CA TYR G 454 12.37 -22.55 12.57
C TYR G 454 13.32 -21.66 11.80
N LYS G 455 13.14 -21.66 10.48
CA LYS G 455 13.91 -20.80 9.59
C LYS G 455 12.99 -20.10 8.60
N VAL G 456 13.28 -18.86 8.24
CA VAL G 456 12.43 -18.18 7.25
C VAL G 456 13.12 -18.03 5.93
N VAL G 457 12.44 -18.45 4.85
CA VAL G 457 13.04 -18.33 3.54
C VAL G 457 12.13 -17.60 2.56
N LYS G 458 12.74 -16.99 1.54
CA LYS G 458 12.05 -16.28 0.47
C LYS G 458 11.89 -17.21 -0.71
N ILE G 459 10.70 -17.27 -1.28
CA ILE G 459 10.47 -18.15 -2.41
C ILE G 459 10.76 -17.41 -3.70
N GLU G 460 11.54 -18.03 -4.59
CA GLU G 460 11.91 -17.43 -5.86
C GLU G 460 11.47 -18.29 -7.05
N PRO G 461 10.25 -18.12 -7.56
CA PRO G 461 9.58 -18.95 -8.54
C PRO G 461 10.13 -18.96 -9.98
N LEU G 462 10.97 -18.02 -10.41
CA LEU G 462 11.47 -18.15 -11.78
C LEU G 462 12.73 -18.93 -11.88
N GLY G 463 12.86 -19.65 -12.98
CA GLY G 463 14.10 -20.32 -13.26
C GLY G 463 14.14 -20.76 -14.69
N VAL G 464 15.32 -21.15 -15.14
CA VAL G 464 15.49 -21.56 -16.51
C VAL G 464 16.24 -22.86 -16.57
N ALA G 465 16.08 -23.60 -17.64
CA ALA G 465 16.82 -24.85 -17.84
C ALA G 465 16.82 -25.22 -19.33
N PRO G 466 17.80 -25.99 -19.82
CA PRO G 466 17.85 -26.54 -21.16
C PRO G 466 16.76 -27.54 -21.48
N THR G 467 16.15 -27.42 -22.65
CA THR G 467 15.20 -28.41 -23.15
C THR G 467 15.41 -28.57 -24.63
N ARG G 468 14.72 -29.52 -25.24
CA ARG G 468 14.78 -29.69 -26.69
C ARG G 468 13.79 -28.83 -27.52
N CYS G 469 12.92 -28.03 -26.88
CA CYS G 469 11.93 -27.23 -27.59
C CYS G 469 12.53 -25.91 -28.06
N LYS G 470 11.92 -25.32 -29.04
CA LYS G 470 12.35 -24.03 -29.49
C LYS G 470 11.12 -23.27 -29.79
N ARG G 471 11.09 -22.00 -29.48
CA ARG G 471 9.87 -21.29 -29.77
C ARG G 471 9.60 -21.38 -31.25
N ARG G 472 8.40 -21.78 -31.62
CA ARG G 472 8.12 -21.84 -33.03
C ARG G 472 7.61 -20.50 -33.43
N VAL G 473 8.29 -19.87 -34.35
CA VAL G 473 7.88 -18.55 -34.75
C VAL G 473 6.79 -18.70 -35.82
N VAL G 474 5.62 -18.07 -35.58
CA VAL G 474 4.44 -18.12 -36.43
C VAL G 474 3.93 -16.68 -36.54
N VAL H 2 40.49 -1.67 20.39
CA VAL H 2 40.17 -2.11 21.74
C VAL H 2 40.77 -1.09 22.70
N GLN H 3 39.92 -0.52 23.59
CA GLN H 3 40.33 0.45 24.61
C GLN H 3 39.61 0.22 25.94
N LEU H 4 40.37 0.31 27.01
CA LEU H 4 39.84 0.24 28.36
C LEU H 4 40.14 1.56 29.05
N ILE H 5 39.10 2.26 29.49
CA ILE H 5 39.25 3.57 30.12
C ILE H 5 38.86 3.56 31.57
N GLN H 6 39.77 3.87 32.45
CA GLN H 6 39.45 3.89 33.86
C GLN H 6 39.24 5.28 34.42
N SER H 7 38.53 5.32 35.54
CA SER H 7 38.31 6.53 36.30
C SER H 7 39.59 6.98 37.01
N GLY H 8 39.60 8.20 37.54
CA GLY H 8 40.78 8.77 38.17
C GLY H 8 41.09 8.25 39.58
N PRO H 9 42.15 8.80 40.23
CA PRO H 9 42.66 8.40 41.53
C PRO H 9 41.68 8.73 42.61
N GLN H 10 41.68 7.92 43.66
CA GLN H 10 40.80 8.18 44.78
C GLN H 10 41.45 8.04 46.13
N PHE H 11 40.93 8.82 47.07
CA PHE H 11 41.36 8.73 48.45
C PHE H 11 40.14 8.55 49.32
N LYS H 12 40.23 7.66 50.31
CA LYS H 12 39.12 7.39 51.19
C LYS H 12 39.53 7.26 52.63
N THR H 13 38.62 7.61 53.52
CA THR H 13 38.76 7.43 54.94
C THR H 13 38.79 5.93 55.22
N PRO H 14 39.74 5.39 55.98
CA PRO H 14 39.79 3.98 56.26
C PRO H 14 38.46 3.49 56.81
N GLY H 15 38.04 2.35 56.29
CA GLY H 15 36.81 1.66 56.64
C GLY H 15 35.71 1.95 55.60
N ALA H 16 35.92 3.00 54.80
CA ALA H 16 35.00 3.41 53.75
C ALA H 16 35.13 2.50 52.55
N SER H 17 34.10 2.44 51.72
CA SER H 17 34.24 1.69 50.50
C SER H 17 34.74 2.59 49.39
N VAL H 18 35.37 1.99 48.39
CA VAL H 18 35.82 2.73 47.23
C VAL H 18 35.24 2.10 45.99
N THR H 19 34.73 2.92 45.10
CA THR H 19 34.24 2.35 43.88
C THR H 19 35.00 2.92 42.72
N VAL H 20 35.42 2.04 41.84
CA VAL H 20 36.17 2.41 40.66
C VAL H 20 35.47 1.80 39.47
N SER H 21 35.81 2.26 38.29
CA SER H 21 35.17 1.72 37.12
C SER H 21 36.12 1.68 35.92
N CYS H 22 35.76 0.83 34.94
CA CYS H 22 36.44 0.59 33.69
C CYS H 22 35.43 0.53 32.54
N LYS H 23 35.54 1.46 31.62
CA LYS H 23 34.67 1.50 30.46
C LYS H 23 35.36 0.80 29.32
N ALA H 24 34.69 -0.15 28.72
CA ALA H 24 35.33 -0.89 27.65
C ALA H 24 34.66 -0.65 26.33
N SER H 25 35.46 -0.57 25.29
CA SER H 25 34.92 -0.43 23.95
C SER H 25 35.78 -0.97 22.82
N GLY H 26 35.12 -1.22 21.69
CA GLY H 26 35.80 -1.58 20.45
C GLY H 26 35.82 -3.08 20.15
N TYR H 27 35.16 -3.83 20.98
CA TYR H 27 35.08 -5.27 20.82
C TYR H 27 33.75 -5.62 21.42
N ILE H 28 33.23 -6.80 21.16
CA ILE H 28 31.95 -7.08 21.76
C ILE H 28 32.16 -7.21 23.25
N PHE H 29 31.37 -6.47 24.01
CA PHE H 29 31.48 -6.41 25.46
C PHE H 29 31.20 -7.75 26.10
N THR H 30 30.18 -8.44 25.62
CA THR H 30 29.89 -9.76 26.12
C THR H 30 30.96 -10.60 25.47
N ASP H 31 31.19 -11.81 25.95
CA ASP H 31 32.30 -12.63 25.47
C ASP H 31 33.53 -11.98 26.09
N TYR H 32 34.63 -12.69 26.21
CA TYR H 32 35.85 -12.07 26.74
C TYR H 32 35.78 -11.61 28.18
N LEU H 33 36.04 -12.50 29.11
CA LEU H 33 35.90 -12.14 30.52
C LEU H 33 36.85 -11.00 30.93
N ILE H 34 36.35 -10.17 31.84
CA ILE H 34 37.13 -9.04 32.37
C ILE H 34 37.66 -9.34 33.76
N HIS H 35 38.94 -9.12 33.92
CA HIS H 35 39.64 -9.41 35.17
C HIS H 35 40.16 -8.18 35.88
N TRP H 36 40.21 -8.26 37.20
CA TRP H 36 40.80 -7.20 37.97
C TRP H 36 42.03 -7.70 38.71
N VAL H 37 43.09 -6.89 38.62
CA VAL H 37 44.39 -7.14 39.23
C VAL H 37 44.88 -5.94 40.02
N ARG H 38 45.33 -6.17 41.22
CA ARG H 38 45.84 -5.11 42.05
C ARG H 38 47.36 -5.08 42.09
N LEU H 39 47.94 -3.91 41.88
CA LEU H 39 49.39 -3.77 41.96
C LEU H 39 49.87 -3.04 43.19
N VAL H 40 50.68 -3.72 43.97
CA VAL H 40 51.25 -3.13 45.14
C VAL H 40 52.75 -2.98 44.84
N PRO H 41 53.28 -1.76 44.74
CA PRO H 41 54.68 -1.52 44.41
C PRO H 41 55.67 -2.31 45.28
N GLY H 42 55.31 -2.56 46.55
CA GLY H 42 56.21 -3.30 47.44
C GLY H 42 55.95 -4.81 47.52
N LYS H 43 54.99 -5.32 46.76
CA LYS H 43 54.67 -6.75 46.81
C LYS H 43 54.57 -7.46 45.46
N GLY H 44 54.11 -6.75 44.43
CA GLY H 44 53.85 -7.36 43.12
C GLY H 44 52.37 -7.37 42.79
N LEU H 45 52.00 -8.13 41.77
CA LEU H 45 50.63 -8.19 41.29
C LEU H 45 49.83 -9.23 42.06
N GLU H 46 48.57 -8.93 42.32
CA GLU H 46 47.63 -9.85 42.95
C GLU H 46 46.30 -9.89 42.23
N TRP H 47 45.79 -11.07 41.94
CA TRP H 47 44.52 -11.16 41.25
C TRP H 47 43.38 -10.98 42.24
N LEU H 48 42.37 -10.19 41.87
CA LEU H 48 41.25 -9.98 42.76
C LEU H 48 40.03 -10.79 42.37
N GLY H 49 39.83 -10.94 41.08
CA GLY H 49 38.63 -11.64 40.60
C GLY H 49 38.33 -11.35 39.13
N ARG H 50 37.24 -11.95 38.64
CA ARG H 50 36.84 -11.76 37.25
C ARG H 50 35.33 -11.73 37.12
N ILE H 51 34.85 -11.10 36.05
CA ILE H 51 33.42 -11.04 35.78
C ILE H 51 33.04 -11.49 34.38
N ASN H 52 31.96 -12.26 34.33
CA ASN H 52 31.35 -12.72 33.11
C ASN H 52 30.36 -11.70 32.69
N THR H 53 30.71 -10.95 31.67
CA THR H 53 29.96 -9.81 31.21
C THR H 53 28.67 -10.14 30.50
N ASN H 54 28.47 -11.39 30.15
CA ASN H 54 27.21 -11.73 29.51
C ASN H 54 26.21 -12.13 30.55
N ALA H 55 26.68 -12.97 31.47
CA ALA H 55 25.82 -13.50 32.50
C ALA H 55 25.66 -12.59 33.70
N GLY H 56 26.62 -11.70 33.93
CA GLY H 56 26.60 -10.85 35.11
C GLY H 56 27.08 -11.61 36.32
N LEU H 57 27.95 -12.60 36.10
CA LEU H 57 28.43 -13.43 37.21
C LEU H 57 29.82 -13.06 37.68
N MET H 58 29.95 -13.11 38.98
CA MET H 58 31.17 -12.80 39.69
C MET H 58 31.93 -13.98 40.24
N TYR H 59 33.24 -13.97 40.04
CA TYR H 59 34.10 -14.99 40.60
C TYR H 59 35.22 -14.26 41.35
N LEU H 60 35.45 -14.59 42.61
CA LEU H 60 36.44 -13.83 43.38
C LEU H 60 37.60 -14.63 43.91
N SER H 61 38.73 -13.94 44.11
CA SER H 61 39.85 -14.52 44.80
C SER H 61 39.42 -14.72 46.25
N HIS H 62 39.76 -15.87 46.86
CA HIS H 62 39.29 -16.14 48.21
C HIS H 62 40.06 -15.46 49.32
N LYS H 63 39.91 -14.14 49.34
CA LYS H 63 40.44 -13.24 50.32
C LYS H 63 39.41 -12.17 50.47
N PHE H 64 38.68 -11.97 49.39
CA PHE H 64 37.79 -10.84 49.28
C PHE H 64 36.32 -11.21 49.18
N GLU H 65 35.93 -12.40 49.58
CA GLU H 65 34.52 -12.74 49.39
C GLU H 65 33.56 -11.82 50.13
N GLY H 66 33.95 -11.37 51.31
CA GLY H 66 33.08 -10.49 52.08
C GLY H 66 33.40 -9.01 51.85
N ARG H 67 34.31 -8.72 50.92
CA ARG H 67 34.72 -7.34 50.71
C ARG H 67 34.54 -6.81 49.30
N LEU H 68 34.68 -7.66 48.30
CA LEU H 68 34.70 -7.21 46.93
C LEU H 68 33.54 -7.64 46.08
N ILE H 69 32.87 -6.66 45.48
CA ILE H 69 31.75 -6.92 44.60
C ILE H 69 31.98 -6.37 43.21
N LEU H 70 31.79 -7.19 42.19
CA LEU H 70 31.93 -6.74 40.82
C LEU H 70 30.56 -6.69 40.16
N ARG H 71 30.36 -5.71 39.31
CA ARG H 71 29.12 -5.54 38.58
C ARG H 71 29.36 -5.17 37.14
N ARG H 72 28.40 -5.41 36.28
CA ARG H 72 28.57 -4.99 34.90
C ARG H 72 27.32 -4.33 34.38
N VAL H 73 27.51 -3.44 33.42
CA VAL H 73 26.39 -2.79 32.76
C VAL H 73 26.44 -2.99 31.27
N VAL H 74 25.36 -3.48 30.71
CA VAL H 74 25.24 -3.71 29.29
C VAL H 74 23.97 -3.15 28.75
N ASP H 75 23.94 -3.00 27.44
CA ASP H 75 22.76 -2.60 26.71
C ASP H 75 22.79 -3.36 25.42
N TRP H 76 21.91 -4.32 25.29
CA TRP H 76 21.84 -5.23 24.16
C TRP H 76 21.82 -4.51 22.80
N ARG H 77 21.41 -3.25 22.76
CA ARG H 77 21.25 -2.21 21.65
C ARG H 77 22.66 -2.00 20.99
N THR H 78 23.70 -1.96 21.85
CA THR H 78 25.01 -1.46 21.46
C THR H 78 26.12 -2.42 21.93
N PRO H 79 26.28 -3.59 21.30
CA PRO H 79 27.15 -4.67 21.72
C PRO H 79 28.62 -4.33 21.90
N SER H 80 29.11 -3.29 21.22
CA SER H 80 30.50 -2.88 21.26
C SER H 80 30.90 -2.03 22.48
N LEU H 81 29.91 -1.66 23.29
CA LEU H 81 30.16 -0.81 24.47
C LEU H 81 29.66 -1.44 25.76
N GLY H 82 30.35 -1.18 26.87
CA GLY H 82 29.80 -1.58 28.18
C GLY H 82 30.76 -1.25 29.31
N THR H 83 30.33 -1.46 30.57
CA THR H 83 31.23 -1.13 31.68
C THR H 83 31.32 -2.21 32.73
N VAL H 84 32.43 -2.19 33.46
CA VAL H 84 32.60 -3.01 34.64
C VAL H 84 32.93 -2.16 35.83
N ASN H 85 32.17 -2.33 36.89
CA ASN H 85 32.37 -1.59 38.11
C ASN H 85 32.91 -2.48 39.20
N MET H 86 33.66 -1.86 40.09
CA MET H 86 34.19 -2.53 41.27
C MET H 86 33.87 -1.80 42.55
N GLU H 87 33.41 -2.53 43.55
CA GLU H 87 33.20 -1.98 44.88
C GLU H 87 34.01 -2.73 45.91
N LEU H 88 34.92 -2.03 46.57
CA LEU H 88 35.72 -2.68 47.61
C LEU H 88 35.40 -2.05 48.96
N ARG H 89 34.91 -2.88 49.87
CA ARG H 89 34.50 -2.45 51.20
C ARG H 89 35.61 -2.53 52.22
N ASN H 90 35.46 -1.76 53.29
CA ASN H 90 36.38 -1.76 54.41
C ASN H 90 37.81 -1.50 53.98
N VAL H 91 38.02 -0.45 53.19
CA VAL H 91 39.34 -0.11 52.69
C VAL H 91 40.30 0.31 53.80
N ARG H 92 41.49 -0.27 53.79
CA ARG H 92 42.51 0.00 54.80
C ARG H 92 43.81 0.36 54.12
N SER H 93 44.80 0.87 54.86
CA SER H 93 46.08 1.28 54.24
C SER H 93 46.80 0.13 53.54
N ASP H 94 46.44 -1.10 53.90
CA ASP H 94 46.98 -2.32 53.32
C ASP H 94 46.58 -2.45 51.86
N ASP H 95 45.53 -1.73 51.48
CA ASP H 95 44.94 -1.76 50.16
C ASP H 95 45.45 -0.62 49.29
N SER H 96 46.47 0.12 49.74
CA SER H 96 46.99 1.14 48.85
C SER H 96 47.58 0.41 47.69
N ALA H 97 47.07 0.72 46.51
CA ALA H 97 47.49 0.00 45.33
C ALA H 97 47.04 0.66 44.07
N ILE H 98 47.60 0.22 42.96
CA ILE H 98 47.11 0.67 41.70
C ILE H 98 46.18 -0.42 41.17
N TYR H 99 44.90 -0.09 41.04
CA TYR H 99 43.92 -1.10 40.64
C TYR H 99 43.72 -1.13 39.13
N PHE H 100 44.01 -2.27 38.52
CA PHE H 100 43.93 -2.39 37.08
C PHE H 100 42.79 -3.26 36.56
N CYS H 101 42.26 -2.85 35.41
CA CYS H 101 41.24 -3.50 34.60
C CYS H 101 41.93 -4.16 33.41
N GLY H 102 41.57 -5.39 33.09
CA GLY H 102 42.11 -5.97 31.87
C GLY H 102 41.25 -7.04 31.24
N ARG H 103 41.57 -7.38 30.00
CA ARG H 103 40.76 -8.32 29.25
C ARG H 103 41.56 -9.51 28.78
N VAL H 104 40.94 -10.66 28.95
CA VAL H 104 41.52 -11.93 28.61
C VAL H 104 41.74 -12.12 27.12
N VAL H 105 42.85 -12.79 26.83
CA VAL H 105 43.31 -13.12 25.48
C VAL H 105 42.24 -13.97 24.81
N ASP H 106 41.92 -13.67 23.56
CA ASP H 106 40.88 -14.41 22.86
C ASP H 106 41.18 -15.90 22.84
N GLY H 107 40.20 -16.69 23.27
CA GLY H 107 40.33 -18.14 23.35
C GLY H 107 40.66 -18.64 24.75
N PHE H 108 40.88 -17.72 25.67
CA PHE H 108 41.24 -18.09 27.04
C PHE H 108 40.24 -17.67 28.10
N ASN H 109 38.95 -17.73 27.83
CA ASN H 109 37.96 -17.36 28.84
C ASN H 109 37.98 -18.30 30.04
N ALA H 110 38.44 -19.52 29.85
CA ALA H 110 38.49 -20.50 30.92
C ALA H 110 39.75 -20.34 31.76
N ALA H 111 40.58 -19.37 31.40
CA ALA H 111 41.85 -19.02 32.00
C ALA H 111 41.93 -17.51 32.18
N GLY H 112 43.13 -16.93 32.34
CA GLY H 112 43.19 -15.50 32.53
C GLY H 112 44.49 -14.71 32.17
N PRO H 113 45.18 -14.96 31.05
CA PRO H 113 46.26 -14.12 30.57
C PRO H 113 45.56 -12.86 30.12
N LEU H 114 46.10 -11.68 30.36
CA LEU H 114 45.39 -10.48 29.94
C LEU H 114 46.11 -9.72 28.88
N GLU H 115 45.46 -9.60 27.74
CA GLU H 115 46.00 -8.98 26.57
C GLU H 115 45.86 -7.48 26.58
N PHE H 116 44.75 -7.00 27.13
CA PHE H 116 44.51 -5.57 27.14
C PHE H 116 44.40 -5.07 28.55
N TRP H 117 44.96 -3.91 28.79
CA TRP H 117 44.96 -3.30 30.10
C TRP H 117 44.53 -1.85 30.11
N GLY H 118 44.03 -1.42 31.25
CA GLY H 118 43.62 -0.05 31.52
C GLY H 118 44.81 0.77 32.01
N GLN H 119 44.56 1.74 32.90
CA GLN H 119 45.61 2.65 33.33
C GLN H 119 46.08 2.45 34.75
N GLY H 120 45.19 1.97 35.61
CA GLY H 120 45.44 1.88 37.03
C GLY H 120 44.69 3.01 37.71
N SER H 121 43.85 2.73 38.71
CA SER H 121 43.08 3.80 39.36
C SER H 121 43.94 5.03 39.73
N PRO H 122 44.83 5.03 40.74
CA PRO H 122 45.12 4.25 41.95
C PRO H 122 44.20 4.60 43.13
N VAL H 123 44.26 3.82 44.21
CA VAL H 123 43.53 4.17 45.44
C VAL H 123 44.50 4.23 46.66
N ILE H 124 44.43 5.36 47.44
CA ILE H 124 45.21 5.77 48.66
C ILE H 124 46.71 5.34 48.73
N GLN I 1 46.83 -22.61 47.23
CA GLN I 1 47.23 -21.82 46.08
C GLN I 1 48.58 -22.37 45.57
N VAL I 2 48.91 -22.08 44.30
CA VAL I 2 50.18 -22.47 43.69
C VAL I 2 51.07 -21.26 43.59
N VAL I 3 52.21 -21.41 44.23
CA VAL I 3 53.20 -20.37 44.38
C VAL I 3 54.23 -20.41 43.29
N MET I 4 54.49 -19.26 42.70
CA MET I 4 55.52 -19.20 41.69
C MET I 4 56.74 -18.50 42.25
N THR I 5 57.91 -19.07 42.01
CA THR I 5 59.14 -18.43 42.46
C THR I 5 60.01 -18.08 41.29
N GLN I 6 60.42 -16.81 41.21
CA GLN I 6 61.29 -16.38 40.12
C GLN I 6 62.72 -16.28 40.59
N SER I 7 63.64 -16.52 39.66
CA SER I 7 65.06 -16.46 39.97
C SER I 7 65.91 -16.13 38.74
N PRO I 8 66.94 -15.29 38.88
CA PRO I 8 67.44 -14.57 40.03
C PRO I 8 66.55 -13.40 40.34
N ALA I 9 66.67 -12.83 41.54
CA ALA I 9 65.88 -11.64 41.81
C ALA I 9 66.25 -10.54 40.82
N THR I 10 67.52 -10.45 40.47
CA THR I 10 67.95 -9.44 39.53
C THR I 10 68.89 -9.99 38.48
N LEU I 11 68.90 -9.32 37.36
CA LEU I 11 69.83 -9.55 36.27
C LEU I 11 70.68 -8.32 36.17
N SER I 12 71.91 -8.46 35.70
CA SER I 12 72.76 -7.29 35.47
C SER I 12 73.50 -7.51 34.18
N LEU I 13 73.20 -6.69 33.18
CA LEU I 13 73.80 -6.90 31.87
C LEU I 13 73.76 -5.67 30.98
N SER I 14 74.46 -5.74 29.85
CA SER I 14 74.49 -4.64 28.91
C SER I 14 73.63 -4.92 27.66
N PRO I 15 73.11 -3.90 26.97
CA PRO I 15 72.40 -4.07 25.73
C PRO I 15 73.28 -4.82 24.76
N GLY I 16 72.66 -5.76 24.05
CA GLY I 16 73.32 -6.61 23.08
C GLY I 16 73.64 -7.99 23.68
N GLU I 17 73.59 -8.09 25.00
CA GLU I 17 73.83 -9.35 25.68
C GLU I 17 72.48 -10.02 25.82
N THR I 18 72.46 -11.34 26.02
CA THR I 18 71.20 -12.06 26.20
C THR I 18 70.75 -12.06 27.65
N ALA I 19 69.50 -12.45 27.88
CA ALA I 19 68.98 -12.51 29.25
C ALA I 19 67.91 -13.58 29.39
N ALA I 20 67.75 -14.10 30.60
CA ALA I 20 66.68 -15.05 30.83
C ALA I 20 66.21 -15.00 32.26
N VAL I 21 64.95 -15.37 32.44
CA VAL I 21 64.35 -15.45 33.78
C VAL I 21 63.79 -16.83 34.04
N SER I 22 64.20 -17.45 35.15
CA SER I 22 63.66 -18.77 35.48
C SER I 22 62.45 -18.58 36.39
N CYS I 23 61.46 -19.50 36.32
CA CYS I 23 60.28 -19.51 37.17
C CYS I 23 59.87 -20.95 37.49
N ARG I 24 59.62 -21.22 38.76
CA ARG I 24 59.23 -22.56 39.17
C ARG I 24 57.94 -22.62 39.96
N ALA I 25 57.08 -23.57 39.60
CA ALA I 25 55.82 -23.77 40.29
C ALA I 25 55.95 -24.74 41.45
N SER I 26 55.21 -24.45 42.52
CA SER I 26 55.11 -25.35 43.66
C SER I 26 54.25 -26.60 43.36
N GLN I 27 53.46 -26.52 42.30
CA GLN I 27 52.56 -27.59 41.84
C GLN I 27 52.62 -27.71 40.33
N TYR I 28 52.23 -28.85 39.80
CA TYR I 28 52.18 -28.98 38.35
C TYR I 28 51.14 -28.03 37.78
N VAL I 29 51.52 -27.24 36.76
CA VAL I 29 50.60 -26.34 36.09
C VAL I 29 50.51 -26.56 34.59
N ASP I 30 51.03 -27.68 34.11
CA ASP I 30 51.01 -27.97 32.68
C ASP I 30 51.64 -26.81 31.90
N ARG I 31 50.94 -26.22 30.94
CA ARG I 31 51.50 -25.11 30.18
C ARG I 31 50.91 -23.76 30.56
N SER I 32 50.19 -23.67 31.67
CA SER I 32 49.53 -22.41 32.05
C SER I 32 50.38 -21.38 32.75
N ILE I 33 51.41 -20.94 32.06
CA ILE I 33 52.27 -19.85 32.49
C ILE I 33 52.35 -18.78 31.46
N SER I 34 52.11 -17.55 31.88
CA SER I 34 52.21 -16.40 30.98
C SER I 34 53.24 -15.43 31.53
N TRP I 35 53.77 -14.59 30.65
CA TRP I 35 54.77 -13.62 31.11
C TRP I 35 54.44 -12.18 30.80
N TYR I 36 54.77 -11.30 31.76
CA TYR I 36 54.58 -9.86 31.63
C TYR I 36 55.82 -9.00 31.83
N GLN I 37 55.84 -7.87 31.11
CA GLN I 37 56.90 -6.84 31.22
C GLN I 37 56.35 -5.57 31.88
N LEU I 38 56.88 -5.22 33.04
CA LEU I 38 56.38 -4.06 33.78
C LEU I 38 57.34 -2.89 33.89
N LYS I 39 56.78 -1.71 33.71
CA LYS I 39 57.49 -0.45 33.85
C LYS I 39 56.72 0.51 34.72
N THR I 40 57.43 1.40 35.37
CA THR I 40 56.76 2.38 36.19
C THR I 40 55.89 3.27 35.33
N GLY I 41 54.64 3.45 35.76
CA GLY I 41 53.71 4.30 35.04
C GLY I 41 52.94 3.58 33.94
N ARG I 42 53.11 2.28 33.80
CA ARG I 42 52.42 1.55 32.76
C ARG I 42 51.81 0.24 33.25
N ALA I 43 50.66 -0.11 32.69
CA ALA I 43 50.06 -1.39 32.99
C ALA I 43 50.98 -2.47 32.41
N PRO I 44 51.02 -3.68 32.98
CA PRO I 44 51.80 -4.78 32.49
C PRO I 44 51.58 -5.12 31.03
N ARG I 45 52.66 -5.37 30.30
CA ARG I 45 52.54 -5.78 28.91
C ARG I 45 52.60 -7.29 28.83
N LEU I 46 51.67 -7.91 28.13
CA LEU I 46 51.72 -9.36 28.00
C LEU I 46 52.66 -9.76 26.91
N LEU I 47 53.67 -10.55 27.25
CA LEU I 47 54.68 -10.98 26.30
C LEU I 47 54.42 -12.36 25.76
N VAL I 48 54.00 -13.25 26.65
CA VAL I 48 53.78 -14.66 26.34
C VAL I 48 52.40 -15.11 26.77
N TYR I 49 51.64 -15.79 25.89
CA TYR I 49 50.29 -16.25 26.23
C TYR I 49 50.35 -17.51 27.05
N ALA I 50 51.17 -18.46 26.61
CA ALA I 50 51.27 -19.70 27.35
C ALA I 50 52.55 -20.44 27.05
N ALA I 51 53.27 -20.79 28.10
CA ALA I 51 54.50 -21.55 27.97
C ALA I 51 55.38 -20.90 26.91
N SER I 52 55.55 -21.55 25.77
CA SER I 52 56.42 -21.03 24.74
C SER I 52 55.80 -20.07 23.72
N SER I 53 54.46 -20.04 23.66
CA SER I 53 53.73 -19.27 22.65
C SER I 53 53.54 -17.82 22.99
N ARG I 54 54.19 -16.99 22.17
CA ARG I 54 54.28 -15.55 22.31
C ARG I 54 53.04 -14.80 21.87
N SER I 55 52.80 -13.65 22.52
CA SER I 55 51.69 -12.78 22.21
C SER I 55 51.88 -11.93 20.95
N ILE I 56 50.77 -11.38 20.48
CA ILE I 56 50.73 -10.51 19.31
C ILE I 56 51.34 -9.15 19.56
N GLY I 57 52.22 -8.73 18.65
CA GLY I 57 52.86 -7.43 18.72
C GLY I 57 54.22 -7.47 19.39
N VAL I 58 54.57 -8.62 19.94
CA VAL I 58 55.85 -8.75 20.59
C VAL I 58 56.90 -9.11 19.56
N PRO I 59 58.07 -8.46 19.54
CA PRO I 59 59.17 -8.70 18.64
C PRO I 59 59.85 -10.02 18.92
N ASP I 60 60.69 -10.44 17.96
CA ASP I 60 61.42 -11.71 18.00
C ASP I 60 62.53 -11.78 19.02
N ARG I 61 62.70 -10.70 19.75
CA ARG I 61 63.62 -10.68 20.85
C ARG I 61 63.12 -11.64 21.93
N PHE I 62 61.80 -11.86 21.97
CA PHE I 62 61.24 -12.71 23.02
C PHE I 62 60.65 -14.03 22.55
N SER I 63 60.79 -15.03 23.42
CA SER I 63 60.16 -16.34 23.28
C SER I 63 60.10 -17.01 24.64
N GLY I 64 59.31 -18.07 24.81
CA GLY I 64 59.37 -18.74 26.10
C GLY I 64 59.67 -20.22 25.95
N SER I 65 59.76 -20.90 27.06
CA SER I 65 59.99 -22.33 27.08
C SER I 65 59.59 -22.93 28.43
N GLY I 66 59.56 -24.27 28.48
CA GLY I 66 59.32 -24.97 29.72
C GLY I 66 57.93 -25.52 29.87
N SER I 67 57.77 -26.38 30.87
CA SER I 67 56.49 -27.04 31.13
C SER I 67 56.40 -27.65 32.53
N GLY I 68 55.16 -27.85 32.97
CA GLY I 68 54.87 -28.59 34.17
C GLY I 68 55.19 -27.77 35.37
N ARG I 69 56.45 -27.77 35.74
CA ARG I 69 56.86 -26.99 36.89
C ARG I 69 57.98 -26.02 36.57
N ASP I 70 58.75 -26.29 35.51
CA ASP I 70 59.95 -25.50 35.22
C ASP I 70 59.82 -24.67 33.96
N PHE I 71 59.77 -23.34 34.13
CA PHE I 71 59.55 -22.41 33.03
C PHE I 71 60.64 -21.36 32.87
N THR I 72 60.86 -20.91 31.62
CA THR I 72 61.82 -19.84 31.34
C THR I 72 61.34 -18.78 30.34
N LEU I 73 61.71 -17.52 30.61
CA LEU I 73 61.51 -16.43 29.67
C LEU I 73 62.83 -16.19 28.98
N THR I 74 62.86 -16.22 27.65
CA THR I 74 64.10 -16.02 26.91
C THR I 74 64.10 -14.70 26.16
N ILE I 75 65.16 -13.91 26.37
CA ILE I 75 65.30 -12.65 25.66
C ILE I 75 66.62 -12.74 24.88
N ARG I 76 66.60 -12.42 23.60
CA ARG I 76 67.81 -12.52 22.81
C ARG I 76 68.59 -11.22 22.81
N GLY I 77 68.61 -10.47 21.73
CA GLY I 77 69.42 -9.25 21.74
C GLY I 77 68.75 -8.19 22.59
N VAL I 78 69.04 -8.20 23.89
CA VAL I 78 68.39 -7.29 24.84
C VAL I 78 68.64 -5.85 24.47
N GLN I 79 67.57 -5.09 24.44
CA GLN I 79 67.65 -3.67 24.11
C GLN I 79 67.60 -2.85 25.38
N SER I 80 68.00 -1.58 25.32
CA SER I 80 67.89 -0.75 26.52
C SER I 80 66.42 -0.60 26.93
N ASP I 81 65.53 -0.78 25.96
CA ASP I 81 64.09 -0.73 26.12
C ASP I 81 63.55 -1.88 26.96
N ASP I 82 64.34 -2.94 27.13
CA ASP I 82 63.91 -4.11 27.86
C ASP I 82 64.32 -4.09 29.31
N PHE I 83 64.95 -3.01 29.77
CA PHE I 83 65.35 -2.96 31.17
C PHE I 83 64.14 -2.57 32.01
N ALA I 84 63.36 -3.62 32.28
CA ALA I 84 62.05 -3.64 32.90
C ALA I 84 61.95 -4.76 33.93
N LEU I 85 60.83 -4.78 34.66
CA LEU I 85 60.55 -5.84 35.61
C LEU I 85 59.86 -6.98 34.90
N TYR I 86 60.10 -8.20 35.32
CA TYR I 86 59.37 -9.28 34.68
C TYR I 86 58.64 -10.14 35.67
N TYR I 87 57.42 -10.49 35.30
CA TYR I 87 56.57 -11.31 36.13
C TYR I 87 56.06 -12.59 35.46
N CYS I 88 56.05 -13.67 36.26
CA CYS I 88 55.57 -15.01 35.95
C CYS I 88 54.18 -15.21 36.54
N GLN I 89 53.20 -15.53 35.68
CA GLN I 89 51.81 -15.72 36.10
C GLN I 89 51.29 -17.15 35.99
N GLN I 90 50.78 -17.67 37.12
CA GLN I 90 50.19 -19.02 37.25
C GLN I 90 48.72 -18.99 36.99
N ASP I 91 48.30 -19.77 36.03
CA ASP I 91 46.91 -19.75 35.65
C ASP I 91 46.31 -21.12 35.43
N TYR I 92 46.44 -21.98 36.43
CA TYR I 92 45.97 -23.34 36.30
C TYR I 92 44.89 -23.68 37.32
N TYR I 93 45.05 -23.22 38.57
CA TYR I 93 44.16 -23.63 39.68
C TYR I 93 43.16 -22.63 40.25
N TRP I 94 43.39 -21.35 40.03
CA TRP I 94 42.63 -20.25 40.63
C TRP I 94 42.95 -20.17 42.12
N PRO I 95 43.25 -19.00 42.63
CA PRO I 95 43.31 -17.69 42.04
C PRO I 95 44.50 -17.62 41.15
N VAL I 96 44.50 -16.67 40.27
CA VAL I 96 45.66 -16.43 39.46
C VAL I 96 46.69 -15.87 40.39
N THR I 97 47.89 -16.41 40.34
CA THR I 97 48.90 -15.89 41.24
C THR I 97 50.10 -15.44 40.44
N PHE I 98 50.90 -14.60 41.06
CA PHE I 98 52.08 -14.10 40.43
C PHE I 98 53.27 -14.39 41.29
N GLY I 99 54.43 -14.48 40.67
CA GLY I 99 55.65 -14.62 41.44
C GLY I 99 56.01 -13.25 41.97
N GLN I 100 57.15 -13.15 42.67
CA GLN I 100 57.58 -11.90 43.27
C GLN I 100 58.05 -10.92 42.22
N GLY I 101 58.55 -11.46 41.12
CA GLY I 101 59.03 -10.65 40.03
C GLY I 101 60.54 -10.54 40.07
N THR I 102 61.11 -10.24 38.92
CA THR I 102 62.55 -10.07 38.79
C THR I 102 62.79 -8.71 38.18
N ARG I 103 64.03 -8.25 38.22
CA ARG I 103 64.36 -6.99 37.58
C ARG I 103 65.60 -7.02 36.74
N LEU I 104 65.52 -6.43 35.56
CA LEU I 104 66.70 -6.31 34.73
C LEU I 104 67.40 -4.96 34.85
N ASP I 105 68.59 -4.96 35.48
CA ASP I 105 69.40 -3.78 35.71
C ASP I 105 70.51 -3.62 34.72
N MET I 106 70.92 -2.37 34.60
CA MET I 106 72.04 -1.96 33.79
C MET I 106 73.29 -2.14 34.67
N LYS I 107 74.46 -2.48 34.07
CA LYS I 107 75.76 -2.62 34.77
C LYS I 107 76.26 -1.26 35.36
N VAL J 7 -5.46 -25.03 -1.69
CA VAL J 7 -4.42 -24.03 -1.52
C VAL J 7 -3.53 -24.47 -0.34
N PHE J 8 -2.18 -24.44 -0.56
CA PHE J 8 -1.09 -24.83 0.37
C PHE J 8 -1.20 -26.30 0.83
N LEU J 9 -1.58 -27.19 -0.08
CA LEU J 9 -1.71 -28.59 0.33
C LEU J 9 -0.48 -29.43 0.00
N GLY J 10 0.52 -28.79 -0.58
CA GLY J 10 1.77 -29.43 -0.94
C GLY J 10 2.66 -28.36 -1.50
N PHE J 11 2.69 -27.23 -0.82
CA PHE J 11 3.35 -26.03 -1.26
C PHE J 11 4.79 -26.20 -1.70
N LEU J 12 5.64 -26.86 -0.95
CA LEU J 12 6.98 -27.08 -1.48
C LEU J 12 7.22 -28.56 -1.56
N GLY J 13 6.17 -29.32 -1.77
CA GLY J 13 6.27 -30.76 -1.75
C GLY J 13 7.26 -31.33 -2.75
N ALA J 14 7.43 -30.69 -3.89
CA ALA J 14 8.33 -31.17 -4.91
C ALA J 14 9.76 -30.67 -4.71
N ALA J 15 10.03 -29.94 -3.64
CA ALA J 15 11.35 -29.36 -3.47
C ALA J 15 12.46 -30.37 -3.47
N GLY J 16 12.23 -31.55 -2.95
CA GLY J 16 13.30 -32.54 -2.93
C GLY J 16 13.23 -33.50 -4.12
N SER J 17 12.33 -33.23 -5.06
CA SER J 17 12.16 -34.12 -6.17
C SER J 17 12.98 -33.67 -7.34
N THR J 18 12.96 -34.41 -8.41
CA THR J 18 13.79 -34.03 -9.53
C THR J 18 13.16 -32.92 -10.30
N MET J 19 13.93 -32.26 -11.15
CA MET J 19 13.43 -31.16 -11.94
C MET J 19 12.28 -31.60 -12.81
N GLY J 20 12.40 -32.80 -13.39
CA GLY J 20 11.34 -33.28 -14.23
C GLY J 20 10.06 -33.41 -13.46
N ALA J 21 10.07 -34.15 -12.36
CA ALA J 21 8.84 -34.34 -11.61
C ALA J 21 8.28 -33.04 -11.04
N ALA J 22 9.15 -32.16 -10.60
CA ALA J 22 8.76 -30.90 -10.00
C ALA J 22 8.11 -29.97 -11.00
N SER J 23 8.42 -30.12 -12.29
CA SER J 23 7.83 -29.25 -13.29
C SER J 23 6.34 -29.51 -13.41
N MET J 24 5.83 -30.61 -12.84
CA MET J 24 4.42 -30.91 -12.94
C MET J 24 3.59 -30.29 -11.81
N THR J 25 4.22 -29.57 -10.89
CA THR J 25 3.49 -28.98 -9.77
C THR J 25 3.55 -27.47 -9.78
N LEU J 26 3.83 -26.87 -10.90
CA LEU J 26 4.05 -25.42 -10.91
C LEU J 26 2.87 -24.57 -10.43
N THR J 27 1.63 -25.02 -10.57
CA THR J 27 0.55 -24.17 -10.11
C THR J 27 0.52 -24.14 -8.59
N VAL J 28 1.14 -25.11 -7.96
CA VAL J 28 1.06 -25.20 -6.53
C VAL J 28 1.76 -24.06 -5.87
N GLN J 29 2.94 -23.72 -6.38
CA GLN J 29 3.65 -22.61 -5.80
C GLN J 29 3.10 -21.30 -6.32
N ALA J 30 2.64 -21.24 -7.56
CA ALA J 30 2.16 -19.98 -8.10
C ALA J 30 0.97 -19.44 -7.30
N ARG J 31 0.10 -20.33 -6.86
CA ARG J 31 -1.09 -19.93 -6.14
C ARG J 31 -0.84 -19.35 -4.77
N ASN J 32 0.34 -19.53 -4.22
CA ASN J 32 0.62 -19.05 -2.88
C ASN J 32 1.47 -17.78 -2.84
N LEU J 33 1.63 -17.12 -3.97
CA LEU J 33 2.45 -15.92 -3.96
C LEU J 33 1.67 -14.66 -3.61
N LEU J 34 0.37 -14.65 -3.89
CA LEU J 34 -0.48 -13.51 -3.60
C LEU J 34 -1.50 -13.79 -2.52
N SER J 35 -1.37 -14.86 -1.77
CA SER J 35 -2.45 -15.12 -0.82
C SER J 35 -2.02 -15.65 0.53
N GLY J 36 -1.57 -14.76 1.38
CA GLY J 36 -1.18 -15.15 2.72
C GLY J 36 -2.43 -15.08 3.58
N ILE J 37 -2.31 -15.36 4.86
CA ILE J 37 -3.50 -15.33 5.71
C ILE J 37 -4.15 -13.96 5.77
N VAL J 38 -3.33 -12.94 5.91
CA VAL J 38 -3.84 -11.58 6.05
C VAL J 38 -4.50 -11.08 4.77
N GLN J 39 -4.21 -11.71 3.65
CA GLN J 39 -4.79 -11.29 2.39
C GLN J 39 -6.11 -11.98 2.16
N GLN J 40 -6.43 -12.91 3.06
CA GLN J 40 -7.68 -13.61 2.99
C GLN J 40 -8.61 -12.93 3.96
N GLN J 41 -8.08 -12.53 5.12
CA GLN J 41 -8.87 -11.85 6.15
C GLN J 41 -9.33 -10.49 5.66
N SER J 42 -8.48 -9.85 4.85
CA SER J 42 -8.77 -8.55 4.31
C SER J 42 -9.89 -8.58 3.29
N ASN J 43 -10.25 -9.75 2.80
CA ASN J 43 -11.26 -9.85 1.77
C ASN J 43 -12.53 -10.54 2.22
N LEU J 44 -12.80 -10.52 3.52
CA LEU J 44 -14.04 -11.10 4.05
C LEU J 44 -15.21 -10.20 3.72
N LEU J 45 -16.43 -10.76 3.58
CA LEU J 45 -17.59 -9.88 3.38
C LEU J 45 -17.86 -9.10 4.66
N ARG J 46 -17.65 -9.75 5.80
CA ARG J 46 -17.85 -9.08 7.08
C ARG J 46 -16.63 -8.26 7.37
N ALA J 47 -16.74 -7.23 8.19
CA ALA J 47 -15.54 -6.57 8.59
C ALA J 47 -14.74 -7.59 9.40
N PRO J 48 -13.39 -7.59 9.31
CA PRO J 48 -12.46 -8.47 10.01
C PRO J 48 -12.43 -8.25 11.52
N GLU J 49 -13.00 -7.14 11.99
CA GLU J 49 -13.05 -6.73 13.42
C GLU J 49 -11.70 -6.19 13.94
N CYS J 50 -10.59 -6.95 13.73
CA CYS J 50 -9.21 -6.63 14.14
C CYS J 50 -8.83 -5.23 13.71
N GLN J 51 -9.22 -4.86 12.52
CA GLN J 51 -8.83 -3.60 11.93
C GLN J 51 -8.72 -2.45 12.91
N GLN J 52 -9.56 -2.32 13.93
CA GLN J 52 -9.40 -1.13 14.75
C GLN J 52 -8.03 -1.06 15.41
N HIS J 53 -7.47 -2.21 15.75
CA HIS J 53 -6.16 -2.29 16.38
C HIS J 53 -5.09 -1.64 15.53
N LEU J 54 -5.17 -1.83 14.22
CA LEU J 54 -4.16 -1.38 13.30
C LEU J 54 -4.31 0.08 12.96
N LEU J 55 -5.36 0.69 13.46
CA LEU J 55 -5.60 2.08 13.23
C LEU J 55 -5.26 2.83 14.49
N LYS J 56 -5.63 2.26 15.64
CA LYS J 56 -5.33 2.87 16.93
C LYS J 56 -3.82 2.96 17.10
N LEU J 57 -3.14 1.92 16.66
CA LEU J 57 -1.70 1.85 16.72
C LEU J 57 -1.17 1.76 15.30
N THR J 58 -0.80 2.91 14.78
CA THR J 58 -0.48 3.07 13.39
C THR J 58 0.80 2.39 13.00
N VAL J 59 1.66 2.05 13.95
CA VAL J 59 2.86 1.38 13.54
C VAL J 59 2.53 -0.02 13.07
N TRP J 60 1.51 -0.65 13.65
CA TRP J 60 1.24 -2.00 13.25
C TRP J 60 0.54 -1.95 11.92
N GLY J 61 -0.23 -0.90 11.71
CA GLY J 61 -0.94 -0.71 10.45
C GLY J 61 0.06 -0.58 9.32
N ILE J 62 1.13 0.17 9.54
CA ILE J 62 2.14 0.33 8.53
C ILE J 62 2.89 -0.95 8.29
N LYS J 63 3.28 -1.70 9.32
CA LYS J 63 3.98 -2.93 9.03
C LYS J 63 3.12 -3.87 8.19
N GLN J 64 1.81 -3.96 8.47
CA GLN J 64 0.99 -4.86 7.68
C GLN J 64 0.92 -4.40 6.24
N LEU J 65 0.76 -3.10 6.00
CA LEU J 65 0.70 -2.68 4.61
C LEU J 65 1.99 -2.93 3.90
N GLN J 66 3.13 -2.74 4.56
CA GLN J 66 4.35 -2.96 3.85
C GLN J 66 4.44 -4.40 3.39
N ALA J 67 4.02 -5.35 4.22
CA ALA J 67 4.06 -6.73 3.81
C ALA J 67 3.17 -7.02 2.60
N ARG J 68 1.99 -6.40 2.56
CA ARG J 68 1.06 -6.63 1.47
C ARG J 68 1.51 -5.99 0.19
N VAL J 69 2.08 -4.80 0.27
CA VAL J 69 2.55 -4.10 -0.90
C VAL J 69 3.70 -4.86 -1.50
N LEU J 70 4.61 -5.35 -0.66
CA LEU J 70 5.74 -6.08 -1.19
C LEU J 70 5.30 -7.34 -1.91
N ALA J 71 4.35 -8.10 -1.36
CA ALA J 71 3.97 -9.31 -2.09
C ALA J 71 3.47 -8.95 -3.48
N VAL J 72 2.74 -7.84 -3.60
CA VAL J 72 2.27 -7.42 -4.90
C VAL J 72 3.39 -6.98 -5.81
N GLU J 73 4.33 -6.19 -5.31
CA GLU J 73 5.43 -5.75 -6.16
C GLU J 73 6.28 -6.90 -6.65
N ARG J 74 6.53 -7.89 -5.82
CA ARG J 74 7.34 -9.00 -6.27
C ARG J 74 6.61 -9.78 -7.34
N TYR J 75 5.32 -9.98 -7.16
CA TYR J 75 4.54 -10.70 -8.15
C TYR J 75 4.58 -9.98 -9.47
N LEU J 76 4.33 -8.68 -9.45
CA LEU J 76 4.28 -7.95 -10.69
C LEU J 76 5.61 -7.90 -11.38
N ARG J 77 6.71 -7.84 -10.65
CA ARG J 77 7.97 -7.80 -11.34
C ARG J 77 8.21 -9.12 -12.07
N ASP J 78 7.85 -10.25 -11.48
CA ASP J 78 8.07 -11.48 -12.21
C ASP J 78 7.17 -11.53 -13.43
N GLN J 79 5.95 -11.01 -13.32
CA GLN J 79 5.09 -11.04 -14.48
C GLN J 79 5.60 -10.11 -15.56
N GLN J 80 6.19 -8.99 -15.18
CA GLN J 80 6.73 -8.09 -16.18
C GLN J 80 7.85 -8.75 -16.94
N LEU J 81 8.72 -9.50 -16.25
CA LEU J 81 9.79 -10.14 -16.98
C LEU J 81 9.26 -11.17 -17.92
N LEU J 82 8.25 -11.92 -17.51
CA LEU J 82 7.75 -12.91 -18.44
C LEU J 82 7.16 -12.22 -19.64
N GLY J 83 6.48 -11.09 -19.45
CA GLY J 83 5.92 -10.35 -20.56
C GLY J 83 7.00 -9.86 -21.52
N ILE J 84 8.08 -9.30 -20.99
CA ILE J 84 9.18 -8.79 -21.79
C ILE J 84 9.84 -9.86 -22.60
N TRP J 85 10.01 -11.03 -22.03
CA TRP J 85 10.64 -12.16 -22.71
C TRP J 85 9.71 -12.83 -23.72
N GLY J 86 8.49 -12.35 -23.86
CA GLY J 86 7.53 -12.94 -24.79
C GLY J 86 6.65 -14.09 -24.29
N CYS J 87 6.49 -14.24 -22.97
CA CYS J 87 5.70 -15.29 -22.33
C CYS J 87 4.58 -14.67 -21.51
N SER J 88 3.53 -14.24 -22.17
CA SER J 88 2.46 -13.66 -21.39
C SER J 88 1.58 -14.80 -20.95
N GLY J 89 1.61 -15.10 -19.68
CA GLY J 89 0.91 -16.26 -19.20
C GLY J 89 1.82 -17.45 -19.44
N LYS J 90 1.29 -18.65 -19.26
CA LYS J 90 2.00 -19.92 -19.38
C LYS J 90 2.90 -20.16 -18.18
N LEU J 91 2.97 -21.40 -17.72
CA LEU J 91 3.93 -21.62 -16.66
C LEU J 91 5.21 -22.12 -17.26
N ILE J 92 5.12 -22.73 -18.44
CA ILE J 92 6.30 -23.20 -19.14
C ILE J 92 6.30 -22.61 -20.55
N CYS J 93 7.37 -21.91 -20.98
CA CYS J 93 7.46 -21.34 -22.34
C CYS J 93 8.83 -21.54 -22.96
N CYS J 94 8.81 -21.75 -24.26
CA CYS J 94 10.01 -21.99 -25.01
C CYS J 94 10.50 -20.68 -25.58
N THR J 95 11.81 -20.54 -25.73
CA THR J 95 12.38 -19.33 -26.28
C THR J 95 13.31 -19.69 -27.40
N ASN J 96 13.93 -18.70 -28.03
CA ASN J 96 14.91 -18.93 -29.09
C ASN J 96 16.35 -18.74 -28.66
N VAL J 97 16.61 -18.62 -27.37
CA VAL J 97 17.99 -18.44 -26.93
C VAL J 97 18.62 -19.80 -26.75
N PRO J 98 19.73 -20.13 -27.41
CA PRO J 98 20.41 -21.40 -27.33
C PRO J 98 21.10 -21.50 -26.00
N TRP J 99 21.32 -22.71 -25.55
CA TRP J 99 22.07 -22.95 -24.34
C TRP J 99 23.56 -22.86 -24.70
N ASN J 100 24.36 -22.12 -23.90
CA ASN J 100 25.78 -21.84 -24.13
C ASN J 100 26.75 -23.01 -23.86
N SER J 101 26.38 -24.02 -23.00
CA SER J 101 27.24 -25.15 -22.57
C SER J 101 28.53 -24.67 -21.91
N SER J 102 28.37 -23.61 -21.12
CA SER J 102 29.43 -22.99 -20.38
C SER J 102 28.77 -22.66 -19.10
N TRP J 103 27.49 -22.34 -19.21
CA TRP J 103 26.67 -21.95 -18.08
C TRP J 103 26.55 -23.16 -17.19
N SER J 104 26.36 -24.28 -17.83
CA SER J 104 26.28 -25.59 -17.24
C SER J 104 26.57 -26.53 -18.37
N ASN J 105 27.33 -27.57 -18.12
CA ASN J 105 27.65 -28.49 -19.18
C ASN J 105 27.29 -29.90 -18.82
N ARG J 106 26.00 -30.18 -18.89
CA ARG J 106 25.42 -31.45 -18.55
C ARG J 106 24.43 -31.77 -19.66
N ASN J 107 24.11 -33.05 -19.90
CA ASN J 107 23.12 -33.49 -20.87
C ASN J 107 21.72 -33.48 -20.23
N LEU J 108 20.64 -33.53 -21.06
CA LEU J 108 19.25 -33.49 -20.56
C LEU J 108 18.92 -34.66 -19.65
N SER J 109 19.48 -35.82 -19.94
CA SER J 109 19.21 -37.02 -19.16
C SER J 109 19.86 -36.96 -17.79
N GLU J 110 20.75 -36.00 -17.57
CA GLU J 110 21.36 -35.89 -16.28
C GLU J 110 20.60 -34.87 -15.47
N ILE J 111 20.24 -33.74 -16.06
CA ILE J 111 19.63 -32.74 -15.19
C ILE J 111 18.16 -32.99 -14.93
N TRP J 112 17.40 -33.44 -15.91
CA TRP J 112 15.97 -33.56 -15.66
C TRP J 112 15.64 -34.73 -14.73
N ASP J 113 16.47 -35.76 -14.76
CA ASP J 113 16.28 -36.92 -13.92
C ASP J 113 17.07 -36.95 -12.61
N ASN J 114 18.27 -36.36 -12.53
CA ASN J 114 19.02 -36.47 -11.29
C ASN J 114 19.08 -35.24 -10.41
N MET J 115 18.82 -34.04 -10.92
CA MET J 115 18.96 -32.87 -10.07
C MET J 115 17.65 -32.35 -9.60
N THR J 116 17.66 -31.71 -8.44
CA THR J 116 16.49 -31.04 -7.91
C THR J 116 16.57 -29.60 -8.37
N TRP J 117 15.50 -28.82 -8.25
CA TRP J 117 15.61 -27.44 -8.68
C TRP J 117 16.52 -26.63 -7.78
N LEU J 118 16.61 -26.99 -6.50
CA LEU J 118 17.49 -26.25 -5.60
C LEU J 118 18.93 -26.45 -6.02
N GLN J 119 19.30 -27.67 -6.40
CA GLN J 119 20.66 -27.91 -6.81
C GLN J 119 20.99 -27.18 -8.08
N TRP J 120 20.05 -27.16 -9.00
CA TRP J 120 20.24 -26.47 -10.26
C TRP J 120 20.44 -24.99 -10.01
N ASP J 121 19.62 -24.43 -9.14
CA ASP J 121 19.72 -23.01 -8.85
C ASP J 121 21.07 -22.64 -8.29
N LYS J 122 21.69 -23.54 -7.53
CA LYS J 122 22.98 -23.26 -6.94
C LYS J 122 24.13 -23.50 -7.90
N GLU J 123 23.84 -24.02 -9.09
CA GLU J 123 24.85 -24.32 -10.08
C GLU J 123 24.97 -23.23 -11.11
N ILE J 124 23.86 -22.61 -11.48
CA ILE J 124 23.93 -21.57 -12.51
C ILE J 124 23.54 -20.20 -12.01
N SER J 125 23.59 -19.98 -10.70
CA SER J 125 23.13 -18.70 -10.20
C SER J 125 23.87 -17.46 -10.70
N ASN J 126 25.18 -17.54 -11.05
CA ASN J 126 25.94 -16.37 -11.51
C ASN J 126 25.85 -16.16 -13.03
N TYR J 127 25.01 -16.95 -13.75
CA TYR J 127 24.74 -16.79 -15.16
C TYR J 127 23.32 -16.29 -15.32
N THR J 128 22.63 -16.03 -14.21
CA THR J 128 21.24 -15.63 -14.31
C THR J 128 21.06 -14.37 -15.07
N GLN J 129 21.90 -13.38 -14.83
CA GLN J 129 21.70 -12.11 -15.49
C GLN J 129 22.07 -12.18 -16.95
N ILE J 130 23.00 -13.05 -17.30
CA ILE J 130 23.37 -13.16 -18.69
C ILE J 130 22.20 -13.75 -19.43
N ILE J 131 21.61 -14.79 -18.87
CA ILE J 131 20.51 -15.43 -19.54
C ILE J 131 19.35 -14.48 -19.64
N TYR J 132 19.03 -13.74 -18.59
CA TYR J 132 17.91 -12.84 -18.69
C TYR J 132 18.16 -11.79 -19.75
N GLY J 133 19.38 -11.28 -19.85
CA GLY J 133 19.68 -10.30 -20.86
C GLY J 133 19.46 -10.87 -22.26
N LEU J 134 19.89 -12.10 -22.49
CA LEU J 134 19.69 -12.69 -23.79
C LEU J 134 18.24 -12.92 -24.10
N LEU J 135 17.43 -13.27 -23.11
CA LEU J 135 16.04 -13.50 -23.39
C LEU J 135 15.38 -12.21 -23.84
N GLU J 136 15.72 -11.09 -23.23
CA GLU J 136 15.16 -9.83 -23.66
C GLU J 136 15.61 -9.46 -25.07
N GLU J 137 16.89 -9.68 -25.39
CA GLU J 137 17.34 -9.34 -26.73
C GLU J 137 16.62 -10.18 -27.77
N SER J 138 16.38 -11.44 -27.45
CA SER J 138 15.70 -12.32 -28.36
C SER J 138 14.32 -11.83 -28.67
N GLN J 139 13.58 -11.39 -27.65
CA GLN J 139 12.24 -10.91 -27.93
C GLN J 139 12.28 -9.65 -28.75
N ASN J 140 13.26 -8.78 -28.52
CA ASN J 140 13.28 -7.57 -29.33
C ASN J 140 13.55 -7.93 -30.77
N GLN J 141 14.41 -8.91 -31.00
CA GLN J 141 14.70 -9.28 -32.36
C GLN J 141 13.47 -9.88 -33.00
N GLN J 142 12.69 -10.65 -32.23
CA GLN J 142 11.51 -11.20 -32.82
C GLN J 142 10.55 -10.11 -33.22
N GLU J 143 10.35 -9.08 -32.41
CA GLU J 143 9.42 -8.06 -32.82
C GLU J 143 9.91 -7.34 -34.08
N LYS J 144 11.23 -7.13 -34.21
CA LYS J 144 11.74 -6.49 -35.40
C LYS J 144 11.41 -7.30 -36.63
N ASN J 145 11.43 -8.64 -36.51
CA ASN J 145 11.10 -9.50 -37.62
C ASN J 145 9.60 -9.53 -37.90
N GLU J 146 8.79 -9.35 -36.87
CA GLU J 146 7.34 -9.34 -37.06
C GLU J 146 6.93 -8.14 -37.88
N GLN J 147 7.64 -7.02 -37.73
CA GLN J 147 7.32 -5.82 -38.49
C GLN J 147 7.96 -5.85 -39.87
N ASP J 148 7.62 -6.87 -40.60
CA ASP J 148 8.09 -7.18 -41.93
C ASP J 148 7.06 -8.11 -42.51
N LEU J 149 6.36 -7.68 -43.51
CA LEU J 149 5.22 -8.46 -43.94
C LEU J 149 5.62 -9.62 -44.84
N LEU J 150 6.91 -9.76 -45.11
CA LEU J 150 7.34 -10.92 -45.89
C LEU J 150 7.78 -12.04 -44.95
N ALA J 151 7.77 -11.75 -43.66
CA ALA J 151 8.12 -12.71 -42.63
C ALA J 151 9.48 -13.43 -42.86
N LEU J 152 9.51 -14.80 -42.82
CA LEU J 152 10.71 -15.64 -42.95
C LEU J 152 10.52 -16.60 -44.11
N ARG K 3 10.69 -34.48 -49.19
CA ARG K 3 11.00 -33.05 -49.16
C ARG K 3 12.50 -32.72 -48.89
N MET K 4 13.39 -33.75 -48.82
CA MET K 4 14.83 -33.57 -48.61
C MET K 4 15.62 -34.48 -49.54
N THR K 5 16.74 -33.98 -50.06
CA THR K 5 17.62 -34.77 -50.94
C THR K 5 19.04 -34.87 -50.44
N GLN K 6 19.56 -36.09 -50.38
CA GLN K 6 20.91 -36.36 -49.93
C GLN K 6 21.89 -36.42 -51.09
N SER K 7 23.16 -36.14 -50.80
CA SER K 7 24.19 -36.20 -51.81
C SER K 7 25.60 -36.44 -51.28
N PRO K 8 26.43 -37.22 -51.99
CA PRO K 8 26.26 -38.00 -53.20
C PRO K 8 25.55 -39.29 -52.92
N ALA K 9 25.18 -40.01 -53.96
CA ALA K 9 24.59 -41.33 -53.74
C ALA K 9 25.53 -42.26 -52.97
N ILE K 10 26.83 -42.16 -53.22
CA ILE K 10 27.77 -43.00 -52.52
C ILE K 10 29.14 -42.37 -52.34
N LEU K 11 29.73 -42.64 -51.18
CA LEU K 11 31.10 -42.29 -50.90
C LEU K 11 31.94 -43.54 -50.77
N SER K 12 33.20 -43.45 -51.16
CA SER K 12 34.16 -44.53 -50.99
C SER K 12 35.40 -43.93 -50.37
N LEU K 13 35.70 -44.37 -49.16
CA LEU K 13 36.78 -43.80 -48.36
C LEU K 13 37.80 -44.80 -47.85
N SER K 14 39.01 -44.31 -47.59
CA SER K 14 40.02 -45.13 -46.97
C SER K 14 39.74 -45.16 -45.46
N PRO K 15 40.12 -46.19 -44.72
CA PRO K 15 39.96 -46.25 -43.28
C PRO K 15 40.67 -45.06 -42.65
N GLY K 16 40.01 -44.44 -41.69
CA GLY K 16 40.53 -43.30 -40.95
C GLY K 16 40.24 -41.95 -41.59
N GLU K 17 39.72 -41.98 -42.81
CA GLU K 17 39.42 -40.77 -43.56
C GLU K 17 38.09 -40.19 -43.08
N ARG K 18 37.91 -38.88 -43.23
CA ARG K 18 36.66 -38.25 -42.85
C ARG K 18 35.64 -38.22 -43.98
N ALA K 19 34.44 -38.71 -43.70
CA ALA K 19 33.35 -38.77 -44.68
C ALA K 19 32.30 -37.72 -44.46
N THR K 20 31.92 -37.01 -45.52
CA THR K 20 30.85 -36.03 -45.37
C THR K 20 29.71 -36.23 -46.35
N LEU K 21 28.49 -36.16 -45.82
CA LEU K 21 27.26 -36.28 -46.60
C LEU K 21 26.36 -35.07 -46.44
N SER K 22 25.86 -34.53 -47.53
CA SER K 22 24.99 -33.36 -47.41
C SER K 22 23.53 -33.78 -47.56
N CYS K 23 22.59 -32.90 -47.11
CA CYS K 23 21.16 -33.06 -47.28
C CYS K 23 20.50 -31.68 -47.37
N ARG K 24 19.71 -31.49 -48.43
CA ARG K 24 19.02 -30.23 -48.68
C ARG K 24 17.51 -30.32 -48.62
N ALA K 25 16.90 -29.41 -47.86
CA ALA K 25 15.44 -29.37 -47.77
C ALA K 25 14.82 -28.45 -48.80
N SER K 26 13.61 -28.77 -49.24
CA SER K 26 12.83 -27.93 -50.13
C SER K 26 12.13 -26.79 -49.39
N GLN K 27 12.02 -26.94 -48.08
CA GLN K 27 11.37 -26.00 -47.19
C GLN K 27 12.19 -25.97 -45.93
N SER K 28 12.12 -24.90 -45.17
CA SER K 28 12.86 -24.94 -43.91
C SER K 28 12.37 -26.02 -42.97
N VAL K 29 13.33 -26.69 -42.36
CA VAL K 29 13.05 -27.71 -41.39
C VAL K 29 13.57 -27.24 -40.04
N ASP K 30 13.83 -25.94 -39.95
CA ASP K 30 14.30 -25.39 -38.71
C ASP K 30 15.56 -26.15 -38.27
N SER K 31 15.56 -26.66 -37.04
CA SER K 31 16.65 -27.41 -36.47
C SER K 31 16.22 -28.86 -36.27
N ARG K 32 15.08 -29.20 -36.80
CA ARG K 32 14.53 -30.53 -36.58
C ARG K 32 14.96 -31.53 -37.61
N LEU K 33 16.18 -31.96 -37.48
CA LEU K 33 16.76 -32.96 -38.37
C LEU K 33 17.43 -34.11 -37.66
N ALA K 34 17.09 -35.32 -38.05
CA ALA K 34 17.75 -36.47 -37.47
C ALA K 34 18.45 -37.30 -38.52
N TRP K 35 19.50 -38.00 -38.11
CA TRP K 35 20.20 -38.89 -39.01
C TRP K 35 20.15 -40.31 -38.49
N TYR K 36 20.00 -41.25 -39.40
CA TYR K 36 19.96 -42.68 -39.08
C TYR K 36 20.97 -43.53 -39.83
N GLN K 37 21.42 -44.60 -39.19
CA GLN K 37 22.34 -45.56 -39.82
C GLN K 37 21.72 -46.93 -40.03
N GLN K 38 21.60 -47.37 -41.27
CA GLN K 38 21.04 -48.69 -41.51
C GLN K 38 22.05 -49.66 -42.11
N LYS K 39 22.43 -50.65 -41.34
CA LYS K 39 23.37 -51.62 -41.84
C LYS K 39 22.54 -52.68 -42.52
N PRO K 40 23.03 -53.40 -43.53
CA PRO K 40 22.28 -54.45 -44.17
C PRO K 40 21.78 -55.45 -43.15
N GLY K 41 20.51 -55.81 -43.24
CA GLY K 41 19.88 -56.76 -42.35
C GLY K 41 19.34 -56.12 -41.07
N GLN K 42 19.62 -54.84 -40.88
CA GLN K 42 19.22 -54.13 -39.69
C GLN K 42 18.14 -53.11 -39.95
N SER K 43 17.45 -52.73 -38.88
CA SER K 43 16.50 -51.64 -38.96
C SER K 43 17.33 -50.40 -38.66
N PRO K 44 17.00 -49.19 -39.15
CA PRO K 44 17.79 -47.99 -38.93
C PRO K 44 18.01 -47.65 -37.46
N ARG K 45 19.22 -47.25 -37.13
CA ARG K 45 19.59 -46.84 -35.78
C ARG K 45 19.65 -45.33 -35.71
N LEU K 46 19.14 -44.74 -34.64
CA LEU K 46 19.26 -43.29 -34.54
C LEU K 46 20.67 -42.88 -34.17
N LEU K 47 21.25 -41.95 -34.93
CA LEU K 47 22.59 -41.47 -34.62
C LEU K 47 22.56 -40.10 -34.01
N ILE K 48 21.94 -39.18 -34.73
CA ILE K 48 21.92 -37.77 -34.37
C ILE K 48 20.54 -37.19 -34.42
N TYR K 49 20.19 -36.36 -33.47
CA TYR K 49 18.89 -35.71 -33.49
C TYR K 49 19.05 -34.21 -33.26
N ASP K 50 18.07 -33.44 -33.69
CA ASP K 50 18.14 -31.99 -33.56
C ASP K 50 19.44 -31.43 -34.18
N VAL K 51 19.79 -31.94 -35.35
CA VAL K 51 20.96 -31.58 -36.16
C VAL K 51 22.28 -32.07 -35.61
N SER K 52 22.60 -31.77 -34.36
CA SER K 52 23.88 -32.13 -33.79
C SER K 52 23.92 -32.90 -32.45
N SER K 53 22.79 -33.30 -31.88
CA SER K 53 22.83 -33.99 -30.60
C SER K 53 23.06 -35.47 -30.82
N ARG K 54 24.01 -36.07 -30.12
CA ARG K 54 24.21 -37.50 -30.31
C ARG K 54 23.20 -38.31 -29.54
N ALA K 55 22.75 -39.38 -30.15
CA ALA K 55 21.87 -40.32 -29.49
C ALA K 55 22.70 -41.11 -28.50
N THR K 56 22.06 -41.61 -27.46
CA THR K 56 22.78 -42.39 -26.48
C THR K 56 23.41 -43.59 -27.14
N GLY K 57 24.69 -43.83 -26.86
CA GLY K 57 25.40 -44.99 -27.39
C GLY K 57 26.12 -44.77 -28.72
N ILE K 58 26.12 -43.55 -29.21
CA ILE K 58 26.76 -43.23 -30.47
C ILE K 58 28.21 -42.76 -30.31
N PRO K 59 29.17 -43.32 -31.06
CA PRO K 59 30.57 -42.97 -31.07
C PRO K 59 30.77 -41.51 -31.43
N ASP K 60 31.85 -40.93 -30.94
CA ASP K 60 32.15 -39.52 -31.16
C ASP K 60 32.72 -39.22 -32.54
N ARG K 61 32.79 -40.26 -33.36
CA ARG K 61 33.16 -40.13 -34.75
C ARG K 61 32.07 -39.34 -35.44
N PHE K 62 30.84 -39.51 -34.96
CA PHE K 62 29.69 -38.90 -35.59
C PHE K 62 29.40 -37.50 -35.09
N SER K 63 29.15 -36.60 -36.01
CA SER K 63 28.81 -35.22 -35.71
C SER K 63 28.03 -34.64 -36.87
N GLY K 64 27.54 -33.41 -36.72
CA GLY K 64 26.83 -32.78 -37.81
C GLY K 64 26.51 -31.34 -37.51
N SER K 65 25.99 -30.67 -38.52
CA SER K 65 25.66 -29.25 -38.43
C SER K 65 24.68 -28.83 -39.50
N GLY K 66 24.18 -27.61 -39.41
CA GLY K 66 23.31 -27.07 -40.43
C GLY K 66 22.05 -26.45 -39.90
N SER K 67 21.36 -25.73 -40.76
CA SER K 67 20.11 -25.07 -40.38
C SER K 67 19.20 -24.72 -41.55
N GLY K 68 17.90 -24.66 -41.27
CA GLY K 68 16.98 -24.20 -42.28
C GLY K 68 16.85 -25.24 -43.35
N THR K 69 17.64 -25.10 -44.39
CA THR K 69 17.59 -26.05 -45.46
C THR K 69 18.90 -26.77 -45.74
N GLU K 70 20.02 -26.31 -45.19
CA GLU K 70 21.33 -26.89 -45.51
C GLU K 70 21.96 -27.67 -44.37
N PHE K 71 22.05 -29.00 -44.51
CA PHE K 71 22.58 -29.84 -43.44
C PHE K 71 23.69 -30.81 -43.87
N THR K 72 24.60 -31.10 -42.93
CA THR K 72 25.69 -32.07 -43.15
C THR K 72 25.89 -33.08 -42.03
N LEU K 73 26.10 -34.35 -42.42
CA LEU K 73 26.50 -35.44 -41.53
C LEU K 73 27.97 -35.73 -41.73
N THR K 74 28.74 -35.74 -40.66
CA THR K 74 30.17 -36.01 -40.77
C THR K 74 30.63 -37.19 -39.91
N ILE K 75 31.43 -38.07 -40.50
CA ILE K 75 32.01 -39.17 -39.74
C ILE K 75 33.53 -39.06 -39.77
N SER K 76 34.16 -38.71 -38.66
CA SER K 76 35.61 -38.59 -38.70
C SER K 76 36.20 -39.95 -38.40
N SER K 77 37.48 -40.16 -38.72
CA SER K 77 38.13 -41.41 -38.38
C SER K 77 37.26 -42.60 -38.78
N LEU K 78 36.76 -42.60 -40.01
CA LEU K 78 35.83 -43.63 -40.45
C LEU K 78 36.35 -45.06 -40.29
N GLU K 79 35.52 -45.92 -39.70
CA GLU K 79 35.91 -47.29 -39.46
C GLU K 79 35.16 -48.25 -40.37
N PRO K 80 35.66 -49.46 -40.67
CA PRO K 80 35.01 -50.51 -41.46
C PRO K 80 33.62 -50.89 -40.92
N GLU K 81 33.39 -50.63 -39.66
CA GLU K 81 32.14 -50.99 -39.03
C GLU K 81 31.06 -49.96 -39.31
N ASP K 82 31.44 -48.90 -40.03
CA ASP K 82 30.55 -47.84 -40.40
C ASP K 82 30.02 -48.04 -41.82
N VAL K 83 30.25 -49.20 -42.45
CA VAL K 83 29.65 -49.33 -43.77
C VAL K 83 28.16 -49.42 -43.54
N ALA K 84 27.42 -48.50 -44.14
CA ALA K 84 25.98 -48.43 -43.92
C ALA K 84 25.31 -47.48 -44.90
N VAL K 85 23.98 -47.53 -44.93
CA VAL K 85 23.24 -46.54 -45.65
C VAL K 85 22.75 -45.49 -44.64
N TYR K 86 23.07 -44.24 -44.90
CA TYR K 86 22.72 -43.19 -43.98
C TYR K 86 21.53 -42.42 -44.47
N PHE K 87 20.58 -42.18 -43.59
CA PHE K 87 19.37 -41.48 -43.96
C PHE K 87 19.18 -40.14 -43.26
N CYS K 88 18.63 -39.17 -44.02
CA CYS K 88 18.27 -37.82 -43.59
C CYS K 88 16.77 -37.78 -43.25
N HIS K 89 16.40 -37.48 -41.99
CA HIS K 89 14.99 -37.49 -41.59
C HIS K 89 14.44 -36.13 -41.13
N GLN K 90 13.38 -35.68 -41.78
CA GLN K 90 12.72 -34.41 -41.48
C GLN K 90 11.87 -34.52 -40.26
N GLU K 91 12.08 -33.66 -39.28
CA GLU K 91 11.24 -33.71 -38.09
C GLU K 91 10.52 -32.39 -37.83
N ASN K 92 10.45 -31.53 -38.84
CA ASN K 92 9.80 -30.23 -38.68
C ASN K 92 8.39 -30.11 -39.24
N ASP K 93 7.80 -31.20 -39.69
CA ASP K 93 6.47 -31.06 -40.22
C ASP K 93 5.74 -32.38 -40.13
N TRP K 94 4.49 -32.38 -40.49
CA TRP K 94 3.70 -33.60 -40.40
C TRP K 94 4.13 -34.73 -41.32
N PRO K 95 4.38 -34.53 -42.59
CA PRO K 95 4.75 -35.59 -43.48
C PRO K 95 6.01 -36.36 -43.04
N TRP K 96 6.87 -35.78 -42.18
CA TRP K 96 8.09 -36.45 -41.74
C TRP K 96 8.81 -37.16 -42.87
N THR K 97 9.23 -36.47 -43.91
CA THR K 97 9.80 -37.27 -44.97
C THR K 97 11.23 -37.66 -44.69
N PHE K 98 11.71 -38.62 -45.46
CA PHE K 98 13.09 -39.05 -45.39
C PHE K 98 13.75 -38.74 -46.72
N GLY K 99 15.05 -38.53 -46.70
CA GLY K 99 15.80 -38.42 -47.93
C GLY K 99 15.92 -39.84 -48.43
N GLN K 100 16.50 -40.02 -49.59
CA GLN K 100 16.58 -41.33 -50.19
C GLN K 100 17.59 -42.30 -49.57
N GLY K 101 18.54 -41.81 -48.81
CA GLY K 101 19.55 -42.70 -48.25
C GLY K 101 20.79 -42.75 -49.12
N THR K 102 21.96 -42.62 -48.52
CA THR K 102 23.21 -42.68 -49.28
C THR K 102 24.11 -43.71 -48.66
N LYS K 103 25.06 -44.22 -49.42
CA LYS K 103 25.93 -45.23 -48.84
C LYS K 103 27.33 -44.75 -48.60
N VAL K 104 27.92 -45.22 -47.52
CA VAL K 104 29.33 -44.98 -47.28
C VAL K 104 30.01 -46.31 -47.14
N GLU K 105 31.04 -46.53 -47.96
CA GLU K 105 31.78 -47.77 -47.93
C GLU K 105 33.27 -47.55 -47.71
N ILE K 106 33.84 -48.39 -46.84
CA ILE K 106 35.23 -48.34 -46.44
C ILE K 106 36.07 -49.39 -47.17
N LYS K 107 37.18 -48.94 -47.83
CA LYS K 107 38.10 -49.77 -48.63
C LYS K 107 39.53 -49.77 -48.02
N GLU L 1 12.62 -49.66 -21.90
CA GLU L 1 13.13 -50.53 -22.96
C GLU L 1 12.03 -51.51 -23.39
N VAL L 2 11.73 -51.55 -24.71
CA VAL L 2 10.74 -52.45 -25.31
C VAL L 2 11.32 -53.18 -26.49
N GLN L 3 10.65 -54.24 -26.86
CA GLN L 3 10.97 -54.99 -28.05
C GLN L 3 9.75 -55.03 -28.92
N LEU L 4 9.96 -54.86 -30.21
CA LEU L 4 8.86 -54.82 -31.14
C LEU L 4 8.94 -55.98 -32.11
N VAL L 5 7.88 -56.77 -32.17
CA VAL L 5 7.89 -57.92 -33.07
C VAL L 5 6.74 -57.92 -34.05
N GLU L 6 7.05 -57.80 -35.33
CA GLU L 6 6.05 -57.78 -36.37
C GLU L 6 5.72 -59.17 -36.88
N SER L 7 4.49 -59.31 -37.37
CA SER L 7 4.04 -60.54 -38.01
C SER L 7 2.89 -60.31 -38.98
N GLY L 8 2.86 -61.08 -40.05
CA GLY L 8 1.73 -60.98 -40.97
C GLY L 8 2.04 -61.66 -42.30
N PRO L 9 1.07 -61.69 -43.23
CA PRO L 9 1.20 -62.31 -44.53
C PRO L 9 2.33 -61.69 -45.29
N GLY L 10 3.10 -62.51 -45.98
CA GLY L 10 4.21 -62.02 -46.78
C GLY L 10 3.77 -61.83 -48.22
N LEU L 11 2.49 -62.08 -48.47
CA LEU L 11 1.89 -61.97 -49.78
C LEU L 11 0.43 -61.57 -49.75
N VAL L 12 0.13 -60.53 -50.49
CA VAL L 12 -1.20 -60.00 -50.67
C VAL L 12 -1.44 -59.81 -52.17
N ARG L 13 -2.68 -60.06 -52.62
CA ARG L 13 -3.03 -59.95 -54.04
C ARG L 13 -3.65 -58.58 -54.32
N PRO L 14 -3.78 -58.16 -55.58
CA PRO L 14 -4.36 -56.90 -55.94
C PRO L 14 -5.75 -56.73 -55.38
N SER L 15 -5.99 -55.53 -54.88
CA SER L 15 -7.23 -55.05 -54.29
C SER L 15 -7.58 -55.67 -52.95
N GLU L 16 -6.70 -56.49 -52.39
CA GLU L 16 -6.91 -57.07 -51.09
C GLU L 16 -6.40 -56.15 -50.01
N THR L 17 -6.89 -56.33 -48.81
CA THR L 17 -6.40 -55.56 -47.69
C THR L 17 -5.26 -56.29 -47.00
N LEU L 18 -4.18 -55.58 -46.78
CA LEU L 18 -3.01 -56.13 -46.11
C LEU L 18 -3.08 -55.86 -44.63
N SER L 19 -2.92 -56.90 -43.84
CA SER L 19 -3.00 -56.77 -42.38
C SER L 19 -1.77 -57.28 -41.67
N LEU L 20 -1.06 -56.35 -41.02
CA LEU L 20 0.16 -56.65 -40.27
C LEU L 20 -0.02 -56.28 -38.81
N THR L 21 0.53 -57.08 -37.90
CA THR L 21 0.42 -56.73 -36.49
C THR L 21 1.81 -56.60 -35.89
N CYS L 22 1.90 -55.98 -34.68
CA CYS L 22 3.13 -55.84 -33.90
C CYS L 22 2.86 -56.03 -32.42
N ALA L 23 3.60 -56.94 -31.82
CA ALA L 23 3.48 -57.19 -30.40
C ALA L 23 4.46 -56.31 -29.67
N VAL L 24 4.05 -55.81 -28.52
CA VAL L 24 4.97 -55.00 -27.74
C VAL L 24 5.29 -55.65 -26.41
N SER L 25 6.58 -55.84 -26.19
CA SER L 25 7.05 -56.42 -24.94
C SER L 25 7.86 -55.42 -24.16
N GLY L 26 7.72 -55.42 -22.84
CA GLY L 26 8.51 -54.56 -21.94
C GLY L 26 7.81 -53.29 -21.45
N ASP L 27 6.72 -52.89 -22.09
CA ASP L 27 5.97 -51.71 -21.68
C ASP L 27 4.56 -51.83 -22.23
N SER L 28 3.71 -50.86 -21.92
CA SER L 28 2.31 -50.84 -22.35
C SER L 28 2.03 -50.06 -23.61
N ILE L 29 1.00 -50.47 -24.37
CA ILE L 29 0.63 -49.67 -25.54
C ILE L 29 -0.64 -48.86 -25.29
N SER L 30 -1.14 -48.88 -24.06
CA SER L 30 -2.33 -48.13 -23.65
C SER L 30 -1.96 -46.70 -23.30
N THR L 31 -0.67 -46.50 -23.31
CA THR L 31 0.02 -45.28 -22.99
C THR L 31 1.22 -45.18 -23.91
N ASN L 32 2.19 -44.36 -23.54
CA ASN L 32 3.37 -44.22 -24.38
C ASN L 32 3.05 -43.87 -25.81
N ASN L 33 2.45 -42.72 -26.04
CA ASN L 33 2.03 -42.37 -27.39
C ASN L 33 3.16 -42.39 -28.40
N GLY L 34 2.86 -42.73 -29.66
CA GLY L 34 3.89 -42.74 -30.68
C GLY L 34 4.15 -44.13 -31.24
N TRP L 35 3.13 -44.97 -31.30
CA TRP L 35 3.33 -46.29 -31.87
C TRP L 35 3.14 -46.10 -33.36
N SER L 36 4.06 -46.56 -34.19
CA SER L 36 3.91 -46.22 -35.59
C SER L 36 4.35 -47.25 -36.59
N TRP L 37 3.90 -47.03 -37.83
CA TRP L 37 4.30 -47.86 -38.93
C TRP L 37 5.07 -47.05 -39.96
N ILE L 38 6.17 -47.65 -40.41
CA ILE L 38 7.12 -47.10 -41.39
C ILE L 38 7.27 -48.06 -42.56
N ARG L 39 7.30 -47.53 -43.77
CA ARG L 39 7.47 -48.38 -44.92
C ARG L 39 8.76 -48.08 -45.69
N GLN L 40 9.51 -49.14 -46.03
CA GLN L 40 10.73 -49.00 -46.81
C GLN L 40 10.54 -49.65 -48.16
N THR L 41 10.45 -48.83 -49.19
CA THR L 41 10.15 -49.37 -50.51
C THR L 41 11.37 -49.28 -51.41
N PRO L 42 11.90 -50.39 -51.94
CA PRO L 42 13.04 -50.35 -52.81
C PRO L 42 12.72 -49.42 -53.96
N GLY L 43 13.64 -48.55 -54.30
CA GLY L 43 13.44 -47.59 -55.39
C GLY L 43 12.84 -46.26 -54.95
N LYS L 44 12.31 -46.20 -53.72
CA LYS L 44 11.73 -44.95 -53.22
C LYS L 44 12.38 -44.48 -51.93
N GLY L 45 12.74 -45.43 -51.06
CA GLY L 45 13.29 -45.14 -49.76
C GLY L 45 12.22 -45.22 -48.67
N LEU L 46 12.48 -44.56 -47.55
CA LEU L 46 11.63 -44.63 -46.38
C LEU L 46 10.54 -43.59 -46.37
N GLU L 47 9.38 -43.98 -45.89
CA GLU L 47 8.25 -43.10 -45.71
C GLU L 47 7.44 -43.53 -44.52
N TRP L 48 6.70 -42.61 -43.96
CA TRP L 48 5.81 -42.95 -42.87
C TRP L 48 4.47 -43.40 -43.35
N ILE L 49 3.84 -44.29 -42.61
CA ILE L 49 2.46 -44.62 -42.87
C ILE L 49 1.61 -43.80 -41.94
N GLY L 50 1.97 -43.82 -40.67
CA GLY L 50 1.20 -43.11 -39.65
C GLY L 50 1.45 -43.64 -38.27
N TYR L 51 0.76 -43.06 -37.29
CA TYR L 51 0.94 -43.47 -35.90
C TYR L 51 -0.30 -43.30 -35.04
N ILE L 52 -0.26 -43.99 -33.91
CA ILE L 52 -1.35 -43.97 -32.96
C ILE L 52 -0.93 -43.60 -31.55
N ASN L 53 -1.82 -42.87 -30.91
CA ASN L 53 -1.66 -42.43 -29.56
C ASN L 53 -2.37 -43.39 -28.63
N GLY L 54 -1.62 -44.24 -27.94
CA GLY L 54 -2.18 -45.28 -27.10
C GLY L 54 -3.14 -44.77 -26.02
N ARG L 55 -2.89 -43.56 -25.51
CA ARG L 55 -3.72 -42.99 -24.46
C ARG L 55 -5.12 -42.55 -24.91
N SER L 56 -5.28 -42.17 -26.18
CA SER L 56 -6.57 -41.65 -26.62
C SER L 56 -7.18 -42.43 -27.78
N GLY L 57 -6.36 -43.16 -28.48
CA GLY L 57 -6.78 -43.88 -29.66
C GLY L 57 -6.77 -43.03 -30.92
N SER L 58 -6.36 -41.76 -30.84
CA SER L 58 -6.36 -40.96 -32.04
C SER L 58 -5.22 -41.37 -32.94
N THR L 59 -5.38 -41.10 -34.22
CA THR L 59 -4.35 -41.40 -35.19
C THR L 59 -4.08 -40.30 -36.17
N ARG L 60 -2.93 -40.40 -36.81
CA ARG L 60 -2.56 -39.50 -37.89
C ARG L 60 -1.99 -40.34 -39.00
N TYR L 61 -2.36 -40.07 -40.25
CA TYR L 61 -1.80 -40.85 -41.34
C TYR L 61 -1.19 -40.00 -42.39
N ASN L 62 -0.11 -40.46 -42.98
CA ASN L 62 0.53 -39.70 -44.03
C ASN L 62 -0.52 -39.49 -45.08
N PRO L 63 -0.70 -38.28 -45.63
CA PRO L 63 -1.68 -37.95 -46.63
C PRO L 63 -1.76 -38.90 -47.81
N SER L 64 -0.65 -39.55 -48.21
CA SER L 64 -0.77 -40.42 -49.38
C SER L 64 -1.68 -41.62 -49.14
N LEU L 65 -1.89 -41.99 -47.89
CA LEU L 65 -2.75 -43.08 -47.52
C LEU L 65 -3.94 -42.58 -46.71
N GLN L 66 -4.28 -41.31 -46.83
CA GLN L 66 -5.35 -40.78 -45.98
C GLN L 66 -6.66 -41.54 -46.15
N SER L 67 -6.94 -42.01 -47.35
CA SER L 67 -8.15 -42.74 -47.65
C SER L 67 -7.95 -44.26 -47.68
N ARG L 68 -6.74 -44.73 -47.38
CA ARG L 68 -6.42 -46.15 -47.48
C ARG L 68 -6.01 -46.88 -46.20
N VAL L 69 -5.49 -46.17 -45.21
CA VAL L 69 -4.96 -46.89 -44.05
C VAL L 69 -5.63 -46.65 -42.71
N THR L 70 -5.78 -47.74 -41.98
CA THR L 70 -6.30 -47.76 -40.61
C THR L 70 -5.28 -48.32 -39.64
N ILE L 71 -5.08 -47.62 -38.53
CA ILE L 71 -4.20 -48.09 -37.45
C ILE L 71 -5.01 -48.13 -36.18
N SER L 72 -4.92 -49.23 -35.45
CA SER L 72 -5.68 -49.40 -34.22
C SER L 72 -4.94 -50.28 -33.23
N THR L 73 -5.44 -50.35 -31.99
CA THR L 73 -4.79 -51.17 -30.95
C THR L 73 -5.64 -52.22 -30.30
N ASP L 74 -4.95 -53.24 -29.83
CA ASP L 74 -5.45 -54.29 -28.97
C ASP L 74 -4.70 -54.16 -27.66
N THR L 75 -5.27 -53.42 -26.73
CA THR L 75 -4.52 -53.13 -25.53
C THR L 75 -4.49 -54.31 -24.59
N SER L 76 -5.41 -55.25 -24.78
CA SER L 76 -5.46 -56.46 -23.96
C SER L 76 -4.31 -57.38 -24.39
N GLY L 77 -4.11 -57.47 -25.72
CA GLY L 77 -3.05 -58.28 -26.28
C GLY L 77 -1.71 -57.53 -26.26
N ASN L 78 -1.80 -56.24 -26.00
CA ASN L 78 -0.70 -55.29 -25.93
C ASN L 78 0.04 -55.30 -27.25
N GLN L 79 -0.75 -55.32 -28.32
CA GLN L 79 -0.26 -55.33 -29.68
C GLN L 79 -1.05 -54.33 -30.49
N PHE L 80 -0.48 -53.85 -31.57
CA PHE L 80 -1.20 -52.92 -32.41
C PHE L 80 -1.11 -53.34 -33.85
N SER L 81 -2.00 -52.82 -34.68
CA SER L 81 -1.98 -53.27 -36.05
C SER L 81 -2.31 -52.26 -37.11
N LEU L 82 -1.82 -52.60 -38.29
CA LEU L 82 -1.96 -51.86 -39.51
C LEU L 82 -2.76 -52.55 -40.58
N LYS L 83 -3.74 -51.85 -41.13
CA LYS L 83 -4.50 -52.38 -42.25
C LYS L 83 -4.53 -51.41 -43.41
N VAL L 84 -4.08 -51.87 -44.58
CA VAL L 84 -4.10 -50.99 -45.75
C VAL L 84 -5.00 -51.59 -46.80
N ASN L 85 -5.99 -50.82 -47.21
CA ASN L 85 -6.98 -51.27 -48.16
C ASN L 85 -6.52 -51.07 -49.58
N SER L 86 -7.10 -51.87 -50.48
CA SER L 86 -6.88 -51.82 -51.92
C SER L 86 -5.40 -51.85 -52.28
N VAL L 87 -4.68 -52.81 -51.75
CA VAL L 87 -3.24 -52.96 -51.94
C VAL L 87 -2.90 -53.43 -53.34
N THR L 88 -1.90 -52.78 -53.91
CA THR L 88 -1.44 -53.07 -55.27
C THR L 88 0.04 -53.34 -55.35
N ALA L 89 0.54 -53.70 -56.52
CA ALA L 89 1.94 -54.10 -56.69
C ALA L 89 2.91 -53.01 -56.23
N ALA L 90 2.50 -51.76 -56.38
CA ALA L 90 3.28 -50.58 -56.01
C ALA L 90 3.54 -50.50 -54.51
N ASP L 91 2.80 -51.28 -53.72
CA ASP L 91 2.90 -51.30 -52.27
C ASP L 91 3.85 -52.41 -51.78
N THR L 92 4.55 -53.08 -52.69
CA THR L 92 5.52 -54.07 -52.21
C THR L 92 6.57 -53.32 -51.45
N ALA L 93 6.82 -53.75 -50.22
CA ALA L 93 7.77 -53.05 -49.38
C ALA L 93 8.11 -53.82 -48.13
N LYS L 94 9.13 -53.34 -47.44
CA LYS L 94 9.47 -53.84 -46.13
C LYS L 94 8.74 -52.97 -45.09
N TYR L 95 7.90 -53.58 -44.28
CA TYR L 95 7.12 -52.82 -43.33
C TYR L 95 7.70 -52.96 -41.93
N TYR L 96 7.78 -51.85 -41.21
CA TYR L 96 8.31 -51.86 -39.85
C TYR L 96 7.36 -51.29 -38.78
N CYS L 97 7.47 -51.86 -37.57
CA CYS L 97 6.87 -51.43 -36.32
C CYS L 97 7.90 -50.58 -35.60
N ALA L 98 7.50 -49.42 -35.17
CA ALA L 98 8.46 -48.59 -34.46
C ALA L 98 7.80 -47.80 -33.36
N PHE L 99 8.59 -47.44 -32.38
CA PHE L 99 8.16 -46.62 -31.27
C PHE L 99 8.94 -45.34 -31.21
N PHE L 100 8.27 -44.21 -31.37
CA PHE L 100 8.99 -42.94 -31.37
C PHE L 100 8.70 -42.08 -30.16
N TRP L 101 9.73 -41.83 -29.39
CA TRP L 101 9.60 -41.03 -28.20
C TRP L 101 10.17 -39.67 -28.46
N SER L 102 9.36 -38.64 -28.46
CA SER L 102 9.89 -37.32 -28.72
C SER L 102 9.24 -36.29 -27.84
N THR L 103 9.95 -35.87 -26.81
CA THR L 103 9.42 -34.94 -25.82
C THR L 103 10.41 -33.84 -25.63
N TYR L 104 10.14 -32.97 -24.69
CA TYR L 104 11.04 -31.88 -24.40
C TYR L 104 12.33 -32.36 -23.77
N TYR L 105 12.31 -33.55 -23.18
CA TYR L 105 13.48 -34.01 -22.44
C TYR L 105 14.22 -35.19 -23.06
N LYS L 106 13.56 -36.01 -23.87
CA LYS L 106 14.20 -37.21 -24.41
C LYS L 106 13.85 -37.47 -25.87
N ARG L 107 14.77 -38.07 -26.59
CA ARG L 107 14.50 -38.50 -27.96
C ARG L 107 15.10 -39.88 -28.25
N PHE L 108 14.26 -40.83 -28.63
CA PHE L 108 14.77 -42.15 -29.01
C PHE L 108 13.81 -42.95 -29.86
N ASP L 109 14.33 -43.95 -30.57
CA ASP L 109 13.48 -44.88 -31.30
C ASP L 109 13.72 -46.31 -30.92
N VAL L 110 12.68 -47.11 -31.06
CA VAL L 110 12.83 -48.55 -31.01
C VAL L 110 12.24 -49.10 -32.29
N TRP L 111 13.00 -49.91 -33.00
CA TRP L 111 12.47 -50.48 -34.24
C TRP L 111 12.42 -51.99 -34.15
N GLY L 112 11.40 -52.61 -34.72
CA GLY L 112 11.35 -54.06 -34.80
C GLY L 112 12.08 -54.45 -36.08
N PRO L 113 12.31 -55.75 -36.35
CA PRO L 113 12.95 -56.26 -37.57
C PRO L 113 12.13 -56.11 -38.85
N GLY L 114 10.80 -56.01 -38.72
CA GLY L 114 9.88 -55.82 -39.85
C GLY L 114 9.44 -57.09 -40.58
N VAL L 115 8.50 -56.91 -41.52
CA VAL L 115 7.93 -57.96 -42.35
C VAL L 115 8.06 -57.59 -43.82
N ARG L 116 8.61 -58.47 -44.62
CA ARG L 116 8.67 -58.14 -46.03
C ARG L 116 7.42 -58.63 -46.70
N VAL L 117 6.71 -57.74 -47.38
CA VAL L 117 5.48 -58.12 -48.04
C VAL L 117 5.52 -57.93 -49.53
N THR L 118 5.26 -59.01 -50.22
CA THR L 118 5.18 -59.07 -51.67
C THR L 118 3.78 -58.76 -52.10
N VAL L 119 3.61 -57.90 -53.08
CA VAL L 119 2.26 -57.67 -53.53
C VAL L 119 2.25 -58.02 -55.02
N SER L 120 1.29 -58.89 -55.43
CA SER L 120 1.13 -59.33 -56.83
C SER L 120 0.43 -58.26 -57.71
N ALA M 1 -4.67 10.78 -48.67
CA ALA M 1 -5.22 10.04 -47.56
C ALA M 1 -4.95 8.52 -47.75
N GLU M 2 -4.00 7.98 -46.96
CA GLU M 2 -3.54 6.58 -46.97
C GLU M 2 -4.47 5.68 -46.15
N ASN M 3 -4.59 4.42 -46.52
CA ASN M 3 -5.44 3.53 -45.76
C ASN M 3 -4.68 2.93 -44.59
N LEU M 4 -4.65 3.66 -43.49
CA LEU M 4 -3.89 3.30 -42.31
C LEU M 4 -4.77 2.90 -41.16
N TRP M 5 -4.21 2.13 -40.22
CA TRP M 5 -4.90 1.67 -39.02
C TRP M 5 -4.14 2.04 -37.76
N VAL M 6 -4.87 2.13 -36.66
CA VAL M 6 -4.27 2.48 -35.39
C VAL M 6 -3.44 1.35 -34.83
N THR M 7 -2.20 1.65 -34.47
CA THR M 7 -1.31 0.69 -33.85
C THR M 7 -0.97 1.20 -32.49
N VAL M 8 -1.04 0.31 -31.52
CA VAL M 8 -0.80 0.68 -30.14
C VAL M 8 0.59 0.29 -29.72
N TYR M 9 1.30 1.24 -29.15
CA TYR M 9 2.65 1.05 -28.67
C TYR M 9 2.71 1.27 -27.17
N TYR M 10 3.46 0.42 -26.47
CA TYR M 10 3.66 0.60 -25.04
C TYR M 10 5.14 0.68 -24.73
N GLY M 11 5.52 1.71 -23.99
CA GLY M 11 6.92 1.94 -23.66
C GLY M 11 7.46 3.12 -24.44
N VAL M 12 6.58 3.99 -24.88
CA VAL M 12 6.93 5.16 -25.65
C VAL M 12 7.59 6.25 -24.78
N PRO M 13 8.74 6.82 -25.16
CA PRO M 13 9.49 7.82 -24.38
C PRO M 13 8.91 9.22 -24.40
N VAL M 14 7.75 9.36 -23.78
CA VAL M 14 6.97 10.58 -23.67
C VAL M 14 6.69 10.99 -22.24
N TRP M 15 6.74 12.30 -21.97
CA TRP M 15 6.47 12.78 -20.63
C TRP M 15 5.73 14.10 -20.53
N LYS M 16 5.15 14.33 -19.35
CA LYS M 16 4.45 15.56 -18.99
C LYS M 16 4.97 16.16 -17.71
N ASP M 17 4.90 17.47 -17.57
CA ASP M 17 5.34 18.08 -16.32
C ASP M 17 4.49 17.59 -15.17
N ALA M 18 5.09 17.31 -14.01
CA ALA M 18 4.25 16.84 -12.91
C ALA M 18 4.81 17.14 -11.53
N GLU M 19 3.93 17.18 -10.56
CA GLU M 19 4.34 17.35 -9.19
C GLU M 19 4.27 16.01 -8.51
N THR M 20 5.22 15.71 -7.65
CA THR M 20 5.19 14.45 -6.91
C THR M 20 6.02 14.55 -5.66
N THR M 21 6.20 13.43 -5.01
CA THR M 21 6.99 13.38 -3.80
C THR M 21 8.28 12.65 -4.10
N LEU M 22 9.39 13.27 -3.81
CA LEU M 22 10.68 12.68 -4.05
C LEU M 22 11.05 11.98 -2.75
N PHE M 23 11.86 10.93 -2.79
CA PHE M 23 12.08 10.23 -1.50
C PHE M 23 13.35 10.46 -0.67
N CYS M 24 14.35 11.14 -1.25
CA CYS M 24 15.66 11.51 -0.72
C CYS M 24 16.55 10.29 -0.45
N ALA M 25 17.84 10.48 -0.62
CA ALA M 25 18.86 9.45 -0.45
C ALA M 25 20.20 10.05 -0.05
N SER M 26 21.13 9.25 0.43
CA SER M 26 22.45 9.81 0.78
C SER M 26 23.58 8.88 0.43
N ASP M 27 24.79 9.41 0.48
CA ASP M 27 25.96 8.62 0.17
C ASP M 27 26.42 7.96 1.45
N ALA M 28 26.19 6.65 1.59
CA ALA M 28 26.44 5.95 2.85
C ALA M 28 27.89 5.55 3.03
N LYS M 29 28.72 6.57 3.15
CA LYS M 29 30.15 6.43 3.36
C LYS M 29 30.49 7.03 4.71
N ALA M 30 31.19 8.16 4.72
CA ALA M 30 31.55 8.78 5.98
C ALA M 30 30.33 9.14 6.79
N TYR M 31 29.26 9.49 6.10
CA TYR M 31 28.03 9.92 6.70
C TYR M 31 27.33 8.80 7.44
N GLU M 32 27.65 7.57 7.09
CA GLU M 32 27.03 6.40 7.68
C GLU M 32 27.40 6.28 9.15
N THR M 33 28.56 6.80 9.55
CA THR M 33 29.00 6.65 10.93
C THR M 33 28.66 7.90 11.75
N LYS M 34 27.89 8.83 11.19
CA LYS M 34 27.52 10.03 11.92
C LYS M 34 26.60 9.71 13.09
N LYS M 35 25.74 8.69 12.92
CA LYS M 35 24.82 8.16 13.93
C LYS M 35 23.69 9.05 14.39
N HIS M 36 24.02 10.23 14.91
CA HIS M 36 22.99 11.11 15.45
C HIS M 36 22.71 12.30 14.57
N ASN M 37 23.24 12.27 13.37
CA ASN M 37 23.00 13.31 12.41
C ASN M 37 21.58 13.18 11.92
N VAL M 38 20.87 14.29 11.86
CA VAL M 38 19.48 14.23 11.43
C VAL M 38 19.34 13.80 9.98
N TRP M 39 20.13 14.39 9.12
CA TRP M 39 20.04 14.13 7.70
C TRP M 39 20.51 12.75 7.33
N ALA M 40 21.43 12.21 8.12
CA ALA M 40 21.97 10.88 7.88
C ALA M 40 21.01 9.82 8.34
N THR M 41 19.97 10.22 9.04
CA THR M 41 19.03 9.27 9.56
C THR M 41 17.85 9.27 8.64
N HIS M 42 17.44 10.47 8.22
CA HIS M 42 16.30 10.55 7.33
C HIS M 42 16.54 10.08 5.89
N CYS M 43 17.62 10.56 5.23
CA CYS M 43 17.92 10.24 3.85
C CYS M 43 18.77 8.98 3.89
N CYS M 44 18.10 7.91 4.29
CA CYS M 44 18.67 6.61 4.58
C CYS M 44 18.95 5.76 3.35
N VAL M 45 18.24 6.00 2.27
CA VAL M 45 18.39 5.16 1.10
C VAL M 45 19.76 5.42 0.54
N PRO M 46 20.60 4.43 0.32
CA PRO M 46 21.92 4.63 -0.22
C PRO M 46 21.83 5.04 -1.67
N THR M 47 22.66 5.97 -2.07
CA THR M 47 22.72 6.35 -3.46
C THR M 47 24.15 6.70 -3.87
N ASP M 48 24.26 7.29 -5.05
CA ASP M 48 25.48 7.69 -5.72
C ASP M 48 26.49 6.57 -5.97
N PRO M 49 26.07 5.37 -6.45
CA PRO M 49 26.96 4.28 -6.82
C PRO M 49 27.46 4.58 -8.20
N ASN M 50 28.19 5.68 -8.37
CA ASN M 50 28.54 6.11 -9.72
C ASN M 50 27.23 6.16 -10.52
N PRO M 51 26.32 7.10 -10.19
CA PRO M 51 24.95 7.18 -10.63
C PRO M 51 24.89 7.44 -12.10
N GLN M 52 23.78 7.09 -12.70
CA GLN M 52 23.65 7.29 -14.11
C GLN M 52 23.18 8.67 -14.47
N GLU M 53 23.66 9.12 -15.61
CA GLU M 53 23.24 10.34 -16.24
C GLU M 53 23.16 10.03 -17.73
N ILE M 54 22.03 10.31 -18.33
CA ILE M 54 21.82 9.96 -19.72
C ILE M 54 21.58 11.13 -20.62
N HIS M 55 22.47 11.37 -21.55
CA HIS M 55 22.31 12.53 -22.42
C HIS M 55 21.18 12.31 -23.39
N LEU M 56 20.30 13.31 -23.57
CA LEU M 56 19.24 13.17 -24.52
C LEU M 56 19.55 13.98 -25.78
N GLU M 57 19.94 13.29 -26.83
CA GLU M 57 20.29 14.05 -28.00
C GLU M 57 19.01 14.67 -28.54
N ASN M 58 19.08 15.92 -29.05
CA ASN M 58 18.00 16.67 -29.69
C ASN M 58 16.77 16.98 -28.81
N VAL M 59 16.89 16.93 -27.45
CA VAL M 59 15.78 17.31 -26.56
C VAL M 59 15.96 18.70 -26.02
N THR M 60 14.98 19.53 -26.28
CA THR M 60 14.96 20.90 -25.79
C THR M 60 13.78 20.94 -24.86
N GLU M 61 13.98 21.47 -23.68
CA GLU M 61 12.90 21.48 -22.71
C GLU M 61 12.80 22.80 -21.98
N GLU M 62 11.60 23.14 -21.57
CA GLU M 62 11.35 24.38 -20.84
C GLU M 62 11.53 24.24 -19.35
N PHE M 63 12.39 25.08 -18.81
CA PHE M 63 12.66 25.11 -17.39
C PHE M 63 12.19 26.40 -16.78
N ASN M 64 11.80 26.36 -15.52
CA ASN M 64 11.46 27.59 -14.82
C ASN M 64 11.77 27.43 -13.36
N MET M 65 12.92 27.92 -12.93
CA MET M 65 13.37 27.73 -11.57
C MET M 65 12.52 28.44 -10.55
N TRP M 66 11.69 29.37 -10.98
CA TRP M 66 10.93 30.14 -10.03
C TRP M 66 9.60 29.49 -9.70
N LYS M 67 9.25 28.43 -10.44
CA LYS M 67 8.00 27.71 -10.30
C LYS M 67 8.28 26.25 -10.08
N ASN M 68 9.48 25.97 -9.62
CA ASN M 68 9.95 24.61 -9.45
C ASN M 68 9.52 24.01 -8.13
N ASN M 69 8.60 23.07 -8.16
CA ASN M 69 8.02 22.50 -6.95
C ASN M 69 8.99 21.70 -6.10
N MET M 70 10.18 21.43 -6.63
CA MET M 70 11.16 20.68 -5.87
C MET M 70 11.67 21.53 -4.74
N VAL M 71 11.65 22.85 -4.90
CA VAL M 71 12.22 23.70 -3.87
C VAL M 71 11.25 23.80 -2.75
N GLU M 72 9.98 23.88 -3.09
CA GLU M 72 8.95 23.98 -2.09
C GLU M 72 8.93 22.71 -1.28
N GLN M 73 9.14 21.59 -1.95
CA GLN M 73 9.16 20.35 -1.22
C GLN M 73 10.35 20.27 -0.30
N MET M 74 11.52 20.73 -0.75
CA MET M 74 12.68 20.68 0.11
C MET M 74 12.45 21.51 1.35
N HIS M 75 11.85 22.68 1.18
CA HIS M 75 11.57 23.56 2.29
C HIS M 75 10.66 22.91 3.30
N THR M 76 9.57 22.32 2.82
CA THR M 76 8.65 21.69 3.73
C THR M 76 9.30 20.53 4.48
N ASP M 77 10.07 19.69 3.79
CA ASP M 77 10.66 18.57 4.49
C ASP M 77 11.71 19.00 5.50
N ILE M 78 12.47 20.07 5.24
CA ILE M 78 13.44 20.51 6.23
C ILE M 78 12.72 20.93 7.49
N ILE M 79 11.64 21.68 7.34
CA ILE M 79 10.92 22.11 8.51
C ILE M 79 10.39 20.93 9.27
N SER M 80 9.80 19.95 8.59
CA SER M 80 9.27 18.81 9.30
C SER M 80 10.33 18.05 10.05
N LEU M 81 11.52 17.87 9.49
CA LEU M 81 12.53 17.15 10.23
C LEU M 81 12.96 17.88 11.47
N TRP M 82 13.07 19.21 11.41
CA TRP M 82 13.42 19.96 12.60
C TRP M 82 12.37 19.82 13.67
N ASP M 83 11.10 19.87 13.30
CA ASP M 83 10.11 19.73 14.35
C ASP M 83 10.12 18.33 14.94
N GLN M 84 10.35 17.32 14.12
CA GLN M 84 10.34 15.97 14.64
C GLN M 84 11.50 15.69 15.57
N SER M 85 12.69 16.24 15.30
CA SER M 85 13.78 15.96 16.18
C SER M 85 13.71 16.76 17.47
N LEU M 86 12.99 17.88 17.49
CA LEU M 86 12.86 18.65 18.74
C LEU M 86 11.67 18.19 19.58
N LYS M 87 10.64 17.67 18.93
CA LYS M 87 9.44 17.24 19.61
C LYS M 87 9.65 16.38 20.86
N PRO M 88 10.52 15.35 20.90
CA PRO M 88 10.75 14.51 22.07
C PRO M 88 11.76 15.01 23.13
N CYS M 89 12.23 16.29 23.06
CA CYS M 89 13.22 16.85 23.96
C CYS M 89 12.57 17.38 25.25
N VAL M 90 13.36 17.94 26.15
CA VAL M 90 12.90 18.29 27.51
C VAL M 90 11.77 19.32 27.72
N LYS M 91 11.60 20.32 26.86
CA LYS M 91 10.54 21.33 27.10
C LYS M 91 10.78 22.16 28.36
N LEU M 92 11.54 23.24 28.24
CA LEU M 92 11.98 24.03 29.38
C LEU M 92 10.97 25.04 29.89
N THR M 93 9.79 24.56 30.19
CA THR M 93 8.72 25.38 30.73
C THR M 93 9.12 26.06 32.04
N PRO M 94 9.71 25.34 33.03
CA PRO M 94 10.11 25.83 34.33
C PRO M 94 11.13 26.94 34.31
N LEU M 95 11.73 27.26 33.16
CA LEU M 95 12.70 28.35 33.20
C LEU M 95 12.10 29.75 33.13
N CYS M 96 10.81 29.92 32.73
CA CYS M 96 10.22 31.26 32.61
C CYS M 96 9.75 31.73 33.98
N VAL M 97 10.72 32.12 34.77
CA VAL M 97 10.55 32.63 36.12
C VAL M 97 11.33 33.92 36.22
N THR M 98 11.09 34.72 37.24
CA THR M 98 11.86 35.93 37.35
C THR M 98 13.32 35.59 37.56
N LEU M 99 14.19 36.22 36.79
CA LEU M 99 15.61 36.02 36.93
C LEU M 99 16.19 37.23 37.63
N GLN M 100 17.20 37.02 38.48
CA GLN M 100 17.91 38.12 39.15
C GLN M 100 19.28 38.25 38.46
N CYS M 101 19.50 39.32 37.64
CA CYS M 101 20.68 39.39 36.79
C CYS M 101 21.55 40.60 37.07
N THR M 102 22.85 40.38 36.96
CA THR M 102 23.88 41.41 37.03
C THR M 102 24.76 41.28 35.79
N ASN M 103 25.61 42.29 35.50
CA ASN M 103 26.54 42.29 34.36
C ASN M 103 27.75 41.40 34.64
N VAL M 104 28.30 40.73 33.59
CA VAL M 104 29.59 40.04 33.67
C VAL M 104 30.65 41.07 33.38
N THR M 105 31.58 41.26 34.31
CA THR M 105 32.65 42.23 34.18
C THR M 105 34.02 41.56 34.28
N ASN M 106 34.00 40.24 34.27
CA ASN M 106 35.22 39.51 34.50
C ASN M 106 36.10 39.34 33.27
N ASN M 107 37.06 40.28 33.09
CA ASN M 107 38.02 40.38 31.97
C ASN M 107 37.33 40.49 30.60
N ILE M 108 36.33 41.38 30.52
CA ILE M 108 35.57 41.66 29.30
C ILE M 108 36.21 42.81 28.52
N THR M 109 36.27 42.67 27.23
CA THR M 109 36.76 43.78 26.44
C THR M 109 35.67 44.82 26.28
N ASP M 110 36.00 45.97 25.71
CA ASP M 110 35.03 47.05 25.56
C ASP M 110 33.84 46.67 24.71
N ASP M 111 34.08 45.85 23.73
CA ASP M 111 33.07 45.45 22.77
C ASP M 111 32.11 44.40 23.33
N MET M 112 32.38 43.94 24.54
CA MET M 112 31.55 42.97 25.23
C MET M 112 30.86 43.55 26.44
N ARG M 113 30.90 44.87 26.60
CA ARG M 113 30.28 45.41 27.78
C ARG M 113 28.80 45.35 27.65
N GLY M 114 28.17 44.73 28.63
CA GLY M 114 26.74 44.57 28.66
C GLY M 114 26.24 43.40 27.82
N GLU M 115 27.15 42.66 27.18
CA GLU M 115 26.74 41.58 26.30
C GLU M 115 26.29 40.35 27.09
N LEU M 116 26.90 40.11 28.24
CA LEU M 116 26.56 38.94 29.02
C LEU M 116 25.96 39.29 30.35
N LYS M 117 24.91 38.56 30.68
CA LYS M 117 24.23 38.73 31.95
C LYS M 117 24.37 37.47 32.78
N ASN M 118 24.69 37.62 34.08
CA ASN M 118 24.83 36.55 35.05
C ASN M 118 23.54 36.48 35.89
N CYS M 119 22.67 35.48 35.60
CA CYS M 119 21.32 35.38 36.18
C CYS M 119 21.12 34.22 37.13
N SER M 120 20.57 34.51 38.30
CA SER M 120 20.25 33.48 39.26
C SER M 120 18.75 33.38 39.42
N PHE M 121 18.29 32.19 39.72
CA PHE M 121 16.85 31.96 39.84
C PHE M 121 16.51 30.72 40.67
N ASN M 122 15.22 30.61 41.08
CA ASN M 122 14.66 29.47 41.82
C ASN M 122 14.03 28.48 40.84
N MET M 123 14.72 27.35 40.62
CA MET M 123 14.40 26.28 39.68
C MET M 123 13.75 25.13 40.42
N THR M 124 12.93 24.36 39.71
CA THR M 124 12.31 23.18 40.27
C THR M 124 13.35 22.09 40.42
N THR M 125 13.01 21.04 41.15
CA THR M 125 13.92 19.93 41.37
C THR M 125 13.28 18.60 41.02
N GLU M 126 14.11 17.55 41.02
CA GLU M 126 13.68 16.18 40.72
C GLU M 126 12.71 15.60 41.74
N LEU M 127 12.77 16.08 42.97
CA LEU M 127 11.87 15.63 44.02
C LEU M 127 10.92 16.79 44.25
N ARG M 128 9.64 16.54 44.09
CA ARG M 128 8.64 17.61 44.04
C ARG M 128 8.14 18.20 45.34
N ASP M 129 9.05 18.71 46.14
CA ASP M 129 8.70 19.44 47.34
C ASP M 129 9.87 20.33 47.65
N LYS M 130 10.87 20.29 46.76
CA LYS M 130 12.07 21.10 46.91
C LYS M 130 12.24 22.12 45.79
N LYS M 131 13.06 23.11 46.07
CA LYS M 131 13.46 24.15 45.12
C LYS M 131 14.96 24.30 45.22
N GLN M 132 15.60 24.77 44.15
CA GLN M 132 17.04 25.00 44.21
C GLN M 132 17.42 26.34 43.63
N LYS M 133 18.48 26.94 44.17
CA LYS M 133 18.98 28.18 43.61
C LYS M 133 20.12 27.88 42.68
N VAL M 134 19.96 28.24 41.43
CA VAL M 134 20.94 27.99 40.40
C VAL M 134 21.22 29.23 39.61
N TYR M 135 22.30 29.22 38.84
CA TYR M 135 22.53 30.36 37.96
C TYR M 135 23.14 29.92 36.63
N SER M 136 22.95 30.77 35.63
CA SER M 136 23.47 30.57 34.27
C SER M 136 23.77 31.88 33.59
N LEU M 137 24.74 31.88 32.71
CA LEU M 137 24.96 33.09 31.95
C LEU M 137 24.03 33.07 30.75
N PHE M 138 23.58 34.25 30.36
CA PHE M 138 22.74 34.47 29.20
C PHE M 138 23.28 35.60 28.34
N TYR M 139 22.98 35.53 27.06
CA TYR M 139 23.35 36.63 26.18
C TYR M 139 22.29 37.69 26.30
N ARG M 140 22.67 38.94 26.15
CA ARG M 140 21.72 40.03 26.21
C ARG M 140 20.53 39.84 25.31
N LEU M 141 20.74 39.28 24.13
CA LEU M 141 19.69 39.13 23.15
C LEU M 141 18.64 38.08 23.49
N ASP M 142 18.88 37.29 24.53
CA ASP M 142 17.95 36.27 24.95
C ASP M 142 17.05 36.69 26.13
N VAL M 143 17.25 37.89 26.70
CA VAL M 143 16.44 38.28 27.85
C VAL M 143 15.75 39.63 27.73
N VAL M 144 14.72 39.81 28.54
CA VAL M 144 13.93 41.03 28.60
C VAL M 144 13.95 41.64 29.97
N GLN M 145 14.28 42.91 30.06
CA GLN M 145 14.26 43.55 31.36
C GLN M 145 12.82 43.89 31.67
N ILE M 146 12.42 43.63 32.90
CA ILE M 146 11.05 43.91 33.30
C ILE M 146 11.02 44.83 34.51
N ASN M 147 9.86 45.47 34.81
CA ASN M 147 9.62 46.35 35.96
C ASN M 147 10.65 47.49 36.03
N LYS M 159 17.18 45.00 37.96
CA LYS M 159 17.86 43.70 37.91
C LYS M 159 16.93 42.48 37.63
N GLU M 160 15.61 42.70 37.44
CA GLU M 160 14.65 41.63 37.12
C GLU M 160 14.50 41.44 35.63
N TYR M 161 14.67 40.20 35.21
CA TYR M 161 14.60 39.78 33.81
C TYR M 161 13.78 38.54 33.59
N ARG M 162 13.31 38.36 32.37
CA ARG M 162 12.66 37.12 32.00
C ARG M 162 13.19 36.69 30.65
N LEU M 163 12.97 35.43 30.29
CA LEU M 163 13.40 35.02 28.96
C LEU M 163 12.47 35.67 27.97
N ILE M 164 12.94 35.92 26.76
CA ILE M 164 12.06 36.57 25.78
C ILE M 164 10.85 35.75 25.45
N ASN M 165 11.02 34.48 25.21
CA ASN M 165 9.86 33.71 24.83
C ASN M 165 9.06 33.16 26.01
N CYS M 166 8.28 34.07 26.63
CA CYS M 166 7.36 33.85 27.76
C CYS M 166 5.97 34.30 27.38
N ASN M 167 5.87 35.40 26.65
CA ASN M 167 4.56 35.91 26.29
C ASN M 167 3.83 34.99 25.29
N THR M 168 4.58 34.34 24.37
CA THR M 168 4.04 33.57 23.25
C THR M 168 4.24 32.08 23.20
N SER M 169 5.23 31.52 23.87
CA SER M 169 5.44 30.09 23.67
C SER M 169 6.28 29.42 24.69
N ALA M 170 6.19 28.11 24.72
CA ALA M 170 7.12 27.33 25.51
C ALA M 170 8.41 27.27 24.73
N ILE M 171 9.52 27.08 25.40
CA ILE M 171 10.78 26.96 24.72
C ILE M 171 11.28 25.54 24.90
N THR M 172 11.57 24.85 23.82
CA THR M 172 12.09 23.51 23.96
C THR M 172 13.58 23.59 23.95
N GLN M 173 14.25 22.48 24.04
CA GLN M 173 15.70 22.51 24.08
C GLN M 173 16.18 21.54 23.08
N ALA M 174 17.13 21.92 22.27
CA ALA M 174 17.58 20.92 21.35
C ALA M 174 18.21 19.83 22.19
N CYS M 175 18.01 18.56 21.81
CA CYS M 175 18.60 17.40 22.46
C CYS M 175 20.12 17.48 22.19
N PRO M 176 20.97 17.34 23.20
CA PRO M 176 22.40 17.53 23.13
C PRO M 176 23.13 16.59 22.19
N LYS M 177 22.53 15.45 21.86
CA LYS M 177 23.19 14.54 20.95
C LYS M 177 22.74 14.67 19.52
N VAL M 178 21.75 15.51 19.24
CA VAL M 178 21.25 15.61 17.89
C VAL M 178 22.07 16.58 17.11
N SER M 179 22.60 16.14 15.99
CA SER M 179 23.44 17.01 15.22
C SER M 179 22.84 17.47 13.93
N PHE M 180 22.61 18.76 13.84
CA PHE M 180 21.99 19.34 12.66
C PHE M 180 23.07 19.81 11.70
N GLU M 181 23.94 18.89 11.34
CA GLU M 181 25.03 19.19 10.43
C GLU M 181 24.54 18.95 9.01
N PRO M 182 24.66 19.90 8.10
CA PRO M 182 24.16 19.83 6.74
C PRO M 182 24.99 18.99 5.78
N ILE M 183 25.00 17.69 6.01
CA ILE M 183 25.70 16.77 5.14
C ILE M 183 24.89 16.73 3.86
N PRO M 184 25.47 16.50 2.69
CA PRO M 184 24.75 16.51 1.44
C PRO M 184 23.75 15.41 1.35
N ILE M 185 22.64 15.71 0.71
CA ILE M 185 21.58 14.76 0.44
C ILE M 185 21.25 14.81 -1.03
N HIS M 186 20.59 13.79 -1.55
CA HIS M 186 20.22 13.79 -2.95
C HIS M 186 18.74 13.59 -3.08
N TYR M 187 18.07 14.27 -3.99
CA TYR M 187 16.66 13.96 -4.20
C TYR M 187 16.57 12.98 -5.34
N CYS M 188 15.72 11.95 -5.22
CA CYS M 188 15.57 10.85 -6.17
C CYS M 188 14.11 10.67 -6.55
N ALA M 189 13.87 10.40 -7.84
CA ALA M 189 12.49 10.22 -8.32
C ALA M 189 11.93 8.84 -7.99
N PRO M 190 10.64 8.72 -7.69
CA PRO M 190 9.90 7.50 -7.49
C PRO M 190 9.68 6.83 -8.82
N ALA M 191 9.42 5.54 -8.83
CA ALA M 191 9.20 4.88 -10.10
C ALA M 191 8.06 5.50 -10.87
N GLY M 192 8.25 5.62 -12.17
CA GLY M 192 7.26 6.19 -13.07
C GLY M 192 7.53 7.66 -13.36
N PHE M 193 8.47 8.24 -12.62
CA PHE M 193 8.87 9.62 -12.76
C PHE M 193 10.33 9.74 -13.08
N ALA M 194 10.71 10.88 -13.62
CA ALA M 194 12.11 11.10 -13.91
C ALA M 194 12.50 12.52 -13.65
N ILE M 195 13.76 12.72 -13.33
CA ILE M 195 14.29 14.06 -13.15
C ILE M 195 15.12 14.44 -14.34
N LEU M 196 14.79 15.56 -14.93
CA LEU M 196 15.54 16.04 -16.07
C LEU M 196 16.46 17.14 -15.61
N LYS M 197 17.68 17.11 -16.07
CA LYS M 197 18.66 18.11 -15.71
C LYS M 197 19.06 18.97 -16.90
N CYS M 198 19.14 20.31 -16.71
CA CYS M 198 19.61 21.27 -17.70
C CYS M 198 21.11 21.43 -17.57
N LYS M 199 21.82 21.08 -18.62
CA LYS M 199 23.27 21.14 -18.59
C LYS M 199 23.90 22.37 -19.19
N ASP M 200 23.16 23.24 -19.85
CA ASP M 200 23.86 24.36 -20.42
C ASP M 200 24.56 25.18 -19.40
N LYS M 201 25.74 25.59 -19.76
CA LYS M 201 26.48 26.49 -18.93
C LYS M 201 25.87 27.82 -19.27
N LYS M 202 25.84 28.72 -18.32
CA LYS M 202 25.23 30.03 -18.49
C LYS M 202 23.73 29.97 -18.73
N PHE M 203 23.07 29.07 -18.03
CA PHE M 203 21.62 28.97 -18.04
C PHE M 203 21.11 29.91 -16.95
N ASN M 204 20.17 30.81 -17.28
CA ASN M 204 19.67 31.88 -16.40
C ASN M 204 18.43 31.51 -15.55
N GLY M 205 17.99 30.24 -15.56
CA GLY M 205 16.86 29.73 -14.79
C GLY M 205 15.57 29.57 -15.57
N THR M 206 15.44 30.18 -16.74
CA THR M 206 14.19 29.99 -17.46
C THR M 206 14.35 29.68 -18.93
N GLY M 207 13.33 29.07 -19.50
CA GLY M 207 13.26 28.93 -20.95
C GLY M 207 13.78 27.62 -21.55
N PRO M 208 13.94 27.59 -22.87
CA PRO M 208 14.20 26.46 -23.73
C PRO M 208 15.61 25.95 -23.69
N CYS M 209 15.96 25.17 -22.65
CA CYS M 209 17.30 24.61 -22.45
C CYS M 209 17.52 23.47 -23.49
N PRO M 210 18.48 23.60 -24.42
CA PRO M 210 18.81 22.68 -25.49
C PRO M 210 19.70 21.49 -25.13
N SER M 211 20.14 21.39 -23.89
CA SER M 211 21.02 20.31 -23.53
C SER M 211 20.51 19.70 -22.25
N VAL M 212 19.84 18.59 -22.38
CA VAL M 212 19.15 17.96 -21.27
C VAL M 212 19.58 16.52 -21.10
N SER M 213 19.69 16.09 -19.85
CA SER M 213 20.02 14.70 -19.56
C SER M 213 19.12 14.21 -18.45
N THR M 214 18.89 12.90 -18.37
CA THR M 214 18.09 12.46 -17.24
C THR M 214 19.01 12.05 -16.16
N VAL M 215 18.52 12.07 -14.94
CA VAL M 215 19.31 11.55 -13.85
C VAL M 215 18.48 10.65 -13.00
N GLN M 216 19.12 9.82 -12.23
CA GLN M 216 18.37 9.05 -11.23
C GLN M 216 18.00 9.91 -10.00
N CYS M 217 18.95 10.82 -9.60
CA CYS M 217 18.90 11.66 -8.43
C CYS M 217 19.65 12.96 -8.74
N THR M 218 19.47 13.96 -7.91
CA THR M 218 20.15 15.24 -8.02
C THR M 218 21.54 15.11 -7.47
N HIS M 219 22.36 16.13 -7.67
CA HIS M 219 23.69 16.10 -7.10
C HIS M 219 23.53 16.26 -5.62
N GLY M 220 24.61 16.10 -4.85
CA GLY M 220 24.45 16.27 -3.43
C GLY M 220 24.26 17.73 -3.12
N ILE M 221 23.27 18.02 -2.31
CA ILE M 221 22.96 19.36 -1.87
C ILE M 221 23.04 19.47 -0.39
N LYS M 222 23.79 20.43 0.10
CA LYS M 222 23.89 20.60 1.53
C LYS M 222 22.79 21.55 1.97
N PRO M 223 21.87 21.18 2.85
CA PRO M 223 20.77 21.99 3.30
C PRO M 223 21.21 23.01 4.31
N VAL M 224 22.07 23.92 3.88
CA VAL M 224 22.62 24.94 4.74
C VAL M 224 21.65 26.08 4.83
N VAL M 225 21.40 26.55 6.03
CA VAL M 225 20.46 27.64 6.20
C VAL M 225 21.17 28.91 6.60
N SER M 226 20.97 29.95 5.81
CA SER M 226 21.57 31.24 6.04
C SER M 226 20.79 32.34 5.38
N THR M 227 21.15 33.58 5.72
CA THR M 227 20.61 34.78 5.08
C THR M 227 21.74 35.51 4.41
N GLN M 228 21.44 36.38 3.46
CA GLN M 228 22.42 37.26 2.79
C GLN M 228 23.52 36.58 1.97
N LEU M 229 24.35 35.79 2.62
CA LEU M 229 25.43 35.08 1.96
C LEU M 229 25.14 33.58 2.02
N LEU M 230 25.13 33.01 0.84
CA LEU M 230 24.88 31.60 0.66
C LEU M 230 26.17 30.90 0.89
N LEU M 231 26.16 29.92 1.78
CA LEU M 231 27.37 29.20 2.11
C LEU M 231 27.31 27.75 1.62
N ASN M 232 28.48 27.21 1.24
CA ASN M 232 28.81 25.83 0.88
C ASN M 232 27.93 25.22 -0.25
N GLY M 233 27.55 26.02 -1.27
CA GLY M 233 26.76 25.56 -2.41
C GLY M 233 27.68 25.22 -3.55
N SER M 234 27.11 25.03 -4.71
CA SER M 234 27.91 24.72 -5.87
C SER M 234 28.36 26.01 -6.51
N LEU M 235 29.38 25.94 -7.34
CA LEU M 235 29.86 27.11 -8.05
C LEU M 235 29.48 27.10 -9.49
N ALA M 236 29.41 28.29 -10.06
CA ALA M 236 29.09 28.46 -11.47
C ALA M 236 30.22 27.88 -12.27
N GLU M 237 29.91 27.30 -13.42
CA GLU M 237 30.90 26.68 -14.28
C GLU M 237 31.89 27.61 -14.95
N GLU M 238 31.44 28.78 -15.40
CA GLU M 238 32.34 29.68 -16.13
C GLU M 238 32.37 31.11 -15.63
N GLU M 239 31.22 31.74 -15.53
CA GLU M 239 31.12 33.16 -15.18
C GLU M 239 30.14 33.34 -14.07
N VAL M 240 30.25 34.44 -13.35
CA VAL M 240 29.30 34.67 -12.29
C VAL M 240 27.94 34.81 -12.89
N MET M 241 26.99 34.12 -12.34
CA MET M 241 25.65 34.16 -12.87
C MET M 241 24.72 34.98 -12.06
N ILE M 242 23.93 35.78 -12.73
CA ILE M 242 22.94 36.55 -12.04
C ILE M 242 21.57 36.13 -12.49
N ARG M 243 20.77 35.66 -11.56
CA ARG M 243 19.46 35.17 -11.90
C ARG M 243 18.39 35.82 -11.06
N SER M 244 17.27 36.11 -11.65
CA SER M 244 16.16 36.67 -10.91
C SER M 244 14.89 36.33 -11.62
N GLU M 245 13.76 36.37 -10.92
CA GLU M 245 12.50 36.14 -11.63
C GLU M 245 12.23 37.21 -12.70
N ASN M 246 12.54 38.48 -12.36
CA ASN M 246 12.43 39.67 -13.19
C ASN M 246 13.45 40.70 -12.68
N ILE M 247 14.54 40.92 -13.44
CA ILE M 247 15.67 41.76 -13.03
C ILE M 247 15.32 43.24 -12.90
N THR M 248 14.26 43.71 -13.55
CA THR M 248 13.96 45.12 -13.46
C THR M 248 12.97 45.42 -12.36
N ASN M 249 12.46 44.40 -11.70
CA ASN M 249 11.46 44.60 -10.67
C ASN M 249 12.10 44.60 -9.29
N ASN M 250 12.27 45.77 -8.67
CA ASN M 250 12.99 45.88 -7.39
C ASN M 250 12.09 45.48 -6.25
N ALA M 251 11.73 44.23 -6.25
CA ALA M 251 10.86 43.64 -5.30
C ALA M 251 11.25 42.20 -5.23
N LYS M 252 11.87 41.77 -6.32
CA LYS M 252 12.30 40.39 -6.44
C LYS M 252 13.75 40.34 -6.00
N ASN M 253 14.18 39.19 -5.52
CA ASN M 253 15.57 39.06 -5.13
C ASN M 253 16.40 38.64 -6.30
N ILE M 254 17.67 38.98 -6.25
CA ILE M 254 18.64 38.59 -7.24
C ILE M 254 19.57 37.56 -6.64
N LEU M 255 19.67 36.42 -7.26
CA LEU M 255 20.54 35.39 -6.73
C LEU M 255 21.81 35.38 -7.55
N VAL M 256 22.93 35.61 -6.89
CA VAL M 256 24.18 35.69 -7.58
C VAL M 256 25.05 34.51 -7.26
N GLN M 257 25.43 33.75 -8.27
CA GLN M 257 26.24 32.56 -8.05
C GLN M 257 27.68 32.79 -8.47
N PHE M 258 28.60 32.64 -7.52
CA PHE M 258 29.99 32.88 -7.82
C PHE M 258 30.59 31.74 -8.60
N ASN M 259 31.59 32.04 -9.43
CA ASN M 259 32.33 31.02 -10.19
C ASN M 259 33.66 30.68 -9.55
N THR M 260 33.83 31.10 -8.31
CA THR M 260 35.01 30.86 -7.49
C THR M 260 34.57 31.16 -6.06
N PRO M 261 34.98 30.41 -5.05
CA PRO M 261 34.56 30.62 -3.67
C PRO M 261 35.28 31.77 -3.01
N VAL M 262 34.65 32.36 -2.01
CA VAL M 262 35.34 33.30 -1.16
C VAL M 262 35.45 32.65 0.19
N GLN M 263 36.64 32.47 0.72
CA GLN M 263 36.70 31.77 1.99
C GLN M 263 36.48 32.69 3.16
N ILE M 264 35.60 32.24 4.07
CA ILE M 264 35.30 32.97 5.29
C ILE M 264 35.58 32.11 6.54
N ASN M 265 36.37 32.63 7.50
CA ASN M 265 36.77 31.98 8.76
C ASN M 265 36.01 32.58 9.94
N CYS M 266 35.06 31.83 10.55
CA CYS M 266 34.22 32.31 11.65
C CYS M 266 34.58 31.64 12.95
N THR M 267 34.58 32.43 14.00
CA THR M 267 34.90 31.87 15.30
C THR M 267 34.13 32.43 16.44
N ARG M 268 34.00 31.61 17.45
CA ARG M 268 33.46 32.03 18.70
C ARG M 268 34.57 31.73 19.73
N PRO M 269 35.26 32.75 20.24
CA PRO M 269 36.35 32.71 21.19
C PRO M 269 35.69 32.50 22.52
N ASN M 270 36.45 32.52 23.63
CA ASN M 270 35.88 32.37 24.98
C ASN M 270 35.75 30.87 25.20
N ASN M 271 36.53 30.28 26.14
CA ASN M 271 36.63 28.82 26.31
C ASN M 271 35.30 28.14 26.69
N ASN M 272 34.35 28.83 27.39
CA ASN M 272 33.01 28.30 27.77
C ASN M 272 32.89 26.90 28.38
N THR M 273 32.14 26.80 29.45
CA THR M 273 31.96 25.49 30.04
C THR M 273 30.48 25.18 30.12
N ARG M 274 30.14 23.94 30.40
CA ARG M 274 28.74 23.59 30.48
C ARG M 274 28.43 22.75 31.68
N LYS M 275 27.28 22.99 32.26
CA LYS M 275 26.84 22.21 33.39
C LYS M 275 25.41 21.83 33.23
N SER M 276 25.03 20.69 33.74
CA SER M 276 23.65 20.30 33.63
C SER M 276 22.97 20.41 34.97
N ILE M 277 21.70 20.74 34.92
CA ILE M 277 20.90 20.86 36.12
C ILE M 277 19.66 20.00 36.02
N ARG M 278 19.36 19.19 37.04
CA ARG M 278 18.10 18.47 36.92
C ARG M 278 16.98 19.45 37.15
N ILE M 279 15.99 19.43 36.27
CA ILE M 279 14.82 20.28 36.45
C ILE M 279 13.66 19.39 36.86
N GLY M 280 13.85 18.09 36.64
CA GLY M 280 12.85 17.11 36.98
C GLY M 280 13.43 15.69 36.91
N PRO M 281 12.61 14.65 37.00
CA PRO M 281 13.01 13.26 37.09
C PRO M 281 13.56 12.72 35.79
N GLY M 282 14.83 12.99 35.56
CA GLY M 282 15.53 12.62 34.32
C GLY M 282 15.42 13.72 33.28
N GLN M 283 14.96 14.88 33.71
CA GLN M 283 14.78 16.01 32.84
C GLN M 283 15.92 16.98 33.07
N TRP M 284 16.74 17.22 32.06
CA TRP M 284 17.90 18.10 32.27
C TRP M 284 17.94 19.35 31.43
N PHE M 285 18.40 20.42 32.06
CA PHE M 285 18.64 21.70 31.42
C PHE M 285 20.10 21.99 31.30
N TYR M 286 20.54 22.50 30.16
CA TYR M 286 21.94 22.83 30.03
C TYR M 286 22.22 24.30 30.18
N ALA M 287 23.00 24.61 31.19
CA ALA M 287 23.34 25.96 31.57
C ALA M 287 24.72 26.33 31.07
N THR M 288 24.93 27.64 30.91
CA THR M 288 26.24 28.14 30.53
C THR M 288 26.98 28.53 31.79
N GLY M 289 28.15 27.93 32.01
CA GLY M 289 28.90 28.23 33.23
C GLY M 289 29.91 29.33 32.99
N ASP M 290 30.73 29.59 33.98
CA ASP M 290 31.69 30.66 33.84
C ASP M 290 32.65 30.46 32.69
N ILE M 291 32.97 31.54 32.01
CA ILE M 291 33.90 31.47 30.91
C ILE M 291 35.32 31.43 31.38
N ILE M 292 36.05 30.46 30.88
CA ILE M 292 37.45 30.31 31.18
C ILE M 292 38.22 31.16 30.17
N GLY M 293 39.16 31.95 30.67
CA GLY M 293 39.93 32.85 29.82
C GLY M 293 39.22 34.18 29.77
N ASP M 294 39.55 35.03 28.81
CA ASP M 294 38.93 36.33 28.79
C ASP M 294 37.68 36.32 27.93
N ILE M 295 36.99 37.46 27.86
CA ILE M 295 35.77 37.55 27.08
C ILE M 295 35.84 38.57 25.94
N ARG M 296 35.70 38.07 24.72
CA ARG M 296 35.79 38.88 23.50
C ARG M 296 34.70 38.52 22.48
N GLN M 297 34.50 39.36 21.45
CA GLN M 297 33.44 39.06 20.47
C GLN M 297 33.73 38.00 19.45
N ALA M 298 32.66 37.34 19.03
CA ALA M 298 32.66 36.41 17.93
C ALA M 298 32.88 37.23 16.69
N HIS M 299 33.52 36.66 15.70
CA HIS M 299 33.75 37.41 14.47
C HIS M 299 34.03 36.48 13.28
N CYS M 300 33.95 37.03 12.04
CA CYS M 300 34.30 36.33 10.79
C CYS M 300 35.32 37.12 9.97
N ASN M 301 36.27 36.42 9.40
CA ASN M 301 37.34 36.98 8.57
C ASN M 301 37.20 36.61 7.09
N VAL M 302 37.09 37.64 6.22
CA VAL M 302 36.98 37.53 4.76
C VAL M 302 38.19 38.19 4.11
N SER M 303 38.92 37.48 3.27
CA SER M 303 40.10 38.08 2.65
C SER M 303 39.70 39.34 1.91
N LYS M 304 40.46 40.43 2.07
CA LYS M 304 40.04 41.68 1.43
C LYS M 304 40.26 41.67 -0.03
N ALA M 305 41.36 41.12 -0.50
CA ALA M 305 41.58 41.14 -1.93
C ALA M 305 40.54 40.31 -2.65
N THR M 306 40.16 39.18 -2.03
CA THR M 306 39.19 38.31 -2.66
C THR M 306 37.86 38.99 -2.68
N TRP M 307 37.45 39.61 -1.56
CA TRP M 307 36.18 40.33 -1.56
C TRP M 307 36.39 41.75 -2.10
N ASN M 308 36.77 41.79 -3.36
CA ASN M 308 37.06 42.91 -4.23
C ASN M 308 37.00 42.36 -5.64
N GLU M 309 37.89 41.35 -5.94
CA GLU M 309 37.93 40.65 -7.22
C GLU M 309 36.57 40.02 -7.55
N THR M 310 35.92 39.45 -6.55
CA THR M 310 34.63 38.84 -6.81
C THR M 310 33.52 39.87 -6.92
N LEU M 311 33.70 41.10 -6.44
CA LEU M 311 32.64 42.05 -6.66
C LEU M 311 32.87 42.63 -8.01
N GLY M 312 34.12 42.70 -8.44
CA GLY M 312 34.37 43.21 -9.77
C GLY M 312 33.65 42.32 -10.77
N LYS M 313 33.65 41.00 -10.51
CA LYS M 313 32.94 40.08 -11.37
C LYS M 313 31.44 40.27 -11.30
N VAL M 314 30.89 40.49 -10.10
CA VAL M 314 29.45 40.68 -9.99
C VAL M 314 29.02 41.92 -10.71
N VAL M 315 29.77 43.00 -10.56
CA VAL M 315 29.44 44.24 -11.20
C VAL M 315 29.53 44.11 -12.69
N LYS M 316 30.58 43.47 -13.20
CA LYS M 316 30.70 43.32 -14.63
C LYS M 316 29.45 42.66 -15.21
N GLN M 317 28.92 41.66 -14.51
CA GLN M 317 27.72 40.99 -14.97
C GLN M 317 26.45 41.83 -14.76
N LEU M 318 26.36 42.61 -13.68
CA LEU M 318 25.17 43.44 -13.46
C LEU M 318 25.04 44.46 -14.56
N ARG M 319 26.14 44.95 -15.06
CA ARG M 319 26.09 45.97 -16.11
C ARG M 319 25.34 45.47 -17.35
N LYS M 320 25.31 44.16 -17.57
CA LYS M 320 24.64 43.62 -18.74
C LYS M 320 23.14 43.84 -18.68
N HIS M 321 22.60 44.08 -17.49
CA HIS M 321 21.19 44.27 -17.31
C HIS M 321 20.85 45.72 -16.99
N PHE M 322 21.81 46.43 -16.38
CA PHE M 322 21.53 47.79 -15.93
C PHE M 322 22.16 48.92 -16.72
N GLY M 323 23.05 48.61 -17.67
CA GLY M 323 23.72 49.62 -18.48
C GLY M 323 25.19 49.67 -18.17
N ASN M 324 26.00 49.82 -19.20
CA ASN M 324 27.44 49.82 -19.00
C ASN M 324 28.00 51.19 -18.71
N ASN M 325 27.11 52.13 -18.52
CA ASN M 325 27.44 53.47 -18.14
C ASN M 325 26.75 53.82 -16.83
N THR M 326 26.24 52.81 -16.15
CA THR M 326 25.53 52.96 -14.89
C THR M 326 26.47 52.81 -13.73
N ILE M 327 26.32 53.63 -12.70
CA ILE M 327 27.15 53.44 -11.52
C ILE M 327 26.52 52.44 -10.61
N ILE M 328 27.29 51.45 -10.22
CA ILE M 328 26.78 50.43 -9.34
C ILE M 328 27.41 50.50 -7.99
N ARG M 329 26.60 50.66 -6.98
CA ARG M 329 27.14 50.74 -5.64
C ARG M 329 26.51 49.72 -4.75
N PHE M 330 27.28 49.29 -3.78
CA PHE M 330 26.82 48.38 -2.79
C PHE M 330 26.70 49.12 -1.49
N ALA M 331 25.69 48.76 -0.75
CA ALA M 331 25.42 49.35 0.54
C ALA M 331 24.92 48.26 1.47
N ASN M 332 24.99 48.50 2.79
CA ASN M 332 24.58 47.54 3.82
C ASN M 332 23.06 47.53 4.03
N SER M 333 22.56 46.43 4.63
CA SER M 333 21.14 46.24 4.96
C SER M 333 20.65 47.21 5.98
N SER M 334 19.42 47.61 5.83
CA SER M 334 18.80 48.52 6.76
C SER M 334 17.40 48.05 7.02
N GLY M 335 17.05 47.94 8.29
CA GLY M 335 15.73 47.45 8.67
C GLY M 335 15.59 47.54 10.17
N GLY M 336 14.44 47.12 10.69
CA GLY M 336 14.14 47.23 12.10
C GLY M 336 14.38 45.97 12.93
N ASP M 337 14.99 44.95 12.37
CA ASP M 337 15.16 43.70 13.08
C ASP M 337 16.60 43.24 13.00
N LEU M 338 16.89 42.12 13.63
CA LEU M 338 18.22 41.54 13.58
C LEU M 338 18.21 40.61 12.41
N GLU M 339 17.07 39.97 12.22
CA GLU M 339 16.96 38.93 11.22
C GLU M 339 16.92 39.46 9.80
N VAL M 340 16.85 40.77 9.64
CA VAL M 340 16.84 41.33 8.31
C VAL M 340 18.12 42.12 8.07
N THR M 341 18.98 42.28 9.08
CA THR M 341 20.19 43.05 8.85
C THR M 341 21.44 42.22 8.92
N THR M 342 21.39 41.07 9.57
CA THR M 342 22.58 40.26 9.71
C THR M 342 22.62 39.01 8.88
N HIS M 343 23.82 38.47 8.85
CA HIS M 343 24.15 37.21 8.22
C HIS M 343 23.96 36.13 9.22
N SER M 344 22.86 35.44 9.11
CA SER M 344 22.53 34.42 10.04
C SER M 344 23.04 33.10 9.56
N PHE M 345 23.64 32.34 10.45
CA PHE M 345 24.05 30.98 10.14
C PHE M 345 24.30 30.17 11.37
N ASN M 346 24.25 28.86 11.25
CA ASN M 346 24.67 28.01 12.35
C ASN M 346 26.10 27.61 12.03
N CYS M 347 27.00 27.65 13.03
CA CYS M 347 28.41 27.31 12.88
C CYS M 347 28.65 25.94 13.50
N GLY M 348 29.46 25.87 14.53
CA GLY M 348 29.72 24.59 15.18
C GLY M 348 28.65 24.27 16.21
N GLY M 349 27.40 24.38 15.79
CA GLY M 349 26.21 24.16 16.58
C GLY M 349 25.57 25.42 17.16
N GLU M 350 26.29 26.53 17.23
CA GLU M 350 25.72 27.77 17.77
C GLU M 350 25.27 28.72 16.68
N PHE M 351 24.29 29.53 17.00
CA PHE M 351 23.71 30.49 16.05
C PHE M 351 24.33 31.86 16.07
N PHE M 352 24.86 32.25 14.91
CA PHE M 352 25.54 33.52 14.68
C PHE M 352 24.70 34.49 13.89
N TYR M 353 24.82 35.75 14.26
CA TYR M 353 24.19 36.89 13.59
C TYR M 353 25.26 37.95 13.31
N CYS M 354 25.97 37.85 12.16
CA CYS M 354 27.14 38.66 11.86
C CYS M 354 26.81 39.90 11.04
N ASN M 355 27.56 40.95 11.31
CA ASN M 355 27.41 42.26 10.66
C ASN M 355 28.30 42.34 9.40
N THR M 356 27.64 42.38 8.22
CA THR M 356 28.22 42.38 6.88
C THR M 356 28.36 43.76 6.26
N SER M 357 28.20 44.81 7.06
CA SER M 357 28.33 46.15 6.51
C SER M 357 29.76 46.44 6.10
N GLY M 358 30.68 45.64 6.58
CA GLY M 358 32.08 45.79 6.22
C GLY M 358 32.36 45.15 4.85
N LEU M 359 31.39 44.44 4.29
CA LEU M 359 31.58 43.82 3.00
C LEU M 359 30.86 44.59 1.91
N PHE M 360 29.62 44.98 2.18
CA PHE M 360 28.82 45.67 1.18
C PHE M 360 28.93 47.18 1.28
N ASN M 361 30.13 47.70 1.00
CA ASN M 361 30.47 49.13 1.11
C ASN M 361 31.48 49.54 0.02
N SER M 362 30.98 49.85 -1.21
CA SER M 362 31.82 50.23 -2.37
C SER M 362 31.05 50.90 -3.48
N THR M 363 31.73 51.67 -4.34
CA THR M 363 31.10 52.23 -5.54
C THR M 363 31.95 51.93 -6.77
N TRP M 364 31.32 51.39 -7.81
CA TRP M 364 31.98 51.02 -9.04
C TRP M 364 31.57 51.94 -10.19
N ILE M 365 32.52 52.72 -10.70
CA ILE M 365 32.19 53.71 -11.73
C ILE M 365 32.70 53.50 -13.18
N SER M 366 33.57 52.50 -13.45
CA SER M 366 34.18 52.20 -14.77
C SER M 366 34.85 53.44 -15.40
N ASP M 380 45.69 41.65 3.42
CA ASP M 380 44.98 41.84 4.68
C ASP M 380 43.54 41.27 4.56
N SER M 381 42.72 41.45 5.62
CA SER M 381 41.35 40.91 5.73
C SER M 381 40.38 41.85 6.38
N ILE M 382 39.12 41.57 6.12
CA ILE M 382 37.99 42.31 6.65
C ILE M 382 37.43 41.57 7.82
N THR M 383 37.33 42.24 8.96
CA THR M 383 36.77 41.58 10.13
C THR M 383 35.35 42.02 10.34
N LEU M 384 34.47 41.04 10.43
CA LEU M 384 33.07 41.26 10.63
C LEU M 384 32.75 40.94 12.08
N PRO M 385 32.32 41.89 12.91
CA PRO M 385 31.99 41.66 14.29
C PRO M 385 30.75 40.84 14.23
N CYS M 386 30.50 39.95 15.21
CA CYS M 386 29.34 39.07 15.20
C CYS M 386 28.77 38.81 16.59
N ARG M 387 27.44 38.73 16.67
CA ARG M 387 26.75 38.47 17.92
C ARG M 387 26.14 37.08 17.86
N ILE M 388 25.89 36.46 19.01
CA ILE M 388 25.25 35.14 18.96
C ILE M 388 24.02 35.07 19.85
N LYS M 389 23.16 34.09 19.61
CA LYS M 389 21.94 33.89 20.42
C LYS M 389 21.73 32.44 20.79
N GLN M 390 21.09 32.19 21.93
CA GLN M 390 20.69 30.85 22.27
C GLN M 390 19.20 30.57 22.05
N ILE M 391 18.33 31.59 22.07
CA ILE M 391 16.92 31.29 21.85
C ILE M 391 16.52 31.68 20.45
N ILE M 392 16.19 30.67 19.67
CA ILE M 392 15.93 30.81 18.26
C ILE M 392 14.47 30.56 17.93
N ASN M 393 13.80 31.49 17.23
CA ASN M 393 12.39 31.21 16.89
C ASN M 393 12.31 30.24 15.75
N MET M 394 13.24 30.38 14.83
CA MET M 394 13.38 29.52 13.67
C MET M 394 12.24 29.68 12.65
N TRP M 395 12.64 29.63 11.39
CA TRP M 395 11.77 29.76 10.25
C TRP M 395 10.97 31.05 10.41
N GLN M 396 9.65 30.98 10.30
CA GLN M 396 8.82 32.16 10.45
C GLN M 396 7.66 31.91 11.38
N ARG M 397 7.84 31.14 12.43
CA ARG M 397 6.69 30.90 13.32
C ARG M 397 6.69 31.91 14.45
N ILE M 398 5.51 32.18 15.00
CA ILE M 398 5.43 33.08 16.16
C ILE M 398 5.56 32.28 17.43
N GLY M 399 4.80 31.19 17.53
CA GLY M 399 4.94 30.36 18.70
C GLY M 399 6.05 29.41 18.32
N GLN M 400 6.43 28.49 19.20
CA GLN M 400 7.51 27.54 18.94
C GLN M 400 8.85 28.23 19.07
N ALA M 401 9.67 27.75 19.98
CA ALA M 401 10.98 28.33 20.16
C ALA M 401 11.91 27.27 20.63
N MET M 402 13.18 27.42 20.32
CA MET M 402 14.19 26.48 20.74
C MET M 402 15.35 27.08 21.48
N TYR M 403 15.79 26.42 22.55
CA TYR M 403 16.98 26.81 23.24
C TYR M 403 18.13 25.96 22.75
N ALA M 404 19.16 26.61 22.27
CA ALA M 404 20.32 25.91 21.79
C ALA M 404 21.29 25.75 22.96
N PRO M 405 21.63 24.53 23.42
CA PRO M 405 22.50 24.32 24.53
C PRO M 405 23.82 24.93 24.13
N PRO M 406 24.61 25.42 25.07
CA PRO M 406 25.92 25.96 24.84
C PRO M 406 26.88 24.85 24.51
N ILE M 407 27.92 25.17 23.74
CA ILE M 407 28.96 24.21 23.43
C ILE M 407 30.29 24.55 24.07
N GLN M 408 30.87 23.57 24.75
CA GLN M 408 32.13 23.78 25.47
C GLN M 408 33.31 23.94 24.57
N GLY M 409 34.28 24.73 25.00
CA GLY M 409 35.48 24.93 24.23
C GLY M 409 35.22 26.07 23.28
N VAL M 410 35.99 26.14 22.22
CA VAL M 410 35.84 27.25 21.30
C VAL M 410 35.42 26.71 19.97
N ILE M 411 34.83 27.57 19.18
CA ILE M 411 34.28 27.14 17.91
C ILE M 411 34.95 27.78 16.74
N ARG M 412 35.37 26.96 15.78
CA ARG M 412 35.93 27.50 14.56
C ARG M 412 35.34 26.78 13.35
N CYS M 413 34.83 27.55 12.36
CA CYS M 413 34.24 27.05 11.11
C CYS M 413 34.95 27.69 9.93
N VAL M 414 35.22 26.89 8.93
CA VAL M 414 35.76 27.41 7.70
C VAL M 414 34.79 27.11 6.61
N SER M 415 34.25 28.15 6.00
CA SER M 415 33.20 27.97 5.01
C SER M 415 33.52 28.68 3.71
N ASN M 416 32.86 28.23 2.61
CA ASN M 416 32.93 28.84 1.29
C ASN M 416 31.70 29.69 1.04
N ILE M 417 31.87 30.98 0.64
CA ILE M 417 30.74 31.82 0.24
C ILE M 417 30.59 31.50 -1.23
N THR M 418 29.44 30.99 -1.61
CA THR M 418 29.22 30.56 -2.97
C THR M 418 28.25 31.46 -3.68
N GLY M 419 27.58 32.34 -2.95
CA GLY M 419 26.68 33.25 -3.63
C GLY M 419 26.05 34.28 -2.73
N LEU M 420 25.41 35.25 -3.34
CA LEU M 420 24.80 36.35 -2.64
C LEU M 420 23.32 36.45 -2.88
N ILE M 421 22.58 36.99 -1.93
CA ILE M 421 21.20 37.36 -2.20
C ILE M 421 21.14 38.87 -2.17
N LEU M 422 20.85 39.50 -3.30
CA LEU M 422 20.83 40.96 -3.37
C LEU M 422 19.50 41.55 -3.76
N THR M 423 19.23 42.77 -3.33
CA THR M 423 18.06 43.49 -3.82
C THR M 423 18.46 44.87 -4.26
N ARG M 424 17.65 45.49 -5.11
CA ARG M 424 17.92 46.87 -5.48
C ARG M 424 17.00 47.79 -4.73
N ASP M 425 17.44 49.02 -4.51
CA ASP M 425 16.56 49.93 -3.82
C ASP M 425 15.41 50.42 -4.69
N GLY M 426 15.71 50.69 -5.94
CA GLY M 426 14.75 51.27 -6.85
C GLY M 426 15.56 52.23 -7.67
N GLY M 427 14.95 53.16 -8.37
CA GLY M 427 15.81 54.02 -9.15
C GLY M 427 16.38 55.01 -8.17
N SER M 428 17.25 55.91 -8.61
CA SER M 428 17.84 56.86 -7.69
C SER M 428 17.64 58.28 -8.19
N THR M 429 18.62 58.79 -8.92
CA THR M 429 18.65 60.16 -9.43
C THR M 429 18.99 60.15 -10.92
N ASN M 430 19.14 61.34 -11.48
CA ASN M 430 19.44 61.46 -12.89
C ASN M 430 20.90 61.16 -13.21
N SER M 431 21.69 60.81 -12.19
CA SER M 431 23.08 60.46 -12.40
C SER M 431 23.19 59.02 -12.90
N THR M 432 22.07 58.29 -12.86
CA THR M 432 21.99 56.92 -13.32
C THR M 432 22.83 55.98 -12.50
N THR M 433 22.32 55.63 -11.34
CA THR M 433 23.06 54.73 -10.49
C THR M 433 22.08 53.69 -9.99
N GLU M 434 22.61 52.60 -9.46
CA GLU M 434 21.82 51.57 -8.83
C GLU M 434 22.44 51.19 -7.52
N THR M 435 21.62 50.94 -6.51
CA THR M 435 22.15 50.51 -5.24
C THR M 435 21.68 49.13 -4.89
N PHE M 436 22.64 48.29 -4.55
CA PHE M 436 22.38 46.91 -4.18
C PHE M 436 22.68 46.69 -2.72
N ARG M 437 21.82 45.96 -2.05
CA ARG M 437 22.01 45.67 -0.64
C ARG M 437 21.81 44.19 -0.42
N PRO M 438 22.38 43.60 0.62
CA PRO M 438 22.11 42.25 1.01
C PRO M 438 20.63 42.17 1.23
N GLY M 439 20.02 41.14 0.71
CA GLY M 439 18.61 41.00 0.87
C GLY M 439 18.24 40.02 1.93
N GLY M 440 16.95 39.86 2.09
CA GLY M 440 16.33 38.95 3.01
C GLY M 440 15.57 38.01 2.14
N GLY M 441 14.34 37.71 2.52
CA GLY M 441 13.51 36.82 1.74
C GLY M 441 13.36 35.47 2.40
N ASP M 442 12.50 34.66 1.82
CA ASP M 442 12.20 33.34 2.34
C ASP M 442 13.37 32.44 2.19
N MET M 443 13.41 31.41 3.02
CA MET M 443 14.48 30.43 3.01
C MET M 443 14.54 29.68 1.70
N ARG M 444 13.45 29.69 0.96
CA ARG M 444 13.39 28.99 -0.29
C ARG M 444 14.40 29.50 -1.29
N ASP M 445 14.88 30.73 -1.16
CA ASP M 445 15.87 31.22 -2.10
C ASP M 445 17.19 30.52 -1.95
N ASN M 446 17.39 29.84 -0.83
CA ASN M 446 18.62 29.13 -0.69
C ASN M 446 18.55 27.86 -1.48
N TRP M 447 17.35 27.28 -1.66
CA TRP M 447 17.27 26.01 -2.33
C TRP M 447 17.17 26.24 -3.81
N ARG M 448 16.64 27.41 -4.19
CA ARG M 448 16.53 27.73 -5.59
C ARG M 448 17.89 27.87 -6.22
N SER M 449 18.89 28.20 -5.43
CA SER M 449 20.24 28.34 -5.95
C SER M 449 20.86 27.00 -6.36
N GLU M 450 20.34 25.86 -5.88
CA GLU M 450 20.89 24.55 -6.24
C GLU M 450 19.99 23.72 -7.14
N LEU M 451 18.69 23.88 -6.99
CA LEU M 451 17.73 23.08 -7.71
C LEU M 451 17.24 23.70 -9.00
N TYR M 452 17.84 24.79 -9.41
CA TYR M 452 17.44 25.50 -10.62
C TYR M 452 17.60 24.67 -11.88
N LYS M 453 18.46 23.67 -11.85
CA LYS M 453 18.73 22.85 -13.00
C LYS M 453 17.80 21.67 -13.13
N TYR M 454 16.95 21.43 -12.16
CA TYR M 454 16.17 20.21 -12.24
C TYR M 454 14.68 20.38 -12.44
N LYS M 455 14.10 19.46 -13.20
CA LYS M 455 12.66 19.44 -13.43
C LYS M 455 12.11 18.03 -13.23
N VAL M 456 10.91 17.89 -12.69
CA VAL M 456 10.36 16.54 -12.54
C VAL M 456 9.23 16.28 -13.50
N VAL M 457 9.31 15.16 -14.22
CA VAL M 457 8.27 14.84 -15.17
C VAL M 457 7.70 13.44 -14.95
N LYS M 458 6.46 13.24 -15.37
CA LYS M 458 5.75 11.97 -15.31
C LYS M 458 5.88 11.26 -16.63
N ILE M 459 6.23 9.98 -16.61
CA ILE M 459 6.38 9.24 -17.86
C ILE M 459 5.06 8.61 -18.24
N GLU M 460 4.66 8.78 -19.50
CA GLU M 460 3.41 8.25 -20.01
C GLU M 460 3.63 7.31 -21.19
N PRO M 461 3.84 6.01 -20.96
CA PRO M 461 4.26 5.01 -21.92
C PRO M 461 3.28 4.60 -23.02
N LEU M 462 1.98 4.88 -22.93
CA LEU M 462 1.11 4.48 -24.05
C LEU M 462 0.99 5.53 -25.11
N GLY M 463 0.87 5.07 -26.34
CA GLY M 463 0.58 5.98 -27.42
C GLY M 463 0.15 5.23 -28.63
N VAL M 464 -0.39 5.94 -29.59
CA VAL M 464 -0.88 5.32 -30.79
C VAL M 464 -0.36 6.05 -32.00
N ALA M 465 -0.31 5.37 -33.13
CA ALA M 465 0.10 6.00 -34.39
C ALA M 465 -0.39 5.19 -35.58
N PRO M 466 -0.59 5.77 -36.76
CA PRO M 466 -0.91 5.08 -38.00
C PRO M 466 0.17 4.15 -38.51
N THR M 467 -0.20 2.96 -38.95
CA THR M 467 0.72 2.04 -39.62
C THR M 467 -0.04 1.34 -40.72
N ARG M 468 0.67 0.56 -41.53
CA ARG M 468 0.01 -0.23 -42.57
C ARG M 468 -0.51 -1.61 -42.15
N CYS M 469 -0.34 -2.04 -40.88
CA CYS M 469 -0.76 -3.35 -40.42
C CYS M 469 -2.22 -3.32 -40.00
N LYS M 470 -2.85 -4.45 -39.98
CA LYS M 470 -4.20 -4.55 -39.52
C LYS M 470 -4.26 -5.81 -38.73
N ARG M 471 -5.00 -5.81 -37.64
CA ARG M 471 -5.04 -7.05 -36.91
C ARG M 471 -5.61 -8.12 -37.80
N ARG M 472 -4.91 -9.24 -37.89
CA ARG M 472 -5.44 -10.30 -38.71
C ARG M 472 -6.35 -11.12 -37.84
N VAL M 473 -7.60 -11.19 -38.22
CA VAL M 473 -8.53 -11.94 -37.40
C VAL M 473 -8.42 -13.41 -37.78
N VAL M 474 -8.16 -14.29 -36.78
CA VAL M 474 -7.98 -15.72 -36.94
C VAL M 474 -8.79 -16.38 -35.83
N VAL N 2 -8.46 44.48 -2.68
CA VAL N 2 -7.30 45.09 -2.03
C VAL N 2 -7.83 46.01 -0.93
N GLN N 3 -7.36 45.79 0.32
CA GLN N 3 -7.73 46.59 1.49
C GLN N 3 -6.54 46.83 2.41
N LEU N 4 -6.43 48.06 2.88
CA LEU N 4 -5.43 48.44 3.86
C LEU N 4 -6.16 48.92 5.10
N ILE N 5 -5.91 48.27 6.23
CA ILE N 5 -6.58 48.59 7.48
C ILE N 5 -5.64 49.13 8.52
N GLN N 6 -5.87 50.34 8.96
CA GLN N 6 -5.01 50.92 9.97
C GLN N 6 -5.60 50.91 11.37
N SER N 7 -4.71 51.01 12.34
CA SER N 7 -5.06 51.12 13.74
C SER N 7 -5.65 52.51 14.04
N GLY N 8 -6.24 52.66 15.23
CA GLY N 8 -6.91 53.91 15.60
C GLY N 8 -5.98 55.06 16.01
N PRO N 9 -6.55 56.21 16.42
CA PRO N 9 -5.86 57.43 16.78
C PRO N 9 -5.06 57.26 18.03
N GLN N 10 -3.96 57.99 18.11
CA GLN N 10 -3.13 57.92 19.30
C GLN N 10 -2.67 59.25 19.82
N PHE N 11 -2.49 59.29 21.14
CA PHE N 11 -1.93 60.46 21.78
C PHE N 11 -0.76 60.03 22.62
N LYS N 12 0.32 60.81 22.59
CA LYS N 12 1.51 60.48 23.34
C LYS N 12 2.15 61.69 24.00
N THR N 13 2.80 61.44 25.13
CA THR N 13 3.58 62.42 25.84
C THR N 13 4.75 62.80 24.96
N PRO N 14 5.06 64.07 24.72
CA PRO N 14 6.17 64.46 23.90
C PRO N 14 7.45 63.80 24.36
N GLY N 15 8.19 63.30 23.39
CA GLY N 15 9.47 62.61 23.56
C GLY N 15 9.27 61.09 23.50
N ALA N 16 8.03 60.65 23.66
CA ALA N 16 7.66 59.25 23.61
C ALA N 16 7.63 58.76 22.18
N SER N 17 7.76 57.45 21.99
CA SER N 17 7.60 56.94 20.65
C SER N 17 6.14 56.56 20.41
N VAL N 18 5.75 56.55 19.14
CA VAL N 18 4.42 56.12 18.78
C VAL N 18 4.51 55.01 17.77
N THR N 19 3.73 53.97 17.96
CA THR N 19 3.75 52.92 16.98
C THR N 19 2.38 52.77 16.39
N VAL N 20 2.36 52.69 15.08
CA VAL N 20 1.13 52.53 14.33
C VAL N 20 1.29 51.36 13.42
N SER N 21 0.19 50.87 12.88
CA SER N 21 0.30 49.74 11.99
C SER N 21 -0.75 49.79 10.89
N CYS N 22 -0.47 49.03 9.81
CA CYS N 22 -1.29 48.85 8.62
C CYS N 22 -1.33 47.39 8.21
N LYS N 23 -2.50 46.80 8.26
CA LYS N 23 -2.69 45.42 7.86
C LYS N 23 -3.12 45.38 6.42
N ALA N 24 -2.43 44.62 5.61
CA ALA N 24 -2.77 44.58 4.21
C ALA N 24 -3.28 43.24 3.79
N SER N 25 -4.26 43.25 2.91
CA SER N 25 -4.77 42.01 2.36
C SER N 25 -5.38 42.10 0.98
N GLY N 26 -5.46 40.93 0.34
CA GLY N 26 -6.17 40.79 -0.94
C GLY N 26 -5.29 40.82 -2.17
N TYR N 27 -4.00 40.88 -1.95
CA TYR N 27 -3.04 40.90 -3.01
C TYR N 27 -1.82 40.25 -2.42
N ILE N 28 -0.87 39.85 -3.23
CA ILE N 28 0.27 39.22 -2.60
C ILE N 28 1.02 40.28 -1.83
N PHE N 29 1.27 40.01 -0.56
CA PHE N 29 1.91 40.95 0.34
C PHE N 29 3.32 41.28 -0.09
N THR N 30 4.07 40.27 -0.51
CA THR N 30 5.40 40.51 -1.02
C THR N 30 5.13 41.08 -2.39
N ASP N 31 6.10 41.70 -3.02
CA ASP N 31 5.89 42.41 -4.28
C ASP N 31 5.14 43.67 -3.87
N TYR N 32 5.16 44.72 -4.68
CA TYR N 32 4.39 45.92 -4.35
C TYR N 32 4.84 46.66 -3.10
N LEU N 33 5.81 47.53 -3.23
CA LEU N 33 6.34 48.20 -2.05
C LEU N 33 5.28 49.05 -1.33
N ILE N 34 5.39 49.09 -0.01
CA ILE N 34 4.49 49.88 0.84
C ILE N 34 5.15 51.14 1.31
N HIS N 35 4.44 52.24 1.11
CA HIS N 35 4.93 53.57 1.44
C HIS N 35 4.17 54.25 2.55
N TRP N 36 4.88 55.08 3.31
CA TRP N 36 4.23 55.88 4.32
C TRP N 36 4.35 57.36 4.00
N VAL N 37 3.21 58.03 4.14
CA VAL N 37 3.05 59.47 3.89
C VAL N 37 2.37 60.16 5.05
N ARG N 38 2.92 61.27 5.47
CA ARG N 38 2.34 62.03 6.55
C ARG N 38 1.59 63.25 6.07
N LEU N 39 0.36 63.44 6.54
CA LEU N 39 -0.39 64.63 6.18
C LEU N 39 -0.53 65.64 7.28
N VAL N 40 -0.04 66.83 7.02
CA VAL N 40 -0.16 67.91 7.95
C VAL N 40 -1.15 68.89 7.35
N PRO N 41 -2.33 69.10 7.95
CA PRO N 41 -3.35 69.98 7.43
C PRO N 41 -2.84 71.38 7.07
N GLY N 42 -1.85 71.90 7.81
CA GLY N 42 -1.32 73.23 7.53
C GLY N 42 -0.09 73.27 6.62
N LYS N 43 0.37 72.11 6.13
CA LYS N 43 1.57 72.08 5.28
C LYS N 43 1.42 71.29 3.97
N GLY N 44 0.62 70.22 3.98
CA GLY N 44 0.51 69.32 2.83
C GLY N 44 1.09 67.95 3.14
N LEU N 45 1.29 67.15 2.11
CA LEU N 45 1.76 65.78 2.25
C LEU N 45 3.28 65.74 2.28
N GLU N 46 3.82 64.84 3.10
CA GLU N 46 5.26 64.59 3.18
C GLU N 46 5.58 63.11 3.16
N TRP N 47 6.51 62.70 2.33
CA TRP N 47 6.85 61.28 2.30
C TRP N 47 7.80 60.94 3.44
N LEU N 48 7.54 59.83 4.12
CA LEU N 48 8.41 59.43 5.21
C LEU N 48 9.38 58.33 4.84
N GLY N 49 8.94 57.43 3.99
CA GLY N 49 9.77 56.28 3.63
C GLY N 49 8.97 55.14 3.01
N ARG N 50 9.67 54.05 2.67
CA ARG N 50 9.04 52.88 2.08
C ARG N 50 9.70 51.60 2.56
N ILE N 51 8.95 50.51 2.49
CA ILE N 51 9.48 49.22 2.87
C ILE N 51 9.26 48.13 1.82
N ASN N 52 10.31 47.35 1.63
CA ASN N 52 10.32 46.20 0.76
C ASN N 52 9.88 45.03 1.56
N THR N 53 8.65 44.60 1.32
CA THR N 53 7.99 43.59 2.09
C THR N 53 8.50 42.19 1.87
N ASN N 54 9.31 41.98 0.85
CA ASN N 54 9.82 40.65 0.66
C ASN N 54 11.13 40.52 1.38
N ALA N 55 11.96 41.53 1.21
CA ALA N 55 13.29 41.54 1.77
C ALA N 55 13.34 42.01 3.22
N GLY N 56 12.36 42.79 3.65
CA GLY N 56 12.37 43.36 4.99
C GLY N 56 13.29 44.57 5.04
N LEU N 57 13.45 45.25 3.90
CA LEU N 57 14.34 46.40 3.85
C LEU N 57 13.65 47.73 3.91
N MET N 58 14.27 48.61 4.64
CA MET N 58 13.81 49.96 4.87
C MET N 58 14.55 51.05 4.13
N TYR N 59 13.79 51.97 3.55
CA TYR N 59 14.38 53.12 2.88
C TYR N 59 13.69 54.35 3.47
N LEU N 60 14.44 55.33 3.94
CA LEU N 60 13.81 56.47 4.60
C LEU N 60 14.07 57.82 3.97
N SER N 61 13.13 58.74 4.18
CA SER N 61 13.33 60.12 3.81
C SER N 61 14.43 60.66 4.72
N HIS N 62 15.37 61.44 4.18
CA HIS N 62 16.49 61.89 5.01
C HIS N 62 16.20 63.08 5.90
N LYS N 63 15.36 62.81 6.88
CA LYS N 63 14.95 63.69 7.94
C LYS N 63 14.78 62.82 9.14
N PHE N 64 14.45 61.57 8.86
CA PHE N 64 14.04 60.65 9.90
C PHE N 64 14.99 59.48 10.09
N GLU N 65 16.22 59.55 9.65
CA GLU N 65 17.05 58.36 9.79
C GLU N 65 17.26 57.93 11.23
N GLY N 66 17.34 58.87 12.14
CA GLY N 66 17.55 58.53 13.54
C GLY N 66 16.24 58.45 14.31
N ARG N 67 15.10 58.59 13.62
CA ARG N 67 13.82 58.61 14.31
C ARG N 67 12.82 57.56 13.86
N LEU N 68 12.84 57.19 12.59
CA LEU N 68 11.81 56.33 12.05
C LEU N 68 12.26 54.96 11.63
N ILE N 69 11.60 53.95 12.17
CA ILE N 69 11.89 52.56 11.84
C ILE N 69 10.67 51.85 11.27
N LEU N 70 10.84 51.21 10.13
CA LEU N 70 9.75 50.46 9.54
C LEU N 70 10.06 48.97 9.64
N ARG N 71 9.02 48.18 9.87
CA ARG N 71 9.15 46.73 9.98
C ARG N 71 8.04 46.03 9.24
N ARG N 72 8.24 44.78 8.87
CA ARG N 72 7.16 44.04 8.25
C ARG N 72 7.04 42.66 8.82
N VAL N 73 5.83 42.12 8.78
CA VAL N 73 5.60 40.76 9.21
C VAL N 73 4.95 39.94 8.12
N VAL N 74 5.56 38.81 7.82
CA VAL N 74 5.05 37.91 6.81
C VAL N 74 5.00 36.50 7.31
N ASP N 75 4.25 35.68 6.61
CA ASP N 75 4.17 34.27 6.85
C ASP N 75 4.04 33.63 5.50
N TRP N 76 5.10 32.97 5.06
CA TRP N 76 5.18 32.36 3.74
C TRP N 76 4.00 31.44 3.40
N ARG N 77 3.29 30.94 4.40
CA ARG N 77 2.07 30.00 4.50
C ARG N 77 0.88 30.72 3.73
N THR N 78 0.79 32.04 3.93
CA THR N 78 -0.41 32.79 3.57
C THR N 78 -0.04 34.07 2.81
N PRO N 79 0.38 33.98 1.54
CA PRO N 79 0.93 35.06 0.74
C PRO N 79 0.05 36.30 0.58
N SER N 80 -1.27 36.14 0.71
CA SER N 80 -2.24 37.22 0.54
C SER N 80 -2.40 38.15 1.74
N LEU N 81 -1.76 37.80 2.86
CA LEU N 81 -1.88 38.58 4.10
C LEU N 81 -0.53 39.04 4.64
N GLY N 82 -0.49 40.20 5.27
CA GLY N 82 0.73 40.61 5.99
C GLY N 82 0.59 41.99 6.60
N THR N 83 1.59 42.43 7.39
CA THR N 83 1.49 43.75 7.99
C THR N 83 2.74 44.59 7.86
N VAL N 84 2.54 45.89 7.95
CA VAL N 84 3.64 46.84 8.05
C VAL N 84 3.48 47.69 9.28
N ASN N 85 4.51 47.74 10.08
CA ASN N 85 4.52 48.52 11.29
C ASN N 85 5.43 49.72 11.16
N MET N 86 5.08 50.76 11.87
CA MET N 86 5.89 51.97 11.97
C MET N 86 6.18 52.38 13.39
N GLU N 87 7.44 52.69 13.66
CA GLU N 87 7.83 53.25 14.94
C GLU N 87 8.48 54.60 14.78
N LEU N 88 7.88 55.63 15.37
CA LEU N 88 8.47 56.96 15.28
C LEU N 88 8.87 57.43 16.66
N ARG N 89 10.15 57.68 16.83
CA ARG N 89 10.73 58.10 18.10
C ARG N 89 10.76 59.59 18.29
N ASN N 90 10.84 59.99 19.56
CA ASN N 90 10.96 61.40 19.92
C ASN N 90 9.85 62.25 19.34
N VAL N 91 8.60 61.81 19.51
CA VAL N 91 7.45 62.52 18.97
C VAL N 91 7.25 63.88 19.61
N ARG N 92 7.06 64.90 18.79
CA ARG N 92 6.88 66.27 19.25
C ARG N 92 5.64 66.86 18.62
N SER N 93 5.17 68.01 19.08
CA SER N 93 3.94 68.61 18.54
C SER N 93 4.04 68.92 17.03
N ASP N 94 5.25 69.01 16.53
CA ASP N 94 5.55 69.26 15.13
C ASP N 94 5.10 68.08 14.27
N ASP N 95 4.91 66.93 14.90
CA ASP N 95 4.55 65.69 14.27
C ASP N 95 3.06 65.42 14.34
N SER N 96 2.26 66.40 14.79
CA SER N 96 0.83 66.16 14.76
C SER N 96 0.47 66.04 13.32
N ALA N 97 -0.11 64.90 12.97
CA ALA N 97 -0.41 64.62 11.58
C ALA N 97 -1.29 63.43 11.41
N ILE N 98 -1.82 63.28 10.22
CA ILE N 98 -2.54 62.08 9.92
C ILE N 98 -1.57 61.16 9.17
N TYR N 99 -1.24 60.03 9.76
CA TYR N 99 -0.26 59.15 9.14
C TYR N 99 -0.90 58.10 8.26
N PHE N 100 -0.55 58.12 6.97
CA PHE N 100 -1.17 57.21 6.02
C PHE N 100 -0.24 56.12 5.49
N CYS N 101 -0.85 54.95 5.26
CA CYS N 101 -0.32 53.75 4.64
C CYS N 101 -0.80 53.67 3.20
N GLY N 102 0.09 53.35 2.27
CA GLY N 102 -0.39 53.14 0.91
C GLY N 102 0.47 52.21 0.08
N ARG N 103 -0.08 51.78 -1.04
CA ARG N 103 0.60 50.82 -1.89
C ARG N 103 0.80 51.32 -3.29
N VAL N 104 2.00 51.08 -3.77
CA VAL N 104 2.44 51.51 -5.07
C VAL N 104 1.70 50.83 -6.21
N VAL N 105 1.47 51.62 -7.25
CA VAL N 105 0.81 51.23 -8.48
C VAL N 105 1.59 50.09 -9.12
N ASP N 106 0.89 49.06 -9.58
CA ASP N 106 1.57 47.91 -10.17
C ASP N 106 2.47 48.33 -11.33
N GLY N 107 3.73 47.92 -11.27
CA GLY N 107 4.73 48.25 -12.27
C GLY N 107 5.62 49.41 -11.87
N PHE N 108 5.34 50.02 -10.73
CA PHE N 108 6.12 51.14 -10.25
C PHE N 108 6.87 50.94 -8.95
N ASN N 109 7.40 49.76 -8.70
CA ASN N 109 8.14 49.52 -7.46
C ASN N 109 9.40 50.37 -7.38
N ALA N 110 9.94 50.78 -8.51
CA ALA N 110 11.15 51.58 -8.54
C ALA N 110 10.86 53.05 -8.35
N ALA N 111 9.57 53.37 -8.19
CA ALA N 111 9.00 54.70 -8.02
C ALA N 111 7.98 54.67 -6.89
N GLY N 112 7.07 55.65 -6.81
CA GLY N 112 6.12 55.62 -5.70
C GLY N 112 4.74 56.34 -5.84
N PRO N 113 4.01 56.26 -6.95
CA PRO N 113 2.64 56.73 -7.05
C PRO N 113 1.88 55.74 -6.20
N LEU N 114 0.89 56.16 -5.42
CA LEU N 114 0.18 55.19 -4.59
C LEU N 114 -1.25 55.03 -4.98
N GLU N 115 -1.58 53.82 -5.37
CA GLU N 115 -2.89 53.48 -5.87
C GLU N 115 -3.87 53.18 -4.76
N PHE N 116 -3.38 52.56 -3.70
CA PHE N 116 -4.26 52.18 -2.60
C PHE N 116 -3.84 52.88 -1.34
N TRP N 117 -4.82 53.30 -0.57
CA TRP N 117 -4.58 54.01 0.67
C TRP N 117 -5.40 53.49 1.84
N GLY N 118 -4.86 53.70 3.03
CA GLY N 118 -5.49 53.37 4.29
C GLY N 118 -6.40 54.50 4.76
N GLN N 119 -6.50 54.69 6.08
CA GLN N 119 -7.45 55.67 6.61
C GLN N 119 -6.81 56.91 7.19
N GLY N 120 -5.60 56.77 7.70
CA GLY N 120 -4.94 57.83 8.44
C GLY N 120 -5.02 57.50 9.92
N SER N 121 -3.89 57.45 10.64
CA SER N 121 -3.93 57.09 12.06
C SER N 121 -5.04 57.82 12.85
N PRO N 122 -4.98 59.14 13.17
CA PRO N 122 -3.94 60.18 13.28
C PRO N 122 -3.15 60.11 14.58
N VAL N 123 -2.07 60.90 14.69
CA VAL N 123 -1.32 61.00 15.95
C VAL N 123 -1.22 62.49 16.42
N ILE N 124 -1.59 62.74 17.72
CA ILE N 124 -1.64 64.03 18.50
C ILE N 124 -2.04 65.32 17.72
N GLN O 1 16.82 68.15 -2.78
CA GLN O 1 15.48 67.69 -3.08
C GLN O 1 14.95 68.52 -4.26
N VAL O 2 13.93 67.99 -4.97
CA VAL O 2 13.27 68.70 -6.07
C VAL O 2 11.92 69.19 -5.59
N VAL O 3 11.79 70.49 -5.70
CA VAL O 3 10.65 71.23 -5.24
C VAL O 3 9.60 71.41 -6.31
N MET O 4 8.37 71.11 -5.96
CA MET O 4 7.30 71.33 -6.90
C MET O 4 6.49 72.54 -6.50
N THR O 5 6.20 73.40 -7.45
CA THR O 5 5.36 74.56 -7.16
C THR O 5 4.08 74.51 -7.95
N GLN O 6 2.96 74.63 -7.26
CA GLN O 6 1.67 74.62 -7.95
C GLN O 6 1.12 76.03 -8.09
N SER O 7 0.36 76.24 -9.16
CA SER O 7 -0.23 77.54 -9.42
C SER O 7 -1.50 77.45 -10.26
N PRO O 8 -2.53 78.24 -9.95
CA PRO O 8 -2.71 79.22 -8.90
C PRO O 8 -2.93 78.55 -7.59
N ALA O 9 -2.77 79.28 -6.48
CA ALA O 9 -3.09 78.66 -5.20
C ALA O 9 -4.54 78.22 -5.18
N THR O 10 -5.42 79.02 -5.78
CA THR O 10 -6.82 78.66 -5.82
C THR O 10 -7.44 78.87 -7.19
N LEU O 11 -8.48 78.12 -7.42
CA LEU O 11 -9.33 78.24 -8.59
C LEU O 11 -10.68 78.70 -8.09
N SER O 12 -11.42 79.42 -8.91
CA SER O 12 -12.78 79.80 -8.54
C SER O 12 -13.65 79.65 -9.75
N LEU O 13 -14.58 78.71 -9.71
CA LEU O 13 -15.41 78.44 -10.88
C LEU O 13 -16.70 77.73 -10.56
N SER O 14 -17.58 77.62 -11.56
CA SER O 14 -18.85 76.95 -11.40
C SER O 14 -18.87 75.56 -12.07
N PRO O 15 -19.67 74.61 -11.60
CA PRO O 15 -19.84 73.33 -12.24
C PRO O 15 -20.22 73.55 -13.68
N GLY O 16 -19.64 72.76 -14.56
CA GLY O 16 -19.84 72.82 -15.99
C GLY O 16 -18.74 73.61 -16.69
N GLU O 17 -17.96 74.37 -15.93
CA GLU O 17 -16.85 75.13 -16.46
C GLU O 17 -15.64 74.22 -16.37
N THR O 18 -14.59 74.49 -17.15
CA THR O 18 -13.38 73.68 -17.10
C THR O 18 -12.42 74.19 -16.04
N ALA O 19 -11.40 73.39 -15.73
CA ALA O 19 -10.40 73.79 -14.74
C ALA O 19 -9.04 73.17 -15.02
N ALA O 20 -7.99 73.81 -14.56
CA ALA O 20 -6.67 73.23 -14.71
C ALA O 20 -5.75 73.70 -13.62
N VAL O 21 -4.77 72.85 -13.32
CA VAL O 21 -3.74 73.18 -12.33
C VAL O 21 -2.36 73.06 -12.93
N SER O 22 -1.56 74.12 -12.82
CA SER O 22 -0.20 74.07 -13.35
C SER O 22 0.73 73.62 -12.22
N CYS O 23 1.84 72.91 -12.56
CA CYS O 23 2.87 72.48 -11.62
C CYS O 23 4.25 72.52 -12.28
N ARG O 24 5.22 73.12 -11.59
CA ARG O 24 6.55 73.22 -12.13
C ARG O 24 7.63 72.68 -11.23
N ALA O 25 8.54 71.90 -11.81
CA ALA O 25 9.66 71.33 -11.08
C ALA O 25 10.87 72.24 -11.08
N SER O 26 11.58 72.26 -9.95
CA SER O 26 12.85 72.97 -9.83
C SER O 26 13.99 72.27 -10.58
N GLN O 27 13.78 70.99 -10.91
CA GLN O 27 14.75 70.16 -11.63
C GLN O 27 14.04 69.33 -12.67
N TYR O 28 14.76 68.85 -13.67
CA TYR O 28 14.14 67.96 -14.65
C TYR O 28 13.69 66.68 -13.97
N VAL O 29 12.43 66.27 -14.19
CA VAL O 29 11.90 65.03 -13.65
C VAL O 29 11.35 64.09 -14.72
N ASP O 30 11.63 64.37 -15.98
CA ASP O 30 11.13 63.54 -17.06
C ASP O 30 9.60 63.43 -16.96
N ARG O 31 9.04 62.23 -16.90
CA ARG O 31 7.60 62.07 -16.80
C ARG O 31 7.12 61.66 -15.41
N SER O 32 7.98 61.73 -14.41
CA SER O 32 7.61 61.27 -13.06
C SER O 32 6.82 62.22 -12.19
N ILE O 33 5.65 62.57 -12.68
CA ILE O 33 4.68 63.38 -11.95
C ILE O 33 3.36 62.69 -11.88
N SER O 34 2.83 62.59 -10.68
CA SER O 34 1.52 61.99 -10.47
C SER O 34 0.60 63.01 -9.81
N TRP O 35 -0.71 62.79 -9.96
CA TRP O 35 -1.64 63.74 -9.35
C TRP O 35 -2.65 63.11 -8.42
N TYR O 36 -2.95 63.83 -7.34
CA TYR O 36 -3.93 63.41 -6.33
C TYR O 36 -5.06 64.40 -6.05
N GLN O 37 -6.23 63.85 -5.72
CA GLN O 37 -7.41 64.62 -5.30
C GLN O 37 -7.71 64.41 -3.81
N LEU O 38 -7.63 65.48 -3.03
CA LEU O 38 -7.82 65.37 -1.58
C LEU O 38 -9.06 66.04 -1.03
N LYS O 39 -9.71 65.34 -0.12
CA LYS O 39 -10.87 65.83 0.59
C LYS O 39 -10.72 65.60 2.07
N THR O 40 -11.38 66.43 2.85
CA THR O 40 -11.32 66.27 4.28
C THR O 40 -11.95 64.95 4.67
N GLY O 41 -11.24 64.19 5.51
CA GLY O 41 -11.74 62.91 5.98
C GLY O 41 -11.42 61.74 5.06
N ARG O 42 -10.65 61.97 4.00
CA ARG O 42 -10.33 60.89 3.08
C ARG O 42 -8.86 60.86 2.70
N ALA O 43 -8.32 59.67 2.50
CA ALA O 43 -6.98 59.54 2.01
C ALA O 43 -6.96 60.05 0.58
N PRO O 44 -5.85 60.58 0.07
CA PRO O 44 -5.71 61.06 -1.28
C PRO O 44 -6.09 60.06 -2.35
N ARG O 45 -6.83 60.51 -3.36
CA ARG O 45 -7.19 59.65 -4.46
C ARG O 45 -6.21 59.84 -5.59
N LEU O 46 -5.65 58.77 -6.13
CA LEU O 46 -4.72 58.92 -7.24
C LEU O 46 -5.48 59.07 -8.54
N LEU O 47 -5.23 60.17 -9.23
CA LEU O 47 -5.91 60.48 -10.48
C LEU O 47 -5.08 60.13 -11.69
N VAL O 48 -3.80 60.44 -11.60
CA VAL O 48 -2.86 60.25 -12.70
C VAL O 48 -1.64 59.48 -12.26
N TYR O 49 -1.24 58.44 -13.02
CA TYR O 49 -0.07 57.63 -12.67
C TYR O 49 1.21 58.33 -13.05
N ALA O 50 1.25 58.83 -14.27
CA ALA O 50 2.45 59.52 -14.71
C ALA O 50 2.19 60.45 -15.86
N ALA O 51 2.61 61.70 -15.71
CA ALA O 51 2.47 62.69 -16.75
C ALA O 51 1.04 62.67 -17.27
N SER O 52 0.83 62.22 -18.49
CA SER O 52 -0.49 62.24 -19.08
C SER O 52 -1.37 61.01 -18.82
N SER O 53 -0.77 59.91 -18.37
CA SER O 53 -1.46 58.64 -18.22
C SER O 53 -2.22 58.50 -16.92
N ARG O 54 -3.54 58.41 -17.08
CA ARG O 54 -4.53 58.39 -16.02
C ARG O 54 -4.67 57.04 -15.33
N SER O 55 -5.03 57.10 -14.04
CA SER O 55 -5.24 55.90 -13.24
C SER O 55 -6.58 55.21 -13.50
N ILE O 56 -6.66 53.97 -13.01
CA ILE O 56 -7.85 53.13 -13.13
C ILE O 56 -8.98 53.59 -12.24
N GLY O 57 -10.18 53.69 -12.82
CA GLY O 57 -11.37 54.07 -12.09
C GLY O 57 -11.67 55.56 -12.19
N VAL O 58 -10.76 56.32 -12.77
CA VAL O 58 -10.97 57.73 -12.89
C VAL O 58 -11.76 58.00 -14.16
N PRO O 59 -12.80 58.84 -14.13
CA PRO O 59 -13.64 59.21 -15.24
C PRO O 59 -12.91 60.09 -16.24
N ASP O 60 -13.51 60.23 -17.42
CA ASP O 60 -12.95 61.00 -18.54
C ASP O 60 -12.94 62.50 -18.34
N ARG O 61 -13.40 62.94 -17.19
CA ARG O 61 -13.33 64.32 -16.81
C ARG O 61 -11.85 64.68 -16.64
N PHE O 62 -11.01 63.68 -16.30
CA PHE O 62 -9.60 63.96 -16.04
C PHE O 62 -8.63 63.40 -17.05
N SER O 63 -7.55 64.14 -17.24
CA SER O 63 -6.38 63.73 -18.04
C SER O 63 -5.19 64.58 -17.62
N GLY O 64 -3.97 64.19 -17.98
CA GLY O 64 -2.86 65.10 -17.67
C GLY O 64 -2.05 65.42 -18.90
N SER O 65 -1.05 66.26 -18.71
CA SER O 65 -0.14 66.63 -19.78
C SER O 65 1.17 67.19 -19.22
N GLY O 66 2.14 67.37 -20.11
CA GLY O 66 3.40 68.01 -19.74
C GLY O 66 4.54 67.05 -19.54
N SER O 67 5.74 67.63 -19.46
CA SER O 67 6.96 66.86 -19.31
C SER O 67 8.16 67.69 -18.83
N GLY O 68 9.13 66.99 -18.26
CA GLY O 68 10.41 67.58 -17.93
C GLY O 68 10.29 68.44 -16.72
N ARG O 69 9.84 69.65 -16.92
CA ARG O 69 9.68 70.56 -15.81
C ARG O 69 8.28 71.14 -15.73
N ASP O 70 7.55 71.15 -16.85
CA ASP O 70 6.25 71.83 -16.90
C ASP O 70 5.09 70.88 -17.06
N PHE O 71 4.25 70.76 -16.01
CA PHE O 71 3.15 69.81 -15.97
C PHE O 71 1.79 70.44 -15.71
N THR O 72 0.74 69.84 -16.26
CA THR O 72 -0.63 70.29 -16.03
C THR O 72 -1.66 69.18 -15.74
N LEU O 73 -2.58 69.46 -14.82
CA LEU O 73 -3.73 68.61 -14.58
C LEU O 73 -4.91 69.23 -15.31
N THR O 74 -5.57 68.46 -16.17
CA THR O 74 -6.71 68.98 -16.93
C THR O 74 -8.02 68.36 -16.48
N ILE O 75 -9.00 69.22 -16.16
CA ILE O 75 -10.32 68.75 -15.78
C ILE O 75 -11.30 69.35 -16.79
N ARG O 76 -12.18 68.53 -17.36
CA ARG O 76 -13.10 69.05 -18.35
C ARG O 76 -14.40 69.50 -17.71
N GLY O 77 -15.49 68.77 -17.87
CA GLY O 77 -16.73 69.26 -17.30
C GLY O 77 -16.73 69.09 -15.79
N VAL O 78 -16.20 70.10 -15.09
CA VAL O 78 -16.04 70.03 -13.64
C VAL O 78 -17.35 69.82 -12.96
N GLN O 79 -17.39 68.85 -12.06
CA GLN O 79 -18.58 68.54 -11.30
C GLN O 79 -18.50 69.15 -9.92
N SER O 80 -19.61 69.25 -9.21
CA SER O 80 -19.55 69.78 -7.84
C SER O 80 -18.70 68.84 -6.97
N ASP O 81 -18.63 67.58 -7.38
CA ASP O 81 -17.88 66.52 -6.75
C ASP O 81 -16.37 66.74 -6.84
N ASP O 82 -15.93 67.61 -7.75
CA ASP O 82 -14.52 67.85 -7.96
C ASP O 82 -13.99 69.04 -7.18
N PHE O 83 -14.83 69.65 -6.36
CA PHE O 83 -14.35 70.81 -5.60
C PHE O 83 -13.60 70.30 -4.37
N ALA O 84 -12.35 69.96 -4.66
CA ALA O 84 -11.36 69.30 -3.83
C ALA O 84 -10.00 69.98 -3.93
N LEU O 85 -9.07 69.52 -3.10
CA LEU O 85 -7.69 69.99 -3.15
C LEU O 85 -6.91 69.18 -4.15
N TYR O 86 -5.96 69.78 -4.82
CA TYR O 86 -5.17 68.95 -5.71
C TYR O 86 -3.69 69.07 -5.44
N TYR O 87 -3.04 67.92 -5.48
CA TYR O 87 -1.61 67.85 -5.24
C TYR O 87 -0.79 67.20 -6.37
N CYS O 88 0.38 67.81 -6.62
CA CYS O 88 1.39 67.42 -7.59
C CYS O 88 2.54 66.69 -6.86
N GLN O 89 2.79 65.45 -7.28
CA GLN O 89 3.84 64.63 -6.66
C GLN O 89 5.05 64.32 -7.54
N GLN O 90 6.24 64.66 -7.03
CA GLN O 90 7.54 64.44 -7.68
C GLN O 90 8.11 63.11 -7.31
N ASP O 91 8.40 62.31 -8.30
CA ASP O 91 8.87 60.97 -8.03
C ASP O 91 10.02 60.56 -8.92
N TYR O 92 11.07 61.36 -8.94
CA TYR O 92 12.20 61.08 -9.80
C TYR O 92 13.48 60.87 -9.02
N TYR O 93 13.72 61.68 -7.98
CA TYR O 93 15.01 61.69 -7.26
C TYR O 93 15.10 61.10 -5.85
N TRP O 94 13.97 60.99 -5.18
CA TRP O 94 13.88 60.59 -3.77
C TRP O 94 14.42 61.72 -2.90
N PRO O 95 13.70 62.11 -1.87
CA PRO O 95 12.44 61.64 -1.35
C PRO O 95 11.36 62.05 -2.27
N VAL O 96 10.24 61.40 -2.15
CA VAL O 96 9.08 61.82 -2.90
C VAL O 96 8.66 63.11 -2.30
N THR O 97 8.42 64.11 -3.12
CA THR O 97 8.01 65.38 -2.56
C THR O 97 6.70 65.79 -3.16
N PHE O 98 6.03 66.69 -2.47
CA PHE O 98 4.77 67.19 -2.93
C PHE O 98 4.82 68.69 -3.01
N GLY O 99 4.00 69.25 -3.87
CA GLY O 99 3.89 70.69 -3.91
C GLY O 99 3.01 71.12 -2.75
N GLN O 100 2.74 72.42 -2.65
CA GLN O 100 1.94 72.96 -1.55
C GLN O 100 0.49 72.58 -1.68
N GLY O 101 0.06 72.40 -2.93
CA GLY O 101 -1.30 72.03 -3.22
C GLY O 101 -2.11 73.23 -3.64
N THR O 102 -3.19 72.97 -4.35
CA THR O 102 -4.09 74.01 -4.82
C THR O 102 -5.48 73.68 -4.34
N ARG O 103 -6.39 74.62 -4.43
CA ARG O 103 -7.77 74.33 -4.05
C ARG O 103 -8.78 74.84 -5.04
N LEU O 104 -9.77 74.00 -5.34
CA LEU O 104 -10.85 74.43 -6.19
C LEU O 104 -12.09 74.88 -5.41
N ASP O 105 -12.35 76.20 -5.45
CA ASP O 105 -13.46 76.83 -4.76
C ASP O 105 -14.64 77.10 -5.65
N MET O 106 -15.78 77.20 -5.01
CA MET O 106 -17.04 77.55 -5.62
C MET O 106 -17.08 79.08 -5.63
N LYS O 107 -17.72 79.71 -6.66
CA LYS O 107 -17.92 81.17 -6.77
C LYS O 107 -18.83 81.74 -5.63
N VAL P 7 19.47 -2.11 -16.60
CA VAL P 7 18.34 -1.31 -16.16
C VAL P 7 18.80 0.17 -16.04
N PHE P 8 18.01 1.10 -16.64
CA PHE P 8 18.22 2.57 -16.71
C PHE P 8 19.53 2.93 -17.41
N LEU P 9 19.90 2.22 -18.47
CA LEU P 9 21.15 2.54 -19.14
C LEU P 9 20.97 3.43 -20.37
N GLY P 10 19.73 3.80 -20.63
CA GLY P 10 19.38 4.66 -21.75
C GLY P 10 17.90 4.90 -21.67
N PHE P 11 17.44 5.18 -20.46
CA PHE P 11 16.03 5.29 -20.13
C PHE P 11 15.23 6.19 -21.03
N LEU P 12 15.65 7.39 -21.32
CA LEU P 12 14.87 8.18 -22.27
C LEU P 12 15.75 8.51 -23.44
N GLY P 13 16.70 7.65 -23.73
CA GLY P 13 17.68 7.94 -24.77
C GLY P 13 17.08 8.20 -26.14
N ALA P 14 15.97 7.58 -26.46
CA ALA P 14 15.34 7.75 -27.75
C ALA P 14 14.38 8.93 -27.77
N ALA P 15 14.27 9.68 -26.69
CA ALA P 15 13.30 10.76 -26.64
C ALA P 15 13.46 11.78 -27.74
N GLY P 16 14.67 12.06 -28.16
CA GLY P 16 14.86 13.05 -29.22
C GLY P 16 14.96 12.41 -30.60
N SER P 17 14.73 11.11 -30.68
CA SER P 17 14.88 10.41 -31.93
C SER P 17 13.56 10.33 -32.63
N THR P 18 13.55 9.78 -33.82
CA THR P 18 12.30 9.72 -34.55
C THR P 18 11.44 8.61 -34.03
N MET P 19 10.15 8.65 -34.37
CA MET P 19 9.23 7.63 -33.92
C MET P 19 9.66 6.26 -34.37
N GLY P 20 10.15 6.17 -35.60
CA GLY P 20 10.59 4.89 -36.10
C GLY P 20 11.72 4.34 -35.25
N ALA P 21 12.78 5.10 -35.09
CA ALA P 21 13.91 4.60 -34.31
C ALA P 21 13.56 4.32 -32.86
N ALA P 22 12.73 5.15 -32.27
CA ALA P 22 12.34 5.03 -30.88
C ALA P 22 11.50 3.81 -30.63
N SER P 23 10.79 3.31 -31.65
CA SER P 23 9.96 2.14 -31.46
C SER P 23 10.83 0.91 -31.18
N MET P 24 12.13 0.99 -31.43
CA MET P 24 13.00 -0.15 -31.20
C MET P 24 13.55 -0.22 -29.78
N THR P 25 13.20 0.72 -28.91
CA THR P 25 13.72 0.74 -27.54
C THR P 25 12.62 0.58 -26.52
N LEU P 26 11.47 0.06 -26.90
CA LEU P 26 10.35 0.05 -25.98
C LEU P 26 10.57 -0.72 -24.66
N THR P 27 11.43 -1.73 -24.63
CA THR P 27 11.61 -2.42 -23.37
C THR P 27 12.37 -1.56 -22.39
N VAL P 28 13.07 -0.56 -22.89
CA VAL P 28 13.91 0.23 -22.04
C VAL P 28 13.09 1.04 -21.08
N GLN P 29 12.01 1.62 -21.57
CA GLN P 29 11.18 2.39 -20.68
C GLN P 29 10.26 1.47 -19.89
N ALA P 30 9.80 0.36 -20.47
CA ALA P 30 8.88 -0.50 -19.75
C ALA P 30 9.50 -1.04 -18.46
N ARG P 31 10.78 -1.36 -18.50
CA ARG P 31 11.46 -1.92 -17.36
C ARG P 31 11.62 -0.99 -16.18
N ASN P 32 11.44 0.30 -16.38
CA ASN P 32 11.65 1.25 -15.31
C ASN P 32 10.37 1.78 -14.69
N LEU P 33 9.24 1.17 -15.00
CA LEU P 33 7.98 1.66 -14.45
C LEU P 33 7.66 1.08 -13.07
N LEU P 34 8.15 -0.11 -12.78
CA LEU P 34 7.93 -0.77 -11.50
C LEU P 34 9.18 -0.90 -10.67
N SER P 35 10.25 -0.22 -11.00
CA SER P 35 11.44 -0.47 -10.20
C SER P 35 12.29 0.74 -9.88
N GLY P 36 11.87 1.48 -8.89
CA GLY P 36 12.64 2.64 -8.46
C GLY P 36 13.64 2.15 -7.44
N ILE P 37 14.44 3.03 -6.87
CA ILE P 37 15.44 2.59 -5.91
C ILE P 37 14.82 1.94 -4.69
N VAL P 38 13.77 2.54 -4.17
CA VAL P 38 13.14 2.03 -2.96
C VAL P 38 12.46 0.69 -3.17
N GLN P 39 12.19 0.33 -4.41
CA GLN P 39 11.53 -0.92 -4.71
C GLN P 39 12.56 -2.01 -4.87
N GLN P 40 13.84 -1.63 -4.83
CA GLN P 40 14.91 -2.57 -4.94
C GLN P 40 15.39 -2.83 -3.53
N GLN P 41 15.43 -1.76 -2.71
CA GLN P 41 15.88 -1.87 -1.31
C GLN P 41 14.88 -2.70 -0.51
N SER P 42 13.61 -2.59 -0.87
CA SER P 42 12.56 -3.31 -0.19
C SER P 42 12.60 -4.80 -0.46
N ASN P 43 13.36 -5.22 -1.45
CA ASN P 43 13.40 -6.62 -1.81
C ASN P 43 14.75 -7.28 -1.56
N LEU P 44 15.53 -6.73 -0.64
CA LEU P 44 16.82 -7.31 -0.29
C LEU P 44 16.60 -8.58 0.55
N LEU P 45 17.52 -9.54 0.50
CA LEU P 45 17.38 -10.70 1.40
C LEU P 45 17.62 -10.26 2.84
N ARG P 46 18.54 -9.33 3.02
CA ARG P 46 18.83 -8.81 4.36
C ARG P 46 17.79 -7.77 4.68
N ALA P 47 17.55 -7.52 5.94
CA ALA P 47 16.68 -6.41 6.23
C ALA P 47 17.42 -5.16 5.75
N PRO P 48 16.71 -4.14 5.22
CA PRO P 48 17.22 -2.88 4.72
C PRO P 48 17.83 -1.98 5.80
N GLU P 49 17.57 -2.29 7.07
CA GLU P 49 18.02 -1.55 8.27
C GLU P 49 17.24 -0.23 8.50
N CYS P 50 17.12 0.62 7.44
CA CYS P 50 16.42 1.91 7.44
C CYS P 50 15.03 1.78 8.01
N GLN P 51 14.35 0.72 7.67
CA GLN P 51 12.98 0.51 8.04
C GLN P 51 12.60 1.04 9.41
N GLN P 52 13.46 0.96 10.44
CA GLN P 52 12.96 1.41 11.72
C GLN P 52 12.57 2.89 11.70
N HIS P 53 13.27 3.69 10.91
CA HIS P 53 12.99 5.11 10.78
C HIS P 53 11.57 5.38 10.34
N LEU P 54 11.09 4.55 9.42
CA LEU P 54 9.81 4.76 8.80
C LEU P 54 8.67 4.25 9.66
N LEU P 55 9.01 3.62 10.77
CA LEU P 55 8.03 3.11 11.68
C LEU P 55 7.99 4.04 12.87
N LYS P 56 9.16 4.50 13.32
CA LYS P 56 9.23 5.42 14.44
C LYS P 56 8.51 6.71 14.09
N LEU P 57 8.68 7.13 12.84
CA LEU P 57 8.05 8.32 12.32
C LEU P 57 7.14 7.91 11.18
N THR P 58 5.88 7.74 11.54
CA THR P 58 4.89 7.16 10.66
C THR P 58 4.54 8.03 9.49
N VAL P 59 4.83 9.32 9.55
CA VAL P 59 4.51 10.13 8.41
C VAL P 59 5.41 9.76 7.25
N TRP P 60 6.66 9.38 7.53
CA TRP P 60 7.55 9.10 6.44
C TRP P 60 7.19 7.75 5.89
N GLY P 61 6.70 6.87 6.76
CA GLY P 61 6.29 5.54 6.35
C GLY P 61 5.12 5.65 5.39
N ILE P 62 4.18 6.54 5.68
CA ILE P 62 3.05 6.72 4.79
C ILE P 62 3.47 7.33 3.49
N LYS P 63 4.32 8.35 3.48
CA LYS P 63 4.70 8.89 2.18
C LYS P 63 5.36 7.84 1.31
N GLN P 64 6.21 6.98 1.88
CA GLN P 64 6.84 5.97 1.06
C GLN P 64 5.82 5.00 0.49
N LEU P 65 4.86 4.56 1.31
CA LEU P 65 3.89 3.63 0.77
C LEU P 65 3.07 4.28 -0.31
N GLN P 66 2.71 5.54 -0.16
CA GLN P 66 1.89 6.13 -1.20
C GLN P 66 2.63 6.11 -2.52
N ALA P 67 3.93 6.38 -2.51
CA ALA P 67 4.67 6.36 -3.75
C ALA P 67 4.70 4.97 -4.39
N ARG P 68 4.82 3.93 -3.57
CA ARG P 68 4.90 2.57 -4.08
C ARG P 68 3.56 2.08 -4.59
N VAL P 69 2.49 2.43 -3.91
CA VAL P 69 1.17 2.03 -4.33
C VAL P 69 0.83 2.68 -5.62
N LEU P 70 1.15 3.96 -5.77
CA LEU P 70 0.85 4.64 -7.00
C LEU P 70 1.58 4.04 -8.18
N ALA P 71 2.86 3.70 -8.04
CA ALA P 71 3.53 3.12 -9.20
C ALA P 71 2.82 1.85 -9.64
N VAL P 72 2.34 1.06 -8.68
CA VAL P 72 1.61 -0.14 -9.04
C VAL P 72 0.28 0.16 -9.69
N GLU P 73 -0.48 1.10 -9.16
CA GLU P 73 -1.77 1.41 -9.76
C GLU P 73 -1.64 1.94 -11.17
N ARG P 74 -0.64 2.76 -11.43
CA ARG P 74 -0.48 3.28 -12.77
C ARG P 74 -0.11 2.17 -13.73
N TYR P 75 0.76 1.28 -13.30
CA TYR P 75 1.14 0.17 -14.15
C TYR P 75 -0.06 -0.68 -14.49
N LEU P 76 -0.84 -1.04 -13.48
CA LEU P 76 -1.96 -1.91 -13.72
C LEU P 76 -3.01 -1.26 -14.59
N ARG P 77 -3.22 0.04 -14.47
CA ARG P 77 -4.22 0.63 -15.32
C ARG P 77 -3.79 0.55 -16.78
N ASP P 78 -2.51 0.77 -17.08
CA ASP P 78 -2.11 0.66 -18.47
C ASP P 78 -2.26 -0.77 -18.95
N GLN P 79 -1.97 -1.74 -18.09
CA GLN P 79 -2.11 -3.11 -18.53
C GLN P 79 -3.58 -3.46 -18.74
N GLN P 80 -4.47 -2.91 -17.92
CA GLN P 80 -5.86 -3.19 -18.11
C GLN P 80 -6.34 -2.67 -19.44
N LEU P 81 -5.89 -1.47 -19.83
CA LEU P 81 -6.34 -0.97 -21.12
C LEU P 81 -5.83 -1.82 -22.23
N LEU P 82 -4.60 -2.28 -22.15
CA LEU P 82 -4.13 -3.09 -23.24
C LEU P 82 -4.94 -4.37 -23.30
N GLY P 83 -5.29 -4.94 -22.15
CA GLY P 83 -6.11 -6.14 -22.14
C GLY P 83 -7.47 -5.91 -22.77
N ILE P 84 -8.13 -4.81 -22.43
CA ILE P 84 -9.45 -4.48 -22.96
C ILE P 84 -9.43 -4.30 -24.44
N TRP P 85 -8.39 -3.67 -24.97
CA TRP P 85 -8.26 -3.44 -26.39
C TRP P 85 -7.85 -4.68 -27.16
N GLY P 86 -7.65 -5.80 -26.49
CA GLY P 86 -7.23 -7.04 -27.15
C GLY P 86 -5.73 -7.28 -27.33
N CYS P 87 -4.87 -6.62 -26.55
CA CYS P 87 -3.43 -6.72 -26.61
C CYS P 87 -2.88 -7.21 -25.27
N SER P 88 -2.99 -8.49 -25.01
CA SER P 88 -2.48 -8.96 -23.74
C SER P 88 -1.03 -9.25 -23.95
N GLY P 89 -0.19 -8.43 -23.39
CA GLY P 89 1.23 -8.55 -23.65
C GLY P 89 1.49 -7.82 -24.94
N LYS P 90 2.69 -7.98 -25.49
CA LYS P 90 3.17 -7.32 -26.70
C LYS P 90 3.51 -5.87 -26.43
N LEU P 91 4.58 -5.37 -27.04
CA LEU P 91 4.81 -3.95 -26.86
C LEU P 91 4.22 -3.22 -28.04
N ILE P 92 4.09 -3.91 -29.17
CA ILE P 92 3.48 -3.33 -30.35
C ILE P 92 2.36 -4.24 -30.82
N CYS P 93 1.11 -3.73 -30.98
CA CYS P 93 -0.04 -4.55 -31.45
C CYS P 93 -0.88 -3.81 -32.46
N CYS P 94 -1.38 -4.56 -33.42
CA CYS P 94 -2.20 -4.01 -34.47
C CYS P 94 -3.65 -4.15 -34.08
N THR P 95 -4.47 -3.21 -34.54
CA THR P 95 -5.89 -3.24 -34.24
C THR P 95 -6.67 -3.10 -35.52
N ASN P 96 -7.99 -3.13 -35.44
CA ASN P 96 -8.85 -2.94 -36.60
C ASN P 96 -9.48 -1.57 -36.71
N VAL P 97 -9.03 -0.61 -35.91
CA VAL P 97 -9.61 0.73 -36.00
C VAL P 97 -8.87 1.51 -37.06
N PRO P 98 -9.53 2.04 -38.09
CA PRO P 98 -8.93 2.79 -39.16
C PRO P 98 -8.53 4.14 -38.65
N TRP P 99 -7.56 4.74 -39.29
CA TRP P 99 -7.14 6.09 -38.96
C TRP P 99 -8.12 7.04 -39.65
N ASN P 100 -8.63 8.06 -38.92
CA ASN P 100 -9.65 9.03 -39.36
C ASN P 100 -9.17 10.10 -40.35
N SER P 101 -7.85 10.45 -40.39
CA SER P 101 -7.25 11.54 -41.22
C SER P 101 -7.89 12.88 -40.92
N SER P 102 -8.16 13.09 -39.63
CA SER P 102 -8.74 14.29 -39.11
C SER P 102 -8.00 14.49 -37.85
N TRP P 103 -7.64 13.35 -37.24
CA TRP P 103 -6.93 13.33 -35.98
C TRP P 103 -5.57 13.91 -36.22
N SER P 104 -5.01 13.53 -37.34
CA SER P 104 -3.74 13.98 -37.85
C SER P 104 -3.81 13.67 -39.32
N ASN P 105 -3.32 14.56 -40.15
CA ASN P 105 -3.37 14.30 -41.57
C ASN P 105 -2.01 14.40 -42.20
N ARG P 106 -1.22 13.38 -41.99
CA ARG P 106 0.15 13.29 -42.46
C ARG P 106 0.28 11.87 -43.02
N ASN P 107 1.23 11.65 -43.96
CA ASN P 107 1.53 10.34 -44.52
C ASN P 107 2.54 9.60 -43.62
N LEU P 108 2.69 8.27 -43.80
CA LEU P 108 3.61 7.46 -42.98
C LEU P 108 5.05 7.88 -43.10
N SER P 109 5.45 8.31 -44.30
CA SER P 109 6.82 8.70 -44.54
C SER P 109 7.16 10.03 -43.88
N GLU P 110 6.15 10.74 -43.39
CA GLU P 110 6.42 11.97 -42.71
C GLU P 110 6.50 11.72 -41.24
N ILE P 111 5.59 10.94 -40.69
CA ILE P 111 5.63 10.84 -39.23
C ILE P 111 6.65 9.85 -38.72
N TRP P 112 6.86 8.73 -39.38
CA TRP P 112 7.77 7.76 -38.81
C TRP P 112 9.22 8.19 -38.93
N ASP P 113 9.53 8.97 -39.96
CA ASP P 113 10.87 9.47 -40.18
C ASP P 113 11.16 10.88 -39.66
N ASN P 114 10.20 11.80 -39.61
CA ASN P 114 10.54 13.14 -39.18
C ASN P 114 10.09 13.56 -37.80
N MET P 115 9.11 12.90 -37.18
CA MET P 115 8.64 13.36 -35.89
C MET P 115 9.18 12.53 -34.77
N THR P 116 9.31 13.14 -33.61
CA THR P 116 9.68 12.44 -32.40
C THR P 116 8.39 12.05 -31.71
N TRP P 117 8.44 11.16 -30.71
CA TRP P 117 7.19 10.83 -30.06
C TRP P 117 6.63 11.97 -29.25
N LEU P 118 7.48 12.84 -28.73
CA LEU P 118 6.99 13.98 -27.96
C LEU P 118 6.20 14.91 -28.87
N GLN P 119 6.69 15.12 -30.09
CA GLN P 119 5.98 16.00 -30.99
C GLN P 119 4.65 15.41 -31.40
N TRP P 120 4.64 14.11 -31.62
CA TRP P 120 3.41 13.44 -31.99
C TRP P 120 2.40 13.56 -30.88
N ASP P 121 2.85 13.34 -29.65
CA ASP P 121 1.95 13.41 -28.52
C ASP P 121 1.32 14.76 -28.39
N LYS P 122 2.02 15.82 -28.75
CA LYS P 122 1.48 17.16 -28.64
C LYS P 122 0.59 17.54 -29.81
N GLU P 123 0.50 16.67 -30.82
CA GLU P 123 -0.29 16.92 -32.00
C GLU P 123 -1.64 16.27 -31.92
N ILE P 124 -1.72 15.09 -31.33
CA ILE P 124 -3.00 14.40 -31.27
C ILE P 124 -3.51 14.20 -29.86
N SER P 125 -3.04 14.99 -28.92
CA SER P 125 -3.46 14.76 -27.54
C SER P 125 -4.96 14.89 -27.26
N ASN P 126 -5.71 15.74 -27.99
CA ASN P 126 -7.15 15.91 -27.73
C ASN P 126 -8.04 14.92 -28.50
N TYR P 127 -7.43 13.92 -29.20
CA TYR P 127 -8.12 12.85 -29.87
C TYR P 127 -7.86 11.57 -29.13
N THR P 128 -7.13 11.64 -28.01
CA THR P 128 -6.77 10.43 -27.31
C THR P 128 -7.97 9.67 -26.83
N GLN P 129 -8.95 10.35 -26.29
CA GLN P 129 -10.09 9.64 -25.75
C GLN P 129 -10.97 9.08 -26.84
N ILE P 130 -10.99 9.72 -27.99
CA ILE P 130 -11.81 9.20 -29.07
C ILE P 130 -11.19 7.91 -29.52
N ILE P 131 -9.88 7.90 -29.69
CA ILE P 131 -9.22 6.72 -30.17
C ILE P 131 -9.37 5.61 -29.16
N TYR P 132 -9.20 5.89 -27.88
CA TYR P 132 -9.32 4.82 -26.92
C TYR P 132 -10.73 4.25 -26.94
N GLY P 133 -11.74 5.10 -27.07
CA GLY P 133 -13.10 4.61 -27.13
C GLY P 133 -13.31 3.68 -28.31
N LEU P 134 -12.77 4.04 -29.47
CA LEU P 134 -12.91 3.20 -30.63
C LEU P 134 -12.20 1.88 -30.46
N LEU P 135 -11.03 1.88 -29.82
CA LEU P 135 -10.33 0.63 -29.65
C LEU P 135 -11.14 -0.33 -28.81
N GLU P 136 -11.78 0.17 -27.76
CA GLU P 136 -12.63 -0.70 -26.95
C GLU P 136 -13.81 -1.23 -27.73
N GLU P 137 -14.47 -0.38 -28.54
CA GLU P 137 -15.60 -0.85 -29.29
C GLU P 137 -15.19 -1.93 -30.27
N SER P 138 -14.01 -1.77 -30.87
CA SER P 138 -13.53 -2.74 -31.82
C SER P 138 -13.34 -4.09 -31.17
N GLN P 139 -12.77 -4.13 -29.98
CA GLN P 139 -12.59 -5.41 -29.34
C GLN P 139 -13.91 -6.04 -28.99
N ASN P 140 -14.89 -5.23 -28.58
CA ASN P 140 -16.16 -5.85 -28.26
C ASN P 140 -16.79 -6.44 -29.50
N GLN P 141 -16.63 -5.77 -30.64
CA GLN P 141 -17.20 -6.30 -31.84
C GLN P 141 -16.49 -7.57 -32.22
N GLN P 142 -15.18 -7.64 -32.01
CA GLN P 142 -14.51 -8.86 -32.34
C GLN P 142 -15.01 -10.00 -31.50
N GLU P 143 -15.23 -9.80 -30.20
CA GLU P 143 -15.70 -10.93 -29.41
C GLU P 143 -17.09 -11.37 -29.87
N LYS P 144 -17.94 -10.43 -30.27
CA LYS P 144 -19.26 -10.81 -30.75
C LYS P 144 -19.14 -11.70 -31.97
N ASN P 145 -18.16 -11.44 -32.83
CA ASN P 145 -17.96 -12.25 -34.01
C ASN P 145 -17.33 -13.59 -33.68
N GLU P 146 -16.53 -13.66 -32.61
CA GLU P 146 -15.93 -14.92 -32.22
C GLU P 146 -16.98 -15.89 -31.75
N GLN P 147 -18.05 -15.38 -31.13
CA GLN P 147 -19.12 -16.25 -30.65
C GLN P 147 -20.12 -16.55 -31.76
N ASP P 148 -19.60 -17.12 -32.81
CA ASP P 148 -20.29 -17.50 -34.02
C ASP P 148 -19.41 -18.54 -34.66
N LEU P 149 -19.88 -19.75 -34.74
CA LEU P 149 -19.00 -20.80 -35.16
C LEU P 149 -18.84 -20.87 -36.66
N LEU P 150 -19.51 -19.99 -37.39
CA LEU P 150 -19.31 -19.96 -38.83
C LEU P 150 -18.27 -18.91 -39.19
N ALA P 151 -17.79 -18.18 -38.18
CA ALA P 151 -16.76 -17.18 -38.32
C ALA P 151 -17.05 -16.14 -39.45
N LEU P 152 -16.08 -15.91 -40.39
CA LEU P 152 -16.14 -14.92 -41.48
C LEU P 152 -15.98 -15.63 -42.81
N ARG Q 3 -6.04 -16.19 -58.52
CA ARG Q 3 -7.18 -16.12 -57.61
C ARG Q 3 -8.02 -14.81 -57.73
N MET Q 4 -7.71 -13.93 -58.73
CA MET Q 4 -8.45 -12.68 -58.97
C MET Q 4 -8.66 -12.49 -60.47
N THR Q 5 -9.82 -11.96 -60.84
CA THR Q 5 -10.16 -11.69 -62.24
C THR Q 5 -10.53 -10.25 -62.50
N GLN Q 6 -9.91 -9.65 -63.50
CA GLN Q 6 -10.15 -8.27 -63.88
C GLN Q 6 -11.18 -8.17 -64.99
N SER Q 7 -11.85 -7.02 -65.06
CA SER Q 7 -12.84 -6.80 -66.10
C SER Q 7 -13.10 -5.33 -66.43
N PRO Q 8 -13.32 -4.99 -67.70
CA PRO Q 8 -13.30 -5.74 -68.95
C PRO Q 8 -11.90 -5.97 -69.42
N ALA Q 9 -11.73 -6.79 -70.44
CA ALA Q 9 -10.41 -6.96 -71.02
C ALA Q 9 -9.83 -5.64 -71.52
N ILE Q 10 -10.67 -4.76 -72.07
CA ILE Q 10 -10.19 -3.49 -72.55
C ILE Q 10 -11.21 -2.37 -72.48
N LEU Q 11 -10.73 -1.19 -72.15
CA LEU Q 11 -11.52 0.02 -72.21
C LEU Q 11 -10.97 0.93 -73.29
N SER Q 12 -11.87 1.68 -73.91
CA SER Q 12 -11.49 2.69 -74.90
C SER Q 12 -12.21 3.97 -74.53
N LEU Q 13 -11.43 4.97 -74.18
CA LEU Q 13 -11.96 6.24 -73.68
C LEU Q 13 -11.49 7.48 -74.41
N SER Q 14 -12.30 8.53 -74.34
CA SER Q 14 -11.92 9.82 -74.87
C SER Q 14 -10.99 10.49 -73.85
N PRO Q 15 -10.07 11.36 -74.25
CA PRO Q 15 -9.23 12.10 -73.33
C PRO Q 15 -10.08 12.88 -72.35
N GLY Q 16 -9.71 12.84 -71.09
CA GLY Q 16 -10.40 13.56 -70.02
C GLY Q 16 -11.52 12.76 -69.38
N GLU Q 17 -11.87 11.63 -69.98
CA GLU Q 17 -12.96 10.79 -69.49
C GLU Q 17 -12.47 9.94 -68.32
N ARG Q 18 -13.38 9.55 -67.44
CA ARG Q 18 -13.00 8.70 -66.32
C ARG Q 18 -13.09 7.21 -66.65
N ALA Q 19 -12.00 6.48 -66.39
CA ALA Q 19 -11.93 5.05 -66.67
C ALA Q 19 -12.04 4.20 -65.42
N THR Q 20 -12.89 3.18 -65.45
CA THR Q 20 -12.97 2.29 -64.30
C THR Q 20 -12.77 0.84 -64.65
N LEU Q 21 -11.95 0.17 -63.84
CA LEU Q 21 -11.66 -1.26 -63.98
C LEU Q 21 -11.98 -2.03 -62.71
N SER Q 22 -12.67 -3.14 -62.85
CA SER Q 22 -13.00 -3.92 -61.65
C SER Q 22 -12.06 -5.12 -61.53
N CYS Q 23 -11.98 -5.70 -60.31
CA CYS Q 23 -11.25 -6.93 -60.01
C CYS Q 23 -11.94 -7.68 -58.87
N ARG Q 24 -12.22 -8.96 -59.12
CA ARG Q 24 -12.90 -9.82 -58.16
C ARG Q 24 -12.07 -10.97 -57.66
N ALA Q 25 -12.01 -11.13 -56.33
CA ALA Q 25 -11.27 -12.24 -55.74
C ALA Q 25 -12.14 -13.46 -55.52
N SER Q 26 -11.53 -14.64 -55.59
CA SER Q 26 -12.19 -15.91 -55.27
C SER Q 26 -12.27 -16.17 -53.78
N GLN Q 27 -11.45 -15.46 -53.03
CA GLN Q 27 -11.34 -15.57 -51.59
C GLN Q 27 -11.11 -14.18 -51.06
N SER Q 28 -11.45 -13.91 -49.82
CA SER Q 28 -11.16 -12.58 -49.32
C SER Q 28 -9.67 -12.27 -49.32
N VAL Q 29 -9.36 -11.06 -49.74
CA VAL Q 29 -8.00 -10.58 -49.75
C VAL Q 29 -7.91 -9.42 -48.76
N ASP Q 30 -8.91 -9.33 -47.89
CA ASP Q 30 -8.90 -8.28 -46.90
C ASP Q 30 -8.76 -6.93 -47.59
N SER Q 31 -7.78 -6.14 -47.18
CA SER Q 31 -7.49 -4.83 -47.74
C SER Q 31 -6.16 -4.87 -48.47
N ARG Q 32 -5.62 -6.05 -48.64
CA ARG Q 32 -4.31 -6.18 -49.24
C ARG Q 32 -4.33 -6.33 -50.74
N LEU Q 33 -4.57 -5.21 -51.38
CA LEU Q 33 -4.61 -5.15 -52.84
C LEU Q 33 -3.76 -4.05 -53.43
N ALA Q 34 -2.95 -4.39 -54.41
CA ALA Q 34 -2.16 -3.38 -55.08
C ALA Q 34 -2.46 -3.34 -56.56
N TRP Q 35 -2.28 -2.17 -57.16
CA TRP Q 35 -2.45 -2.04 -58.58
C TRP Q 35 -1.18 -1.57 -59.23
N TYR Q 36 -0.89 -2.12 -60.40
CA TYR Q 36 0.30 -1.78 -61.19
C TYR Q 36 0.01 -1.31 -62.61
N GLN Q 37 0.87 -0.43 -63.11
CA GLN Q 37 0.77 0.05 -64.49
C GLN Q 37 1.94 -0.38 -65.37
N GLN Q 38 1.67 -1.15 -66.41
CA GLN Q 38 2.75 -1.58 -67.28
C GLN Q 38 2.63 -1.00 -68.68
N LYS Q 39 3.53 -0.12 -69.03
CA LYS Q 39 3.50 0.46 -70.35
C LYS Q 39 4.31 -0.47 -71.22
N PRO Q 40 4.07 -0.58 -72.53
CA PRO Q 40 4.86 -1.42 -73.39
C PRO Q 40 6.32 -1.08 -73.28
N GLY Q 41 7.15 -2.10 -73.14
CA GLY Q 41 8.59 -1.96 -73.03
C GLY Q 41 9.06 -1.70 -71.60
N GLN Q 42 8.11 -1.54 -70.68
CA GLN Q 42 8.41 -1.24 -69.30
C GLN Q 42 8.10 -2.39 -68.36
N SER Q 43 8.72 -2.36 -67.19
CA SER Q 43 8.38 -3.30 -66.14
C SER Q 43 7.24 -2.62 -65.39
N PRO Q 44 6.31 -3.32 -64.74
CA PRO Q 44 5.19 -2.73 -64.04
C PRO Q 44 5.60 -1.72 -62.96
N ARG Q 45 4.87 -0.61 -62.90
CA ARG Q 45 5.08 0.43 -61.91
C ARG Q 45 4.03 0.33 -60.82
N LEU Q 46 4.41 0.48 -59.56
CA LEU Q 46 3.38 0.43 -58.53
C LEU Q 46 2.59 1.72 -58.51
N LEU Q 47 1.26 1.62 -58.54
CA LEU Q 47 0.41 2.80 -58.48
C LEU Q 47 -0.22 2.96 -57.13
N ILE Q 48 -0.93 1.93 -56.73
CA ILE Q 48 -1.74 1.95 -55.52
C ILE Q 48 -1.48 0.73 -54.65
N TYR Q 49 -1.41 0.92 -53.36
CA TYR Q 49 -1.24 -0.20 -52.46
C TYR Q 49 -2.25 -0.14 -51.33
N ASP Q 50 -2.54 -1.27 -50.71
CA ASP Q 50 -3.52 -1.33 -49.64
C ASP Q 50 -4.87 -0.74 -50.09
N VAL Q 51 -5.29 -1.09 -51.31
CA VAL Q 51 -6.52 -0.68 -51.97
C VAL Q 51 -6.56 0.76 -52.44
N SER Q 52 -6.30 1.71 -51.56
CA SER Q 52 -6.38 3.12 -51.90
C SER Q 52 -5.18 4.03 -51.62
N SER Q 53 -4.04 3.52 -51.14
CA SER Q 53 -2.93 4.42 -50.84
C SER Q 53 -2.11 4.65 -52.09
N ARG Q 54 -1.81 5.90 -52.41
CA ARG Q 54 -1.00 6.13 -53.59
C ARG Q 54 0.47 5.89 -53.33
N ALA Q 55 1.14 5.30 -54.30
CA ALA Q 55 2.57 5.13 -54.24
C ALA Q 55 3.22 6.47 -54.45
N THR Q 56 4.42 6.65 -53.93
CA THR Q 56 5.12 7.90 -54.11
C THR Q 56 5.32 8.16 -55.58
N GLY Q 57 4.99 9.38 -56.03
CA GLY Q 57 5.19 9.79 -57.42
C GLY Q 57 4.00 9.54 -58.35
N ILE Q 58 2.89 9.09 -57.80
CA ILE Q 58 1.70 8.80 -58.59
C ILE Q 58 0.74 9.99 -58.67
N PRO Q 59 0.28 10.39 -59.87
CA PRO Q 59 -0.67 11.45 -60.13
C PRO Q 59 -1.97 11.20 -59.40
N ASP Q 60 -2.67 12.27 -59.07
CA ASP Q 60 -3.92 12.20 -58.33
C ASP Q 60 -5.12 11.80 -59.18
N ARG Q 61 -4.85 11.50 -60.44
CA ARG Q 61 -5.83 10.96 -61.35
C ARG Q 61 -6.19 9.58 -60.85
N PHE Q 62 -5.22 8.90 -60.23
CA PHE Q 62 -5.40 7.54 -59.80
C PHE Q 62 -5.98 7.43 -58.40
N SER Q 63 -6.97 6.56 -58.26
CA SER Q 63 -7.61 6.29 -56.99
C SER Q 63 -8.24 4.91 -57.03
N GLY Q 64 -8.78 4.46 -55.91
CA GLY Q 64 -9.42 3.16 -55.90
C GLY Q 64 -10.13 2.90 -54.60
N SER Q 65 -10.87 1.80 -54.57
CA SER Q 65 -11.65 1.41 -53.41
C SER Q 65 -12.00 -0.06 -53.45
N GLY Q 66 -12.58 -0.56 -52.36
CA GLY Q 66 -13.05 -1.93 -52.31
C GLY Q 66 -12.59 -2.70 -51.10
N SER Q 67 -13.19 -3.85 -50.90
CA SER Q 67 -12.84 -4.70 -49.77
C SER Q 67 -13.23 -6.17 -49.93
N GLY Q 68 -12.49 -7.04 -49.26
CA GLY Q 68 -12.88 -8.43 -49.24
C GLY Q 68 -12.62 -9.03 -50.59
N THR Q 69 -13.64 -9.04 -51.42
CA THR Q 69 -13.50 -9.60 -52.73
C THR Q 69 -13.77 -8.63 -53.87
N GLU Q 70 -14.37 -7.47 -53.59
CA GLU Q 70 -14.78 -6.54 -54.66
C GLU Q 70 -13.97 -5.26 -54.71
N PHE Q 71 -13.15 -5.10 -55.77
CA PHE Q 71 -12.27 -3.94 -55.87
C PHE Q 71 -12.36 -3.19 -57.20
N THR Q 72 -12.13 -1.86 -57.14
CA THR Q 72 -12.08 -1.01 -58.34
C THR Q 72 -10.89 -0.05 -58.42
N LEU Q 73 -10.32 0.05 -59.62
CA LEU Q 73 -9.28 1.03 -59.96
C LEU Q 73 -9.91 2.12 -60.81
N THR Q 74 -9.73 3.37 -60.42
CA THR Q 74 -10.31 4.48 -61.17
C THR Q 74 -9.27 5.50 -61.63
N ILE Q 75 -9.35 5.91 -62.90
CA ILE Q 75 -8.47 6.96 -63.39
C ILE Q 75 -9.31 8.13 -63.86
N SER Q 76 -9.31 9.25 -63.15
CA SER Q 76 -10.13 10.37 -63.60
C SER Q 76 -9.31 11.19 -64.56
N SER Q 77 -9.97 12.03 -65.36
CA SER Q 77 -9.23 12.92 -66.26
C SER Q 77 -8.17 12.15 -67.02
N LEU Q 78 -8.54 11.02 -67.62
CA LEU Q 78 -7.59 10.15 -68.28
C LEU Q 78 -6.75 10.84 -69.36
N GLU Q 79 -5.43 10.64 -69.31
CA GLU Q 79 -4.54 11.28 -70.26
C GLU Q 79 -3.96 10.27 -71.23
N PRO Q 80 -3.50 10.65 -72.44
CA PRO Q 80 -2.85 9.78 -73.42
C PRO Q 80 -1.62 9.06 -72.87
N GLU Q 81 -1.04 9.59 -71.82
CA GLU Q 81 0.15 9.01 -71.24
C GLU Q 81 -0.18 7.85 -70.32
N ASP Q 82 -1.48 7.60 -70.16
CA ASP Q 82 -1.98 6.52 -69.33
C ASP Q 82 -2.31 5.29 -70.17
N VAL Q 83 -1.91 5.25 -71.46
CA VAL Q 83 -2.21 4.01 -72.16
C VAL Q 83 -1.28 2.97 -71.56
N ALA Q 84 -1.87 1.91 -71.04
CA ALA Q 84 -1.09 0.89 -70.34
C ALA Q 84 -1.93 -0.34 -70.05
N VAL Q 85 -1.26 -1.41 -69.65
CA VAL Q 85 -1.95 -2.57 -69.13
C VAL Q 85 -1.93 -2.49 -67.60
N TYR Q 86 -3.10 -2.54 -67.01
CA TYR Q 86 -3.21 -2.42 -65.57
C TYR Q 86 -3.41 -3.77 -64.92
N PHE Q 87 -2.65 -4.02 -63.87
CA PHE Q 87 -2.74 -5.30 -63.18
C PHE Q 87 -3.23 -5.20 -61.75
N CYS Q 88 -4.04 -6.21 -61.36
CA CYS Q 88 -4.59 -6.41 -60.01
C CYS Q 88 -3.70 -7.41 -59.25
N HIS Q 89 -3.09 -7.00 -58.13
CA HIS Q 89 -2.19 -7.89 -57.38
C HIS Q 89 -2.63 -8.22 -55.96
N GLN Q 90 -2.76 -9.51 -55.67
CA GLN Q 90 -3.17 -10.02 -54.37
C GLN Q 90 -2.05 -9.96 -53.38
N GLU Q 91 -2.27 -9.32 -52.25
CA GLU Q 91 -1.22 -9.28 -51.24
C GLU Q 91 -1.65 -9.87 -49.91
N ASN Q 92 -2.74 -10.64 -49.91
CA ASN Q 92 -3.24 -11.24 -48.67
C ASN Q 92 -2.92 -12.68 -48.45
N ASP Q 93 -2.09 -13.28 -49.28
CA ASP Q 93 -1.80 -14.68 -49.05
C ASP Q 93 -0.46 -15.04 -49.66
N TRP Q 94 -0.02 -16.25 -49.44
CA TRP Q 94 1.27 -16.65 -49.96
C TRP Q 94 1.39 -16.72 -51.47
N PRO Q 95 0.47 -17.30 -52.21
CA PRO Q 95 0.58 -17.38 -53.64
C PRO Q 95 0.73 -16.03 -54.35
N TRP Q 96 0.33 -14.91 -53.70
CA TRP Q 96 0.43 -13.59 -54.33
C TRP Q 96 -0.01 -13.60 -55.78
N THR Q 97 -1.23 -13.97 -56.10
CA THR Q 97 -1.48 -14.04 -57.51
C THR Q 97 -1.78 -12.70 -58.12
N PHE Q 98 -1.73 -12.64 -59.43
CA PHE Q 98 -2.08 -11.45 -60.18
C PHE Q 98 -3.29 -11.75 -61.02
N GLY Q 99 -4.08 -10.73 -61.33
CA GLY Q 99 -5.16 -10.88 -62.27
C GLY Q 99 -4.47 -10.89 -63.62
N GLN Q 100 -5.22 -11.10 -64.67
CA GLN Q 100 -4.64 -11.22 -66.00
C GLN Q 100 -4.14 -9.93 -66.63
N GLY Q 101 -4.57 -8.78 -66.16
CA GLY Q 101 -4.16 -7.54 -66.78
C GLY Q 101 -5.18 -7.05 -67.79
N THR Q 102 -5.54 -5.78 -67.74
CA THR Q 102 -6.51 -5.24 -68.70
C THR Q 102 -5.91 -4.02 -69.35
N LYS Q 103 -6.40 -3.65 -70.50
CA LYS Q 103 -5.83 -2.48 -71.16
C LYS Q 103 -6.74 -1.28 -71.17
N VAL Q 104 -6.14 -0.11 -71.03
CA VAL Q 104 -6.89 1.11 -71.21
C VAL Q 104 -6.23 1.91 -72.29
N GLU Q 105 -7.00 2.28 -73.31
CA GLU Q 105 -6.46 3.04 -74.42
C GLU Q 105 -7.25 4.33 -74.66
N ILE Q 106 -6.50 5.39 -74.89
CA ILE Q 106 -7.01 6.74 -75.10
C ILE Q 106 -7.07 7.10 -76.59
N LYS Q 107 -8.26 7.53 -77.07
CA LYS Q 107 -8.54 7.91 -78.47
C LYS Q 107 -8.93 9.40 -78.60
N GLU R 1 17.59 3.48 -52.76
CA GLU R 1 17.41 3.36 -54.21
C GLU R 1 18.42 2.37 -54.77
N VAL R 2 17.93 1.35 -55.51
CA VAL R 2 18.75 0.32 -56.17
C VAL R 2 18.38 0.18 -57.62
N GLN R 3 19.28 -0.43 -58.36
CA GLN R 3 19.03 -0.78 -59.74
C GLN R 3 19.21 -2.27 -59.88
N LEU R 4 18.34 -2.89 -60.64
CA LEU R 4 18.38 -4.31 -60.81
C LEU R 4 18.67 -4.68 -62.25
N VAL R 5 19.71 -5.45 -62.46
CA VAL R 5 20.05 -5.84 -63.83
C VAL R 5 20.14 -7.33 -64.04
N GLU R 6 19.24 -7.85 -64.87
CA GLU R 6 19.20 -9.26 -65.15
C GLU R 6 20.07 -9.67 -66.31
N SER R 7 20.53 -10.90 -66.29
CA SER R 7 21.30 -11.49 -67.38
C SER R 7 21.21 -13.00 -67.43
N GLY R 8 21.22 -13.56 -68.62
CA GLY R 8 21.24 -15.01 -68.73
C GLY R 8 20.90 -15.47 -70.14
N PRO R 9 20.92 -16.79 -70.40
CA PRO R 9 20.63 -17.38 -71.69
C PRO R 9 19.23 -17.01 -72.13
N GLY R 10 19.09 -16.70 -73.41
CA GLY R 10 17.78 -16.35 -73.95
C GLY R 10 17.14 -17.58 -74.57
N LEU R 11 17.82 -18.71 -74.44
CA LEU R 11 17.37 -19.98 -74.97
C LEU R 11 17.83 -21.18 -74.17
N VAL R 12 16.86 -21.98 -73.79
CA VAL R 12 17.05 -23.22 -73.07
C VAL R 12 16.28 -24.34 -73.78
N ARG R 13 16.84 -25.55 -73.81
CA ARG R 13 16.21 -26.67 -74.49
C ARG R 13 15.42 -27.52 -73.49
N PRO R 14 14.53 -28.42 -73.94
CA PRO R 14 13.75 -29.26 -73.07
C PRO R 14 14.61 -30.05 -72.13
N SER R 15 14.14 -30.09 -70.89
CA SER R 15 14.70 -30.80 -69.75
C SER R 15 16.00 -30.21 -69.22
N GLU R 16 16.42 -29.07 -69.76
CA GLU R 16 17.60 -28.39 -69.27
C GLU R 16 17.25 -27.47 -68.14
N THR R 17 18.23 -27.12 -67.34
CA THR R 17 18.01 -26.17 -66.28
C THR R 17 18.32 -24.75 -66.77
N LEU R 18 17.39 -23.85 -66.50
CA LEU R 18 17.54 -22.46 -66.88
C LEU R 18 18.15 -21.68 -65.75
N SER R 19 19.21 -20.94 -66.04
CA SER R 19 19.88 -20.16 -65.01
C SER R 19 20.01 -18.69 -65.35
N LEU R 20 19.34 -17.86 -64.54
CA LEU R 20 19.33 -16.40 -64.72
C LEU R 20 19.89 -15.74 -63.48
N THR R 21 20.64 -14.65 -63.67
CA THR R 21 21.18 -13.95 -62.51
C THR R 21 20.69 -12.51 -62.52
N CYS R 22 20.84 -11.79 -61.38
CA CYS R 22 20.53 -10.38 -61.22
C CYS R 22 21.55 -9.69 -60.33
N ALA R 23 22.14 -8.63 -60.86
CA ALA R 23 23.08 -7.84 -60.10
C ALA R 23 22.35 -6.76 -59.38
N VAL R 24 22.78 -6.46 -58.16
CA VAL R 24 22.17 -5.38 -57.44
C VAL R 24 23.13 -4.24 -57.18
N SER R 25 22.75 -3.06 -57.63
CA SER R 25 23.56 -1.89 -57.41
C SER R 25 22.85 -0.89 -56.52
N GLY R 26 23.59 -0.23 -55.64
CA GLY R 26 23.05 0.82 -54.76
C GLY R 26 22.76 0.40 -53.32
N ASP R 27 22.69 -0.91 -53.06
CA ASP R 27 22.44 -1.41 -51.71
C ASP R 27 22.93 -2.85 -51.64
N SER R 28 22.84 -3.45 -50.48
CA SER R 28 23.29 -4.82 -50.24
C SER R 28 22.23 -5.90 -50.38
N ILE R 29 22.65 -7.11 -50.78
CA ILE R 29 21.67 -8.21 -50.82
C ILE R 29 21.85 -9.17 -49.65
N SER R 30 22.74 -8.83 -48.72
CA SER R 30 23.02 -9.65 -47.52
C SER R 30 22.01 -9.32 -46.44
N THR R 31 21.22 -8.33 -46.76
CA THR R 31 20.17 -7.75 -45.95
C THR R 31 19.04 -7.35 -46.87
N ASN R 32 18.18 -6.47 -46.42
CA ASN R 32 17.07 -6.05 -47.26
C ASN R 32 16.26 -7.20 -47.79
N ASN R 33 15.62 -7.96 -46.92
CA ASN R 33 14.90 -9.14 -47.37
C ASN R 33 13.83 -8.83 -48.41
N GLY R 34 13.59 -9.78 -49.33
CA GLY R 34 12.56 -9.56 -50.34
C GLY R 34 13.12 -9.50 -51.75
N TRP R 35 14.19 -10.24 -52.01
CA TRP R 35 14.73 -10.25 -53.37
C TRP R 35 13.94 -11.30 -54.09
N SER R 36 13.37 -11.00 -55.25
CA SER R 36 12.50 -12.00 -55.84
C SER R 36 12.50 -12.11 -57.34
N TRP R 37 11.93 -13.23 -57.80
CA TRP R 37 11.77 -13.46 -59.21
C TRP R 37 10.29 -13.56 -59.55
N ILE R 38 9.94 -12.88 -60.64
CA ILE R 38 8.59 -12.78 -61.20
C ILE R 38 8.59 -13.23 -62.65
N ARG R 39 7.59 -13.99 -63.04
CA ARG R 39 7.51 -14.42 -64.42
C ARG R 39 6.27 -13.89 -65.15
N GLN R 40 6.48 -13.37 -66.35
CA GLN R 40 5.38 -12.88 -67.18
C GLN R 40 5.24 -13.75 -68.40
N THR R 41 4.19 -14.53 -68.44
CA THR R 41 4.03 -15.49 -69.54
C THR R 41 2.91 -15.05 -70.47
N PRO R 42 3.15 -14.81 -71.76
CA PRO R 42 2.13 -14.41 -72.68
C PRO R 42 1.05 -15.48 -72.64
N GLY R 43 -0.20 -15.06 -72.56
CA GLY R 43 -1.32 -15.98 -72.50
C GLY R 43 -1.74 -16.37 -71.08
N LYS R 44 -0.91 -16.07 -70.09
CA LYS R 44 -1.23 -16.41 -68.70
C LYS R 44 -1.22 -15.18 -67.80
N GLY R 45 -0.30 -14.26 -68.05
CA GLY R 45 -0.11 -13.08 -67.22
C GLY R 45 1.03 -13.28 -66.23
N LEU R 46 1.00 -12.49 -65.16
CA LEU R 46 2.07 -12.47 -64.18
C LEU R 46 1.87 -13.46 -63.06
N GLU R 47 2.97 -14.05 -62.63
CA GLU R 47 3.00 -14.96 -61.50
C GLU R 47 4.32 -14.85 -60.77
N TRP R 48 4.32 -15.22 -59.52
CA TRP R 48 5.56 -15.23 -58.77
C TRP R 48 6.29 -16.53 -58.91
N ILE R 49 7.60 -16.48 -58.84
CA ILE R 49 8.38 -17.68 -58.75
C ILE R 49 8.71 -17.91 -57.30
N GLY R 50 9.19 -16.87 -56.65
CA GLY R 50 9.58 -16.97 -55.25
C GLY R 50 10.54 -15.88 -54.84
N TYR R 51 10.97 -15.93 -53.58
CA TYR R 51 11.88 -14.91 -53.06
C TYR R 51 12.81 -15.40 -51.98
N ILE R 52 13.86 -14.61 -51.77
CA ILE R 52 14.87 -14.92 -50.77
C ILE R 52 15.12 -13.80 -49.79
N ASN R 53 15.35 -14.22 -48.56
CA ASN R 53 15.66 -13.34 -47.47
C ASN R 53 17.16 -13.23 -47.31
N GLY R 54 17.73 -12.12 -47.74
CA GLY R 54 19.18 -11.94 -47.74
C GLY R 54 19.84 -12.12 -46.38
N ARG R 55 19.12 -11.78 -45.30
CA ARG R 55 19.66 -11.89 -43.95
C ARG R 55 19.83 -13.33 -43.44
N SER R 56 18.98 -14.26 -43.91
CA SER R 56 19.03 -15.61 -43.37
C SER R 56 19.29 -16.68 -44.41
N GLY R 57 19.05 -16.35 -45.66
CA GLY R 57 19.17 -17.29 -46.74
C GLY R 57 17.92 -18.14 -46.95
N SER R 58 16.87 -17.92 -46.15
CA SER R 58 15.69 -18.74 -46.34
C SER R 58 14.96 -18.32 -47.59
N THR R 59 14.19 -19.24 -48.14
CA THR R 59 13.39 -18.96 -49.32
C THR R 59 11.98 -19.47 -49.26
N ARG R 60 11.16 -18.91 -50.13
CA ARG R 60 9.80 -19.38 -50.31
C ARG R 60 9.55 -19.48 -51.79
N TYR R 61 8.89 -20.54 -52.24
CA TYR R 61 8.62 -20.65 -53.67
C TYR R 61 7.18 -20.89 -53.95
N ASN R 62 6.67 -20.32 -55.01
CA ASN R 62 5.29 -20.54 -55.37
C ASN R 62 5.12 -22.03 -55.51
N PRO R 63 4.07 -22.64 -54.94
CA PRO R 63 3.83 -24.06 -54.99
C PRO R 63 3.92 -24.70 -56.36
N SER R 64 3.63 -23.98 -57.44
CA SER R 64 3.71 -24.65 -58.74
C SER R 64 5.13 -25.08 -59.12
N LEU R 65 6.13 -24.46 -58.51
CA LEU R 65 7.51 -24.77 -58.75
C LEU R 65 8.16 -25.30 -57.48
N GLN R 66 7.37 -25.82 -56.54
CA GLN R 66 7.96 -26.24 -55.26
C GLN R 66 9.05 -27.27 -55.44
N SER R 67 8.92 -28.14 -56.42
CA SER R 67 9.88 -29.19 -56.70
C SER R 67 10.83 -28.85 -57.85
N ARG R 68 10.72 -27.65 -58.41
CA ARG R 68 11.51 -27.27 -59.57
C ARG R 68 12.47 -26.09 -59.43
N VAL R 69 12.22 -25.18 -58.50
CA VAL R 69 13.06 -23.97 -58.47
C VAL R 69 13.91 -23.76 -57.22
N THR R 70 15.12 -23.29 -57.48
CA THR R 70 16.08 -22.90 -56.45
C THR R 70 16.46 -21.42 -56.60
N ILE R 71 16.44 -20.70 -55.49
CA ILE R 71 16.87 -19.31 -55.45
C ILE R 71 17.96 -19.20 -54.40
N SER R 72 19.06 -18.55 -54.75
CA SER R 72 20.19 -18.40 -53.83
C SER R 72 20.94 -17.11 -54.09
N THR R 73 21.88 -16.77 -53.19
CA THR R 73 22.66 -15.53 -53.34
C THR R 73 24.15 -15.69 -53.37
N ASP R 74 24.77 -14.72 -54.03
CA ASP R 74 26.19 -14.47 -54.05
C ASP R 74 26.40 -13.13 -53.40
N THR R 75 26.62 -13.12 -52.10
CA THR R 75 26.66 -11.85 -51.41
C THR R 75 27.96 -11.11 -51.66
N SER R 76 28.98 -11.83 -52.12
CA SER R 76 30.26 -11.22 -52.44
C SER R 76 30.13 -10.46 -53.75
N GLY R 77 29.43 -11.07 -54.71
CA GLY R 77 29.17 -10.45 -56.00
C GLY R 77 28.00 -9.47 -55.93
N ASN R 78 27.26 -9.56 -54.84
CA ASN R 78 26.09 -8.77 -54.51
C ASN R 78 25.06 -8.96 -55.61
N GLN R 79 24.91 -10.22 -56.01
CA GLN R 79 24.00 -10.63 -57.04
C GLN R 79 23.27 -11.87 -56.57
N PHE R 80 22.10 -12.12 -57.11
CA PHE R 80 21.36 -13.31 -56.73
C PHE R 80 20.88 -14.04 -57.95
N SER R 81 20.54 -15.30 -57.80
CA SER R 81 20.15 -16.04 -58.98
C SER R 81 19.05 -17.07 -58.81
N LEU R 82 18.45 -17.33 -59.96
CA LEU R 82 17.37 -18.27 -60.15
C LEU R 82 17.71 -19.44 -61.03
N LYS R 83 17.43 -20.64 -60.53
CA LYS R 83 17.61 -21.83 -61.33
C LYS R 83 16.35 -22.67 -61.38
N VAL R 84 15.86 -22.96 -62.58
CA VAL R 84 14.65 -23.77 -62.69
C VAL R 84 14.98 -25.03 -63.45
N ASN R 85 14.72 -26.16 -62.81
CA ASN R 85 15.05 -27.46 -63.38
C ASN R 85 13.95 -27.96 -64.28
N SER R 86 14.35 -28.85 -65.20
CA SER R 86 13.47 -29.53 -66.14
C SER R 86 12.56 -28.58 -66.91
N VAL R 87 13.17 -27.55 -67.50
CA VAL R 87 12.47 -26.51 -68.22
C VAL R 87 11.91 -27.01 -69.55
N THR R 88 10.66 -26.64 -69.80
CA THR R 88 9.95 -27.04 -71.01
C THR R 88 9.36 -25.88 -71.78
N ALA R 89 8.78 -26.12 -72.93
CA ALA R 89 8.28 -25.06 -73.81
C ALA R 89 7.27 -24.15 -73.11
N ALA R 90 6.51 -24.72 -72.18
CA ALA R 90 5.49 -24.04 -71.40
C ALA R 90 6.06 -22.96 -70.50
N ASP R 91 7.38 -22.98 -70.29
CA ASP R 91 8.09 -22.04 -69.43
C ASP R 91 8.64 -20.85 -70.23
N THR R 92 8.31 -20.74 -71.52
CA THR R 92 8.77 -19.57 -72.25
C THR R 92 8.12 -18.37 -71.62
N ALA R 93 8.92 -17.38 -71.25
CA ALA R 93 8.38 -16.22 -70.56
C ALA R 93 9.39 -15.11 -70.44
N LYS R 94 8.91 -13.96 -70.04
CA LYS R 94 9.75 -12.85 -69.68
C LYS R 94 10.03 -12.92 -68.17
N TYR R 95 11.29 -13.04 -67.80
CA TYR R 95 11.63 -13.18 -66.40
C TYR R 95 12.14 -11.87 -65.83
N TYR R 96 11.70 -11.53 -64.63
CA TYR R 96 12.13 -10.30 -63.98
C TYR R 96 12.74 -10.49 -62.58
N CYS R 97 13.70 -9.62 -62.26
CA CYS R 97 14.34 -9.42 -60.97
C CYS R 97 13.60 -8.27 -60.29
N ALA R 98 13.19 -8.48 -59.07
CA ALA R 98 12.50 -7.42 -58.38
C ALA R 98 12.82 -7.39 -56.92
N PHE R 99 12.68 -6.23 -56.33
CA PHE R 99 12.89 -6.02 -54.92
C PHE R 99 11.63 -5.52 -54.26
N PHE R 100 11.07 -6.29 -53.34
CA PHE R 100 9.83 -5.89 -52.70
C PHE R 100 9.97 -5.51 -51.25
N TRP R 101 9.70 -4.26 -50.95
CA TRP R 101 9.79 -3.77 -49.60
C TRP R 101 8.41 -3.65 -49.02
N SER R 102 8.10 -4.43 -48.01
CA SER R 102 6.77 -4.33 -47.44
C SER R 102 6.82 -4.46 -45.94
N THR R 103 6.70 -3.34 -45.26
CA THR R 103 6.81 -3.29 -43.81
C THR R 103 5.64 -2.54 -43.27
N TYR R 104 5.64 -2.31 -41.98
CA TYR R 104 4.58 -1.56 -41.35
C TYR R 104 4.60 -0.10 -41.75
N TYR R 105 5.74 0.39 -42.21
CA TYR R 105 5.87 1.81 -42.48
C TYR R 105 6.02 2.20 -43.95
N LYS R 106 6.51 1.29 -44.79
CA LYS R 106 6.76 1.63 -46.19
C LYS R 106 6.38 0.53 -47.16
N ARG R 107 5.97 0.91 -48.36
CA ARG R 107 5.72 -0.05 -49.41
C ARG R 107 6.24 0.42 -50.76
N PHE R 108 7.13 -0.36 -51.37
CA PHE R 108 7.63 0.00 -52.71
C PHE R 108 8.24 -1.16 -53.46
N ASP R 109 8.31 -1.03 -54.79
CA ASP R 109 9.02 -2.02 -55.59
C ASP R 109 10.10 -1.43 -56.43
N VAL R 110 11.10 -2.24 -56.72
CA VAL R 110 12.06 -1.90 -57.74
C VAL R 110 12.08 -3.04 -58.71
N TRP R 111 11.92 -2.77 -59.99
CA TRP R 111 11.95 -3.85 -60.98
C TRP R 111 13.10 -3.63 -61.96
N GLY R 112 13.74 -4.71 -62.39
CA GLY R 112 14.75 -4.60 -63.44
C GLY R 112 14.01 -4.73 -64.75
N PRO R 113 14.68 -4.54 -65.91
CA PRO R 113 14.09 -4.69 -67.26
C PRO R 113 13.74 -6.12 -67.67
N GLY R 114 14.39 -7.12 -67.05
CA GLY R 114 14.14 -8.54 -67.29
C GLY R 114 14.88 -9.17 -68.48
N VAL R 115 14.75 -10.49 -68.60
CA VAL R 115 15.35 -11.29 -69.67
C VAL R 115 14.27 -12.11 -70.37
N ARG R 116 14.21 -12.03 -71.68
CA ARG R 116 13.23 -12.87 -72.34
C ARG R 116 13.86 -14.20 -72.66
N VAL R 117 13.22 -15.28 -72.22
CA VAL R 117 13.78 -16.59 -72.46
C VAL R 117 12.85 -17.47 -73.27
N THR R 118 13.39 -17.95 -74.37
CA THR R 118 12.73 -18.86 -75.29
C THR R 118 12.99 -20.28 -74.84
N VAL R 119 11.97 -21.10 -74.80
CA VAL R 119 12.25 -22.47 -74.45
C VAL R 119 11.74 -23.32 -75.61
N SER R 120 12.61 -24.21 -76.14
CA SER R 120 12.30 -25.11 -77.26
C SER R 120 11.45 -26.32 -76.82
#